data_2ERR
#
_entry.id   2ERR
#
loop_
_entity.id
_entity.type
_entity.pdbx_description
1 polymer UGCAUGU
2 polymer 'Ataxin-2-binding protein 1'
#
loop_
_entity_poly.entity_id
_entity_poly.type
_entity_poly.pdbx_seq_one_letter_code
_entity_poly.pdbx_strand_id
1 'polyribonucleotide' UGCAUGU B
2 'polypeptide(L)'
;MGSSHHHHHHSSGLVPRGSHMNTENKSQPKRLHVSNIPFRFRDPDLRQMFGQFGKILDVEIIFNERGSKGFGFVTFENSA
DADRAREKLHGTVVEGRKIEVNNATARVM
;
A
#
# COMPACT_ATOMS: atom_id res chain seq x y z
N ASN B 22 22.60 4.17 21.03
CA ASN B 22 21.47 3.58 20.27
C ASN B 22 21.98 2.77 19.06
N THR B 23 21.29 1.68 18.71
CA THR B 23 21.62 0.77 17.59
C THR B 23 20.43 0.44 16.66
N GLU B 24 19.23 0.99 16.91
CA GLU B 24 17.99 0.67 16.16
C GLU B 24 17.21 1.91 15.69
N ASN B 25 16.52 1.80 14.55
CA ASN B 25 15.64 2.83 14.00
C ASN B 25 14.28 2.86 14.74
N LYS B 26 14.08 3.88 15.58
CA LYS B 26 12.87 4.11 16.40
C LYS B 26 11.58 4.34 15.60
N SER B 27 11.67 4.58 14.28
CA SER B 27 10.57 5.01 13.40
C SER B 27 10.38 4.09 12.16
N GLN B 28 11.00 2.92 12.13
CA GLN B 28 11.05 2.01 10.97
C GLN B 28 9.65 1.68 10.39
N PRO B 29 9.40 1.91 9.08
CA PRO B 29 8.24 1.39 8.35
C PRO B 29 8.01 -0.13 8.46
N LYS B 30 6.80 -0.57 8.09
CA LYS B 30 6.23 -1.91 8.04
C LYS B 30 4.86 -1.79 7.39
N ARG B 31 4.13 -2.89 7.23
CA ARG B 31 3.30 -3.01 6.02
C ARG B 31 1.80 -2.80 6.18
N LEU B 32 1.17 -2.59 5.03
CA LEU B 32 0.03 -1.70 4.77
C LEU B 32 -0.83 -2.36 3.69
N HIS B 33 -2.10 -2.64 3.97
CA HIS B 33 -3.06 -3.32 3.07
C HIS B 33 -3.72 -2.30 2.13
N VAL B 34 -3.82 -2.61 0.84
CA VAL B 34 -4.09 -1.65 -0.25
C VAL B 34 -5.12 -2.26 -1.20
N SER B 35 -6.40 -2.00 -0.95
CA SER B 35 -7.54 -2.75 -1.52
C SER B 35 -8.30 -2.02 -2.63
N ASN B 36 -9.20 -2.77 -3.29
CA ASN B 36 -10.13 -2.31 -4.34
C ASN B 36 -9.42 -1.69 -5.56
N ILE B 37 -8.13 -1.97 -5.73
CA ILE B 37 -7.29 -1.40 -6.79
C ILE B 37 -7.74 -1.91 -8.18
N PRO B 38 -7.56 -1.14 -9.26
CA PRO B 38 -7.79 -1.63 -10.63
C PRO B 38 -6.99 -2.89 -10.93
N PHE B 39 -7.63 -3.93 -11.46
CA PHE B 39 -6.98 -5.21 -11.83
C PHE B 39 -5.81 -5.15 -12.83
N ARG B 40 -5.52 -3.97 -13.41
CA ARG B 40 -4.36 -3.71 -14.27
C ARG B 40 -3.11 -3.27 -13.48
N PHE B 41 -3.23 -3.01 -12.17
CA PHE B 41 -2.12 -2.67 -11.28
C PHE B 41 -1.03 -3.74 -11.19
N ARG B 42 0.16 -3.29 -10.74
CA ARG B 42 1.33 -4.09 -10.41
C ARG B 42 2.03 -3.55 -9.16
N ASP B 43 3.02 -4.32 -8.74
CA ASP B 43 4.03 -3.94 -7.75
C ASP B 43 4.69 -2.58 -8.07
N PRO B 44 5.39 -2.38 -9.23
CA PRO B 44 5.97 -1.09 -9.58
C PRO B 44 4.97 0.07 -9.62
N ASP B 45 3.73 -0.18 -10.05
CA ASP B 45 2.65 0.81 -10.04
C ASP B 45 2.35 1.29 -8.62
N LEU B 46 2.15 0.39 -7.62
CA LEU B 46 1.99 0.85 -6.25
C LEU B 46 3.23 1.54 -5.70
N ARG B 47 4.45 1.03 -5.93
CA ARG B 47 5.66 1.66 -5.35
C ARG B 47 5.88 3.08 -5.87
N GLN B 48 5.54 3.36 -7.13
CA GLN B 48 5.60 4.70 -7.73
C GLN B 48 4.45 5.63 -7.27
N MET B 49 3.25 5.07 -7.09
CA MET B 49 2.03 5.80 -6.74
C MET B 49 1.98 6.16 -5.26
N PHE B 50 2.30 5.22 -4.39
CA PHE B 50 2.78 5.56 -3.04
C PHE B 50 4.09 6.37 -3.12
N GLY B 51 4.89 6.17 -4.17
CA GLY B 51 6.17 6.86 -4.41
C GLY B 51 6.08 8.38 -4.53
N GLN B 52 4.88 8.93 -4.86
CA GLN B 52 4.59 10.36 -4.63
C GLN B 52 4.92 10.84 -3.21
N PHE B 53 4.63 10.02 -2.19
CA PHE B 53 5.02 10.24 -0.79
C PHE B 53 6.42 9.67 -0.47
N GLY B 54 6.76 8.52 -1.05
CA GLY B 54 8.14 8.00 -1.14
C GLY B 54 8.75 7.47 0.16
N LYS B 55 7.96 6.66 0.87
CA LYS B 55 8.31 5.98 2.13
C LYS B 55 8.32 4.44 2.03
N ILE B 56 8.20 3.92 0.81
CA ILE B 56 8.15 2.49 0.50
C ILE B 56 9.53 1.81 0.66
N LEU B 57 9.57 0.73 1.45
CA LEU B 57 10.68 -0.22 1.52
C LEU B 57 10.48 -1.37 0.50
N ASP B 58 9.28 -1.95 0.45
CA ASP B 58 8.89 -3.07 -0.43
C ASP B 58 7.40 -3.02 -0.81
N VAL B 59 7.00 -3.75 -1.86
CA VAL B 59 5.60 -3.97 -2.29
C VAL B 59 5.32 -5.44 -2.57
N GLU B 60 4.03 -5.78 -2.54
CA GLU B 60 3.53 -7.14 -2.36
C GLU B 60 2.06 -7.26 -2.83
N ILE B 61 1.80 -7.10 -4.13
CA ILE B 61 0.50 -7.42 -4.77
C ILE B 61 0.12 -8.88 -4.54
N ILE B 62 -1.17 -9.19 -4.40
CA ILE B 62 -1.60 -10.52 -3.93
C ILE B 62 -1.76 -11.54 -5.05
N PHE B 63 -1.85 -11.02 -6.28
CA PHE B 63 -1.92 -11.59 -7.65
C PHE B 63 -2.65 -12.95 -7.86
N ASN B 64 -3.41 -13.05 -8.96
CA ASN B 64 -3.93 -14.31 -9.50
C ASN B 64 -3.62 -14.38 -11.01
N GLU B 65 -3.88 -15.52 -11.66
CA GLU B 65 -3.61 -15.73 -13.09
C GLU B 65 -4.34 -14.73 -14.02
N ARG B 66 -5.50 -14.24 -13.57
CA ARG B 66 -6.33 -13.23 -14.26
C ARG B 66 -5.81 -11.78 -14.09
N GLY B 67 -5.11 -11.44 -13.00
CA GLY B 67 -4.77 -10.06 -12.64
C GLY B 67 -4.61 -9.86 -11.13
N SER B 68 -4.62 -8.62 -10.64
CA SER B 68 -4.10 -8.22 -9.31
C SER B 68 -4.71 -8.84 -8.04
N LYS B 69 -5.67 -9.76 -8.16
CA LYS B 69 -6.59 -10.29 -7.13
C LYS B 69 -7.45 -9.24 -6.39
N GLY B 70 -7.16 -7.96 -6.61
CA GLY B 70 -7.93 -6.79 -6.21
C GLY B 70 -7.29 -6.00 -5.06
N PHE B 71 -6.23 -6.52 -4.45
CA PHE B 71 -5.44 -5.82 -3.44
C PHE B 71 -3.94 -6.15 -3.54
N GLY B 72 -3.17 -5.28 -2.90
CA GLY B 72 -1.77 -5.47 -2.59
C GLY B 72 -1.47 -5.13 -1.14
N PHE B 73 -0.24 -5.37 -0.76
CA PHE B 73 0.43 -4.91 0.44
C PHE B 73 1.64 -4.06 0.03
N VAL B 74 2.04 -3.11 0.86
CA VAL B 74 3.23 -2.25 0.69
C VAL B 74 3.82 -1.91 2.06
N THR B 75 5.11 -1.58 2.14
CA THR B 75 5.88 -1.55 3.40
C THR B 75 6.32 -0.13 3.72
N PHE B 76 5.56 0.54 4.59
CA PHE B 76 5.32 1.97 4.43
C PHE B 76 4.99 2.79 5.68
N GLU B 77 4.28 2.15 6.59
CA GLU B 77 3.53 2.71 7.69
C GLU B 77 4.42 2.72 8.92
N ASN B 78 4.84 3.89 9.35
CA ASN B 78 4.94 4.13 10.78
C ASN B 78 4.65 5.56 11.23
N SER B 79 5.33 6.55 10.64
CA SER B 79 5.25 7.98 11.03
C SER B 79 3.89 8.64 10.74
N ALA B 80 3.66 9.83 11.30
CA ALA B 80 2.47 10.64 11.01
C ALA B 80 2.34 11.02 9.52
N ASP B 81 3.45 11.21 8.80
CA ASP B 81 3.41 11.45 7.35
C ASP B 81 2.93 10.22 6.56
N ALA B 82 3.27 9.01 7.01
CA ALA B 82 2.76 7.76 6.44
C ALA B 82 1.27 7.52 6.78
N ASP B 83 0.83 7.89 7.99
CA ASP B 83 -0.60 7.96 8.35
C ASP B 83 -1.35 8.92 7.42
N ARG B 84 -0.93 10.19 7.33
CA ARG B 84 -1.44 11.22 6.42
C ARG B 84 -1.51 10.73 4.97
N ALA B 85 -0.43 10.11 4.50
CA ALA B 85 -0.35 9.49 3.18
C ALA B 85 -1.40 8.38 2.95
N ARG B 86 -1.54 7.40 3.86
CA ARG B 86 -2.68 6.45 3.87
C ARG B 86 -4.00 7.20 3.74
N GLU B 87 -4.27 8.13 4.63
CA GLU B 87 -5.53 8.88 4.67
C GLU B 87 -5.82 9.68 3.38
N LYS B 88 -4.77 10.04 2.63
CA LYS B 88 -4.85 10.64 1.29
C LYS B 88 -5.14 9.59 0.19
N LEU B 89 -4.42 8.45 0.11
CA LEU B 89 -4.62 7.46 -0.94
C LEU B 89 -5.85 6.56 -0.72
N HIS B 90 -6.34 6.47 0.52
CA HIS B 90 -7.58 5.83 0.93
C HIS B 90 -8.79 6.68 0.49
N GLY B 91 -9.27 6.45 -0.74
CA GLY B 91 -10.20 7.30 -1.47
C GLY B 91 -9.61 8.00 -2.71
N THR B 92 -8.34 7.77 -3.05
CA THR B 92 -7.71 8.20 -4.31
C THR B 92 -8.32 7.44 -5.48
N VAL B 93 -8.94 8.19 -6.40
CA VAL B 93 -9.52 7.68 -7.65
C VAL B 93 -8.45 7.59 -8.74
N VAL B 94 -8.13 6.37 -9.15
CA VAL B 94 -7.17 6.03 -10.20
C VAL B 94 -7.80 5.00 -11.15
N GLU B 95 -7.62 5.15 -12.46
CA GLU B 95 -8.33 4.37 -13.50
C GLU B 95 -9.88 4.32 -13.33
N GLY B 96 -10.46 5.32 -12.66
CA GLY B 96 -11.88 5.35 -12.30
C GLY B 96 -12.24 4.41 -11.13
N ARG B 97 -11.38 4.32 -10.11
CA ARG B 97 -11.48 3.39 -8.97
C ARG B 97 -10.88 4.00 -7.72
N LYS B 98 -11.60 3.95 -6.61
CA LYS B 98 -11.02 4.30 -5.32
C LYS B 98 -10.17 3.17 -4.74
N ILE B 99 -8.88 3.43 -4.49
CA ILE B 99 -8.08 2.56 -3.61
C ILE B 99 -8.58 2.71 -2.16
N GLU B 100 -8.52 1.61 -1.39
CA GLU B 100 -8.83 1.55 0.05
C GLU B 100 -7.61 1.09 0.86
N VAL B 101 -6.82 2.00 1.45
CA VAL B 101 -5.56 1.62 2.16
C VAL B 101 -5.74 1.47 3.67
N ASN B 102 -6.05 0.25 4.10
CA ASN B 102 -6.21 -0.04 5.53
C ASN B 102 -4.85 -0.32 6.18
N ASN B 103 -4.73 -0.01 7.48
CA ASN B 103 -3.65 -0.58 8.28
C ASN B 103 -3.78 -2.13 8.33
N ALA B 104 -2.76 -2.84 8.83
CA ALA B 104 -2.65 -4.29 8.66
C ALA B 104 -2.49 -5.12 9.93
N THR B 105 -3.05 -6.32 9.86
CA THR B 105 -2.63 -7.57 10.53
C THR B 105 -1.27 -8.03 9.96
N ALA B 106 -0.56 -8.98 10.59
CA ALA B 106 0.67 -9.54 10.01
C ALA B 106 1.04 -10.95 10.53
N ARG B 107 0.43 -12.02 10.01
CA ARG B 107 -0.75 -12.12 9.11
C ARG B 107 -1.94 -12.83 9.78
N VAL B 108 -1.68 -13.59 10.84
CA VAL B 108 -2.67 -14.26 11.71
C VAL B 108 -3.54 -13.23 12.42
N MET B 109 -4.83 -13.54 12.59
CA MET B 109 -5.87 -12.67 13.20
C MET B 109 -6.90 -13.46 14.04
N ASN B 22 23.24 5.61 12.70
CA ASN B 22 23.40 5.46 11.23
C ASN B 22 22.03 5.47 10.54
N THR B 23 21.97 5.90 9.26
CA THR B 23 20.73 6.08 8.47
C THR B 23 19.96 4.78 8.19
N GLU B 24 20.55 3.60 8.40
CA GLU B 24 19.91 2.28 8.29
C GLU B 24 18.65 2.09 9.16
N ASN B 25 18.45 2.94 10.18
CA ASN B 25 17.22 3.04 10.97
C ASN B 25 15.95 3.36 10.15
N LYS B 26 16.10 3.82 8.89
CA LYS B 26 15.05 4.04 7.89
C LYS B 26 14.17 2.80 7.60
N SER B 27 14.58 1.61 8.04
CA SER B 27 13.80 0.35 7.97
C SER B 27 12.54 0.32 8.87
N GLN B 28 12.34 1.29 9.77
CA GLN B 28 11.23 1.33 10.75
C GLN B 28 9.78 1.30 10.20
N PRO B 29 9.43 1.84 9.01
CA PRO B 29 8.08 1.72 8.43
C PRO B 29 7.64 0.26 8.16
N LYS B 30 6.37 -0.07 8.45
CA LYS B 30 5.66 -1.37 8.33
C LYS B 30 4.29 -1.37 8.99
N ARG B 31 3.27 -1.91 8.32
CA ARG B 31 3.02 -2.15 6.88
C ARG B 31 1.51 -2.08 6.59
N LEU B 32 1.16 -2.14 5.32
CA LEU B 32 -0.03 -1.51 4.73
C LEU B 32 -0.73 -2.46 3.77
N HIS B 33 -2.01 -2.76 4.01
CA HIS B 33 -2.90 -3.57 3.18
C HIS B 33 -3.72 -2.63 2.29
N VAL B 34 -3.64 -2.81 0.97
CA VAL B 34 -3.91 -1.80 -0.06
C VAL B 34 -4.96 -2.34 -1.01
N SER B 35 -6.23 -2.16 -0.62
CA SER B 35 -7.42 -2.76 -1.22
C SER B 35 -8.04 -1.93 -2.35
N ASN B 36 -8.93 -2.56 -3.12
CA ASN B 36 -9.78 -1.98 -4.16
C ASN B 36 -8.99 -1.14 -5.19
N ILE B 37 -7.81 -1.63 -5.54
CA ILE B 37 -6.99 -1.12 -6.66
C ILE B 37 -7.59 -1.62 -7.99
N PRO B 38 -7.34 -0.98 -9.15
CA PRO B 38 -7.75 -1.51 -10.46
C PRO B 38 -7.15 -2.90 -10.73
N PHE B 39 -7.88 -3.82 -11.36
CA PHE B 39 -7.32 -5.17 -11.59
C PHE B 39 -6.07 -5.23 -12.47
N ARG B 40 -5.87 -4.24 -13.35
CA ARG B 40 -4.66 -4.08 -14.19
C ARG B 40 -3.48 -3.45 -13.46
N PHE B 41 -3.67 -2.96 -12.23
CA PHE B 41 -2.64 -2.32 -11.41
C PHE B 41 -1.58 -3.33 -10.91
N ARG B 42 -0.39 -2.82 -10.54
CA ARG B 42 0.85 -3.61 -10.40
C ARG B 42 1.70 -3.17 -9.21
N ASP B 43 2.65 -4.01 -8.84
CA ASP B 43 3.74 -3.75 -7.91
C ASP B 43 4.55 -2.45 -8.24
N PRO B 44 5.09 -2.27 -9.47
CA PRO B 44 5.83 -1.07 -9.84
C PRO B 44 4.94 0.18 -9.84
N ASP B 45 3.68 0.05 -10.28
CA ASP B 45 2.69 1.11 -10.23
C ASP B 45 2.39 1.55 -8.79
N LEU B 46 2.22 0.63 -7.83
CA LEU B 46 2.05 0.99 -6.43
C LEU B 46 3.29 1.70 -5.87
N ARG B 47 4.51 1.19 -6.11
CA ARG B 47 5.71 1.88 -5.57
C ARG B 47 5.91 3.28 -6.16
N GLN B 48 5.51 3.52 -7.40
CA GLN B 48 5.53 4.85 -8.01
C GLN B 48 4.43 5.79 -7.43
N MET B 49 3.22 5.25 -7.26
CA MET B 49 2.04 5.97 -6.82
C MET B 49 2.11 6.32 -5.34
N PHE B 50 2.35 5.33 -4.47
CA PHE B 50 2.84 5.60 -3.12
C PHE B 50 4.17 6.38 -3.16
N GLY B 51 4.97 6.22 -4.22
CA GLY B 51 6.21 6.97 -4.46
C GLY B 51 6.05 8.49 -4.54
N GLN B 52 4.84 8.98 -4.83
CA GLN B 52 4.48 10.39 -4.54
C GLN B 52 4.85 10.85 -3.11
N PHE B 53 4.69 9.96 -2.12
CA PHE B 53 5.01 10.19 -0.71
C PHE B 53 6.33 9.53 -0.26
N GLY B 54 6.79 8.50 -1.00
CA GLY B 54 8.16 7.95 -1.01
C GLY B 54 8.64 7.33 0.31
N LYS B 55 7.94 6.27 0.72
CA LYS B 55 8.11 5.57 2.02
C LYS B 55 8.20 4.03 1.90
N ILE B 56 8.26 3.54 0.66
CA ILE B 56 8.07 2.14 0.27
C ILE B 56 9.37 1.36 0.42
N LEU B 57 9.51 0.64 1.54
CA LEU B 57 10.60 -0.31 1.77
C LEU B 57 10.41 -1.57 0.91
N ASP B 58 9.15 -1.99 0.73
CA ASP B 58 8.72 -3.07 -0.18
C ASP B 58 7.26 -2.89 -0.64
N VAL B 59 6.90 -3.59 -1.73
CA VAL B 59 5.55 -3.76 -2.30
C VAL B 59 5.30 -5.23 -2.64
N GLU B 60 4.02 -5.62 -2.73
CA GLU B 60 3.58 -7.02 -2.79
C GLU B 60 2.11 -7.16 -3.25
N ILE B 61 1.83 -7.24 -4.56
CA ILE B 61 0.47 -7.52 -5.10
C ILE B 61 0.04 -8.96 -4.86
N ILE B 62 -1.24 -9.24 -4.63
CA ILE B 62 -1.70 -10.59 -4.33
C ILE B 62 -2.19 -11.22 -5.65
N PHE B 63 -1.29 -11.45 -6.61
CA PHE B 63 -1.64 -11.77 -8.00
C PHE B 63 -2.44 -13.10 -8.16
N ASN B 64 -3.14 -13.26 -9.28
CA ASN B 64 -3.90 -14.45 -9.70
C ASN B 64 -3.72 -14.67 -11.22
N GLU B 65 -4.08 -15.85 -11.74
CA GLU B 65 -4.04 -16.16 -13.18
C GLU B 65 -4.85 -15.16 -14.05
N ARG B 66 -5.94 -14.60 -13.50
CA ARG B 66 -6.79 -13.58 -14.13
C ARG B 66 -6.21 -12.16 -14.10
N GLY B 67 -5.23 -11.84 -13.24
CA GLY B 67 -4.73 -10.47 -13.00
C GLY B 67 -4.54 -10.22 -11.50
N SER B 68 -4.57 -8.98 -11.04
CA SER B 68 -4.65 -8.71 -9.59
C SER B 68 -5.89 -9.38 -8.96
N LYS B 69 -5.80 -9.78 -7.68
CA LYS B 69 -6.98 -10.08 -6.83
C LYS B 69 -7.70 -8.83 -6.33
N GLY B 70 -7.18 -7.64 -6.66
CA GLY B 70 -7.77 -6.35 -6.34
C GLY B 70 -7.17 -5.68 -5.11
N PHE B 71 -6.19 -6.33 -4.46
CA PHE B 71 -5.35 -5.74 -3.43
C PHE B 71 -3.87 -6.13 -3.59
N GLY B 72 -3.05 -5.29 -2.96
CA GLY B 72 -1.66 -5.54 -2.67
C GLY B 72 -1.36 -5.17 -1.22
N PHE B 73 -0.09 -5.27 -0.89
CA PHE B 73 0.57 -4.89 0.35
C PHE B 73 1.73 -3.95 0.01
N VAL B 74 2.08 -3.06 0.94
CA VAL B 74 3.29 -2.21 0.88
C VAL B 74 3.78 -1.91 2.30
N THR B 75 5.05 -1.57 2.45
CA THR B 75 5.78 -1.51 3.73
C THR B 75 6.23 -0.07 3.96
N PHE B 76 5.46 0.64 4.79
CA PHE B 76 5.10 2.03 4.44
C PHE B 76 5.03 3.03 5.60
N GLU B 77 4.60 2.53 6.73
CA GLU B 77 3.78 3.21 7.72
C GLU B 77 4.54 3.16 9.02
N ASN B 78 4.91 4.33 9.54
CA ASN B 78 4.98 4.51 10.99
C ASN B 78 4.70 5.95 11.45
N SER B 79 5.34 6.93 10.81
CA SER B 79 5.22 8.36 11.14
C SER B 79 3.85 8.95 10.81
N ALA B 80 3.53 10.12 11.37
CA ALA B 80 2.32 10.88 11.05
C ALA B 80 2.21 11.24 9.56
N ASP B 81 3.33 11.54 8.89
CA ASP B 81 3.33 11.83 7.45
C ASP B 81 2.96 10.60 6.60
N ALA B 82 3.29 9.38 7.05
CA ALA B 82 2.83 8.13 6.45
C ALA B 82 1.34 7.87 6.72
N ASP B 83 0.86 8.09 7.95
CA ASP B 83 -0.58 8.03 8.27
C ASP B 83 -1.39 9.01 7.42
N ARG B 84 -0.94 10.26 7.30
CA ARG B 84 -1.50 11.31 6.44
C ARG B 84 -1.54 10.90 4.97
N ALA B 85 -0.42 10.36 4.46
CA ALA B 85 -0.34 9.79 3.12
C ALA B 85 -1.35 8.66 2.87
N ARG B 86 -1.42 7.66 3.76
CA ARG B 86 -2.50 6.66 3.84
C ARG B 86 -3.88 7.32 3.76
N GLU B 87 -4.21 8.23 4.66
CA GLU B 87 -5.49 8.94 4.68
C GLU B 87 -5.83 9.69 3.39
N LYS B 88 -4.82 10.14 2.63
CA LYS B 88 -4.97 10.68 1.28
C LYS B 88 -5.31 9.57 0.26
N LEU B 89 -4.55 8.48 0.15
CA LEU B 89 -4.75 7.44 -0.84
C LEU B 89 -5.91 6.48 -0.54
N HIS B 90 -6.34 6.41 0.72
CA HIS B 90 -7.55 5.75 1.22
C HIS B 90 -8.78 6.57 0.82
N GLY B 91 -9.06 6.59 -0.48
CA GLY B 91 -9.90 7.56 -1.18
C GLY B 91 -9.39 8.03 -2.55
N THR B 92 -8.26 7.54 -3.05
CA THR B 92 -7.66 7.89 -4.34
C THR B 92 -8.27 7.04 -5.46
N VAL B 93 -9.11 7.67 -6.30
CA VAL B 93 -9.50 7.10 -7.60
C VAL B 93 -8.32 7.17 -8.57
N VAL B 94 -7.77 6.03 -8.96
CA VAL B 94 -6.76 5.86 -10.01
C VAL B 94 -7.28 4.87 -11.06
N GLU B 95 -6.91 5.04 -12.33
CA GLU B 95 -7.55 4.43 -13.52
C GLU B 95 -9.08 4.74 -13.62
N GLY B 96 -9.86 4.10 -12.75
CA GLY B 96 -11.29 4.26 -12.51
C GLY B 96 -11.75 3.56 -11.22
N ARG B 97 -10.88 3.47 -10.21
CA ARG B 97 -11.01 2.64 -9.02
C ARG B 97 -10.43 3.32 -7.80
N LYS B 98 -11.14 3.24 -6.68
CA LYS B 98 -10.77 3.93 -5.45
C LYS B 98 -10.03 3.06 -4.44
N ILE B 99 -8.71 3.23 -4.30
CA ILE B 99 -7.90 2.48 -3.32
C ILE B 99 -8.40 2.73 -1.89
N GLU B 100 -8.34 1.69 -1.06
CA GLU B 100 -8.62 1.70 0.37
C GLU B 100 -7.40 1.17 1.15
N VAL B 101 -6.63 2.04 1.84
CA VAL B 101 -5.34 1.66 2.47
C VAL B 101 -5.45 1.46 3.98
N ASN B 102 -5.73 0.23 4.38
CA ASN B 102 -5.72 -0.19 5.77
C ASN B 102 -4.28 -0.35 6.28
N ASN B 103 -4.08 -0.20 7.60
CA ASN B 103 -2.90 -0.77 8.23
C ASN B 103 -2.99 -2.33 8.14
N ALA B 104 -1.86 -3.04 8.11
CA ALA B 104 -1.93 -4.49 8.08
C ALA B 104 -2.34 -5.10 9.43
N THR B 105 -2.77 -6.35 9.33
CA THR B 105 -2.86 -7.35 10.39
C THR B 105 -2.11 -8.57 9.84
N ALA B 106 -1.19 -9.16 10.61
CA ALA B 106 -0.31 -10.15 9.99
C ALA B 106 -0.96 -11.52 9.75
N ARG B 107 -0.32 -12.29 8.87
CA ARG B 107 -0.99 -13.26 8.00
C ARG B 107 -1.61 -14.46 8.73
N VAL B 108 -2.72 -14.98 8.20
CA VAL B 108 -3.38 -16.21 8.70
C VAL B 108 -2.52 -17.43 8.41
N MET B 109 -1.97 -18.07 9.46
CA MET B 109 -1.17 -19.30 9.38
C MET B 109 -1.97 -20.51 8.85
N ASN B 22 13.17 6.62 19.72
CA ASN B 22 12.75 6.51 18.30
C ASN B 22 13.75 7.23 17.39
N THR B 23 13.95 6.69 16.18
CA THR B 23 14.79 7.27 15.11
C THR B 23 14.06 7.13 13.76
N GLU B 24 14.10 8.17 12.92
CA GLU B 24 13.57 8.14 11.56
C GLU B 24 14.49 7.31 10.63
N ASN B 25 14.32 5.99 10.68
CA ASN B 25 15.18 4.98 10.06
C ASN B 25 14.37 3.86 9.39
N LYS B 26 14.98 3.13 8.45
CA LYS B 26 14.41 1.97 7.73
C LYS B 26 13.84 0.86 8.62
N SER B 27 14.27 0.77 9.89
CA SER B 27 13.76 -0.17 10.89
C SER B 27 12.31 0.10 11.36
N GLN B 28 11.80 1.33 11.20
CA GLN B 28 10.49 1.75 11.75
C GLN B 28 9.29 1.50 10.80
N PRO B 29 9.34 1.76 9.47
CA PRO B 29 8.30 1.36 8.52
C PRO B 29 7.90 -0.12 8.60
N LYS B 30 6.61 -0.38 8.42
CA LYS B 30 5.88 -1.66 8.47
C LYS B 30 4.47 -1.43 7.91
N ARG B 31 3.65 -2.47 7.84
CA ARG B 31 2.98 -2.76 6.55
C ARG B 31 1.45 -2.63 6.52
N LEU B 32 0.95 -2.57 5.28
CA LEU B 32 -0.18 -1.76 4.83
C LEU B 32 -0.91 -2.52 3.71
N HIS B 33 -2.17 -2.88 3.91
CA HIS B 33 -3.06 -3.56 2.96
C HIS B 33 -3.74 -2.53 2.05
N VAL B 34 -3.87 -2.84 0.76
CA VAL B 34 -4.06 -1.85 -0.31
C VAL B 34 -5.16 -2.33 -1.26
N SER B 35 -6.43 -2.09 -0.91
CA SER B 35 -7.59 -2.76 -1.49
C SER B 35 -8.28 -2.02 -2.64
N ASN B 36 -9.19 -2.74 -3.31
CA ASN B 36 -10.18 -2.28 -4.29
C ASN B 36 -9.58 -1.79 -5.62
N ILE B 37 -8.28 -1.99 -5.82
CA ILE B 37 -7.47 -1.45 -6.94
C ILE B 37 -7.92 -2.01 -8.31
N PRO B 38 -7.61 -1.35 -9.45
CA PRO B 38 -8.09 -1.68 -10.82
C PRO B 38 -7.82 -3.06 -11.45
N PHE B 39 -7.45 -4.08 -10.69
CA PHE B 39 -7.01 -5.44 -11.10
C PHE B 39 -5.74 -5.53 -11.96
N ARG B 40 -5.63 -4.72 -13.03
CA ARG B 40 -4.46 -4.58 -13.91
C ARG B 40 -3.28 -3.89 -13.21
N PHE B 41 -3.54 -3.24 -12.09
CA PHE B 41 -2.60 -2.47 -11.27
C PHE B 41 -1.41 -3.32 -10.78
N ARG B 42 -0.18 -2.82 -10.96
CA ARG B 42 1.08 -3.55 -10.70
C ARG B 42 1.73 -3.21 -9.35
N ASP B 43 2.65 -4.08 -8.98
CA ASP B 43 3.58 -3.95 -7.85
C ASP B 43 4.45 -2.65 -7.96
N PRO B 44 5.17 -2.43 -9.09
CA PRO B 44 5.73 -1.13 -9.45
C PRO B 44 4.77 0.06 -9.32
N ASP B 45 3.52 -0.08 -9.79
CA ASP B 45 2.53 0.99 -9.73
C ASP B 45 2.24 1.39 -8.28
N LEU B 46 2.03 0.45 -7.34
CA LEU B 46 1.84 0.85 -5.95
C LEU B 46 3.08 1.47 -5.34
N ARG B 47 4.29 0.95 -5.62
CA ARG B 47 5.48 1.64 -5.08
C ARG B 47 5.66 3.06 -5.60
N GLN B 48 5.23 3.35 -6.83
CA GLN B 48 5.24 4.68 -7.45
C GLN B 48 4.09 5.60 -6.96
N MET B 49 2.91 5.03 -6.73
CA MET B 49 1.68 5.73 -6.34
C MET B 49 1.71 6.12 -4.87
N PHE B 50 2.11 5.19 -4.00
CA PHE B 50 2.66 5.56 -2.69
C PHE B 50 3.95 6.40 -2.84
N GLY B 51 4.72 6.16 -3.92
CA GLY B 51 6.01 6.81 -4.21
C GLY B 51 5.96 8.33 -4.37
N GLN B 52 4.80 8.92 -4.68
CA GLN B 52 4.58 10.37 -4.51
C GLN B 52 4.93 10.88 -3.10
N PHE B 53 4.64 10.09 -2.05
CA PHE B 53 5.02 10.36 -0.67
C PHE B 53 6.41 9.80 -0.32
N GLY B 54 6.80 8.68 -0.95
CA GLY B 54 8.18 8.20 -1.11
C GLY B 54 8.84 7.63 0.14
N LYS B 55 8.13 6.71 0.80
CA LYS B 55 8.47 6.10 2.10
C LYS B 55 8.42 4.56 2.10
N ILE B 56 8.32 3.96 0.91
CA ILE B 56 8.17 2.52 0.68
C ILE B 56 9.50 1.77 0.82
N LEU B 57 9.54 0.83 1.76
CA LEU B 57 10.59 -0.19 1.85
C LEU B 57 10.35 -1.30 0.82
N ASP B 58 9.17 -1.94 0.89
CA ASP B 58 8.79 -3.08 0.05
C ASP B 58 7.32 -3.03 -0.40
N VAL B 59 6.99 -3.72 -1.50
CA VAL B 59 5.62 -3.97 -2.02
C VAL B 59 5.40 -5.42 -2.41
N GLU B 60 4.13 -5.80 -2.52
CA GLU B 60 3.67 -7.18 -2.62
C GLU B 60 2.19 -7.27 -3.07
N ILE B 61 1.95 -7.27 -4.39
CA ILE B 61 0.62 -7.44 -5.03
C ILE B 61 0.11 -8.89 -4.92
N ILE B 62 -1.22 -9.14 -4.83
CA ILE B 62 -1.76 -10.45 -4.50
C ILE B 62 -2.25 -11.03 -5.84
N PHE B 63 -1.37 -11.59 -6.65
CA PHE B 63 -1.67 -11.93 -8.06
C PHE B 63 -2.28 -13.34 -8.25
N ASN B 64 -2.95 -13.54 -9.39
CA ASN B 64 -3.45 -14.79 -9.94
C ASN B 64 -3.44 -14.73 -11.49
N GLU B 65 -3.98 -15.75 -12.16
CA GLU B 65 -4.05 -15.84 -13.62
C GLU B 65 -4.74 -14.62 -14.28
N ARG B 66 -5.76 -14.04 -13.64
CA ARG B 66 -6.56 -12.92 -14.18
C ARG B 66 -5.98 -11.52 -13.91
N GLY B 67 -4.90 -11.41 -13.13
CA GLY B 67 -4.34 -10.14 -12.65
C GLY B 67 -4.26 -10.13 -11.13
N SER B 68 -4.53 -9.00 -10.48
CA SER B 68 -4.71 -8.97 -9.02
C SER B 68 -5.95 -9.76 -8.55
N LYS B 69 -5.92 -10.18 -7.28
CA LYS B 69 -7.07 -10.50 -6.43
C LYS B 69 -7.90 -9.27 -6.02
N GLY B 70 -7.46 -8.09 -6.43
CA GLY B 70 -8.08 -6.78 -6.20
C GLY B 70 -7.34 -5.95 -5.15
N PHE B 71 -6.21 -6.42 -4.66
CA PHE B 71 -5.43 -5.78 -3.61
C PHE B 71 -3.93 -6.11 -3.68
N GLY B 72 -3.18 -5.28 -2.96
CA GLY B 72 -1.76 -5.44 -2.69
C GLY B 72 -1.42 -5.15 -1.23
N PHE B 73 -0.14 -5.21 -0.93
CA PHE B 73 0.49 -4.95 0.33
C PHE B 73 1.74 -4.08 0.10
N VAL B 74 2.07 -3.18 1.05
CA VAL B 74 3.24 -2.29 1.01
C VAL B 74 3.76 -1.97 2.42
N THR B 75 5.02 -1.55 2.54
CA THR B 75 5.75 -1.48 3.83
C THR B 75 6.20 -0.04 4.10
N PHE B 76 5.49 0.65 5.00
CA PHE B 76 5.23 2.08 4.80
C PHE B 76 4.95 2.95 6.04
N GLU B 77 4.00 2.50 6.84
CA GLU B 77 2.90 3.31 7.43
C GLU B 77 3.31 4.28 8.55
N ASN B 78 4.50 4.10 9.14
CA ASN B 78 4.66 4.38 10.57
C ASN B 78 5.04 5.82 10.99
N SER B 79 5.48 6.70 10.06
CA SER B 79 5.57 8.15 10.35
C SER B 79 4.18 8.81 10.36
N ALA B 80 4.09 10.02 10.94
CA ALA B 80 2.92 10.87 10.76
C ALA B 80 2.64 11.17 9.28
N ASP B 81 3.70 11.39 8.49
CA ASP B 81 3.56 11.66 7.06
C ASP B 81 3.11 10.43 6.26
N ALA B 82 3.54 9.22 6.62
CA ALA B 82 3.05 7.98 6.02
C ALA B 82 1.59 7.64 6.44
N ASP B 83 1.17 7.99 7.66
CA ASP B 83 -0.25 7.92 8.07
C ASP B 83 -1.09 8.91 7.25
N ARG B 84 -0.72 10.19 7.24
CA ARG B 84 -1.27 11.25 6.37
C ARG B 84 -1.41 10.80 4.92
N ALA B 85 -0.35 10.24 4.37
CA ALA B 85 -0.31 9.64 3.04
C ALA B 85 -1.37 8.54 2.84
N ARG B 86 -1.39 7.48 3.66
CA ARG B 86 -2.48 6.49 3.74
C ARG B 86 -3.84 7.19 3.67
N GLU B 87 -4.12 8.12 4.58
CA GLU B 87 -5.41 8.78 4.70
C GLU B 87 -5.78 9.62 3.47
N LYS B 88 -4.78 10.08 2.70
CA LYS B 88 -4.95 10.67 1.37
C LYS B 88 -5.28 9.59 0.31
N LEU B 89 -4.47 8.54 0.14
CA LEU B 89 -4.62 7.54 -0.92
C LEU B 89 -5.80 6.57 -0.71
N HIS B 90 -6.26 6.44 0.53
CA HIS B 90 -7.51 5.80 0.96
C HIS B 90 -8.72 6.67 0.55
N GLY B 91 -8.93 6.77 -0.76
CA GLY B 91 -9.69 7.84 -1.43
C GLY B 91 -9.16 8.27 -2.80
N THR B 92 -7.98 7.78 -3.24
CA THR B 92 -7.37 8.07 -4.54
C THR B 92 -8.08 7.31 -5.65
N VAL B 93 -8.88 8.03 -6.44
CA VAL B 93 -9.48 7.56 -7.70
C VAL B 93 -8.43 7.59 -8.80
N VAL B 94 -7.81 6.45 -9.12
CA VAL B 94 -6.69 6.35 -10.07
C VAL B 94 -7.14 6.05 -11.51
N GLU B 95 -7.50 4.80 -11.84
CA GLU B 95 -8.00 4.41 -13.19
C GLU B 95 -9.54 4.53 -13.28
N GLY B 96 -10.13 5.49 -12.57
CA GLY B 96 -11.57 5.53 -12.27
C GLY B 96 -11.97 4.56 -11.14
N ARG B 97 -11.03 4.28 -10.21
CA ARG B 97 -11.15 3.33 -9.11
C ARG B 97 -10.54 3.89 -7.85
N LYS B 98 -11.26 3.83 -6.74
CA LYS B 98 -10.77 4.30 -5.46
C LYS B 98 -9.99 3.23 -4.70
N ILE B 99 -8.69 3.43 -4.49
CA ILE B 99 -7.88 2.58 -3.58
C ILE B 99 -8.38 2.73 -2.13
N GLU B 100 -8.33 1.64 -1.37
CA GLU B 100 -8.69 1.57 0.06
C GLU B 100 -7.52 1.04 0.92
N VAL B 101 -6.73 1.95 1.55
CA VAL B 101 -5.47 1.57 2.22
C VAL B 101 -5.63 1.32 3.73
N ASN B 102 -5.93 0.08 4.10
CA ASN B 102 -6.12 -0.32 5.49
C ASN B 102 -4.80 -0.69 6.17
N ASN B 103 -4.68 -0.42 7.47
CA ASN B 103 -3.56 -0.96 8.24
C ASN B 103 -3.60 -2.51 8.22
N ALA B 104 -2.46 -3.19 8.37
CA ALA B 104 -2.45 -4.64 8.24
C ALA B 104 -2.62 -5.44 9.53
N THR B 105 -3.29 -6.57 9.39
CA THR B 105 -3.19 -7.77 10.23
C THR B 105 -2.04 -8.63 9.68
N ALA B 106 -0.82 -8.44 10.18
CA ALA B 106 0.35 -9.06 9.54
C ALA B 106 0.40 -10.59 9.71
N ARG B 107 0.91 -11.28 8.67
CA ARG B 107 0.45 -12.65 8.36
C ARG B 107 0.96 -13.75 9.30
N VAL B 108 2.09 -13.54 9.98
CA VAL B 108 2.83 -14.55 10.75
C VAL B 108 3.20 -14.07 12.15
N MET B 109 2.46 -14.56 13.15
CA MET B 109 2.66 -14.39 14.61
C MET B 109 2.38 -15.70 15.35
N ASN B 22 22.11 2.42 6.55
CA ASN B 22 20.66 2.57 6.87
C ASN B 22 20.47 2.85 8.36
N THR B 23 19.81 3.96 8.71
CA THR B 23 19.42 4.28 10.09
C THR B 23 18.22 3.43 10.56
N GLU B 24 17.98 3.40 11.87
CA GLU B 24 16.74 2.88 12.46
C GLU B 24 15.50 3.64 11.95
N ASN B 25 15.62 4.96 11.71
CA ASN B 25 14.53 5.77 11.18
C ASN B 25 14.15 5.44 9.73
N LYS B 26 15.13 5.07 8.90
CA LYS B 26 14.89 4.48 7.56
C LYS B 26 14.27 3.08 7.66
N SER B 27 14.76 2.25 8.59
CA SER B 27 14.37 0.85 8.76
C SER B 27 12.96 0.62 9.36
N GLN B 28 12.50 1.47 10.28
CA GLN B 28 11.31 1.23 11.12
C GLN B 28 9.92 1.05 10.44
N PRO B 29 9.62 1.55 9.22
CA PRO B 29 8.32 1.32 8.56
C PRO B 29 7.92 -0.16 8.42
N LYS B 30 6.61 -0.39 8.29
CA LYS B 30 5.90 -1.66 8.31
C LYS B 30 4.51 -1.43 7.71
N ARG B 31 3.68 -2.47 7.65
CA ARG B 31 3.01 -2.74 6.37
C ARG B 31 1.49 -2.65 6.36
N LEU B 32 1.00 -2.50 5.13
CA LEU B 32 -0.10 -1.62 4.75
C LEU B 32 -0.91 -2.35 3.65
N HIS B 33 -2.16 -2.70 3.92
CA HIS B 33 -3.09 -3.40 3.02
C HIS B 33 -3.82 -2.39 2.12
N VAL B 34 -3.89 -2.70 0.83
CA VAL B 34 -4.11 -1.74 -0.27
C VAL B 34 -5.23 -2.26 -1.17
N SER B 35 -6.48 -2.04 -0.77
CA SER B 35 -7.65 -2.73 -1.33
C SER B 35 -8.32 -2.02 -2.50
N ASN B 36 -9.18 -2.76 -3.22
CA ASN B 36 -10.14 -2.31 -4.24
C ASN B 36 -9.50 -1.71 -5.50
N ILE B 37 -8.18 -1.83 -5.64
CA ILE B 37 -7.37 -1.30 -6.75
C ILE B 37 -7.88 -1.82 -8.11
N PRO B 38 -7.75 -1.05 -9.22
CA PRO B 38 -8.03 -1.55 -10.57
C PRO B 38 -7.23 -2.83 -10.85
N PHE B 39 -7.87 -3.87 -11.39
CA PHE B 39 -7.19 -5.15 -11.65
C PHE B 39 -5.91 -5.09 -12.52
N ARG B 40 -5.71 -4.01 -13.27
CA ARG B 40 -4.50 -3.73 -14.07
C ARG B 40 -3.28 -3.34 -13.21
N PHE B 41 -3.45 -3.04 -11.93
CA PHE B 41 -2.35 -2.70 -11.01
C PHE B 41 -1.31 -3.83 -10.86
N ARG B 42 -0.08 -3.41 -10.55
CA ARG B 42 1.15 -4.21 -10.45
C ARG B 42 1.98 -3.79 -9.24
N ASP B 43 2.96 -4.61 -8.88
CA ASP B 43 3.93 -4.36 -7.82
C ASP B 43 4.65 -2.98 -7.96
N PRO B 44 5.32 -2.68 -9.10
CA PRO B 44 6.01 -1.42 -9.27
C PRO B 44 5.04 -0.24 -9.51
N ASP B 45 3.82 -0.50 -9.97
CA ASP B 45 2.77 0.51 -10.01
C ASP B 45 2.41 0.99 -8.59
N LEU B 46 2.24 0.11 -7.59
CA LEU B 46 2.05 0.58 -6.22
C LEU B 46 3.30 1.23 -5.64
N ARG B 47 4.52 0.71 -5.90
CA ARG B 47 5.73 1.35 -5.35
C ARG B 47 5.92 2.77 -5.87
N GLN B 48 5.53 3.05 -7.12
CA GLN B 48 5.53 4.38 -7.74
C GLN B 48 4.39 5.28 -7.23
N MET B 49 3.20 4.73 -6.99
CA MET B 49 1.99 5.45 -6.62
C MET B 49 2.02 5.88 -5.16
N PHE B 50 2.36 4.96 -4.26
CA PHE B 50 2.88 5.33 -2.94
C PHE B 50 4.20 6.12 -3.07
N GLY B 51 4.98 5.87 -4.12
CA GLY B 51 6.23 6.58 -4.44
C GLY B 51 6.11 8.10 -4.59
N GLN B 52 4.92 8.63 -4.91
CA GLN B 52 4.63 10.06 -4.77
C GLN B 52 4.99 10.63 -3.38
N PHE B 53 4.75 9.84 -2.31
CA PHE B 53 5.11 10.16 -0.93
C PHE B 53 6.49 9.60 -0.54
N GLY B 54 6.88 8.45 -1.12
CA GLY B 54 8.24 7.92 -1.13
C GLY B 54 8.79 7.46 0.23
N LYS B 55 8.08 6.49 0.82
CA LYS B 55 8.35 5.89 2.15
C LYS B 55 8.53 4.36 2.11
N ILE B 56 8.57 3.79 0.90
CA ILE B 56 8.38 2.37 0.60
C ILE B 56 9.68 1.57 0.77
N LEU B 57 9.65 0.62 1.71
CA LEU B 57 10.71 -0.38 1.90
C LEU B 57 10.51 -1.57 0.95
N ASP B 58 9.26 -2.06 0.81
CA ASP B 58 8.87 -3.19 -0.05
C ASP B 58 7.40 -3.08 -0.52
N VAL B 59 7.03 -3.84 -1.56
CA VAL B 59 5.66 -4.05 -2.07
C VAL B 59 5.38 -5.51 -2.36
N GLU B 60 4.09 -5.85 -2.46
CA GLU B 60 3.56 -7.21 -2.38
C GLU B 60 2.10 -7.26 -2.90
N ILE B 61 1.87 -7.13 -4.21
CA ILE B 61 0.55 -7.37 -4.85
C ILE B 61 0.11 -8.82 -4.62
N ILE B 62 -1.20 -9.03 -4.43
CA ILE B 62 -1.81 -10.32 -4.19
C ILE B 62 -2.32 -10.68 -5.59
N PHE B 63 -1.67 -11.62 -6.28
CA PHE B 63 -1.76 -11.78 -7.75
C PHE B 63 -2.59 -13.00 -8.18
N ASN B 64 -3.05 -13.03 -9.43
CA ASN B 64 -3.64 -14.19 -10.12
C ASN B 64 -3.07 -14.24 -11.56
N GLU B 65 -3.21 -15.36 -12.27
CA GLU B 65 -2.91 -15.45 -13.71
C GLU B 65 -3.77 -14.48 -14.56
N ARG B 66 -4.97 -14.14 -14.08
CA ARG B 66 -5.89 -13.15 -14.66
C ARG B 66 -5.45 -11.69 -14.48
N GLY B 67 -4.57 -11.35 -13.53
CA GLY B 67 -4.20 -9.97 -13.17
C GLY B 67 -4.09 -9.82 -11.65
N SER B 68 -4.16 -8.60 -11.10
CA SER B 68 -4.34 -8.44 -9.65
C SER B 68 -5.52 -9.26 -9.12
N LYS B 69 -5.41 -9.76 -7.88
CA LYS B 69 -6.49 -10.37 -7.11
C LYS B 69 -7.43 -9.34 -6.48
N GLY B 70 -7.11 -8.04 -6.66
CA GLY B 70 -7.92 -6.88 -6.28
C GLY B 70 -7.35 -6.04 -5.15
N PHE B 71 -6.21 -6.45 -4.57
CA PHE B 71 -5.48 -5.75 -3.53
C PHE B 71 -3.98 -6.04 -3.58
N GLY B 72 -3.22 -5.20 -2.88
CA GLY B 72 -1.81 -5.42 -2.59
C GLY B 72 -1.48 -5.13 -1.13
N PHE B 73 -0.22 -5.29 -0.81
CA PHE B 73 0.45 -4.97 0.44
C PHE B 73 1.70 -4.12 0.12
N VAL B 74 2.07 -3.20 1.01
CA VAL B 74 3.25 -2.33 0.87
C VAL B 74 3.80 -1.93 2.25
N THR B 75 5.06 -1.52 2.36
CA THR B 75 5.78 -1.46 3.65
C THR B 75 6.25 -0.03 3.91
N PHE B 76 5.54 0.68 4.78
CA PHE B 76 5.22 2.08 4.55
C PHE B 76 4.96 2.96 5.77
N GLU B 77 4.17 2.42 6.67
CA GLU B 77 3.53 3.05 7.80
C GLU B 77 4.54 3.08 8.93
N ASN B 78 4.93 4.28 9.35
CA ASN B 78 5.26 4.48 10.76
C ASN B 78 4.88 5.88 11.29
N SER B 79 5.50 6.92 10.74
CA SER B 79 5.33 8.33 11.15
C SER B 79 3.95 8.91 10.77
N ALA B 80 3.60 10.08 11.33
CA ALA B 80 2.39 10.82 10.95
C ALA B 80 2.33 11.19 9.46
N ASP B 81 3.47 11.43 8.82
CA ASP B 81 3.58 11.67 7.38
C ASP B 81 3.12 10.44 6.54
N ALA B 82 3.40 9.23 7.02
CA ALA B 82 2.89 7.99 6.42
C ALA B 82 1.38 7.81 6.65
N ASP B 83 0.88 8.09 7.86
CA ASP B 83 -0.55 8.07 8.16
C ASP B 83 -1.32 9.09 7.29
N ARG B 84 -0.83 10.32 7.18
CA ARG B 84 -1.32 11.39 6.29
C ARG B 84 -1.37 10.93 4.83
N ALA B 85 -0.29 10.35 4.34
CA ALA B 85 -0.22 9.75 3.00
C ALA B 85 -1.29 8.66 2.76
N ARG B 86 -1.37 7.65 3.63
CA ARG B 86 -2.48 6.67 3.72
C ARG B 86 -3.83 7.37 3.62
N GLU B 87 -4.13 8.31 4.51
CA GLU B 87 -5.40 9.04 4.53
C GLU B 87 -5.71 9.80 3.23
N LYS B 88 -4.68 10.23 2.48
CA LYS B 88 -4.83 10.78 1.13
C LYS B 88 -5.22 9.68 0.12
N LEU B 89 -4.45 8.58 0.01
CA LEU B 89 -4.67 7.55 -1.00
C LEU B 89 -5.88 6.64 -0.71
N HIS B 90 -6.31 6.58 0.55
CA HIS B 90 -7.55 5.96 1.04
C HIS B 90 -8.75 6.83 0.64
N GLY B 91 -9.00 6.91 -0.67
CA GLY B 91 -9.76 7.97 -1.32
C GLY B 91 -9.16 8.47 -2.66
N THR B 92 -8.07 7.88 -3.15
CA THR B 92 -7.49 8.13 -4.48
C THR B 92 -8.38 7.46 -5.50
N VAL B 93 -9.14 8.24 -6.28
CA VAL B 93 -9.89 7.73 -7.44
C VAL B 93 -8.92 7.48 -8.60
N VAL B 94 -8.65 6.21 -8.84
CA VAL B 94 -7.50 5.68 -9.60
C VAL B 94 -7.74 5.71 -11.11
N GLU B 95 -8.67 4.89 -11.59
CA GLU B 95 -8.95 4.63 -13.00
C GLU B 95 -10.48 4.65 -13.29
N GLY B 96 -11.22 5.35 -12.44
CA GLY B 96 -12.66 5.13 -12.22
C GLY B 96 -12.90 4.01 -11.20
N ARG B 97 -12.11 4.02 -10.12
CA ARG B 97 -12.01 3.08 -9.00
C ARG B 97 -11.52 3.89 -7.80
N LYS B 98 -11.52 3.40 -6.56
CA LYS B 98 -10.91 4.09 -5.40
C LYS B 98 -10.08 3.13 -4.53
N ILE B 99 -8.79 3.42 -4.31
CA ILE B 99 -7.95 2.60 -3.39
C ILE B 99 -8.45 2.78 -1.95
N GLU B 100 -8.43 1.70 -1.17
CA GLU B 100 -8.75 1.67 0.26
C GLU B 100 -7.55 1.16 1.07
N VAL B 101 -6.75 2.06 1.68
CA VAL B 101 -5.49 1.71 2.36
C VAL B 101 -5.63 1.55 3.88
N ASN B 102 -5.94 0.34 4.32
CA ASN B 102 -5.98 0.02 5.75
C ASN B 102 -4.58 -0.37 6.24
N ASN B 103 -4.32 -0.18 7.53
CA ASN B 103 -3.20 -0.88 8.16
C ASN B 103 -3.44 -2.40 8.15
N ALA B 104 -2.40 -3.19 8.43
CA ALA B 104 -2.51 -4.63 8.33
C ALA B 104 -2.81 -5.35 9.65
N THR B 105 -3.66 -6.37 9.54
CA THR B 105 -3.63 -7.58 10.37
C THR B 105 -2.48 -8.46 9.86
N ALA B 106 -1.28 -8.29 10.42
CA ALA B 106 -0.11 -8.95 9.84
C ALA B 106 -0.12 -10.48 10.01
N ARG B 107 0.43 -11.20 9.02
CA ARG B 107 0.09 -12.61 8.76
C ARG B 107 0.66 -13.62 9.79
N VAL B 108 1.71 -13.20 10.51
CA VAL B 108 2.46 -13.88 11.59
C VAL B 108 2.97 -15.31 11.25
N MET B 109 3.74 -15.91 12.17
CA MET B 109 4.32 -17.26 12.06
C MET B 109 3.26 -18.38 12.09
N ASN B 22 18.64 8.44 19.30
CA ASN B 22 19.50 7.35 18.77
C ASN B 22 18.65 6.21 18.23
N THR B 23 18.22 5.25 19.08
CA THR B 23 17.42 4.06 18.71
C THR B 23 16.14 3.89 19.55
N GLU B 24 16.00 4.66 20.64
CA GLU B 24 14.87 4.63 21.59
C GLU B 24 13.49 4.96 20.99
N ASN B 25 13.45 5.59 19.81
CA ASN B 25 12.24 5.81 19.01
C ASN B 25 11.50 4.49 18.66
N LYS B 26 12.23 3.50 18.14
CA LYS B 26 11.81 2.18 17.59
C LYS B 26 10.77 2.20 16.45
N SER B 27 9.76 3.07 16.49
CA SER B 27 8.68 3.23 15.51
C SER B 27 9.20 3.55 14.11
N GLN B 28 8.94 2.66 13.15
CA GLN B 28 9.44 2.70 11.77
C GLN B 28 8.43 2.04 10.79
N PRO B 29 8.52 2.27 9.46
CA PRO B 29 7.64 1.68 8.45
C PRO B 29 7.44 0.16 8.58
N LYS B 30 6.17 -0.25 8.47
CA LYS B 30 5.61 -1.60 8.47
C LYS B 30 4.20 -1.50 7.87
N ARG B 31 3.54 -2.64 7.66
CA ARG B 31 2.88 -2.83 6.36
C ARG B 31 1.35 -2.71 6.31
N LEU B 32 0.86 -2.59 5.09
CA LEU B 32 -0.28 -1.77 4.70
C LEU B 32 -1.03 -2.45 3.55
N HIS B 33 -2.28 -2.88 3.80
CA HIS B 33 -3.16 -3.58 2.86
C HIS B 33 -3.87 -2.53 1.98
N VAL B 34 -3.77 -2.70 0.66
CA VAL B 34 -4.07 -1.67 -0.35
C VAL B 34 -5.04 -2.24 -1.36
N SER B 35 -6.34 -1.96 -1.17
CA SER B 35 -7.47 -2.77 -1.64
C SER B 35 -8.48 -2.02 -2.52
N ASN B 36 -9.39 -2.78 -3.13
CA ASN B 36 -10.38 -2.35 -4.14
C ASN B 36 -9.75 -1.80 -5.43
N ILE B 37 -8.43 -1.95 -5.58
CA ILE B 37 -7.64 -1.43 -6.69
C ILE B 37 -8.10 -2.04 -8.03
N PRO B 38 -7.93 -1.34 -9.17
CA PRO B 38 -8.12 -1.92 -10.50
C PRO B 38 -7.28 -3.18 -10.67
N PHE B 39 -7.86 -4.28 -11.15
CA PHE B 39 -7.13 -5.55 -11.35
C PHE B 39 -5.84 -5.48 -12.20
N ARG B 40 -5.70 -4.43 -13.02
CA ARG B 40 -4.53 -4.16 -13.88
C ARG B 40 -3.35 -3.51 -13.12
N PHE B 41 -3.51 -3.15 -11.84
CA PHE B 41 -2.43 -2.71 -10.95
C PHE B 41 -1.30 -3.74 -10.82
N ARG B 42 -0.11 -3.23 -10.45
CA ARG B 42 1.15 -3.97 -10.36
C ARG B 42 1.95 -3.52 -9.14
N ASP B 43 2.91 -4.34 -8.76
CA ASP B 43 3.96 -4.08 -7.77
C ASP B 43 4.69 -2.73 -8.03
N PRO B 44 5.29 -2.51 -9.23
CA PRO B 44 5.95 -1.25 -9.57
C PRO B 44 4.99 -0.07 -9.53
N ASP B 45 3.73 -0.28 -9.94
CA ASP B 45 2.65 0.70 -9.84
C ASP B 45 2.46 1.19 -8.40
N LEU B 46 2.24 0.31 -7.40
CA LEU B 46 2.08 0.76 -6.03
C LEU B 46 3.33 1.38 -5.43
N ARG B 47 4.54 0.86 -5.67
CA ARG B 47 5.73 1.56 -5.11
C ARG B 47 5.94 2.95 -5.71
N GLN B 48 5.53 3.18 -6.95
CA GLN B 48 5.60 4.49 -7.60
C GLN B 48 4.43 5.43 -7.24
N MET B 49 3.25 4.89 -6.97
CA MET B 49 2.02 5.62 -6.67
C MET B 49 1.96 6.01 -5.20
N PHE B 50 2.30 5.10 -4.28
CA PHE B 50 2.82 5.50 -2.97
C PHE B 50 4.13 6.30 -3.11
N GLY B 51 4.92 6.02 -4.15
CA GLY B 51 6.18 6.71 -4.48
C GLY B 51 6.08 8.23 -4.68
N GLN B 52 4.90 8.77 -5.01
CA GLN B 52 4.63 10.22 -4.88
C GLN B 52 5.03 10.78 -3.50
N PHE B 53 4.83 10.00 -2.44
CA PHE B 53 5.25 10.29 -1.07
C PHE B 53 6.63 9.67 -0.76
N GLY B 54 6.91 8.46 -1.26
CA GLY B 54 8.26 7.88 -1.39
C GLY B 54 8.92 7.34 -0.12
N LYS B 55 8.11 7.13 0.91
CA LYS B 55 8.47 6.59 2.23
C LYS B 55 8.66 5.06 2.26
N ILE B 56 8.07 4.37 1.28
CA ILE B 56 8.02 2.91 1.06
C ILE B 56 9.37 2.19 1.29
N LEU B 57 9.34 1.12 2.09
CA LEU B 57 10.45 0.16 2.28
C LEU B 57 10.33 -1.06 1.36
N ASP B 58 9.11 -1.54 1.09
CA ASP B 58 8.83 -2.71 0.24
C ASP B 58 7.38 -2.72 -0.31
N VAL B 59 7.11 -3.53 -1.34
CA VAL B 59 5.76 -3.76 -1.91
C VAL B 59 5.50 -5.20 -2.33
N GLU B 60 4.22 -5.48 -2.58
CA GLU B 60 3.65 -6.74 -3.03
C GLU B 60 2.28 -6.48 -3.70
N ILE B 61 1.84 -7.38 -4.58
CA ILE B 61 0.46 -7.53 -5.09
C ILE B 61 0.02 -8.97 -4.87
N ILE B 62 -1.28 -9.21 -4.64
CA ILE B 62 -1.80 -10.55 -4.36
C ILE B 62 -2.17 -11.07 -5.75
N PHE B 63 -1.17 -11.52 -6.52
CA PHE B 63 -1.32 -11.73 -7.96
C PHE B 63 -1.99 -13.08 -8.29
N ASN B 64 -2.65 -13.16 -9.44
CA ASN B 64 -3.10 -14.38 -10.10
C ASN B 64 -2.77 -14.27 -11.60
N GLU B 65 -2.89 -15.35 -12.37
CA GLU B 65 -2.71 -15.32 -13.84
C GLU B 65 -3.74 -14.38 -14.52
N ARG B 66 -4.89 -14.15 -13.87
CA ARG B 66 -5.97 -13.24 -14.30
C ARG B 66 -5.73 -11.75 -14.00
N GLY B 67 -4.70 -11.40 -13.21
CA GLY B 67 -4.45 -10.02 -12.72
C GLY B 67 -4.32 -9.99 -11.20
N SER B 68 -4.40 -8.81 -10.58
CA SER B 68 -4.54 -8.73 -9.12
C SER B 68 -5.76 -9.51 -8.61
N LYS B 69 -5.72 -9.98 -7.36
CA LYS B 69 -6.88 -10.43 -6.56
C LYS B 69 -7.73 -9.30 -5.99
N GLY B 70 -7.34 -8.05 -6.28
CA GLY B 70 -8.04 -6.82 -5.93
C GLY B 70 -7.34 -5.98 -4.87
N PHE B 71 -6.18 -6.43 -4.39
CA PHE B 71 -5.34 -5.75 -3.42
C PHE B 71 -3.85 -6.09 -3.58
N GLY B 72 -3.04 -5.24 -2.95
CA GLY B 72 -1.62 -5.40 -2.70
C GLY B 72 -1.28 -4.99 -1.27
N PHE B 73 0.02 -4.96 -0.98
CA PHE B 73 0.58 -4.93 0.36
C PHE B 73 1.93 -4.18 0.37
N VAL B 74 2.01 -3.02 1.01
CA VAL B 74 3.17 -2.09 0.97
C VAL B 74 3.67 -1.75 2.37
N THR B 75 4.94 -1.38 2.54
CA THR B 75 5.60 -1.30 3.86
C THR B 75 5.92 0.15 4.19
N PHE B 76 5.10 0.73 5.08
CA PHE B 76 4.75 2.14 4.95
C PHE B 76 4.41 2.89 6.24
N GLU B 77 3.27 2.50 6.81
CA GLU B 77 2.20 3.33 7.41
C GLU B 77 2.63 4.19 8.61
N ASN B 78 3.73 3.82 9.25
CA ASN B 78 3.90 4.08 10.67
C ASN B 78 4.46 5.47 11.02
N SER B 79 5.18 6.12 10.10
CA SER B 79 5.65 7.52 10.25
C SER B 79 4.49 8.52 10.11
N ALA B 80 4.64 9.77 10.58
CA ALA B 80 3.62 10.82 10.35
C ALA B 80 3.39 11.09 8.86
N ASP B 81 4.47 11.18 8.08
CA ASP B 81 4.41 11.39 6.62
C ASP B 81 3.66 10.24 5.93
N ALA B 82 3.92 9.00 6.36
CA ALA B 82 3.26 7.81 5.86
C ALA B 82 1.77 7.73 6.29
N ASP B 83 1.41 8.11 7.52
CA ASP B 83 0.02 8.23 7.97
C ASP B 83 -0.73 9.27 7.14
N ARG B 84 -0.19 10.49 7.00
CA ARG B 84 -0.70 11.57 6.14
C ARG B 84 -0.92 11.07 4.71
N ALA B 85 0.07 10.40 4.13
CA ALA B 85 0.01 9.80 2.80
C ALA B 85 -1.08 8.71 2.64
N ARG B 86 -1.11 7.69 3.50
CA ARG B 86 -2.21 6.71 3.67
C ARG B 86 -3.56 7.43 3.70
N GLU B 87 -3.76 8.40 4.56
CA GLU B 87 -5.01 9.17 4.66
C GLU B 87 -5.38 9.92 3.37
N LYS B 88 -4.38 10.35 2.57
CA LYS B 88 -4.60 10.86 1.21
C LYS B 88 -5.01 9.74 0.23
N LEU B 89 -4.28 8.62 0.12
CA LEU B 89 -4.52 7.58 -0.87
C LEU B 89 -5.73 6.68 -0.54
N HIS B 90 -6.13 6.61 0.72
CA HIS B 90 -7.34 5.95 1.23
C HIS B 90 -8.58 6.80 0.90
N GLY B 91 -9.03 6.69 -0.36
CA GLY B 91 -9.95 7.63 -1.01
C GLY B 91 -9.47 8.17 -2.37
N THR B 92 -8.36 7.66 -2.92
CA THR B 92 -7.76 8.11 -4.19
C THR B 92 -8.38 7.33 -5.35
N VAL B 93 -9.22 8.03 -6.14
CA VAL B 93 -9.76 7.54 -7.43
C VAL B 93 -8.67 7.63 -8.50
N VAL B 94 -8.32 6.49 -9.12
CA VAL B 94 -7.12 6.34 -9.97
C VAL B 94 -7.37 5.80 -11.39
N GLU B 95 -8.33 4.90 -11.61
CA GLU B 95 -8.79 4.45 -12.93
C GLU B 95 -10.33 4.49 -13.06
N GLY B 96 -10.97 5.47 -12.40
CA GLY B 96 -12.41 5.41 -12.09
C GLY B 96 -12.75 4.36 -11.02
N ARG B 97 -11.78 4.12 -10.11
CA ARG B 97 -11.76 3.14 -9.03
C ARG B 97 -11.03 3.75 -7.87
N LYS B 98 -11.49 3.51 -6.64
CA LYS B 98 -10.95 4.15 -5.44
C LYS B 98 -10.17 3.16 -4.56
N ILE B 99 -8.91 3.49 -4.26
CA ILE B 99 -8.08 2.68 -3.35
C ILE B 99 -8.54 2.85 -1.89
N GLU B 100 -8.72 1.73 -1.19
CA GLU B 100 -8.82 1.62 0.26
C GLU B 100 -7.45 1.20 0.88
N VAL B 101 -6.77 2.05 1.67
CA VAL B 101 -5.46 1.71 2.30
C VAL B 101 -5.61 1.40 3.79
N ASN B 102 -6.03 0.17 4.08
CA ASN B 102 -6.26 -0.33 5.42
C ASN B 102 -4.95 -0.67 6.13
N ASN B 103 -4.93 -0.55 7.46
CA ASN B 103 -3.88 -1.15 8.27
C ASN B 103 -3.92 -2.71 8.15
N ALA B 104 -2.92 -3.41 8.69
CA ALA B 104 -2.75 -4.85 8.41
C ALA B 104 -2.61 -5.77 9.63
N THR B 105 -3.02 -7.01 9.41
CA THR B 105 -2.60 -8.25 10.08
C THR B 105 -1.24 -8.73 9.53
N ALA B 106 -0.61 -9.75 10.13
CA ALA B 106 0.59 -10.40 9.55
C ALA B 106 0.76 -11.88 9.96
N ARG B 107 -0.05 -12.81 9.41
CA ARG B 107 -1.24 -12.61 8.55
C ARG B 107 -2.57 -12.84 9.29
N VAL B 108 -2.50 -13.14 10.58
CA VAL B 108 -3.63 -13.25 11.53
C VAL B 108 -3.78 -12.01 12.41
N MET B 109 -4.93 -11.89 13.07
CA MET B 109 -5.27 -10.86 14.07
C MET B 109 -4.41 -10.93 15.35
N ASN B 22 8.54 13.55 20.52
CA ASN B 22 9.34 13.01 19.40
C ASN B 22 8.85 11.59 19.03
N THR B 23 9.36 10.55 19.69
CA THR B 23 8.98 9.10 19.65
C THR B 23 8.24 8.63 18.38
N GLU B 24 6.90 8.76 18.32
CA GLU B 24 6.07 8.25 17.22
C GLU B 24 6.30 8.93 15.85
N ASN B 25 6.94 10.09 15.81
CA ASN B 25 7.24 10.83 14.57
C ASN B 25 8.29 10.15 13.67
N LYS B 26 9.06 9.17 14.19
CA LYS B 26 10.17 8.48 13.51
C LYS B 26 10.07 6.95 13.50
N SER B 27 8.98 6.37 13.99
CA SER B 27 8.71 4.92 14.01
C SER B 27 8.83 4.30 12.61
N GLN B 28 9.79 3.40 12.41
CA GLN B 28 10.13 2.84 11.10
C GLN B 28 8.93 2.18 10.37
N PRO B 29 8.71 2.45 9.06
CA PRO B 29 7.69 1.83 8.23
C PRO B 29 7.57 0.31 8.36
N LYS B 30 6.34 -0.21 8.47
CA LYS B 30 6.01 -1.63 8.70
C LYS B 30 4.51 -1.90 8.52
N ARG B 31 4.18 -1.70 7.24
CA ARG B 31 3.21 -2.36 6.36
C ARG B 31 1.71 -2.10 6.45
N LEU B 32 1.09 -2.26 5.28
CA LEU B 32 -0.04 -1.49 4.77
C LEU B 32 -0.77 -2.32 3.68
N HIS B 33 -2.06 -2.57 3.86
CA HIS B 33 -2.97 -3.34 2.98
C HIS B 33 -3.73 -2.37 2.06
N VAL B 34 -3.82 -2.70 0.76
CA VAL B 34 -4.07 -1.72 -0.32
C VAL B 34 -5.17 -2.24 -1.24
N SER B 35 -6.43 -2.01 -0.86
CA SER B 35 -7.62 -2.66 -1.40
C SER B 35 -8.31 -1.93 -2.56
N ASN B 36 -9.21 -2.66 -3.23
CA ASN B 36 -10.20 -2.21 -4.22
C ASN B 36 -9.60 -1.65 -5.52
N ILE B 37 -8.28 -1.74 -5.69
CA ILE B 37 -7.51 -1.23 -6.83
C ILE B 37 -8.03 -1.81 -8.16
N PRO B 38 -7.90 -1.10 -9.30
CA PRO B 38 -8.19 -1.66 -10.62
C PRO B 38 -7.43 -2.97 -10.86
N PHE B 39 -8.09 -4.02 -11.32
CA PHE B 39 -7.44 -5.34 -11.52
C PHE B 39 -6.18 -5.36 -12.40
N ARG B 40 -5.98 -4.33 -13.24
CA ARG B 40 -4.80 -4.13 -14.11
C ARG B 40 -3.58 -3.57 -13.38
N PHE B 41 -3.69 -3.21 -12.09
CA PHE B 41 -2.57 -2.71 -11.27
C PHE B 41 -1.37 -3.66 -11.17
N ARG B 42 -0.23 -3.10 -10.77
CA ARG B 42 1.07 -3.79 -10.64
C ARG B 42 1.79 -3.42 -9.35
N ASP B 43 2.73 -4.28 -8.98
CA ASP B 43 3.72 -4.08 -7.92
C ASP B 43 4.61 -2.82 -8.17
N PRO B 44 5.24 -2.67 -9.37
CA PRO B 44 5.80 -1.42 -9.86
C PRO B 44 4.90 -0.20 -9.69
N ASP B 45 3.61 -0.35 -10.03
CA ASP B 45 2.62 0.72 -9.92
C ASP B 45 2.49 1.19 -8.46
N LEU B 46 2.26 0.30 -7.49
CA LEU B 46 2.16 0.73 -6.10
C LEU B 46 3.44 1.33 -5.56
N ARG B 47 4.64 0.81 -5.89
CA ARG B 47 5.87 1.48 -5.40
C ARG B 47 6.05 2.88 -5.98
N GLN B 48 5.62 3.12 -7.21
CA GLN B 48 5.64 4.45 -7.84
C GLN B 48 4.53 5.40 -7.30
N MET B 49 3.35 4.86 -7.03
CA MET B 49 2.13 5.61 -6.66
C MET B 49 2.16 6.01 -5.20
N PHE B 50 2.50 5.07 -4.30
CA PHE B 50 3.01 5.45 -2.98
C PHE B 50 4.34 6.22 -3.10
N GLY B 51 5.13 5.95 -4.15
CA GLY B 51 6.40 6.64 -4.48
C GLY B 51 6.30 8.16 -4.62
N GLN B 52 5.11 8.71 -4.94
CA GLN B 52 4.86 10.15 -4.77
C GLN B 52 5.22 10.71 -3.38
N PHE B 53 4.94 9.93 -2.32
CA PHE B 53 5.35 10.23 -0.94
C PHE B 53 6.72 9.61 -0.60
N GLY B 54 7.02 8.42 -1.14
CA GLY B 54 8.37 7.84 -1.21
C GLY B 54 8.95 7.26 0.07
N LYS B 55 8.07 6.91 1.00
CA LYS B 55 8.36 6.25 2.29
C LYS B 55 8.64 4.74 2.20
N ILE B 56 8.37 4.13 1.05
CA ILE B 56 8.29 2.68 0.81
C ILE B 56 9.62 1.95 1.03
N LEU B 57 9.59 0.88 1.83
CA LEU B 57 10.67 -0.10 1.99
C LEU B 57 10.52 -1.27 0.99
N ASP B 58 9.29 -1.82 0.86
CA ASP B 58 8.95 -2.94 -0.01
C ASP B 58 7.47 -2.90 -0.48
N VAL B 59 7.12 -3.63 -1.55
CA VAL B 59 5.75 -3.81 -2.09
C VAL B 59 5.44 -5.26 -2.45
N GLU B 60 4.15 -5.50 -2.72
CA GLU B 60 3.51 -6.76 -3.03
C GLU B 60 2.16 -6.52 -3.74
N ILE B 61 1.73 -7.44 -4.61
CA ILE B 61 0.35 -7.56 -5.12
C ILE B 61 -0.14 -8.98 -4.88
N ILE B 62 -1.45 -9.17 -4.64
CA ILE B 62 -2.00 -10.47 -4.34
C ILE B 62 -2.39 -11.04 -5.71
N PHE B 63 -1.39 -11.47 -6.49
CA PHE B 63 -1.59 -11.78 -7.91
C PHE B 63 -2.32 -13.12 -8.11
N ASN B 64 -3.05 -13.27 -9.21
CA ASN B 64 -3.62 -14.52 -9.72
C ASN B 64 -3.35 -14.60 -11.25
N GLU B 65 -3.62 -15.74 -11.90
CA GLU B 65 -3.42 -15.92 -13.35
C GLU B 65 -4.24 -14.95 -14.23
N ARG B 66 -5.34 -14.39 -13.67
CA ARG B 66 -6.24 -13.43 -14.33
C ARG B 66 -5.82 -11.96 -14.14
N GLY B 67 -4.96 -11.64 -13.17
CA GLY B 67 -4.65 -10.26 -12.75
C GLY B 67 -4.58 -10.15 -11.22
N SER B 68 -4.72 -8.95 -10.66
CA SER B 68 -4.82 -8.79 -9.21
C SER B 68 -6.01 -9.57 -8.62
N LYS B 69 -5.92 -10.04 -7.36
CA LYS B 69 -7.06 -10.39 -6.50
C LYS B 69 -7.89 -9.18 -6.05
N GLY B 70 -7.45 -7.97 -6.42
CA GLY B 70 -8.10 -6.68 -6.18
C GLY B 70 -7.44 -5.87 -5.07
N PHE B 71 -6.34 -6.36 -4.51
CA PHE B 71 -5.52 -5.68 -3.51
C PHE B 71 -4.03 -6.01 -3.65
N GLY B 72 -3.23 -5.18 -3.00
CA GLY B 72 -1.81 -5.37 -2.76
C GLY B 72 -1.45 -5.04 -1.31
N PHE B 73 -0.15 -5.03 -1.06
CA PHE B 73 0.50 -4.81 0.23
C PHE B 73 1.77 -3.98 0.00
N VAL B 74 2.13 -3.11 0.94
CA VAL B 74 3.30 -2.21 0.84
C VAL B 74 3.80 -1.86 2.22
N THR B 75 5.07 -1.41 2.35
CA THR B 75 5.79 -1.37 3.64
C THR B 75 6.17 0.06 3.99
N PHE B 76 5.29 0.70 4.77
CA PHE B 76 5.05 2.12 4.61
C PHE B 76 4.74 2.91 5.87
N GLU B 77 3.94 2.29 6.72
CA GLU B 77 3.12 2.84 7.76
C GLU B 77 3.86 2.59 9.06
N ASN B 78 4.30 3.66 9.71
CA ASN B 78 4.12 3.72 11.15
C ASN B 78 4.01 5.14 11.73
N SER B 79 4.76 6.11 11.19
CA SER B 79 4.72 7.52 11.62
C SER B 79 3.42 8.24 11.23
N ALA B 80 3.11 9.37 11.88
CA ALA B 80 1.98 10.23 11.51
C ALA B 80 2.00 10.67 10.04
N ASP B 81 3.18 11.00 9.50
CA ASP B 81 3.35 11.38 8.10
C ASP B 81 2.99 10.24 7.11
N ALA B 82 3.28 8.99 7.48
CA ALA B 82 2.84 7.81 6.73
C ALA B 82 1.32 7.60 6.82
N ASP B 83 0.74 7.69 8.02
CA ASP B 83 -0.72 7.63 8.21
C ASP B 83 -1.45 8.73 7.41
N ARG B 84 -0.92 9.95 7.42
CA ARG B 84 -1.36 11.10 6.61
C ARG B 84 -1.34 10.80 5.10
N ALA B 85 -0.22 10.30 4.59
CA ALA B 85 -0.10 9.82 3.21
C ALA B 85 -1.11 8.72 2.84
N ARG B 86 -1.25 7.67 3.66
CA ARG B 86 -2.35 6.69 3.64
C ARG B 86 -3.71 7.39 3.52
N GLU B 87 -4.08 8.26 4.44
CA GLU B 87 -5.34 8.99 4.45
C GLU B 87 -5.58 9.82 3.18
N LYS B 88 -4.52 10.30 2.52
CA LYS B 88 -4.60 10.91 1.19
C LYS B 88 -4.95 9.86 0.11
N LEU B 89 -4.21 8.75 -0.03
CA LEU B 89 -4.44 7.76 -1.08
C LEU B 89 -5.66 6.84 -0.85
N HIS B 90 -6.14 6.75 0.39
CA HIS B 90 -7.35 6.07 0.80
C HIS B 90 -8.60 6.85 0.36
N GLY B 91 -9.05 6.60 -0.88
CA GLY B 91 -10.00 7.40 -1.64
C GLY B 91 -9.44 7.99 -2.95
N THR B 92 -8.18 7.73 -3.31
CA THR B 92 -7.58 8.11 -4.60
C THR B 92 -8.23 7.33 -5.74
N VAL B 93 -9.01 8.05 -6.56
CA VAL B 93 -9.65 7.55 -7.77
C VAL B 93 -8.64 7.48 -8.92
N VAL B 94 -8.23 6.26 -9.27
CA VAL B 94 -7.34 5.93 -10.39
C VAL B 94 -8.05 4.93 -11.31
N GLU B 95 -7.96 5.10 -12.63
CA GLU B 95 -8.75 4.37 -13.63
C GLU B 95 -10.30 4.36 -13.40
N GLY B 96 -10.81 5.30 -12.60
CA GLY B 96 -12.22 5.35 -12.17
C GLY B 96 -12.53 4.42 -10.99
N ARG B 97 -11.58 4.22 -10.06
CA ARG B 97 -11.60 3.28 -8.94
C ARG B 97 -10.88 3.85 -7.74
N LYS B 98 -11.50 3.80 -6.57
CA LYS B 98 -10.82 4.20 -5.36
C LYS B 98 -9.89 3.10 -4.83
N ILE B 99 -8.60 3.40 -4.65
CA ILE B 99 -7.75 2.63 -3.72
C ILE B 99 -8.24 2.85 -2.27
N GLU B 100 -8.20 1.80 -1.45
CA GLU B 100 -8.55 1.84 -0.02
C GLU B 100 -7.37 1.31 0.83
N VAL B 101 -6.60 2.22 1.48
CA VAL B 101 -5.32 1.86 2.15
C VAL B 101 -5.45 1.68 3.67
N ASN B 102 -5.81 0.47 4.08
CA ASN B 102 -5.93 0.07 5.48
C ASN B 102 -4.55 -0.25 6.08
N ASN B 103 -4.34 0.07 7.36
CA ASN B 103 -3.18 -0.46 8.08
C ASN B 103 -3.26 -2.01 8.18
N ALA B 104 -2.15 -2.69 8.50
CA ALA B 104 -2.07 -4.15 8.37
C ALA B 104 -1.84 -4.93 9.66
N THR B 105 -2.31 -6.19 9.62
CA THR B 105 -1.78 -7.33 10.40
C THR B 105 -0.62 -8.00 9.64
N ALA B 106 0.08 -8.97 10.22
CA ALA B 106 1.12 -9.73 9.50
C ALA B 106 1.41 -11.13 10.10
N ARG B 107 0.77 -12.22 9.64
CA ARG B 107 -0.40 -12.39 8.74
C ARG B 107 -1.41 -13.31 9.47
N VAL B 108 -2.71 -13.07 9.29
CA VAL B 108 -3.77 -13.70 10.13
C VAL B 108 -3.93 -15.21 9.92
N MET B 109 -3.76 -15.71 8.69
CA MET B 109 -3.99 -17.10 8.28
C MET B 109 -3.13 -18.13 9.05
N ASN B 22 18.74 -2.73 21.60
CA ASN B 22 18.13 -1.76 20.65
C ASN B 22 18.55 -2.08 19.22
N THR B 23 17.69 -1.83 18.23
CA THR B 23 17.95 -2.08 16.79
C THR B 23 17.22 -1.07 15.88
N GLU B 24 17.43 -1.14 14.57
CA GLU B 24 16.93 -0.20 13.54
C GLU B 24 15.40 -0.11 13.45
N ASN B 25 14.68 -1.06 14.06
CA ASN B 25 13.24 -0.99 14.34
C ASN B 25 12.80 0.32 15.07
N LYS B 26 13.74 1.01 15.72
CA LYS B 26 13.63 2.37 16.29
C LYS B 26 13.08 3.42 15.30
N SER B 27 13.31 3.24 14.00
CA SER B 27 12.83 4.14 12.93
C SER B 27 12.26 3.44 11.68
N GLN B 28 12.58 2.16 11.44
CA GLN B 28 12.17 1.41 10.25
C GLN B 28 10.62 1.27 10.12
N PRO B 29 10.00 1.62 8.96
CA PRO B 29 8.60 1.34 8.61
C PRO B 29 8.17 -0.15 8.65
N LYS B 30 6.86 -0.38 8.43
CA LYS B 30 6.16 -1.66 8.38
C LYS B 30 4.77 -1.44 7.79
N ARG B 31 3.96 -2.49 7.65
CA ARG B 31 3.25 -2.69 6.38
C ARG B 31 1.72 -2.66 6.43
N LEU B 32 1.15 -2.52 5.23
CA LEU B 32 -0.02 -1.71 4.91
C LEU B 32 -0.84 -2.41 3.81
N HIS B 33 -2.11 -2.74 4.06
CA HIS B 33 -3.01 -3.42 3.11
C HIS B 33 -3.72 -2.38 2.23
N VAL B 34 -3.77 -2.64 0.93
CA VAL B 34 -4.07 -1.66 -0.12
C VAL B 34 -5.09 -2.25 -1.08
N SER B 35 -6.37 -2.06 -0.75
CA SER B 35 -7.52 -2.75 -1.34
C SER B 35 -8.26 -1.96 -2.39
N ASN B 36 -9.16 -2.64 -3.12
CA ASN B 36 -10.05 -2.08 -4.15
C ASN B 36 -9.28 -1.28 -5.21
N ILE B 37 -8.09 -1.77 -5.57
CA ILE B 37 -7.26 -1.20 -6.64
C ILE B 37 -7.82 -1.68 -8.00
N PRO B 38 -7.60 -0.95 -9.12
CA PRO B 38 -7.93 -1.46 -10.46
C PRO B 38 -7.18 -2.76 -10.73
N PHE B 39 -7.85 -3.81 -11.22
CA PHE B 39 -7.24 -5.13 -11.38
C PHE B 39 -5.96 -5.19 -12.26
N ARG B 40 -5.77 -4.22 -13.16
CA ARG B 40 -4.56 -4.06 -14.00
C ARG B 40 -3.30 -3.66 -13.21
N PHE B 41 -3.42 -3.29 -11.93
CA PHE B 41 -2.31 -2.84 -11.08
C PHE B 41 -1.14 -3.83 -10.97
N ARG B 42 0.03 -3.27 -10.61
CA ARG B 42 1.34 -3.90 -10.51
C ARG B 42 2.08 -3.49 -9.23
N ASP B 43 3.08 -4.28 -8.89
CA ASP B 43 4.11 -3.96 -7.89
C ASP B 43 4.80 -2.61 -8.22
N PRO B 44 5.35 -2.41 -9.45
CA PRO B 44 5.74 -1.11 -9.98
C PRO B 44 4.73 0.02 -9.77
N ASP B 45 3.43 -0.23 -9.99
CA ASP B 45 2.39 0.76 -9.84
C ASP B 45 2.26 1.22 -8.38
N LEU B 46 2.10 0.32 -7.39
CA LEU B 46 2.02 0.77 -6.00
C LEU B 46 3.29 1.44 -5.49
N ARG B 47 4.49 0.95 -5.84
CA ARG B 47 5.72 1.60 -5.37
C ARG B 47 5.90 2.99 -5.96
N GLN B 48 5.45 3.23 -7.20
CA GLN B 48 5.41 4.56 -7.82
C GLN B 48 4.29 5.47 -7.27
N MET B 49 3.12 4.91 -6.99
CA MET B 49 1.90 5.63 -6.63
C MET B 49 1.91 6.05 -5.17
N PHE B 50 2.27 5.14 -4.26
CA PHE B 50 2.81 5.54 -2.95
C PHE B 50 4.11 6.33 -3.11
N GLY B 51 4.90 6.06 -4.17
CA GLY B 51 6.14 6.78 -4.51
C GLY B 51 6.00 8.30 -4.67
N GLN B 52 4.80 8.82 -4.98
CA GLN B 52 4.49 10.26 -4.80
C GLN B 52 4.90 10.83 -3.42
N PHE B 53 4.74 10.03 -2.36
CA PHE B 53 5.12 10.35 -0.99
C PHE B 53 6.48 9.77 -0.57
N GLY B 54 6.91 8.67 -1.20
CA GLY B 54 8.30 8.16 -1.22
C GLY B 54 8.89 7.71 0.11
N LYS B 55 8.17 6.82 0.79
CA LYS B 55 8.50 6.22 2.10
C LYS B 55 8.56 4.68 2.09
N ILE B 56 8.40 4.11 0.91
CA ILE B 56 8.24 2.68 0.64
C ILE B 56 9.56 1.92 0.79
N LEU B 57 9.56 0.89 1.63
CA LEU B 57 10.64 -0.11 1.74
C LEU B 57 10.42 -1.27 0.75
N ASP B 58 9.18 -1.79 0.67
CA ASP B 58 8.78 -2.91 -0.19
C ASP B 58 7.29 -2.83 -0.61
N VAL B 59 6.90 -3.57 -1.64
CA VAL B 59 5.52 -3.79 -2.12
C VAL B 59 5.27 -5.25 -2.51
N GLU B 60 3.99 -5.61 -2.65
CA GLU B 60 3.52 -7.00 -2.62
C GLU B 60 2.06 -7.12 -3.14
N ILE B 61 1.85 -7.18 -4.47
CA ILE B 61 0.51 -7.43 -5.05
C ILE B 61 0.08 -8.89 -4.84
N ILE B 62 -1.22 -9.14 -4.68
CA ILE B 62 -1.76 -10.47 -4.39
C ILE B 62 -2.19 -11.00 -5.76
N PHE B 63 -1.21 -11.37 -6.59
CA PHE B 63 -1.43 -11.63 -8.02
C PHE B 63 -2.18 -12.95 -8.27
N ASN B 64 -2.83 -13.08 -9.44
CA ASN B 64 -3.57 -14.26 -9.91
C ASN B 64 -3.36 -14.42 -11.43
N GLU B 65 -3.73 -15.57 -11.99
CA GLU B 65 -3.63 -15.88 -13.43
C GLU B 65 -4.30 -14.83 -14.35
N ARG B 66 -5.31 -14.13 -13.84
CA ARG B 66 -6.12 -13.12 -14.55
C ARG B 66 -5.64 -11.67 -14.34
N GLY B 67 -4.79 -11.38 -13.35
CA GLY B 67 -4.42 -10.02 -12.93
C GLY B 67 -4.32 -9.93 -11.41
N SER B 68 -4.47 -8.75 -10.81
CA SER B 68 -4.59 -8.65 -9.34
C SER B 68 -5.79 -9.46 -8.80
N LYS B 69 -5.71 -9.96 -7.56
CA LYS B 69 -6.87 -10.40 -6.76
C LYS B 69 -7.74 -9.24 -6.25
N GLY B 70 -7.29 -8.01 -6.47
CA GLY B 70 -7.98 -6.75 -6.15
C GLY B 70 -7.32 -5.93 -5.05
N PHE B 71 -6.20 -6.40 -4.50
CA PHE B 71 -5.39 -5.71 -3.51
C PHE B 71 -3.89 -6.05 -3.63
N GLY B 72 -3.10 -5.19 -2.99
CA GLY B 72 -1.70 -5.41 -2.68
C GLY B 72 -1.40 -5.02 -1.23
N PHE B 73 -0.14 -5.14 -0.86
CA PHE B 73 0.49 -4.79 0.40
C PHE B 73 1.72 -3.91 0.11
N VAL B 74 2.06 -2.99 1.01
CA VAL B 74 3.23 -2.09 0.89
C VAL B 74 3.80 -1.76 2.28
N THR B 75 5.07 -1.34 2.38
CA THR B 75 5.82 -1.31 3.67
C THR B 75 6.27 0.11 3.96
N PHE B 76 5.59 0.78 4.90
CA PHE B 76 5.29 2.20 4.73
C PHE B 76 4.99 3.04 5.99
N GLU B 77 4.16 2.48 6.86
CA GLU B 77 3.00 3.14 7.49
C GLU B 77 3.35 4.17 8.59
N ASN B 78 4.52 4.01 9.22
CA ASN B 78 4.62 4.28 10.66
C ASN B 78 4.75 5.76 11.09
N SER B 79 5.31 6.63 10.23
CA SER B 79 5.45 8.07 10.52
C SER B 79 4.10 8.82 10.48
N ALA B 80 4.02 10.02 11.06
CA ALA B 80 2.84 10.88 10.91
C ALA B 80 2.55 11.22 9.44
N ASP B 81 3.58 11.64 8.70
CA ASP B 81 3.44 11.99 7.29
C ASP B 81 3.16 10.77 6.40
N ALA B 82 3.54 9.56 6.84
CA ALA B 82 3.14 8.29 6.22
C ALA B 82 1.66 7.95 6.48
N ASP B 83 1.16 8.10 7.70
CA ASP B 83 -0.27 7.95 7.98
C ASP B 83 -1.11 9.01 7.26
N ARG B 84 -0.65 10.25 7.19
CA ARG B 84 -1.23 11.35 6.39
C ARG B 84 -1.28 11.01 4.89
N ALA B 85 -0.19 10.48 4.35
CA ALA B 85 -0.12 9.92 3.00
C ALA B 85 -1.17 8.81 2.75
N ARG B 86 -1.22 7.77 3.60
CA ARG B 86 -2.31 6.78 3.70
C ARG B 86 -3.67 7.47 3.62
N GLU B 87 -4.00 8.37 4.53
CA GLU B 87 -5.27 9.09 4.58
C GLU B 87 -5.61 9.87 3.30
N LYS B 88 -4.59 10.35 2.56
CA LYS B 88 -4.75 10.97 1.24
C LYS B 88 -5.11 9.93 0.17
N LEU B 89 -4.37 8.81 0.04
CA LEU B 89 -4.61 7.77 -0.96
C LEU B 89 -5.81 6.85 -0.65
N HIS B 90 -6.24 6.80 0.62
CA HIS B 90 -7.41 6.09 1.11
C HIS B 90 -8.68 6.87 0.73
N GLY B 91 -9.13 6.65 -0.51
CA GLY B 91 -10.10 7.48 -1.23
C GLY B 91 -9.63 7.99 -2.60
N THR B 92 -8.47 7.55 -3.11
CA THR B 92 -7.89 7.96 -4.40
C THR B 92 -8.47 7.11 -5.53
N VAL B 93 -9.30 7.74 -6.38
CA VAL B 93 -9.69 7.18 -7.69
C VAL B 93 -8.49 7.28 -8.65
N VAL B 94 -7.89 6.14 -9.01
CA VAL B 94 -6.59 6.10 -9.72
C VAL B 94 -6.67 5.65 -11.19
N GLU B 95 -7.75 4.96 -11.58
CA GLU B 95 -8.16 4.70 -12.98
C GLU B 95 -9.66 4.99 -13.13
N GLY B 96 -10.49 4.03 -12.69
CA GLY B 96 -11.93 4.14 -12.47
C GLY B 96 -12.34 3.40 -11.19
N ARG B 97 -11.43 3.40 -10.20
CA ARG B 97 -11.46 2.60 -8.98
C ARG B 97 -10.81 3.35 -7.85
N LYS B 98 -11.33 3.18 -6.64
CA LYS B 98 -10.94 3.95 -5.46
C LYS B 98 -10.23 3.11 -4.39
N ILE B 99 -8.92 3.34 -4.23
CA ILE B 99 -8.10 2.58 -3.26
C ILE B 99 -8.60 2.76 -1.82
N GLU B 100 -8.59 1.67 -1.04
CA GLU B 100 -8.78 1.63 0.41
C GLU B 100 -7.48 1.19 1.12
N VAL B 101 -6.75 2.08 1.80
CA VAL B 101 -5.47 1.75 2.48
C VAL B 101 -5.66 1.47 3.98
N ASN B 102 -6.04 0.23 4.28
CA ASN B 102 -6.28 -0.21 5.65
C ASN B 102 -4.96 -0.61 6.33
N ASN B 103 -4.92 -0.51 7.66
CA ASN B 103 -3.83 -1.11 8.42
C ASN B 103 -3.89 -2.66 8.32
N ALA B 104 -2.90 -3.39 8.85
CA ALA B 104 -2.74 -4.82 8.56
C ALA B 104 -2.65 -5.77 9.77
N THR B 105 -3.15 -6.98 9.53
CA THR B 105 -2.83 -8.26 10.22
C THR B 105 -1.49 -8.82 9.74
N ALA B 106 -1.01 -9.93 10.31
CA ALA B 106 0.09 -10.72 9.73
C ALA B 106 0.03 -12.22 10.14
N ARG B 107 -0.84 -13.04 9.54
CA ARG B 107 -1.87 -12.74 8.51
C ARG B 107 -3.32 -12.97 9.01
N VAL B 108 -3.49 -13.32 10.29
CA VAL B 108 -4.77 -13.62 10.94
C VAL B 108 -5.17 -12.55 11.97
N MET B 109 -6.43 -12.56 12.42
CA MET B 109 -7.02 -11.63 13.39
C MET B 109 -7.72 -12.38 14.53
N ASN B 22 3.39 4.35 24.49
CA ASN B 22 3.88 4.03 23.12
C ASN B 22 5.14 3.16 23.18
N THR B 23 5.58 2.63 22.04
CA THR B 23 6.83 1.84 21.89
C THR B 23 7.50 2.11 20.54
N GLU B 24 8.84 2.09 20.50
CA GLU B 24 9.66 2.27 19.30
C GLU B 24 9.41 1.19 18.22
N ASN B 25 8.82 0.04 18.60
CA ASN B 25 8.38 -0.99 17.67
C ASN B 25 7.30 -0.49 16.68
N LYS B 26 6.43 0.43 17.13
CA LYS B 26 5.37 1.05 16.30
C LYS B 26 5.86 2.24 15.47
N SER B 27 7.06 2.77 15.76
CA SER B 27 7.74 3.82 14.97
C SER B 27 8.36 3.29 13.66
N GLN B 28 8.39 1.96 13.47
CA GLN B 28 8.87 1.30 12.24
C GLN B 28 7.73 1.12 11.21
N PRO B 29 8.05 1.03 9.89
CA PRO B 29 7.16 0.45 8.87
C PRO B 29 6.76 -1.02 9.15
N LYS B 30 6.02 -1.65 8.21
CA LYS B 30 5.75 -3.10 8.11
C LYS B 30 4.40 -3.51 8.70
N ARG B 31 3.35 -3.57 7.88
CA ARG B 31 3.16 -3.13 6.48
C ARG B 31 1.81 -2.40 6.31
N LEU B 32 1.40 -2.18 5.06
CA LEU B 32 0.24 -1.42 4.59
C LEU B 32 -0.52 -2.22 3.51
N HIS B 33 -1.79 -2.55 3.76
CA HIS B 33 -2.70 -3.30 2.85
C HIS B 33 -3.40 -2.31 1.90
N VAL B 34 -3.53 -2.67 0.63
CA VAL B 34 -3.80 -1.75 -0.48
C VAL B 34 -4.91 -2.34 -1.36
N SER B 35 -6.16 -2.12 -0.97
CA SER B 35 -7.33 -2.81 -1.51
C SER B 35 -8.10 -2.04 -2.58
N ASN B 36 -9.04 -2.74 -3.23
CA ASN B 36 -10.01 -2.22 -4.20
C ASN B 36 -9.36 -1.56 -5.44
N ILE B 37 -8.08 -1.87 -5.71
CA ILE B 37 -7.31 -1.33 -6.83
C ILE B 37 -7.86 -1.87 -8.16
N PRO B 38 -7.72 -1.14 -9.28
CA PRO B 38 -7.94 -1.70 -10.63
C PRO B 38 -7.06 -2.93 -10.87
N PHE B 39 -7.63 -4.05 -11.29
CA PHE B 39 -6.91 -5.31 -11.58
C PHE B 39 -5.67 -5.24 -12.50
N ARG B 40 -5.52 -4.14 -13.24
CA ARG B 40 -4.39 -3.87 -14.16
C ARG B 40 -3.20 -3.20 -13.45
N PHE B 41 -3.33 -2.81 -12.18
CA PHE B 41 -2.23 -2.37 -11.31
C PHE B 41 -1.16 -3.45 -11.11
N ARG B 42 0.09 -3.04 -10.98
CA ARG B 42 1.25 -3.87 -10.66
C ARG B 42 2.03 -3.35 -9.45
N ASP B 43 3.03 -4.15 -9.09
CA ASP B 43 4.05 -3.83 -8.11
C ASP B 43 4.73 -2.46 -8.39
N PRO B 44 5.30 -2.20 -9.59
CA PRO B 44 5.82 -0.88 -9.96
C PRO B 44 4.81 0.27 -9.87
N ASP B 45 3.54 0.03 -10.21
CA ASP B 45 2.49 1.03 -10.05
C ASP B 45 2.36 1.45 -8.60
N LEU B 46 2.19 0.52 -7.64
CA LEU B 46 2.08 0.93 -6.24
C LEU B 46 3.36 1.55 -5.68
N ARG B 47 4.56 1.05 -6.02
CA ARG B 47 5.79 1.67 -5.51
C ARG B 47 5.95 3.11 -6.00
N GLN B 48 5.53 3.43 -7.22
CA GLN B 48 5.57 4.78 -7.81
C GLN B 48 4.43 5.69 -7.30
N MET B 49 3.24 5.13 -7.08
CA MET B 49 2.03 5.84 -6.68
C MET B 49 2.06 6.21 -5.20
N PHE B 50 2.42 5.25 -4.35
CA PHE B 50 2.95 5.58 -3.01
C PHE B 50 4.24 6.39 -3.12
N GLY B 51 5.04 6.15 -4.17
CA GLY B 51 6.29 6.87 -4.47
C GLY B 51 6.17 8.39 -4.56
N GLN B 52 5.00 8.94 -4.88
CA GLN B 52 4.71 10.37 -4.69
C GLN B 52 5.07 10.90 -3.28
N PHE B 53 4.88 10.08 -2.24
CA PHE B 53 5.20 10.39 -0.84
C PHE B 53 6.55 9.79 -0.37
N GLY B 54 7.07 8.79 -1.08
CA GLY B 54 8.43 8.22 -0.98
C GLY B 54 8.86 7.75 0.40
N LYS B 55 8.08 6.82 0.95
CA LYS B 55 8.29 6.16 2.26
C LYS B 55 8.51 4.64 2.16
N ILE B 56 8.50 4.11 0.94
CA ILE B 56 8.40 2.69 0.60
C ILE B 56 9.72 1.95 0.78
N LEU B 57 9.73 0.94 1.65
CA LEU B 57 10.82 -0.03 1.78
C LEU B 57 10.65 -1.17 0.75
N ASP B 58 9.42 -1.69 0.59
CA ASP B 58 9.06 -2.79 -0.32
C ASP B 58 7.59 -2.73 -0.75
N VAL B 59 7.24 -3.44 -1.83
CA VAL B 59 5.85 -3.69 -2.31
C VAL B 59 5.59 -5.17 -2.63
N GLU B 60 4.32 -5.48 -2.81
CA GLU B 60 3.74 -6.79 -3.03
C GLU B 60 2.36 -6.65 -3.73
N ILE B 61 1.97 -7.64 -4.56
CA ILE B 61 0.64 -7.77 -5.18
C ILE B 61 0.14 -9.19 -4.99
N ILE B 62 -1.16 -9.37 -4.69
CA ILE B 62 -1.64 -10.68 -4.22
C ILE B 62 -2.19 -11.41 -5.43
N PHE B 63 -1.37 -11.65 -6.46
CA PHE B 63 -1.83 -12.08 -7.78
C PHE B 63 -2.70 -13.36 -7.77
N ASN B 64 -3.58 -13.52 -8.75
CA ASN B 64 -4.22 -14.78 -9.12
C ASN B 64 -4.19 -14.95 -10.66
N GLU B 65 -4.58 -16.11 -11.18
CA GLU B 65 -4.46 -16.46 -12.61
C GLU B 65 -5.19 -15.49 -13.58
N ARG B 66 -6.19 -14.74 -13.09
CA ARG B 66 -6.93 -13.72 -13.85
C ARG B 66 -6.32 -12.31 -13.80
N GLY B 67 -5.50 -11.98 -12.79
CA GLY B 67 -5.01 -10.62 -12.53
C GLY B 67 -4.75 -10.35 -11.05
N SER B 68 -4.54 -9.08 -10.67
CA SER B 68 -4.04 -8.64 -9.36
C SER B 68 -4.88 -8.91 -8.11
N LYS B 69 -5.95 -9.72 -8.22
CA LYS B 69 -6.89 -10.11 -7.15
C LYS B 69 -7.56 -8.97 -6.37
N GLY B 70 -7.34 -7.73 -6.80
CA GLY B 70 -7.94 -6.51 -6.29
C GLY B 70 -7.21 -5.86 -5.12
N PHE B 71 -6.13 -6.47 -4.62
CA PHE B 71 -5.27 -5.86 -3.60
C PHE B 71 -3.78 -6.22 -3.74
N GLY B 72 -2.99 -5.33 -3.17
CA GLY B 72 -1.57 -5.48 -2.90
C GLY B 72 -1.24 -5.07 -1.47
N PHE B 73 0.05 -5.01 -1.20
CA PHE B 73 0.68 -4.72 0.08
C PHE B 73 1.92 -3.86 -0.18
N VAL B 74 2.27 -2.98 0.75
CA VAL B 74 3.45 -2.09 0.66
C VAL B 74 3.97 -1.74 2.04
N THR B 75 5.23 -1.31 2.16
CA THR B 75 5.94 -1.34 3.46
C THR B 75 6.34 0.08 3.87
N PHE B 76 5.49 0.68 4.70
CA PHE B 76 5.24 2.13 4.61
C PHE B 76 4.90 2.90 5.88
N GLU B 77 4.30 2.22 6.85
CA GLU B 77 3.25 2.77 7.73
C GLU B 77 3.75 2.88 9.17
N ASN B 78 4.32 4.04 9.49
CA ASN B 78 5.35 4.17 10.52
C ASN B 78 5.28 5.45 11.41
N SER B 79 4.49 6.45 11.01
CA SER B 79 4.41 7.79 11.65
C SER B 79 3.12 8.50 11.25
N ALA B 80 2.81 9.64 11.89
CA ALA B 80 1.72 10.54 11.46
C ALA B 80 1.87 10.99 10.00
N ASP B 81 3.11 11.16 9.53
CA ASP B 81 3.43 11.47 8.13
C ASP B 81 2.94 10.38 7.16
N ALA B 82 3.21 9.11 7.49
CA ALA B 82 2.70 7.95 6.75
C ALA B 82 1.18 7.79 6.88
N ASP B 83 0.61 7.96 8.07
CA ASP B 83 -0.84 7.97 8.29
C ASP B 83 -1.54 9.03 7.43
N ARG B 84 -1.03 10.27 7.40
CA ARG B 84 -1.49 11.38 6.55
C ARG B 84 -1.48 11.00 5.06
N ALA B 85 -0.35 10.48 4.60
CA ALA B 85 -0.20 9.95 3.24
C ALA B 85 -1.22 8.84 2.89
N ARG B 86 -1.31 7.78 3.71
CA ARG B 86 -2.37 6.75 3.71
C ARG B 86 -3.75 7.39 3.58
N GLU B 87 -4.17 8.25 4.50
CA GLU B 87 -5.47 8.91 4.43
C GLU B 87 -5.73 9.69 3.14
N LYS B 88 -4.69 10.27 2.53
CA LYS B 88 -4.77 10.88 1.20
C LYS B 88 -5.06 9.81 0.12
N LEU B 89 -4.28 8.72 0.00
CA LEU B 89 -4.46 7.71 -1.05
C LEU B 89 -5.64 6.75 -0.82
N HIS B 90 -6.12 6.65 0.42
CA HIS B 90 -7.32 5.92 0.85
C HIS B 90 -8.58 6.71 0.43
N GLY B 91 -8.98 6.52 -0.83
CA GLY B 91 -9.93 7.36 -1.57
C GLY B 91 -9.37 7.96 -2.88
N THR B 92 -8.12 7.70 -3.26
CA THR B 92 -7.53 8.07 -4.56
C THR B 92 -8.23 7.30 -5.67
N VAL B 93 -8.99 8.04 -6.48
CA VAL B 93 -9.66 7.54 -7.70
C VAL B 93 -8.66 7.47 -8.85
N VAL B 94 -8.35 6.25 -9.28
CA VAL B 94 -7.47 5.92 -10.41
C VAL B 94 -8.18 4.88 -11.29
N GLU B 95 -8.10 5.03 -12.62
CA GLU B 95 -8.90 4.25 -13.59
C GLU B 95 -10.43 4.24 -13.33
N GLY B 96 -10.96 5.20 -12.57
CA GLY B 96 -12.35 5.24 -12.10
C GLY B 96 -12.62 4.33 -10.90
N ARG B 97 -11.66 4.21 -9.96
CA ARG B 97 -11.65 3.28 -8.83
C ARG B 97 -10.92 3.84 -7.64
N LYS B 98 -11.53 3.81 -6.46
CA LYS B 98 -10.85 4.19 -5.24
C LYS B 98 -9.96 3.09 -4.67
N ILE B 99 -8.66 3.36 -4.51
CA ILE B 99 -7.80 2.55 -3.63
C ILE B 99 -8.25 2.71 -2.17
N GLU B 100 -8.23 1.62 -1.41
CA GLU B 100 -8.46 1.58 0.05
C GLU B 100 -7.19 1.16 0.80
N VAL B 101 -6.43 2.10 1.39
CA VAL B 101 -5.13 1.81 2.04
C VAL B 101 -5.25 1.61 3.55
N ASN B 102 -5.58 0.39 3.95
CA ASN B 102 -5.75 0.03 5.35
C ASN B 102 -4.39 -0.33 5.97
N ASN B 103 -4.18 0.02 7.24
CA ASN B 103 -3.04 -0.55 7.98
C ASN B 103 -3.20 -2.08 8.11
N ALA B 104 -2.13 -2.78 8.49
CA ALA B 104 -2.06 -4.23 8.31
C ALA B 104 -1.95 -5.08 9.58
N THR B 105 -2.80 -6.10 9.61
CA THR B 105 -2.62 -7.39 10.28
C THR B 105 -1.51 -8.19 9.58
N ALA B 106 -0.56 -8.79 10.31
CA ALA B 106 0.64 -9.38 9.72
C ALA B 106 1.01 -10.78 10.29
N ARG B 107 0.37 -11.87 9.87
CA ARG B 107 -0.88 -11.98 9.08
C ARG B 107 -1.78 -13.07 9.66
N VAL B 108 -2.67 -12.67 10.56
CA VAL B 108 -3.35 -13.54 11.54
C VAL B 108 -4.89 -13.45 11.54
N MET B 109 -5.47 -12.55 10.74
CA MET B 109 -6.92 -12.32 10.64
C MET B 109 -7.69 -13.52 10.07
N ASN B 22 9.43 13.88 20.67
CA ASN B 22 10.83 14.31 20.42
C ASN B 22 11.27 13.94 19.00
N THR B 23 12.23 14.68 18.42
CA THR B 23 12.71 14.54 17.03
C THR B 23 13.32 13.17 16.67
N GLU B 24 13.69 12.36 17.67
CA GLU B 24 14.14 10.97 17.50
C GLU B 24 13.09 10.04 16.87
N ASN B 25 11.80 10.39 16.96
CA ASN B 25 10.59 9.75 16.41
C ASN B 25 10.80 8.30 15.90
N LYS B 26 10.78 7.33 16.81
CA LYS B 26 11.14 5.92 16.58
C LYS B 26 10.12 5.09 15.78
N SER B 27 8.94 5.63 15.49
CA SER B 27 7.97 5.03 14.54
C SER B 27 8.55 4.94 13.12
N GLN B 28 8.67 3.73 12.57
CA GLN B 28 9.15 3.46 11.21
C GLN B 28 8.22 2.49 10.44
N PRO B 29 8.19 2.53 9.09
CA PRO B 29 7.32 1.72 8.23
C PRO B 29 7.29 0.20 8.50
N LYS B 30 6.19 -0.42 8.05
CA LYS B 30 5.65 -1.80 8.22
C LYS B 30 4.28 -1.72 8.88
N ARG B 31 3.23 -2.26 8.25
CA ARG B 31 2.98 -2.73 6.88
C ARG B 31 1.50 -2.55 6.53
N LEU B 32 1.17 -2.48 5.23
CA LEU B 32 -0.03 -1.80 4.72
C LEU B 32 -0.75 -2.62 3.63
N HIS B 33 -2.03 -2.95 3.87
CA HIS B 33 -2.93 -3.64 2.93
C HIS B 33 -3.68 -2.59 2.08
N VAL B 34 -3.77 -2.82 0.76
CA VAL B 34 -4.10 -1.80 -0.23
C VAL B 34 -5.07 -2.37 -1.25
N SER B 35 -6.37 -2.14 -1.03
CA SER B 35 -7.49 -2.91 -1.57
C SER B 35 -8.42 -2.12 -2.51
N ASN B 36 -9.37 -2.82 -3.16
CA ASN B 36 -10.32 -2.32 -4.16
C ASN B 36 -9.65 -1.76 -5.43
N ILE B 37 -8.34 -1.99 -5.60
CA ILE B 37 -7.51 -1.44 -6.66
C ILE B 37 -7.93 -2.01 -8.03
N PRO B 38 -7.80 -1.27 -9.13
CA PRO B 38 -7.97 -1.80 -10.48
C PRO B 38 -7.08 -3.03 -10.72
N PHE B 39 -7.67 -4.15 -11.15
CA PHE B 39 -6.95 -5.42 -11.36
C PHE B 39 -5.72 -5.35 -12.29
N ARG B 40 -5.65 -4.33 -13.15
CA ARG B 40 -4.56 -4.09 -14.12
C ARG B 40 -3.32 -3.43 -13.49
N PHE B 41 -3.37 -3.04 -12.21
CA PHE B 41 -2.23 -2.62 -11.41
C PHE B 41 -1.01 -3.56 -11.45
N ARG B 42 0.16 -3.02 -11.09
CA ARG B 42 1.36 -3.76 -10.71
C ARG B 42 2.05 -3.17 -9.47
N ASP B 43 3.00 -3.96 -9.00
CA ASP B 43 3.96 -3.63 -7.95
C ASP B 43 4.71 -2.30 -8.20
N PRO B 44 5.42 -2.09 -9.34
CA PRO B 44 5.99 -0.80 -9.71
C PRO B 44 4.99 0.36 -9.68
N ASP B 45 3.74 0.11 -10.09
CA ASP B 45 2.66 1.09 -10.06
C ASP B 45 2.40 1.58 -8.61
N LEU B 46 2.20 0.67 -7.65
CA LEU B 46 2.06 1.10 -6.27
C LEU B 46 3.31 1.76 -5.70
N ARG B 47 4.52 1.23 -5.90
CA ARG B 47 5.73 1.83 -5.30
C ARG B 47 6.02 3.23 -5.85
N GLN B 48 5.61 3.53 -7.07
CA GLN B 48 5.66 4.87 -7.68
C GLN B 48 4.59 5.81 -7.10
N MET B 49 3.32 5.39 -7.07
CA MET B 49 2.22 6.13 -6.48
C MET B 49 2.45 6.46 -5.01
N PHE B 50 2.72 5.45 -4.17
CA PHE B 50 3.16 5.67 -2.80
C PHE B 50 4.50 6.44 -2.76
N GLY B 51 5.36 6.22 -3.75
CA GLY B 51 6.62 6.93 -4.01
C GLY B 51 6.50 8.46 -4.16
N GLN B 52 5.32 8.99 -4.49
CA GLN B 52 5.03 10.43 -4.30
C GLN B 52 5.39 10.94 -2.88
N PHE B 53 5.14 10.09 -1.86
CA PHE B 53 5.47 10.31 -0.46
C PHE B 53 6.84 9.72 -0.10
N GLY B 54 7.16 8.53 -0.64
CA GLY B 54 8.51 7.97 -0.69
C GLY B 54 9.06 7.43 0.63
N LYS B 55 8.23 6.66 1.31
CA LYS B 55 8.48 6.02 2.62
C LYS B 55 8.31 4.49 2.58
N ILE B 56 8.25 3.94 1.38
CA ILE B 56 8.09 2.50 1.07
C ILE B 56 9.39 1.74 1.32
N LEU B 57 9.31 0.65 2.10
CA LEU B 57 10.39 -0.33 2.27
C LEU B 57 10.26 -1.49 1.26
N ASP B 58 9.04 -1.90 0.90
CA ASP B 58 8.75 -2.97 -0.09
C ASP B 58 7.31 -2.93 -0.64
N VAL B 59 7.03 -3.64 -1.73
CA VAL B 59 5.67 -3.91 -2.28
C VAL B 59 5.45 -5.35 -2.72
N GLU B 60 4.18 -5.75 -2.76
CA GLU B 60 3.72 -7.13 -2.80
C GLU B 60 2.23 -7.23 -3.24
N ILE B 61 1.93 -7.06 -4.54
CA ILE B 61 0.61 -7.32 -5.15
C ILE B 61 0.18 -8.79 -4.94
N ILE B 62 -1.12 -9.05 -4.72
CA ILE B 62 -1.61 -10.39 -4.44
C ILE B 62 -2.08 -10.92 -5.79
N PHE B 63 -1.15 -11.35 -6.65
CA PHE B 63 -1.46 -11.73 -8.03
C PHE B 63 -2.10 -13.14 -8.12
N ASN B 64 -2.88 -13.43 -9.16
CA ASN B 64 -3.09 -14.79 -9.70
C ASN B 64 -3.23 -14.77 -11.24
N GLU B 65 -3.54 -15.92 -11.84
CA GLU B 65 -3.66 -16.10 -13.30
C GLU B 65 -4.75 -15.27 -13.99
N ARG B 66 -5.65 -14.59 -13.24
CA ARG B 66 -6.72 -13.72 -13.77
C ARG B 66 -6.46 -12.22 -13.53
N GLY B 67 -5.36 -11.86 -12.88
CA GLY B 67 -4.97 -10.47 -12.56
C GLY B 67 -4.61 -10.32 -11.10
N SER B 68 -4.58 -9.09 -10.58
CA SER B 68 -4.61 -8.91 -9.12
C SER B 68 -5.83 -9.61 -8.50
N LYS B 69 -5.73 -10.03 -7.23
CA LYS B 69 -6.86 -10.38 -6.36
C LYS B 69 -7.70 -9.16 -5.93
N GLY B 70 -7.30 -7.98 -6.37
CA GLY B 70 -7.95 -6.70 -6.11
C GLY B 70 -7.32 -5.93 -4.95
N PHE B 71 -6.26 -6.49 -4.38
CA PHE B 71 -5.41 -5.83 -3.39
C PHE B 71 -3.93 -6.16 -3.62
N GLY B 72 -3.09 -5.27 -3.11
CA GLY B 72 -1.69 -5.49 -2.87
C GLY B 72 -1.35 -5.17 -1.42
N PHE B 73 -0.14 -5.49 -1.05
CA PHE B 73 0.55 -5.06 0.14
C PHE B 73 1.69 -4.12 -0.23
N VAL B 74 1.98 -3.17 0.66
CA VAL B 74 3.12 -2.25 0.59
C VAL B 74 3.61 -2.00 2.01
N THR B 75 4.87 -1.62 2.18
CA THR B 75 5.52 -1.69 3.49
C THR B 75 5.78 -0.29 3.98
N PHE B 76 4.80 0.22 4.72
CA PHE B 76 4.49 1.64 4.81
C PHE B 76 3.90 2.00 6.20
N GLU B 77 3.28 3.18 6.32
CA GLU B 77 2.17 3.58 7.19
C GLU B 77 2.67 4.23 8.47
N ASN B 78 3.72 3.65 9.06
CA ASN B 78 4.14 4.02 10.40
C ASN B 78 5.12 5.19 10.45
N SER B 79 4.60 6.39 10.21
CA SER B 79 5.15 7.73 10.45
C SER B 79 3.98 8.73 10.48
N ALA B 80 4.18 9.97 10.94
CA ALA B 80 3.20 11.03 10.69
C ALA B 80 2.97 11.24 9.19
N ASP B 81 4.06 11.32 8.41
CA ASP B 81 3.99 11.55 6.97
C ASP B 81 3.39 10.34 6.21
N ALA B 82 3.74 9.12 6.62
CA ALA B 82 3.19 7.89 6.04
C ALA B 82 1.71 7.64 6.43
N ASP B 83 1.26 8.06 7.61
CA ASP B 83 -0.16 8.07 7.99
C ASP B 83 -0.93 9.13 7.18
N ARG B 84 -0.41 10.36 7.08
CA ARG B 84 -0.96 11.44 6.25
C ARG B 84 -1.09 11.03 4.78
N ALA B 85 -0.07 10.34 4.27
CA ALA B 85 -0.04 9.70 2.95
C ALA B 85 -1.13 8.64 2.76
N ARG B 86 -1.21 7.62 3.63
CA ARG B 86 -2.33 6.67 3.74
C ARG B 86 -3.67 7.39 3.70
N GLU B 87 -3.90 8.37 4.57
CA GLU B 87 -5.12 9.18 4.61
C GLU B 87 -5.41 9.93 3.30
N LYS B 88 -4.39 10.33 2.54
CA LYS B 88 -4.52 10.89 1.19
C LYS B 88 -4.90 9.81 0.15
N LEU B 89 -4.19 8.68 0.06
CA LEU B 89 -4.40 7.67 -0.97
C LEU B 89 -5.63 6.76 -0.72
N HIS B 90 -6.10 6.68 0.52
CA HIS B 90 -7.34 6.00 0.92
C HIS B 90 -8.56 6.82 0.48
N GLY B 91 -9.04 6.55 -0.74
CA GLY B 91 -9.96 7.39 -1.51
C GLY B 91 -9.37 8.01 -2.79
N THR B 92 -8.12 7.73 -3.15
CA THR B 92 -7.49 8.13 -4.42
C THR B 92 -8.15 7.39 -5.59
N VAL B 93 -8.85 8.15 -6.44
CA VAL B 93 -9.53 7.66 -7.64
C VAL B 93 -8.54 7.59 -8.82
N VAL B 94 -8.27 6.38 -9.30
CA VAL B 94 -7.13 6.07 -10.20
C VAL B 94 -7.53 5.53 -11.58
N GLU B 95 -8.54 4.65 -11.69
CA GLU B 95 -9.13 4.19 -12.98
C GLU B 95 -10.68 4.21 -12.92
N GLY B 96 -11.26 5.30 -12.38
CA GLY B 96 -12.66 5.30 -11.94
C GLY B 96 -12.88 4.33 -10.78
N ARG B 97 -11.91 4.26 -9.86
CA ARG B 97 -11.79 3.31 -8.75
C ARG B 97 -11.06 3.96 -7.61
N LYS B 98 -11.59 3.87 -6.39
CA LYS B 98 -10.84 4.27 -5.21
C LYS B 98 -9.94 3.15 -4.68
N ILE B 99 -8.69 3.46 -4.37
CA ILE B 99 -7.88 2.60 -3.48
C ILE B 99 -8.41 2.69 -2.03
N GLU B 100 -8.44 1.56 -1.33
CA GLU B 100 -8.73 1.42 0.10
C GLU B 100 -7.48 0.98 0.89
N VAL B 101 -6.74 1.90 1.53
CA VAL B 101 -5.46 1.59 2.23
C VAL B 101 -5.66 1.29 3.73
N ASN B 102 -5.96 0.03 4.04
CA ASN B 102 -6.18 -0.44 5.39
C ASN B 102 -4.87 -0.76 6.11
N ASN B 103 -4.85 -0.55 7.43
CA ASN B 103 -3.80 -1.11 8.26
C ASN B 103 -3.80 -2.66 8.14
N ALA B 104 -2.64 -3.30 8.31
CA ALA B 104 -2.55 -4.75 8.11
C ALA B 104 -2.72 -5.58 9.39
N THR B 105 -3.46 -6.67 9.24
CA THR B 105 -3.46 -7.86 10.08
C THR B 105 -2.35 -8.82 9.64
N ALA B 106 -1.75 -9.57 10.57
CA ALA B 106 -0.73 -10.60 10.28
C ALA B 106 0.43 -10.05 9.39
N ARG B 107 1.07 -10.76 8.45
CA ARG B 107 1.15 -12.21 8.16
C ARG B 107 1.96 -12.92 9.26
N VAL B 108 2.38 -14.17 9.04
CA VAL B 108 3.33 -14.90 9.90
C VAL B 108 4.73 -14.24 10.02
N MET B 109 5.05 -13.29 9.12
CA MET B 109 6.31 -12.54 9.03
C MET B 109 6.63 -11.72 10.30
N ASN B 22 19.58 8.11 17.76
CA ASN B 22 18.44 7.41 18.40
C ASN B 22 18.52 5.91 18.12
N THR B 23 18.40 5.08 19.17
CA THR B 23 18.42 3.60 19.10
C THR B 23 17.03 2.96 18.92
N GLU B 24 15.93 3.69 19.16
CA GLU B 24 14.53 3.20 19.15
C GLU B 24 13.93 3.00 17.73
N ASN B 25 14.76 2.67 16.74
CA ASN B 25 14.44 2.57 15.31
C ASN B 25 13.37 1.52 14.93
N LYS B 26 12.92 0.69 15.89
CA LYS B 26 11.74 -0.19 15.78
C LYS B 26 10.45 0.55 15.36
N SER B 27 10.40 1.87 15.56
CA SER B 27 9.36 2.80 15.09
C SER B 27 9.23 2.95 13.56
N GLN B 28 10.08 2.30 12.76
CA GLN B 28 10.07 2.39 11.29
C GLN B 28 8.72 1.95 10.62
N PRO B 29 8.43 2.46 9.41
CA PRO B 29 7.56 1.82 8.41
C PRO B 29 7.79 0.30 8.27
N LYS B 30 6.74 -0.52 8.03
CA LYS B 30 6.98 -1.97 7.81
C LYS B 30 5.90 -2.72 7.05
N ARG B 31 4.72 -2.12 6.96
CA ARG B 31 3.46 -2.73 6.56
C ARG B 31 2.44 -1.71 6.06
N LEU B 32 1.46 -2.19 5.27
CA LEU B 32 0.25 -1.54 4.77
C LEU B 32 -0.57 -2.48 3.85
N HIS B 33 -1.91 -2.57 4.01
CA HIS B 33 -2.84 -3.33 3.13
C HIS B 33 -3.60 -2.34 2.21
N VAL B 34 -3.73 -2.68 0.92
CA VAL B 34 -4.02 -1.72 -0.17
C VAL B 34 -5.06 -2.29 -1.13
N SER B 35 -6.35 -2.09 -0.82
CA SER B 35 -7.49 -2.73 -1.48
C SER B 35 -8.16 -1.91 -2.57
N ASN B 36 -9.04 -2.58 -3.33
CA ASN B 36 -9.95 -2.02 -4.35
C ASN B 36 -9.22 -1.37 -5.54
N ILE B 37 -7.95 -1.71 -5.74
CA ILE B 37 -7.08 -1.17 -6.80
C ILE B 37 -7.53 -1.67 -8.17
N PRO B 38 -7.33 -0.91 -9.27
CA PRO B 38 -7.53 -1.40 -10.64
C PRO B 38 -6.77 -2.71 -10.88
N PHE B 39 -7.45 -3.75 -11.38
CA PHE B 39 -6.84 -5.07 -11.59
C PHE B 39 -5.57 -5.11 -12.48
N ARG B 40 -5.34 -4.06 -13.27
CA ARG B 40 -4.19 -3.91 -14.18
C ARG B 40 -2.95 -3.30 -13.50
N PHE B 41 -3.07 -2.89 -12.23
CA PHE B 41 -1.93 -2.54 -11.36
C PHE B 41 -0.93 -3.70 -11.21
N ARG B 42 0.31 -3.33 -10.87
CA ARG B 42 1.41 -4.20 -10.45
C ARG B 42 2.13 -3.63 -9.22
N ASP B 43 3.09 -4.40 -8.76
CA ASP B 43 4.06 -4.01 -7.74
C ASP B 43 4.75 -2.65 -8.05
N PRO B 44 5.38 -2.45 -9.23
CA PRO B 44 5.94 -1.14 -9.62
C PRO B 44 4.93 0.00 -9.64
N ASP B 45 3.67 -0.25 -10.03
CA ASP B 45 2.60 0.74 -9.96
C ASP B 45 2.36 1.21 -8.53
N LEU B 46 2.15 0.30 -7.55
CA LEU B 46 2.00 0.75 -6.17
C LEU B 46 3.24 1.42 -5.61
N ARG B 47 4.47 0.93 -5.87
CA ARG B 47 5.68 1.60 -5.34
C ARG B 47 5.84 3.02 -5.90
N GLN B 48 5.41 3.28 -7.14
CA GLN B 48 5.39 4.60 -7.76
C GLN B 48 4.22 5.51 -7.28
N MET B 49 3.05 4.91 -7.04
CA MET B 49 1.81 5.61 -6.68
C MET B 49 1.81 6.02 -5.21
N PHE B 50 2.20 5.11 -4.33
CA PHE B 50 2.74 5.50 -3.02
C PHE B 50 4.02 6.33 -3.18
N GLY B 51 4.81 6.09 -4.24
CA GLY B 51 6.07 6.79 -4.54
C GLY B 51 5.97 8.31 -4.67
N GLN B 52 4.79 8.85 -4.97
CA GLN B 52 4.51 10.29 -4.77
C GLN B 52 4.89 10.80 -3.37
N PHE B 53 4.63 10.00 -2.33
CA PHE B 53 5.06 10.23 -0.95
C PHE B 53 6.44 9.61 -0.66
N GLY B 54 6.70 8.41 -1.17
CA GLY B 54 8.04 7.80 -1.29
C GLY B 54 8.65 7.21 -0.02
N LYS B 55 7.81 6.94 0.98
CA LYS B 55 8.12 6.28 2.25
C LYS B 55 8.26 4.74 2.18
N ILE B 56 8.02 4.16 1.01
CA ILE B 56 8.01 2.70 0.76
C ILE B 56 9.43 2.09 0.93
N LEU B 57 9.51 0.94 1.60
CA LEU B 57 10.70 0.05 1.54
C LEU B 57 10.48 -1.19 0.65
N ASP B 58 9.26 -1.73 0.55
CA ASP B 58 8.91 -2.91 -0.25
C ASP B 58 7.42 -2.91 -0.65
N VAL B 59 7.08 -3.67 -1.70
CA VAL B 59 5.69 -3.93 -2.17
C VAL B 59 5.46 -5.42 -2.43
N GLU B 60 4.19 -5.81 -2.42
CA GLU B 60 3.72 -7.19 -2.22
C GLU B 60 2.27 -7.36 -2.72
N ILE B 61 2.02 -7.20 -4.02
CA ILE B 61 0.73 -7.45 -4.71
C ILE B 61 0.21 -8.88 -4.48
N ILE B 62 -1.12 -9.08 -4.45
CA ILE B 62 -1.76 -10.36 -4.24
C ILE B 62 -2.32 -10.70 -5.63
N PHE B 63 -1.76 -11.67 -6.34
CA PHE B 63 -2.12 -11.98 -7.74
C PHE B 63 -3.03 -13.21 -7.88
N ASN B 64 -3.63 -13.41 -9.07
CA ASN B 64 -4.37 -14.62 -9.42
C ASN B 64 -4.17 -15.01 -10.90
N GLU B 65 -4.89 -16.05 -11.35
CA GLU B 65 -5.03 -16.50 -12.74
C GLU B 65 -5.41 -15.36 -13.73
N ARG B 66 -6.15 -14.35 -13.26
CA ARG B 66 -6.81 -13.30 -14.07
C ARG B 66 -6.11 -11.93 -14.07
N GLY B 67 -5.06 -11.73 -13.27
CA GLY B 67 -4.44 -10.42 -13.03
C GLY B 67 -4.29 -10.20 -11.53
N SER B 68 -4.19 -8.94 -11.08
CA SER B 68 -4.36 -8.63 -9.65
C SER B 68 -5.62 -9.30 -9.07
N LYS B 69 -5.51 -9.70 -7.80
CA LYS B 69 -6.61 -10.22 -6.97
C LYS B 69 -7.45 -9.10 -6.33
N GLY B 70 -7.07 -7.85 -6.60
CA GLY B 70 -7.79 -6.62 -6.24
C GLY B 70 -7.18 -5.84 -5.09
N PHE B 71 -6.13 -6.39 -4.46
CA PHE B 71 -5.33 -5.72 -3.45
C PHE B 71 -3.85 -6.06 -3.58
N GLY B 72 -3.04 -5.22 -2.94
CA GLY B 72 -1.65 -5.48 -2.62
C GLY B 72 -1.38 -5.19 -1.15
N PHE B 73 -0.18 -5.53 -0.75
CA PHE B 73 0.51 -5.07 0.45
C PHE B 73 1.69 -4.19 0.04
N VAL B 74 2.08 -3.27 0.92
CA VAL B 74 3.27 -2.40 0.81
C VAL B 74 3.84 -2.15 2.21
N THR B 75 5.06 -1.60 2.29
CA THR B 75 5.86 -1.55 3.54
C THR B 75 6.17 -0.12 3.90
N PHE B 76 5.31 0.47 4.75
CA PHE B 76 5.02 1.91 4.64
C PHE B 76 4.65 2.69 5.91
N GLU B 77 3.82 2.09 6.73
CA GLU B 77 3.04 2.67 7.78
C GLU B 77 3.83 2.51 9.07
N ASN B 78 4.33 3.63 9.58
CA ASN B 78 4.21 3.84 11.02
C ASN B 78 4.12 5.31 11.46
N SER B 79 4.79 6.22 10.73
CA SER B 79 4.90 7.65 11.06
C SER B 79 3.59 8.42 10.84
N ALA B 80 3.48 9.63 11.40
CA ALA B 80 2.36 10.54 11.10
C ALA B 80 2.23 10.86 9.60
N ASP B 81 3.34 11.12 8.92
CA ASP B 81 3.37 11.36 7.47
C ASP B 81 2.96 10.14 6.65
N ALA B 82 3.22 8.92 7.14
CA ALA B 82 2.71 7.69 6.53
C ALA B 82 1.19 7.53 6.72
N ASP B 83 0.66 7.80 7.93
CA ASP B 83 -0.79 7.82 8.18
C ASP B 83 -1.52 8.90 7.37
N ARG B 84 -0.94 10.10 7.26
CA ARG B 84 -1.40 11.20 6.40
C ARG B 84 -1.46 10.80 4.93
N ALA B 85 -0.38 10.22 4.43
CA ALA B 85 -0.30 9.64 3.08
C ALA B 85 -1.35 8.55 2.83
N ARG B 86 -1.43 7.54 3.69
CA ARG B 86 -2.52 6.53 3.78
C ARG B 86 -3.90 7.21 3.67
N GLU B 87 -4.23 8.15 4.56
CA GLU B 87 -5.51 8.87 4.54
C GLU B 87 -5.79 9.60 3.22
N LYS B 88 -4.75 10.08 2.50
CA LYS B 88 -4.90 10.61 1.14
C LYS B 88 -5.23 9.50 0.13
N LEU B 89 -4.48 8.40 0.03
CA LEU B 89 -4.68 7.37 -0.97
C LEU B 89 -5.90 6.47 -0.70
N HIS B 90 -6.32 6.37 0.56
CA HIS B 90 -7.57 5.78 1.05
C HIS B 90 -8.76 6.68 0.69
N GLY B 91 -9.10 6.73 -0.60
CA GLY B 91 -9.93 7.76 -1.22
C GLY B 91 -9.44 8.27 -2.59
N THR B 92 -8.29 7.79 -3.08
CA THR B 92 -7.70 8.19 -4.36
C THR B 92 -8.31 7.41 -5.52
N VAL B 93 -9.18 8.10 -6.26
CA VAL B 93 -9.74 7.68 -7.56
C VAL B 93 -8.66 7.79 -8.65
N VAL B 94 -8.16 6.66 -9.14
CA VAL B 94 -7.05 6.55 -10.12
C VAL B 94 -7.56 6.21 -11.53
N GLU B 95 -7.76 4.94 -11.89
CA GLU B 95 -8.30 4.51 -13.22
C GLU B 95 -9.83 4.58 -13.27
N GLY B 96 -10.43 5.63 -12.68
CA GLY B 96 -11.86 5.64 -12.32
C GLY B 96 -12.18 4.59 -11.25
N ARG B 97 -11.27 4.42 -10.28
CA ARG B 97 -11.29 3.40 -9.23
C ARG B 97 -10.67 3.92 -7.96
N LYS B 98 -11.31 3.69 -6.82
CA LYS B 98 -10.89 4.27 -5.55
C LYS B 98 -10.08 3.30 -4.69
N ILE B 99 -8.77 3.51 -4.54
CA ILE B 99 -7.93 2.70 -3.63
C ILE B 99 -8.41 2.88 -2.17
N GLU B 100 -8.32 1.82 -1.37
CA GLU B 100 -8.67 1.76 0.05
C GLU B 100 -7.50 1.19 0.89
N VAL B 101 -6.69 2.05 1.54
CA VAL B 101 -5.43 1.64 2.18
C VAL B 101 -5.57 1.47 3.70
N ASN B 102 -5.96 0.27 4.10
CA ASN B 102 -6.14 -0.11 5.49
C ASN B 102 -4.79 -0.38 6.16
N ASN B 103 -4.70 -0.13 7.47
CA ASN B 103 -3.57 -0.66 8.22
C ASN B 103 -3.62 -2.20 8.19
N ALA B 104 -2.47 -2.88 8.29
CA ALA B 104 -2.45 -4.34 8.23
C ALA B 104 -2.67 -5.04 9.57
N THR B 105 -2.84 -6.35 9.48
CA THR B 105 -2.75 -7.34 10.55
C THR B 105 -1.77 -8.44 10.14
N ALA B 106 -1.16 -9.15 11.10
CA ALA B 106 -0.37 -10.35 10.83
C ALA B 106 0.79 -10.08 9.79
N ARG B 107 1.21 -10.95 8.85
CA ARG B 107 0.83 -12.35 8.54
C ARG B 107 1.52 -13.39 9.43
N VAL B 108 2.68 -13.03 10.02
CA VAL B 108 3.62 -13.95 10.70
C VAL B 108 3.12 -14.54 12.02
N MET B 109 2.20 -13.86 12.72
CA MET B 109 1.63 -14.23 14.02
C MET B 109 0.14 -13.87 14.11
N ASN B 22 17.52 -8.14 17.73
CA ASN B 22 17.67 -6.67 17.56
C ASN B 22 16.34 -6.05 17.12
N THR B 23 16.06 -4.81 17.56
CA THR B 23 14.81 -4.07 17.25
C THR B 23 14.72 -3.53 15.83
N GLU B 24 15.85 -3.42 15.11
CA GLU B 24 15.99 -2.79 13.79
C GLU B 24 15.37 -1.37 13.71
N ASN B 25 15.54 -0.58 14.79
CA ASN B 25 15.14 0.83 14.93
C ASN B 25 15.84 1.81 13.95
N LYS B 26 16.77 1.34 13.10
CA LYS B 26 17.40 2.04 11.97
C LYS B 26 16.40 2.71 11.00
N SER B 27 15.16 2.20 10.95
CA SER B 27 13.99 2.84 10.31
C SER B 27 12.70 2.52 11.08
N GLN B 28 11.57 3.07 10.63
CA GLN B 28 10.25 3.02 11.30
C GLN B 28 9.13 2.31 10.52
N PRO B 29 8.99 2.43 9.17
CA PRO B 29 7.89 1.83 8.42
C PRO B 29 7.67 0.31 8.60
N LYS B 30 6.42 -0.10 8.41
CA LYS B 30 5.83 -1.44 8.45
C LYS B 30 4.44 -1.33 7.81
N ARG B 31 3.69 -2.43 7.70
CA ARG B 31 3.01 -2.68 6.42
C ARG B 31 1.48 -2.62 6.41
N LEU B 32 0.98 -2.50 5.19
CA LEU B 32 -0.16 -1.69 4.78
C LEU B 32 -0.90 -2.45 3.67
N HIS B 33 -2.18 -2.78 3.89
CA HIS B 33 -3.04 -3.59 2.99
C HIS B 33 -3.86 -2.64 2.10
N VAL B 34 -3.76 -2.83 0.80
CA VAL B 34 -4.05 -1.80 -0.22
C VAL B 34 -5.08 -2.38 -1.20
N SER B 35 -6.36 -2.15 -0.89
CA SER B 35 -7.51 -2.89 -1.43
C SER B 35 -8.31 -2.12 -2.47
N ASN B 36 -9.24 -2.83 -3.14
CA ASN B 36 -10.19 -2.35 -4.14
C ASN B 36 -9.53 -1.75 -5.40
N ILE B 37 -8.22 -1.90 -5.55
CA ILE B 37 -7.40 -1.37 -6.65
C ILE B 37 -7.85 -1.92 -8.01
N PRO B 38 -7.56 -1.25 -9.14
CA PRO B 38 -7.81 -1.78 -10.48
C PRO B 38 -7.20 -3.17 -10.68
N PHE B 39 -7.94 -4.12 -11.26
CA PHE B 39 -7.43 -5.48 -11.46
C PHE B 39 -6.15 -5.65 -12.31
N ARG B 40 -5.69 -4.61 -13.01
CA ARG B 40 -4.42 -4.56 -13.75
C ARG B 40 -3.45 -3.49 -13.21
N PHE B 41 -3.69 -2.99 -12.00
CA PHE B 41 -2.68 -2.31 -11.19
C PHE B 41 -1.54 -3.27 -10.79
N ARG B 42 -0.35 -2.75 -10.52
CA ARG B 42 0.91 -3.52 -10.44
C ARG B 42 1.71 -3.20 -9.18
N ASP B 43 2.62 -4.10 -8.84
CA ASP B 43 3.69 -3.91 -7.85
C ASP B 43 4.53 -2.63 -8.10
N PRO B 44 5.12 -2.42 -9.31
CA PRO B 44 5.88 -1.21 -9.62
C PRO B 44 5.00 0.05 -9.54
N ASP B 45 3.74 -0.04 -9.99
CA ASP B 45 2.76 1.03 -9.84
C ASP B 45 2.54 1.41 -8.38
N LEU B 46 2.32 0.48 -7.45
CA LEU B 46 2.16 0.85 -6.04
C LEU B 46 3.42 1.45 -5.43
N ARG B 47 4.64 0.95 -5.73
CA ARG B 47 5.83 1.63 -5.19
C ARG B 47 6.04 3.02 -5.78
N GLN B 48 5.52 3.29 -6.97
CA GLN B 48 5.54 4.61 -7.60
C GLN B 48 4.41 5.57 -7.13
N MET B 49 3.25 5.02 -6.78
CA MET B 49 2.02 5.73 -6.42
C MET B 49 1.97 6.06 -4.92
N PHE B 50 2.39 5.11 -4.09
CA PHE B 50 2.98 5.45 -2.80
C PHE B 50 4.31 6.22 -2.97
N GLY B 51 5.05 5.99 -4.07
CA GLY B 51 6.33 6.67 -4.40
C GLY B 51 6.26 8.19 -4.54
N GLN B 52 5.07 8.73 -4.84
CA GLN B 52 4.76 10.17 -4.67
C GLN B 52 5.18 10.70 -3.29
N PHE B 53 4.91 9.93 -2.23
CA PHE B 53 5.36 10.15 -0.85
C PHE B 53 6.73 9.50 -0.53
N GLY B 54 7.06 8.39 -1.19
CA GLY B 54 8.41 7.80 -1.28
C GLY B 54 9.01 7.21 0.00
N LYS B 55 8.15 6.95 0.98
CA LYS B 55 8.41 6.33 2.28
C LYS B 55 8.79 4.85 2.20
N ILE B 56 8.30 4.17 1.15
CA ILE B 56 8.23 2.72 0.97
C ILE B 56 9.58 2.00 1.18
N LEU B 57 9.56 0.91 1.95
CA LEU B 57 10.63 -0.08 2.09
C LEU B 57 10.47 -1.24 1.09
N ASP B 58 9.26 -1.82 0.99
CA ASP B 58 8.90 -2.96 0.13
C ASP B 58 7.44 -2.89 -0.37
N VAL B 59 7.13 -3.61 -1.46
CA VAL B 59 5.76 -3.80 -2.02
C VAL B 59 5.47 -5.24 -2.43
N GLU B 60 4.18 -5.49 -2.69
CA GLU B 60 3.57 -6.78 -3.00
C GLU B 60 2.20 -6.55 -3.71
N ILE B 61 1.80 -7.46 -4.60
CA ILE B 61 0.44 -7.59 -5.15
C ILE B 61 -0.03 -9.04 -4.98
N ILE B 62 -1.33 -9.26 -4.78
CA ILE B 62 -1.87 -10.57 -4.45
C ILE B 62 -2.32 -11.13 -5.81
N PHE B 63 -1.36 -11.48 -6.67
CA PHE B 63 -1.63 -11.78 -8.08
C PHE B 63 -2.36 -13.12 -8.26
N ASN B 64 -3.06 -13.28 -9.39
CA ASN B 64 -3.61 -14.51 -9.94
C ASN B 64 -3.38 -14.51 -11.47
N GLU B 65 -3.65 -15.63 -12.17
CA GLU B 65 -3.41 -15.74 -13.63
C GLU B 65 -4.24 -14.74 -14.45
N ARG B 66 -5.42 -14.32 -13.94
CA ARG B 66 -6.29 -13.31 -14.55
C ARG B 66 -5.79 -11.86 -14.34
N GLY B 67 -4.96 -11.59 -13.32
CA GLY B 67 -4.67 -10.24 -12.83
C GLY B 67 -4.65 -10.19 -11.30
N SER B 68 -4.76 -8.99 -10.71
CA SER B 68 -4.84 -8.84 -9.26
C SER B 68 -6.04 -9.61 -8.66
N LYS B 69 -5.90 -10.11 -7.42
CA LYS B 69 -7.04 -10.48 -6.54
C LYS B 69 -7.85 -9.27 -6.05
N GLY B 70 -7.40 -8.06 -6.39
CA GLY B 70 -8.04 -6.77 -6.10
C GLY B 70 -7.36 -6.00 -4.97
N PHE B 71 -6.25 -6.52 -4.45
CA PHE B 71 -5.44 -5.87 -3.42
C PHE B 71 -3.94 -6.18 -3.58
N GLY B 72 -3.15 -5.35 -2.91
CA GLY B 72 -1.72 -5.50 -2.70
C GLY B 72 -1.36 -5.16 -1.25
N PHE B 73 -0.07 -5.15 -0.96
CA PHE B 73 0.55 -4.94 0.33
C PHE B 73 1.82 -4.07 0.14
N VAL B 74 2.12 -3.16 1.05
CA VAL B 74 3.25 -2.23 0.96
C VAL B 74 3.76 -1.84 2.35
N THR B 75 5.02 -1.43 2.48
CA THR B 75 5.73 -1.33 3.78
C THR B 75 6.12 0.11 4.05
N PHE B 76 5.31 0.78 4.87
CA PHE B 76 5.01 2.20 4.65
C PHE B 76 4.74 3.05 5.89
N GLU B 77 3.93 2.48 6.76
CA GLU B 77 3.19 3.09 7.84
C GLU B 77 4.05 3.05 9.09
N ASN B 78 4.55 4.22 9.50
CA ASN B 78 4.54 4.48 10.94
C ASN B 78 4.43 5.96 11.34
N SER B 79 5.15 6.84 10.65
CA SER B 79 5.21 8.28 10.95
C SER B 79 3.90 9.02 10.66
N ALA B 80 3.72 10.23 11.23
CA ALA B 80 2.57 11.08 10.90
C ALA B 80 2.47 11.38 9.39
N ASP B 81 3.59 11.62 8.71
CA ASP B 81 3.58 11.91 7.27
C ASP B 81 3.25 10.67 6.41
N ALA B 82 3.60 9.46 6.88
CA ALA B 82 3.14 8.20 6.28
C ALA B 82 1.63 7.99 6.51
N ASP B 83 1.12 8.22 7.72
CA ASP B 83 -0.32 8.17 8.01
C ASP B 83 -1.10 9.20 7.15
N ARG B 84 -0.62 10.44 7.06
CA ARG B 84 -1.13 11.50 6.17
C ARG B 84 -1.19 11.06 4.71
N ALA B 85 -0.09 10.50 4.21
CA ALA B 85 0.01 9.92 2.87
C ALA B 85 -1.00 8.79 2.61
N ARG B 86 -1.06 7.76 3.46
CA ARG B 86 -2.11 6.73 3.48
C ARG B 86 -3.49 7.36 3.42
N GLU B 87 -3.83 8.25 4.34
CA GLU B 87 -5.10 8.97 4.38
C GLU B 87 -5.42 9.76 3.09
N LYS B 88 -4.40 10.24 2.37
CA LYS B 88 -4.57 10.83 1.03
C LYS B 88 -4.97 9.74 0.01
N LEU B 89 -4.21 8.65 -0.12
CA LEU B 89 -4.46 7.60 -1.11
C LEU B 89 -5.65 6.68 -0.76
N HIS B 90 -6.08 6.67 0.49
CA HIS B 90 -7.25 5.97 1.04
C HIS B 90 -8.52 6.75 0.70
N GLY B 91 -8.94 6.61 -0.56
CA GLY B 91 -9.87 7.51 -1.25
C GLY B 91 -9.41 7.98 -2.64
N THR B 92 -8.23 7.55 -3.11
CA THR B 92 -7.69 7.90 -4.44
C THR B 92 -8.42 7.10 -5.52
N VAL B 93 -9.33 7.77 -6.22
CA VAL B 93 -9.91 7.34 -7.51
C VAL B 93 -8.85 7.44 -8.61
N VAL B 94 -8.19 6.33 -8.94
CA VAL B 94 -7.09 6.27 -9.93
C VAL B 94 -7.60 5.94 -11.35
N GLU B 95 -7.86 4.67 -11.68
CA GLU B 95 -8.41 4.27 -12.99
C GLU B 95 -9.97 4.23 -12.96
N GLY B 96 -10.59 5.28 -12.41
CA GLY B 96 -12.01 5.26 -12.03
C GLY B 96 -12.30 4.27 -10.89
N ARG B 97 -11.32 4.04 -10.01
CA ARG B 97 -11.29 3.02 -8.95
C ARG B 97 -10.67 3.57 -7.69
N LYS B 98 -11.32 3.36 -6.57
CA LYS B 98 -10.98 4.02 -5.31
C LYS B 98 -10.21 3.10 -4.35
N ILE B 99 -8.90 3.32 -4.18
CA ILE B 99 -8.08 2.49 -3.27
C ILE B 99 -8.53 2.63 -1.81
N GLU B 100 -8.52 1.51 -1.07
CA GLU B 100 -8.67 1.44 0.39
C GLU B 100 -7.36 1.01 1.08
N VAL B 101 -6.59 1.93 1.68
CA VAL B 101 -5.29 1.62 2.32
C VAL B 101 -5.48 1.30 3.82
N ASN B 102 -6.03 0.13 4.08
CA ASN B 102 -6.20 -0.40 5.43
C ASN B 102 -4.83 -0.65 6.09
N ASN B 103 -4.74 -0.46 7.40
CA ASN B 103 -3.61 -1.00 8.14
C ASN B 103 -3.61 -2.55 8.02
N ALA B 104 -2.44 -3.20 8.02
CA ALA B 104 -2.44 -4.66 7.97
C ALA B 104 -2.81 -5.31 9.32
N THR B 105 -3.20 -6.58 9.21
CA THR B 105 -2.95 -7.61 10.23
C THR B 105 -1.92 -8.55 9.61
N ALA B 106 -0.98 -9.10 10.38
CA ALA B 106 0.00 -9.99 9.73
C ALA B 106 -0.56 -11.40 9.44
N ARG B 107 0.12 -12.11 8.54
CA ARG B 107 -0.47 -13.17 7.71
C ARG B 107 -0.93 -14.40 8.50
N VAL B 108 -1.98 -15.07 8.01
CA VAL B 108 -2.47 -16.36 8.55
C VAL B 108 -1.43 -17.49 8.37
N MET B 109 -0.67 -17.46 7.27
CA MET B 109 0.37 -18.43 6.89
C MET B 109 1.79 -17.97 7.27
N ASN B 22 14.19 -4.73 27.61
CA ASN B 22 14.06 -3.77 26.49
C ASN B 22 12.81 -4.06 25.67
N THR B 23 12.10 -3.03 25.21
CA THR B 23 10.97 -3.14 24.27
C THR B 23 11.41 -3.60 22.87
N GLU B 24 10.48 -4.17 22.10
CA GLU B 24 10.77 -4.79 20.79
C GLU B 24 10.53 -3.85 19.59
N ASN B 25 9.72 -2.80 19.74
CA ASN B 25 9.45 -1.82 18.69
C ASN B 25 10.72 -1.03 18.28
N LYS B 26 10.82 -0.69 17.00
CA LYS B 26 11.92 0.09 16.38
C LYS B 26 11.45 1.34 15.62
N SER B 27 10.15 1.61 15.60
CA SER B 27 9.46 2.77 14.98
C SER B 27 9.64 2.92 13.45
N GLN B 28 10.24 1.94 12.78
CA GLN B 28 10.41 1.91 11.32
C GLN B 28 9.07 1.61 10.59
N PRO B 29 8.95 1.90 9.28
CA PRO B 29 7.82 1.50 8.44
C PRO B 29 7.41 0.02 8.57
N LYS B 30 6.09 -0.21 8.52
CA LYS B 30 5.36 -1.47 8.65
C LYS B 30 3.95 -1.25 8.07
N ARG B 31 3.15 -2.30 8.01
CA ARG B 31 2.55 -2.65 6.71
C ARG B 31 1.03 -2.57 6.59
N LEU B 32 0.60 -2.56 5.33
CA LEU B 32 -0.47 -1.73 4.79
C LEU B 32 -1.17 -2.52 3.67
N HIS B 33 -2.37 -3.04 3.93
CA HIS B 33 -3.22 -3.78 2.97
C HIS B 33 -3.98 -2.78 2.10
N VAL B 34 -3.88 -2.93 0.78
CA VAL B 34 -4.17 -1.90 -0.23
C VAL B 34 -5.19 -2.46 -1.21
N SER B 35 -6.48 -2.25 -0.90
CA SER B 35 -7.62 -2.97 -1.49
C SER B 35 -8.41 -2.16 -2.51
N ASN B 36 -9.37 -2.83 -3.17
CA ASN B 36 -10.28 -2.29 -4.19
C ASN B 36 -9.54 -1.56 -5.32
N ILE B 37 -8.33 -2.02 -5.64
CA ILE B 37 -7.53 -1.48 -6.74
C ILE B 37 -8.02 -2.04 -8.09
N PRO B 38 -7.84 -1.34 -9.22
CA PRO B 38 -8.02 -1.91 -10.55
C PRO B 38 -7.15 -3.16 -10.78
N PHE B 39 -7.71 -4.24 -11.33
CA PHE B 39 -6.99 -5.46 -11.73
C PHE B 39 -5.86 -5.28 -12.79
N ARG B 40 -5.66 -4.06 -13.28
CA ARG B 40 -4.63 -3.66 -14.25
C ARG B 40 -3.36 -3.10 -13.56
N PHE B 41 -3.38 -2.95 -12.23
CA PHE B 41 -2.24 -2.56 -11.39
C PHE B 41 -1.03 -3.48 -11.46
N ARG B 42 0.11 -2.98 -10.96
CA ARG B 42 1.36 -3.71 -10.71
C ARG B 42 2.00 -3.30 -9.39
N ASP B 43 2.87 -4.18 -8.91
CA ASP B 43 3.82 -3.97 -7.82
C ASP B 43 4.69 -2.69 -7.98
N PRO B 44 5.37 -2.49 -9.14
CA PRO B 44 6.08 -1.24 -9.42
C PRO B 44 5.12 -0.03 -9.44
N ASP B 45 3.87 -0.21 -9.90
CA ASP B 45 2.84 0.84 -9.88
C ASP B 45 2.58 1.34 -8.45
N LEU B 46 2.32 0.46 -7.46
CA LEU B 46 2.14 0.93 -6.10
C LEU B 46 3.40 1.54 -5.49
N ARG B 47 4.60 0.96 -5.67
CA ARG B 47 5.79 1.59 -5.04
C ARG B 47 6.12 2.96 -5.65
N GLN B 48 5.70 3.21 -6.88
CA GLN B 48 5.80 4.52 -7.54
C GLN B 48 4.72 5.52 -7.05
N MET B 49 3.46 5.09 -7.00
CA MET B 49 2.35 5.89 -6.47
C MET B 49 2.54 6.27 -5.00
N PHE B 50 2.79 5.31 -4.11
CA PHE B 50 3.24 5.61 -2.75
C PHE B 50 4.59 6.35 -2.76
N GLY B 51 5.46 6.07 -3.74
CA GLY B 51 6.74 6.74 -4.02
C GLY B 51 6.67 8.25 -4.24
N GLN B 52 5.51 8.80 -4.64
CA GLN B 52 5.28 10.27 -4.54
C GLN B 52 5.54 10.82 -3.14
N PHE B 53 5.16 10.06 -2.11
CA PHE B 53 5.40 10.35 -0.70
C PHE B 53 6.76 9.78 -0.22
N GLY B 54 7.15 8.62 -0.75
CA GLY B 54 8.55 8.14 -0.80
C GLY B 54 9.09 7.52 0.49
N LYS B 55 8.25 6.68 1.13
CA LYS B 55 8.44 6.15 2.48
C LYS B 55 8.30 4.61 2.57
N ILE B 56 8.24 3.94 1.42
CA ILE B 56 8.13 2.48 1.30
C ILE B 56 9.46 1.78 1.63
N LEU B 57 9.38 0.66 2.37
CA LEU B 57 10.44 -0.35 2.52
C LEU B 57 10.28 -1.52 1.52
N ASP B 58 9.07 -2.08 1.40
CA ASP B 58 8.71 -3.16 0.48
C ASP B 58 7.26 -3.03 -0.05
N VAL B 59 6.97 -3.64 -1.22
CA VAL B 59 5.63 -3.84 -1.81
C VAL B 59 5.40 -5.29 -2.24
N GLU B 60 4.13 -5.63 -2.46
CA GLU B 60 3.64 -6.99 -2.66
C GLU B 60 2.18 -7.00 -3.19
N ILE B 61 1.95 -6.96 -4.51
CA ILE B 61 0.60 -7.24 -5.08
C ILE B 61 0.23 -8.72 -4.89
N ILE B 62 -1.05 -9.07 -4.73
CA ILE B 62 -1.46 -10.46 -4.47
C ILE B 62 -1.92 -11.07 -5.80
N PHE B 63 -1.05 -11.10 -6.81
CA PHE B 63 -1.43 -11.41 -8.20
C PHE B 63 -2.10 -12.80 -8.34
N ASN B 64 -3.00 -12.94 -9.32
CA ASN B 64 -3.56 -14.22 -9.74
C ASN B 64 -3.67 -14.26 -11.28
N GLU B 65 -4.01 -15.42 -11.87
CA GLU B 65 -4.05 -15.63 -13.33
C GLU B 65 -5.01 -14.70 -14.10
N ARG B 66 -5.94 -14.03 -13.40
CA ARG B 66 -6.87 -13.04 -13.97
C ARG B 66 -6.43 -11.57 -13.84
N GLY B 67 -5.41 -11.24 -13.03
CA GLY B 67 -4.98 -9.86 -12.75
C GLY B 67 -4.62 -9.63 -11.29
N SER B 68 -4.58 -8.37 -10.85
CA SER B 68 -4.07 -7.91 -9.53
C SER B 68 -4.80 -8.44 -8.28
N LYS B 69 -5.76 -9.35 -8.44
CA LYS B 69 -6.70 -9.90 -7.43
C LYS B 69 -7.43 -8.87 -6.56
N GLY B 70 -7.35 -7.60 -6.93
CA GLY B 70 -8.05 -6.47 -6.33
C GLY B 70 -7.38 -5.89 -5.09
N PHE B 71 -6.27 -6.47 -4.63
CA PHE B 71 -5.47 -5.93 -3.54
C PHE B 71 -3.97 -6.25 -3.63
N GLY B 72 -3.20 -5.38 -2.97
CA GLY B 72 -1.78 -5.53 -2.68
C GLY B 72 -1.48 -5.22 -1.22
N PHE B 73 -0.20 -5.20 -0.91
CA PHE B 73 0.40 -5.02 0.39
C PHE B 73 1.64 -4.12 0.22
N VAL B 74 1.90 -3.21 1.16
CA VAL B 74 3.06 -2.31 1.15
C VAL B 74 3.52 -1.98 2.59
N THR B 75 4.78 -1.56 2.77
CA THR B 75 5.44 -1.50 4.10
C THR B 75 5.89 -0.06 4.38
N PHE B 76 5.11 0.67 5.19
CA PHE B 76 4.91 2.10 4.92
C PHE B 76 4.66 3.05 6.11
N GLU B 77 3.61 2.78 6.88
CA GLU B 77 2.68 3.79 7.43
C GLU B 77 3.28 4.73 8.50
N ASN B 78 4.35 4.31 9.17
CA ASN B 78 4.57 4.70 10.57
C ASN B 78 4.96 6.18 10.83
N SER B 79 5.50 6.91 9.85
CA SER B 79 5.75 8.36 9.97
C SER B 79 4.46 9.18 9.90
N ALA B 80 4.46 10.43 10.41
CA ALA B 80 3.32 11.34 10.26
C ALA B 80 2.96 11.59 8.80
N ASP B 81 3.97 11.86 7.96
CA ASP B 81 3.78 12.07 6.52
C ASP B 81 3.33 10.80 5.78
N ALA B 82 3.70 9.61 6.29
CA ALA B 82 3.23 8.32 5.77
C ALA B 82 1.79 8.00 6.20
N ASP B 83 1.35 8.41 7.40
CA ASP B 83 -0.07 8.37 7.80
C ASP B 83 -0.91 9.32 6.92
N ARG B 84 -0.48 10.58 6.79
CA ARG B 84 -1.02 11.59 5.85
C ARG B 84 -1.18 11.03 4.43
N ALA B 85 -0.12 10.41 3.92
CA ALA B 85 -0.10 9.72 2.64
C ALA B 85 -1.13 8.59 2.49
N ARG B 86 -1.14 7.59 3.39
CA ARG B 86 -2.21 6.58 3.54
C ARG B 86 -3.57 7.24 3.50
N GLU B 87 -3.86 8.19 4.37
CA GLU B 87 -5.14 8.91 4.42
C GLU B 87 -5.51 9.61 3.10
N LYS B 88 -4.52 10.09 2.33
CA LYS B 88 -4.70 10.68 1.00
C LYS B 88 -5.05 9.60 -0.05
N LEU B 89 -4.31 8.49 -0.12
CA LEU B 89 -4.53 7.42 -1.08
C LEU B 89 -5.75 6.54 -0.74
N HIS B 90 -6.17 6.51 0.52
CA HIS B 90 -7.38 5.87 1.04
C HIS B 90 -8.63 6.73 0.73
N GLY B 91 -9.01 6.72 -0.54
CA GLY B 91 -9.84 7.76 -1.18
C GLY B 91 -9.35 8.21 -2.57
N THR B 92 -8.24 7.65 -3.06
CA THR B 92 -7.69 7.92 -4.41
C THR B 92 -8.43 7.07 -5.43
N VAL B 93 -9.34 7.72 -6.15
CA VAL B 93 -10.01 7.21 -7.36
C VAL B 93 -9.05 7.27 -8.55
N VAL B 94 -8.61 6.11 -9.03
CA VAL B 94 -7.73 5.93 -10.21
C VAL B 94 -8.31 4.85 -11.12
N GLU B 95 -8.22 5.02 -12.44
CA GLU B 95 -8.93 4.20 -13.44
C GLU B 95 -10.45 4.04 -13.17
N GLY B 96 -11.07 5.00 -12.46
CA GLY B 96 -12.45 4.94 -11.99
C GLY B 96 -12.67 4.01 -10.79
N ARG B 97 -11.68 3.89 -9.89
CA ARG B 97 -11.67 2.96 -8.75
C ARG B 97 -10.98 3.52 -7.53
N LYS B 98 -11.66 3.46 -6.40
CA LYS B 98 -11.13 4.02 -5.15
C LYS B 98 -10.32 3.02 -4.33
N ILE B 99 -9.01 3.23 -4.18
CA ILE B 99 -8.17 2.41 -3.29
C ILE B 99 -8.66 2.52 -1.83
N GLU B 100 -8.59 1.40 -1.09
CA GLU B 100 -8.79 1.32 0.36
C GLU B 100 -7.52 0.86 1.08
N VAL B 101 -6.75 1.78 1.68
CA VAL B 101 -5.46 1.46 2.34
C VAL B 101 -5.66 1.16 3.84
N ASN B 102 -6.09 -0.06 4.12
CA ASN B 102 -6.29 -0.59 5.46
C ASN B 102 -4.94 -0.88 6.15
N ASN B 103 -4.92 -0.85 7.48
CA ASN B 103 -3.82 -1.47 8.21
C ASN B 103 -3.79 -3.01 7.96
N ALA B 104 -2.68 -3.68 8.26
CA ALA B 104 -2.58 -5.14 8.07
C ALA B 104 -2.64 -5.97 9.36
N THR B 105 -3.06 -7.21 9.16
CA THR B 105 -2.91 -8.37 10.05
C THR B 105 -1.53 -9.03 9.86
N ALA B 106 -1.13 -9.88 10.80
CA ALA B 106 -0.41 -11.15 10.54
C ALA B 106 0.82 -11.02 9.59
N ARG B 107 1.13 -11.89 8.59
CA ARG B 107 0.54 -13.18 8.17
C ARG B 107 0.96 -14.37 9.07
N VAL B 108 2.24 -14.41 9.45
CA VAL B 108 2.82 -15.53 10.25
C VAL B 108 2.45 -15.49 11.75
N MET B 109 2.00 -14.33 12.24
CA MET B 109 1.62 -14.01 13.65
C MET B 109 2.55 -14.67 14.71
N ASN B 22 16.77 -1.07 23.16
CA ASN B 22 16.41 -0.62 21.79
C ASN B 22 15.73 -1.76 21.01
N THR B 23 14.75 -1.41 20.17
CA THR B 23 13.99 -2.33 19.29
C THR B 23 13.91 -1.85 17.83
N GLU B 24 14.42 -0.66 17.52
CA GLU B 24 14.39 0.00 16.20
C GLU B 24 15.05 -0.81 15.07
N ASN B 25 16.05 -1.63 15.41
CA ASN B 25 16.86 -2.53 14.58
C ASN B 25 17.59 -1.86 13.38
N LYS B 26 16.85 -1.43 12.36
CA LYS B 26 17.35 -0.83 11.10
C LYS B 26 16.45 0.29 10.58
N SER B 27 15.18 -0.04 10.30
CA SER B 27 14.18 0.85 9.66
C SER B 27 12.80 0.72 10.31
N GLN B 28 12.20 1.86 10.67
CA GLN B 28 10.85 1.92 11.28
C GLN B 28 9.68 1.47 10.37
N PRO B 29 9.61 1.79 9.06
CA PRO B 29 8.52 1.38 8.18
C PRO B 29 8.19 -0.12 8.21
N LYS B 30 6.90 -0.41 8.03
CA LYS B 30 6.22 -1.72 8.10
C LYS B 30 4.82 -1.53 7.51
N ARG B 31 4.02 -2.59 7.41
CA ARG B 31 3.26 -2.78 6.18
C ARG B 31 1.74 -2.64 6.25
N LEU B 32 1.18 -2.45 5.07
CA LEU B 32 0.06 -1.57 4.74
C LEU B 32 -0.76 -2.29 3.65
N HIS B 33 -2.00 -2.69 3.98
CA HIS B 33 -2.93 -3.34 3.06
C HIS B 33 -3.61 -2.27 2.18
N VAL B 34 -3.81 -2.56 0.90
CA VAL B 34 -4.11 -1.58 -0.16
C VAL B 34 -5.13 -2.18 -1.12
N SER B 35 -6.42 -1.94 -0.84
CA SER B 35 -7.56 -2.70 -1.40
C SER B 35 -8.34 -1.99 -2.50
N ASN B 36 -9.23 -2.75 -3.16
CA ASN B 36 -10.18 -2.31 -4.18
C ASN B 36 -9.53 -1.67 -5.42
N ILE B 37 -8.24 -1.91 -5.61
CA ILE B 37 -7.40 -1.31 -6.66
C ILE B 37 -7.82 -1.82 -8.05
N PRO B 38 -7.58 -1.09 -9.15
CA PRO B 38 -7.71 -1.61 -10.51
C PRO B 38 -6.85 -2.86 -10.70
N PHE B 39 -7.45 -3.98 -11.13
CA PHE B 39 -6.76 -5.26 -11.29
C PHE B 39 -5.47 -5.25 -12.14
N ARG B 40 -5.34 -4.26 -13.04
CA ARG B 40 -4.20 -4.06 -13.94
C ARG B 40 -3.01 -3.36 -13.28
N PHE B 41 -3.14 -2.92 -12.02
CA PHE B 41 -2.01 -2.51 -11.17
C PHE B 41 -0.94 -3.60 -11.05
N ARG B 42 0.29 -3.15 -10.74
CA ARG B 42 1.46 -3.98 -10.43
C ARG B 42 2.14 -3.51 -9.14
N ASP B 43 3.06 -4.34 -8.68
CA ASP B 43 4.04 -4.05 -7.63
C ASP B 43 4.68 -2.64 -7.78
N PRO B 44 5.42 -2.34 -8.87
CA PRO B 44 6.08 -1.05 -9.02
C PRO B 44 5.10 0.09 -9.35
N ASP B 45 3.88 -0.23 -9.79
CA ASP B 45 2.77 0.74 -9.89
C ASP B 45 2.44 1.27 -8.48
N LEU B 46 2.23 0.40 -7.49
CA LEU B 46 2.00 0.87 -6.12
C LEU B 46 3.23 1.53 -5.51
N ARG B 47 4.43 1.00 -5.76
CA ARG B 47 5.66 1.62 -5.27
C ARG B 47 5.84 3.07 -5.75
N GLN B 48 5.45 3.37 -6.99
CA GLN B 48 5.46 4.73 -7.58
C GLN B 48 4.28 5.61 -7.11
N MET B 49 3.10 5.02 -6.91
CA MET B 49 1.86 5.72 -6.57
C MET B 49 1.84 6.12 -5.11
N PHE B 50 2.20 5.20 -4.20
CA PHE B 50 2.71 5.57 -2.88
C PHE B 50 4.01 6.37 -2.99
N GLY B 51 4.81 6.14 -4.04
CA GLY B 51 6.08 6.82 -4.32
C GLY B 51 5.99 8.35 -4.46
N GLN B 52 4.81 8.91 -4.75
CA GLN B 52 4.54 10.34 -4.53
C GLN B 52 4.94 10.86 -3.13
N PHE B 53 4.77 10.02 -2.10
CA PHE B 53 5.16 10.28 -0.72
C PHE B 53 6.51 9.66 -0.32
N GLY B 54 7.02 8.71 -1.12
CA GLY B 54 8.39 8.17 -1.13
C GLY B 54 8.94 7.65 0.20
N LYS B 55 8.29 6.60 0.72
CA LYS B 55 8.59 5.93 1.99
C LYS B 55 8.76 4.41 1.87
N ILE B 56 8.55 3.87 0.67
CA ILE B 56 8.36 2.43 0.42
C ILE B 56 9.67 1.65 0.55
N LEU B 57 9.68 0.65 1.43
CA LEU B 57 10.74 -0.37 1.55
C LEU B 57 10.49 -1.53 0.57
N ASP B 58 9.26 -2.06 0.53
CA ASP B 58 8.84 -3.20 -0.28
C ASP B 58 7.36 -3.12 -0.70
N VAL B 59 6.96 -3.89 -1.73
CA VAL B 59 5.58 -4.05 -2.24
C VAL B 59 5.27 -5.50 -2.61
N GLU B 60 3.97 -5.82 -2.70
CA GLU B 60 3.46 -7.18 -2.60
C GLU B 60 1.98 -7.26 -3.06
N ILE B 61 1.71 -7.21 -4.37
CA ILE B 61 0.37 -7.48 -4.96
C ILE B 61 -0.04 -8.93 -4.73
N ILE B 62 -1.34 -9.21 -4.58
CA ILE B 62 -1.87 -10.53 -4.29
C ILE B 62 -2.26 -11.07 -5.67
N PHE B 63 -1.28 -11.47 -6.48
CA PHE B 63 -1.49 -11.72 -7.92
C PHE B 63 -2.23 -13.05 -8.20
N ASN B 64 -2.94 -13.13 -9.33
CA ASN B 64 -3.49 -14.35 -9.91
C ASN B 64 -3.29 -14.32 -11.44
N GLU B 65 -3.55 -15.42 -12.15
CA GLU B 65 -3.40 -15.49 -13.63
C GLU B 65 -4.29 -14.50 -14.40
N ARG B 66 -5.34 -13.97 -13.77
CA ARG B 66 -6.28 -12.98 -14.32
C ARG B 66 -5.91 -11.51 -14.03
N GLY B 67 -4.91 -11.24 -13.19
CA GLY B 67 -4.57 -9.90 -12.69
C GLY B 67 -4.43 -9.92 -11.18
N SER B 68 -4.44 -8.75 -10.52
CA SER B 68 -4.55 -8.73 -9.05
C SER B 68 -5.81 -9.47 -8.56
N LYS B 69 -5.77 -10.01 -7.33
CA LYS B 69 -6.96 -10.42 -6.55
C LYS B 69 -7.81 -9.24 -6.07
N GLY B 70 -7.31 -8.03 -6.28
CA GLY B 70 -7.98 -6.75 -6.02
C GLY B 70 -7.32 -5.90 -4.94
N PHE B 71 -6.24 -6.40 -4.33
CA PHE B 71 -5.43 -5.72 -3.34
C PHE B 71 -3.94 -6.07 -3.48
N GLY B 72 -3.13 -5.22 -2.89
CA GLY B 72 -1.73 -5.47 -2.59
C GLY B 72 -1.39 -5.07 -1.16
N PHE B 73 -0.14 -5.30 -0.82
CA PHE B 73 0.54 -4.89 0.40
C PHE B 73 1.75 -4.02 0.01
N VAL B 74 2.10 -3.06 0.86
CA VAL B 74 3.28 -2.18 0.70
C VAL B 74 3.85 -1.84 2.08
N THR B 75 5.14 -1.51 2.17
CA THR B 75 5.88 -1.45 3.46
C THR B 75 6.35 -0.02 3.72
N PHE B 76 5.65 0.68 4.61
CA PHE B 76 5.41 2.11 4.42
C PHE B 76 5.15 2.94 5.69
N GLU B 77 4.44 2.35 6.62
CA GLU B 77 3.81 2.92 7.79
C GLU B 77 4.85 2.99 8.89
N ASN B 78 5.27 4.20 9.26
CA ASN B 78 5.43 4.46 10.68
C ASN B 78 5.16 5.90 11.14
N SER B 79 5.58 6.91 10.36
CA SER B 79 5.39 8.32 10.68
C SER B 79 3.91 8.75 10.63
N ALA B 80 3.55 9.85 11.30
CA ALA B 80 2.31 10.57 11.04
C ALA B 80 2.20 11.05 9.58
N ASP B 81 3.32 11.34 8.91
CA ASP B 81 3.35 11.68 7.49
C ASP B 81 2.99 10.48 6.58
N ALA B 82 3.25 9.25 7.03
CA ALA B 82 2.78 8.03 6.39
C ALA B 82 1.28 7.76 6.63
N ASP B 83 0.76 8.07 7.83
CA ASP B 83 -0.68 8.03 8.11
C ASP B 83 -1.45 9.07 7.28
N ARG B 84 -0.94 10.31 7.21
CA ARG B 84 -1.38 11.40 6.31
C ARG B 84 -1.41 10.96 4.86
N ALA B 85 -0.34 10.32 4.40
CA ALA B 85 -0.28 9.72 3.07
C ALA B 85 -1.37 8.66 2.82
N ARG B 86 -1.55 7.66 3.71
CA ARG B 86 -2.73 6.76 3.75
C ARG B 86 -4.02 7.56 3.57
N GLU B 87 -4.28 8.53 4.45
CA GLU B 87 -5.50 9.34 4.44
C GLU B 87 -5.75 10.09 3.12
N LYS B 88 -4.68 10.49 2.40
CA LYS B 88 -4.74 11.08 1.07
C LYS B 88 -5.10 10.03 0.00
N LEU B 89 -4.44 8.86 -0.05
CA LEU B 89 -4.67 7.83 -1.06
C LEU B 89 -5.91 6.96 -0.80
N HIS B 90 -6.41 6.96 0.42
CA HIS B 90 -7.64 6.27 0.85
C HIS B 90 -8.86 7.11 0.42
N GLY B 91 -9.25 6.95 -0.84
CA GLY B 91 -10.07 7.92 -1.60
C GLY B 91 -9.48 8.32 -2.96
N THR B 92 -8.30 7.80 -3.35
CA THR B 92 -7.68 8.02 -4.66
C THR B 92 -8.42 7.19 -5.69
N VAL B 93 -9.26 7.88 -6.48
CA VAL B 93 -9.94 7.36 -7.68
C VAL B 93 -8.94 7.36 -8.84
N VAL B 94 -8.42 6.18 -9.17
CA VAL B 94 -7.42 5.91 -10.21
C VAL B 94 -7.97 4.86 -11.18
N GLU B 95 -7.79 5.05 -12.49
CA GLU B 95 -8.45 4.25 -13.55
C GLU B 95 -9.99 4.13 -13.39
N GLY B 96 -10.64 5.07 -12.69
CA GLY B 96 -12.06 5.03 -12.34
C GLY B 96 -12.38 4.11 -11.16
N ARG B 97 -11.48 3.97 -10.18
CA ARG B 97 -11.55 3.04 -9.06
C ARG B 97 -10.92 3.62 -7.81
N LYS B 98 -11.60 3.51 -6.68
CA LYS B 98 -11.11 4.05 -5.42
C LYS B 98 -10.29 3.04 -4.60
N ILE B 99 -9.00 3.32 -4.35
CA ILE B 99 -8.22 2.54 -3.37
C ILE B 99 -8.82 2.70 -1.96
N GLU B 100 -8.94 1.59 -1.25
CA GLU B 100 -9.24 1.51 0.18
C GLU B 100 -8.00 1.01 0.95
N VAL B 101 -7.19 1.92 1.49
CA VAL B 101 -5.97 1.52 2.24
C VAL B 101 -6.32 1.17 3.69
N ASN B 102 -5.59 0.28 4.34
CA ASN B 102 -5.75 -0.02 5.76
C ASN B 102 -4.42 -0.40 6.40
N ASN B 103 -4.31 -0.20 7.70
CA ASN B 103 -3.26 -0.84 8.48
C ASN B 103 -3.39 -2.38 8.43
N ALA B 104 -2.39 -3.13 8.89
CA ALA B 104 -2.34 -4.58 8.67
C ALA B 104 -2.39 -5.47 9.92
N THR B 105 -2.58 -6.76 9.63
CA THR B 105 -2.41 -7.93 10.51
C THR B 105 -1.53 -8.95 9.78
N ALA B 106 -0.83 -9.87 10.45
CA ALA B 106 0.16 -10.74 9.80
C ALA B 106 0.09 -12.21 10.30
N ARG B 107 -0.79 -13.05 9.75
CA ARG B 107 -1.87 -12.79 8.76
C ARG B 107 -3.24 -13.18 9.35
N VAL B 108 -4.20 -13.62 8.54
CA VAL B 108 -5.52 -14.07 9.01
C VAL B 108 -5.49 -15.45 9.71
N MET B 109 -4.41 -16.22 9.53
CA MET B 109 -4.23 -17.64 9.87
C MET B 109 -5.43 -18.52 9.45
N ASN B 22 15.99 17.50 2.24
CA ASN B 22 15.32 16.18 2.09
C ASN B 22 15.27 15.44 3.42
N THR B 23 14.33 14.50 3.57
CA THR B 23 14.04 13.77 4.83
C THR B 23 13.74 12.30 4.54
N GLU B 24 14.71 11.41 4.77
CA GLU B 24 14.53 9.95 4.71
C GLU B 24 13.62 9.43 5.86
N ASN B 25 13.11 8.19 5.72
CA ASN B 25 12.18 7.57 6.67
C ASN B 25 12.72 6.27 7.34
N LYS B 26 13.98 5.90 7.05
CA LYS B 26 14.74 4.72 7.54
C LYS B 26 13.99 3.37 7.48
N SER B 27 14.54 2.33 8.10
CA SER B 27 14.08 0.93 8.01
C SER B 27 12.81 0.59 8.81
N GLN B 28 12.30 1.53 9.61
CA GLN B 28 11.16 1.34 10.52
C GLN B 28 9.81 0.93 9.89
N PRO B 29 9.40 1.41 8.69
CA PRO B 29 8.12 1.07 8.05
C PRO B 29 7.81 -0.44 7.91
N LYS B 30 6.50 -0.77 7.90
CA LYS B 30 5.81 -2.07 8.03
C LYS B 30 4.46 -1.96 8.72
N ARG B 31 3.41 -2.57 8.15
CA ARG B 31 3.03 -2.70 6.72
C ARG B 31 1.55 -2.35 6.51
N LEU B 32 1.13 -2.33 5.25
CA LEU B 32 -0.01 -1.58 4.74
C LEU B 32 -0.78 -2.41 3.70
N HIS B 33 -2.03 -2.75 3.97
CA HIS B 33 -2.94 -3.45 3.05
C HIS B 33 -3.63 -2.43 2.13
N VAL B 34 -3.77 -2.76 0.86
CA VAL B 34 -4.05 -1.79 -0.22
C VAL B 34 -5.08 -2.40 -1.17
N SER B 35 -6.37 -2.23 -0.87
CA SER B 35 -7.50 -2.91 -1.51
C SER B 35 -8.35 -2.00 -2.41
N ASN B 36 -9.22 -2.61 -3.23
CA ASN B 36 -9.98 -1.96 -4.31
C ASN B 36 -9.08 -1.10 -5.22
N ILE B 37 -7.89 -1.61 -5.51
CA ILE B 37 -7.05 -1.11 -6.61
C ILE B 37 -7.66 -1.61 -7.94
N PRO B 38 -7.41 -0.95 -9.08
CA PRO B 38 -7.81 -1.49 -10.39
C PRO B 38 -7.16 -2.85 -10.64
N PHE B 39 -7.81 -3.74 -11.38
CA PHE B 39 -7.06 -4.88 -11.94
C PHE B 39 -5.94 -4.43 -12.88
N ARG B 40 -5.00 -5.33 -13.18
CA ARG B 40 -3.71 -5.13 -13.87
C ARG B 40 -2.83 -3.96 -13.38
N PHE B 41 -3.22 -3.26 -12.31
CA PHE B 41 -2.40 -2.31 -11.55
C PHE B 41 -1.22 -3.03 -10.87
N ARG B 42 0.01 -2.70 -11.25
CA ARG B 42 1.23 -3.45 -10.96
C ARG B 42 1.80 -3.15 -9.56
N ASP B 43 2.63 -4.06 -9.08
CA ASP B 43 3.59 -3.89 -7.99
C ASP B 43 4.45 -2.60 -8.14
N PRO B 44 5.12 -2.37 -9.29
CA PRO B 44 5.79 -1.10 -9.59
C PRO B 44 4.86 0.12 -9.55
N ASP B 45 3.61 0.00 -10.00
CA ASP B 45 2.64 1.07 -9.91
C ASP B 45 2.35 1.45 -8.45
N LEU B 46 2.14 0.51 -7.51
CA LEU B 46 1.98 0.88 -6.12
C LEU B 46 3.22 1.53 -5.53
N ARG B 47 4.44 1.04 -5.78
CA ARG B 47 5.61 1.74 -5.21
C ARG B 47 5.78 3.16 -5.77
N GLN B 48 5.37 3.40 -7.01
CA GLN B 48 5.39 4.73 -7.64
C GLN B 48 4.25 5.66 -7.15
N MET B 49 3.06 5.11 -6.90
CA MET B 49 1.83 5.82 -6.52
C MET B 49 1.83 6.19 -5.04
N PHE B 50 2.21 5.25 -4.17
CA PHE B 50 2.74 5.61 -2.85
C PHE B 50 4.02 6.45 -2.99
N GLY B 51 4.80 6.24 -4.05
CA GLY B 51 6.08 6.91 -4.33
C GLY B 51 5.99 8.43 -4.48
N GLN B 52 4.81 8.98 -4.81
CA GLN B 52 4.55 10.43 -4.62
C GLN B 52 4.90 10.95 -3.21
N PHE B 53 4.63 10.15 -2.17
CA PHE B 53 5.01 10.43 -0.78
C PHE B 53 6.40 9.88 -0.41
N GLY B 54 6.80 8.77 -1.04
CA GLY B 54 8.19 8.29 -1.15
C GLY B 54 8.79 7.69 0.12
N LYS B 55 8.02 6.83 0.77
CA LYS B 55 8.31 6.22 2.09
C LYS B 55 8.19 4.69 2.09
N ILE B 56 8.12 4.09 0.90
CA ILE B 56 8.05 2.64 0.68
C ILE B 56 9.42 1.98 0.89
N LEU B 57 9.44 0.88 1.65
CA LEU B 57 10.60 -0.03 1.78
C LEU B 57 10.46 -1.24 0.83
N ASP B 58 9.25 -1.80 0.69
CA ASP B 58 8.90 -2.92 -0.22
C ASP B 58 7.40 -2.89 -0.59
N VAL B 59 7.03 -3.54 -1.69
CA VAL B 59 5.64 -3.76 -2.18
C VAL B 59 5.36 -5.23 -2.51
N GLU B 60 4.07 -5.53 -2.70
CA GLU B 60 3.50 -6.82 -3.04
C GLU B 60 2.11 -6.65 -3.70
N ILE B 61 1.68 -7.62 -4.52
CA ILE B 61 0.32 -7.76 -5.08
C ILE B 61 -0.19 -9.18 -4.84
N ILE B 62 -1.51 -9.37 -4.67
CA ILE B 62 -2.10 -10.65 -4.31
C ILE B 62 -2.49 -11.28 -5.65
N PHE B 63 -1.49 -11.67 -6.45
CA PHE B 63 -1.68 -12.03 -7.86
C PHE B 63 -2.47 -13.35 -8.03
N ASN B 64 -3.10 -13.54 -9.20
CA ASN B 64 -3.68 -14.82 -9.66
C ASN B 64 -3.56 -14.95 -11.19
N GLU B 65 -4.09 -16.02 -11.76
CA GLU B 65 -4.05 -16.33 -13.20
C GLU B 65 -4.67 -15.25 -14.11
N ARG B 66 -5.60 -14.43 -13.60
CA ARG B 66 -6.32 -13.40 -14.36
C ARG B 66 -5.71 -11.98 -14.25
N GLY B 67 -4.86 -11.71 -13.24
CA GLY B 67 -4.40 -10.36 -12.88
C GLY B 67 -4.23 -10.24 -11.37
N SER B 68 -4.35 -9.04 -10.81
CA SER B 68 -4.53 -8.87 -9.37
C SER B 68 -5.82 -9.57 -8.86
N LYS B 69 -5.85 -10.00 -7.59
CA LYS B 69 -7.07 -10.33 -6.84
C LYS B 69 -7.89 -9.09 -6.42
N GLY B 70 -7.33 -7.89 -6.63
CA GLY B 70 -7.96 -6.60 -6.35
C GLY B 70 -7.36 -5.86 -5.15
N PHE B 71 -6.30 -6.41 -4.55
CA PHE B 71 -5.48 -5.79 -3.52
C PHE B 71 -4.00 -6.15 -3.66
N GLY B 72 -3.20 -5.33 -3.00
CA GLY B 72 -1.78 -5.50 -2.75
C GLY B 72 -1.45 -5.11 -1.32
N PHE B 73 -0.16 -5.07 -1.03
CA PHE B 73 0.44 -4.85 0.27
C PHE B 73 1.73 -4.02 0.08
N VAL B 74 2.05 -3.12 1.00
CA VAL B 74 3.23 -2.23 0.92
C VAL B 74 3.79 -1.92 2.31
N THR B 75 5.05 -1.51 2.39
CA THR B 75 5.83 -1.51 3.64
C THR B 75 6.20 -0.09 4.02
N PHE B 76 5.31 0.54 4.82
CA PHE B 76 5.11 1.99 4.71
C PHE B 76 4.75 2.75 6.00
N GLU B 77 4.03 2.08 6.89
CA GLU B 77 2.85 2.60 7.61
C GLU B 77 3.15 3.40 8.89
N ASN B 78 4.42 3.47 9.30
CA ASN B 78 4.79 3.80 10.69
C ASN B 78 4.58 5.29 11.09
N SER B 79 5.21 6.22 10.36
CA SER B 79 5.29 7.66 10.74
C SER B 79 3.96 8.42 10.60
N ALA B 80 3.87 9.63 11.18
CA ALA B 80 2.73 10.54 10.99
C ALA B 80 2.54 10.95 9.53
N ASP B 81 3.63 11.25 8.80
CA ASP B 81 3.55 11.58 7.37
C ASP B 81 3.09 10.38 6.52
N ALA B 82 3.51 9.17 6.90
CA ALA B 82 3.01 7.92 6.30
C ALA B 82 1.52 7.68 6.59
N ASP B 83 1.05 7.92 7.82
CA ASP B 83 -0.38 7.89 8.17
C ASP B 83 -1.18 8.91 7.33
N ARG B 84 -0.76 10.18 7.33
CA ARG B 84 -1.31 11.27 6.49
C ARG B 84 -1.41 10.87 5.02
N ALA B 85 -0.31 10.33 4.48
CA ALA B 85 -0.24 9.78 3.13
C ALA B 85 -1.26 8.65 2.89
N ARG B 86 -1.30 7.60 3.72
CA ARG B 86 -2.39 6.60 3.77
C ARG B 86 -3.75 7.29 3.67
N GLU B 87 -4.07 8.20 4.58
CA GLU B 87 -5.39 8.83 4.68
C GLU B 87 -5.75 9.67 3.46
N LYS B 88 -4.74 10.15 2.72
CA LYS B 88 -4.89 10.72 1.39
C LYS B 88 -5.21 9.65 0.32
N LEU B 89 -4.41 8.59 0.15
CA LEU B 89 -4.58 7.58 -0.90
C LEU B 89 -5.75 6.61 -0.65
N HIS B 90 -6.20 6.50 0.60
CA HIS B 90 -7.43 5.85 1.08
C HIS B 90 -8.64 6.69 0.67
N GLY B 91 -8.83 6.82 -0.65
CA GLY B 91 -9.54 7.91 -1.32
C GLY B 91 -9.08 8.27 -2.75
N THR B 92 -7.98 7.67 -3.24
CA THR B 92 -7.40 7.94 -4.56
C THR B 92 -8.12 7.14 -5.65
N VAL B 93 -8.90 7.85 -6.48
CA VAL B 93 -9.49 7.37 -7.73
C VAL B 93 -8.43 7.38 -8.84
N VAL B 94 -7.89 6.21 -9.24
CA VAL B 94 -6.70 6.13 -10.11
C VAL B 94 -6.96 5.63 -11.55
N GLU B 95 -7.81 4.62 -11.76
CA GLU B 95 -8.29 4.18 -13.10
C GLU B 95 -9.83 4.10 -13.14
N GLY B 96 -10.52 5.04 -12.49
CA GLY B 96 -11.94 4.89 -12.13
C GLY B 96 -12.15 3.89 -10.99
N ARG B 97 -11.16 3.80 -10.08
CA ARG B 97 -11.13 2.92 -8.92
C ARG B 97 -10.57 3.63 -7.71
N LYS B 98 -11.32 3.60 -6.61
CA LYS B 98 -10.89 4.23 -5.37
C LYS B 98 -10.19 3.26 -4.42
N ILE B 99 -8.88 3.42 -4.26
CA ILE B 99 -8.08 2.60 -3.34
C ILE B 99 -8.55 2.79 -1.88
N GLU B 100 -8.77 1.69 -1.16
CA GLU B 100 -8.75 1.58 0.30
C GLU B 100 -7.31 1.29 0.78
N VAL B 101 -6.71 2.09 1.69
CA VAL B 101 -5.41 1.74 2.32
C VAL B 101 -5.51 1.49 3.83
N ASN B 102 -5.80 0.23 4.18
CA ASN B 102 -6.04 -0.18 5.56
C ASN B 102 -4.73 -0.54 6.26
N ASN B 103 -4.66 -0.23 7.56
CA ASN B 103 -3.57 -0.69 8.41
C ASN B 103 -3.55 -2.25 8.43
N ALA B 104 -2.38 -2.88 8.48
CA ALA B 104 -2.31 -4.34 8.34
C ALA B 104 -2.44 -5.13 9.65
N THR B 105 -3.37 -6.07 9.65
CA THR B 105 -3.30 -7.34 10.38
C THR B 105 -2.16 -8.18 9.80
N ALA B 106 -0.94 -8.06 10.33
CA ALA B 106 0.19 -8.77 9.72
C ALA B 106 0.13 -10.31 9.91
N ARG B 107 0.63 -11.05 8.92
CA ARG B 107 0.10 -12.40 8.62
C ARG B 107 0.46 -13.48 9.66
N VAL B 108 1.59 -13.32 10.36
CA VAL B 108 2.21 -14.36 11.21
C VAL B 108 2.44 -13.93 12.68
N MET B 109 2.39 -12.62 12.98
CA MET B 109 2.61 -12.03 14.30
C MET B 109 1.74 -10.78 14.53
N ASN B 22 17.99 1.38 2.70
CA ASN B 22 18.90 2.34 3.38
C ASN B 22 19.50 1.69 4.65
N THR B 23 18.83 1.77 5.80
CA THR B 23 19.28 1.23 7.10
C THR B 23 18.35 0.13 7.59
N GLU B 24 18.41 -1.06 6.97
CA GLU B 24 17.48 -2.19 7.18
C GLU B 24 17.35 -2.63 8.65
N ASN B 25 18.43 -2.54 9.42
CA ASN B 25 18.47 -2.82 10.87
C ASN B 25 17.62 -1.84 11.73
N LYS B 26 17.24 -0.67 11.16
CA LYS B 26 16.56 0.45 11.82
C LYS B 26 15.19 0.80 11.21
N SER B 27 14.93 0.41 9.95
CA SER B 27 13.72 0.72 9.16
C SER B 27 12.40 0.52 9.92
N GLN B 28 11.80 1.62 10.39
CA GLN B 28 10.51 1.64 11.09
C GLN B 28 9.27 1.33 10.22
N PRO B 29 9.19 1.69 8.92
CA PRO B 29 8.10 1.30 8.02
C PRO B 29 7.80 -0.21 7.99
N LYS B 30 6.49 -0.54 7.92
CA LYS B 30 5.74 -1.82 7.97
C LYS B 30 4.41 -1.68 8.68
N ARG B 31 3.33 -2.25 8.15
CA ARG B 31 2.98 -2.71 6.77
C ARG B 31 1.50 -2.48 6.49
N LEU B 32 1.15 -2.37 5.21
CA LEU B 32 0.02 -1.58 4.72
C LEU B 32 -0.77 -2.36 3.64
N HIS B 33 -2.04 -2.66 3.87
CA HIS B 33 -2.94 -3.41 2.99
C HIS B 33 -3.74 -2.44 2.10
N VAL B 34 -3.75 -2.69 0.79
CA VAL B 34 -4.05 -1.70 -0.26
C VAL B 34 -5.05 -2.30 -1.25
N SER B 35 -6.34 -2.11 -0.96
CA SER B 35 -7.49 -2.79 -1.56
C SER B 35 -8.28 -1.96 -2.58
N ASN B 36 -9.20 -2.63 -3.27
CA ASN B 36 -10.14 -2.09 -4.25
C ASN B 36 -9.45 -1.49 -5.49
N ILE B 37 -8.18 -1.87 -5.72
CA ILE B 37 -7.35 -1.33 -6.80
C ILE B 37 -7.85 -1.84 -8.17
N PRO B 38 -7.74 -1.06 -9.25
CA PRO B 38 -8.08 -1.52 -10.60
C PRO B 38 -7.07 -2.58 -11.07
N PHE B 39 -7.57 -3.77 -11.41
CA PHE B 39 -6.83 -5.04 -11.46
C PHE B 39 -5.52 -5.10 -12.27
N ARG B 40 -5.33 -4.21 -13.25
CA ARG B 40 -4.12 -4.10 -14.10
C ARG B 40 -2.89 -3.59 -13.33
N PHE B 41 -3.08 -3.11 -12.10
CA PHE B 41 -2.04 -2.71 -11.15
C PHE B 41 -0.93 -3.75 -10.95
N ARG B 42 0.26 -3.26 -10.60
CA ARG B 42 1.47 -4.03 -10.31
C ARG B 42 2.19 -3.49 -9.07
N ASP B 43 3.15 -4.29 -8.62
CA ASP B 43 4.12 -3.96 -7.58
C ASP B 43 4.71 -2.53 -7.76
N PRO B 44 5.44 -2.23 -8.85
CA PRO B 44 6.07 -0.92 -9.01
C PRO B 44 5.04 0.18 -9.32
N ASP B 45 3.83 -0.19 -9.78
CA ASP B 45 2.71 0.76 -9.89
C ASP B 45 2.32 1.29 -8.51
N LEU B 46 2.18 0.43 -7.48
CA LEU B 46 1.95 0.91 -6.13
C LEU B 46 3.16 1.63 -5.55
N ARG B 47 4.39 1.16 -5.82
CA ARG B 47 5.59 1.84 -5.33
C ARG B 47 5.75 3.26 -5.92
N GLN B 48 5.25 3.51 -7.13
CA GLN B 48 5.19 4.82 -7.77
C GLN B 48 4.01 5.70 -7.30
N MET B 49 2.86 5.07 -7.03
CA MET B 49 1.63 5.74 -6.63
C MET B 49 1.68 6.16 -5.16
N PHE B 50 2.11 5.27 -4.27
CA PHE B 50 2.69 5.67 -2.98
C PHE B 50 3.98 6.48 -3.18
N GLY B 51 4.71 6.27 -4.27
CA GLY B 51 5.92 7.02 -4.65
C GLY B 51 5.74 8.54 -4.78
N GLN B 52 4.51 9.03 -5.02
CA GLN B 52 4.18 10.46 -4.82
C GLN B 52 4.62 11.01 -3.46
N PHE B 53 4.48 10.20 -2.40
CA PHE B 53 4.99 10.47 -1.06
C PHE B 53 6.43 9.95 -0.88
N GLY B 54 6.73 8.78 -1.42
CA GLY B 54 8.10 8.28 -1.65
C GLY B 54 8.84 7.77 -0.42
N LYS B 55 8.13 6.99 0.40
CA LYS B 55 8.58 6.46 1.70
C LYS B 55 8.45 4.92 1.81
N ILE B 56 8.29 4.27 0.66
CA ILE B 56 8.13 2.82 0.49
C ILE B 56 9.48 2.07 0.59
N LEU B 57 9.54 1.09 1.49
CA LEU B 57 10.64 0.12 1.56
C LEU B 57 10.43 -1.03 0.56
N ASP B 58 9.24 -1.64 0.56
CA ASP B 58 8.88 -2.79 -0.29
C ASP B 58 7.38 -2.80 -0.67
N VAL B 59 7.02 -3.60 -1.68
CA VAL B 59 5.65 -3.84 -2.18
C VAL B 59 5.42 -5.30 -2.56
N GLU B 60 4.14 -5.68 -2.69
CA GLU B 60 3.69 -7.06 -2.70
C GLU B 60 2.20 -7.18 -3.14
N ILE B 61 1.91 -7.19 -4.45
CA ILE B 61 0.59 -7.49 -5.03
C ILE B 61 0.17 -8.93 -4.77
N ILE B 62 -1.13 -9.18 -4.59
CA ILE B 62 -1.66 -10.49 -4.25
C ILE B 62 -2.14 -11.07 -5.59
N PHE B 63 -1.19 -11.50 -6.43
CA PHE B 63 -1.49 -11.87 -7.82
C PHE B 63 -2.26 -13.20 -7.92
N ASN B 64 -3.04 -13.40 -9.00
CA ASN B 64 -3.69 -14.65 -9.39
C ASN B 64 -3.60 -14.85 -10.93
N GLU B 65 -4.11 -15.97 -11.45
CA GLU B 65 -4.10 -16.35 -12.87
C GLU B 65 -4.68 -15.24 -13.80
N ARG B 66 -5.69 -14.52 -13.33
CA ARG B 66 -6.41 -13.46 -14.08
C ARG B 66 -5.76 -12.06 -14.00
N GLY B 67 -4.91 -11.79 -13.00
CA GLY B 67 -4.48 -10.43 -12.61
C GLY B 67 -4.44 -10.30 -11.09
N SER B 68 -4.46 -9.10 -10.53
CA SER B 68 -4.54 -8.91 -9.07
C SER B 68 -5.80 -9.60 -8.48
N LYS B 69 -5.72 -10.05 -7.22
CA LYS B 69 -6.88 -10.39 -6.36
C LYS B 69 -7.73 -9.17 -5.97
N GLY B 70 -7.30 -7.97 -6.34
CA GLY B 70 -7.92 -6.68 -6.06
C GLY B 70 -7.25 -5.90 -4.92
N PHE B 71 -6.17 -6.45 -4.37
CA PHE B 71 -5.30 -5.80 -3.40
C PHE B 71 -3.82 -6.12 -3.62
N GLY B 72 -3.00 -5.22 -3.08
CA GLY B 72 -1.60 -5.43 -2.78
C GLY B 72 -1.30 -5.03 -1.34
N PHE B 73 -0.04 -5.21 -0.96
CA PHE B 73 0.58 -4.86 0.29
C PHE B 73 1.80 -3.97 -0.01
N VAL B 74 2.11 -3.04 0.89
CA VAL B 74 3.27 -2.12 0.80
C VAL B 74 3.82 -1.83 2.20
N THR B 75 5.08 -1.39 2.29
CA THR B 75 5.84 -1.38 3.55
C THR B 75 6.22 0.04 3.92
N PHE B 76 5.40 0.65 4.79
CA PHE B 76 5.13 2.08 4.68
C PHE B 76 4.83 2.85 5.98
N GLU B 77 3.81 2.40 6.67
CA GLU B 77 2.81 3.20 7.46
C GLU B 77 3.38 4.08 8.59
N ASN B 78 4.58 3.78 9.08
CA ASN B 78 4.82 3.84 10.52
C ASN B 78 5.06 5.25 11.10
N SER B 79 5.47 6.22 10.28
CA SER B 79 5.57 7.65 10.65
C SER B 79 4.22 8.38 10.55
N ALA B 80 4.06 9.52 11.23
CA ALA B 80 2.85 10.35 11.09
C ALA B 80 2.59 10.82 9.65
N ASP B 81 3.65 11.21 8.93
CA ASP B 81 3.55 11.60 7.52
C ASP B 81 3.17 10.43 6.60
N ALA B 82 3.61 9.21 6.91
CA ALA B 82 3.22 7.99 6.21
C ALA B 82 1.77 7.56 6.54
N ASP B 83 1.30 7.74 7.78
CA ASP B 83 -0.11 7.60 8.15
C ASP B 83 -0.98 8.60 7.37
N ARG B 84 -0.64 9.89 7.42
CA ARG B 84 -1.28 10.98 6.65
C ARG B 84 -1.34 10.67 5.15
N ALA B 85 -0.24 10.18 4.60
CA ALA B 85 -0.17 9.67 3.22
C ALA B 85 -1.17 8.53 2.93
N ARG B 86 -1.21 7.45 3.74
CA ARG B 86 -2.30 6.46 3.78
C ARG B 86 -3.66 7.15 3.71
N GLU B 87 -3.96 8.05 4.64
CA GLU B 87 -5.26 8.70 4.77
C GLU B 87 -5.62 9.56 3.55
N LYS B 88 -4.62 10.03 2.78
CA LYS B 88 -4.80 10.65 1.46
C LYS B 88 -5.12 9.61 0.36
N LEU B 89 -4.35 8.54 0.19
CA LEU B 89 -4.56 7.54 -0.87
C LEU B 89 -5.77 6.63 -0.62
N HIS B 90 -6.18 6.50 0.64
CA HIS B 90 -7.43 5.89 1.10
C HIS B 90 -8.62 6.78 0.74
N GLY B 91 -9.03 6.72 -0.52
CA GLY B 91 -9.93 7.68 -1.18
C GLY B 91 -9.42 8.24 -2.53
N THR B 92 -8.28 7.76 -3.05
CA THR B 92 -7.68 8.21 -4.32
C THR B 92 -8.26 7.43 -5.49
N VAL B 93 -9.08 8.10 -6.30
CA VAL B 93 -9.56 7.61 -7.62
C VAL B 93 -8.41 7.68 -8.64
N VAL B 94 -8.03 6.55 -9.24
CA VAL B 94 -6.78 6.41 -10.04
C VAL B 94 -6.99 5.95 -11.50
N GLU B 95 -7.83 4.94 -11.76
CA GLU B 95 -8.23 4.50 -13.11
C GLU B 95 -9.77 4.47 -13.29
N GLY B 96 -10.47 5.43 -12.65
CA GLY B 96 -11.92 5.31 -12.40
C GLY B 96 -12.23 4.26 -11.33
N ARG B 97 -11.31 4.09 -10.37
CA ARG B 97 -11.39 3.19 -9.22
C ARG B 97 -10.74 3.85 -8.02
N LYS B 98 -11.30 3.63 -6.84
CA LYS B 98 -10.85 4.29 -5.61
C LYS B 98 -10.11 3.32 -4.66
N ILE B 99 -8.81 3.53 -4.48
CA ILE B 99 -8.01 2.72 -3.55
C ILE B 99 -8.51 2.89 -2.10
N GLU B 100 -8.51 1.80 -1.33
CA GLU B 100 -8.72 1.74 0.10
C GLU B 100 -7.44 1.24 0.81
N VAL B 101 -6.76 2.06 1.63
CA VAL B 101 -5.49 1.66 2.30
C VAL B 101 -5.66 1.45 3.80
N ASN B 102 -6.06 0.24 4.17
CA ASN B 102 -6.22 -0.14 5.57
C ASN B 102 -4.87 -0.48 6.19
N ASN B 103 -4.77 -0.30 7.51
CA ASN B 103 -3.69 -0.91 8.27
C ASN B 103 -3.75 -2.44 8.14
N ALA B 104 -2.65 -3.13 8.40
CA ALA B 104 -2.62 -4.58 8.26
C ALA B 104 -3.04 -5.38 9.50
N THR B 105 -3.30 -6.65 9.26
CA THR B 105 -3.54 -7.76 10.20
C THR B 105 -2.62 -8.93 9.83
N ALA B 106 -2.45 -9.92 10.72
CA ALA B 106 -1.65 -11.13 10.45
C ALA B 106 -0.20 -10.79 9.95
N ARG B 107 0.45 -11.45 8.98
CA ARG B 107 0.16 -12.66 8.17
C ARG B 107 0.29 -13.95 9.01
N VAL B 108 -0.37 -15.02 8.55
CA VAL B 108 -0.22 -16.40 9.05
C VAL B 108 1.21 -16.92 8.79
N MET B 109 1.69 -17.87 9.61
CA MET B 109 3.01 -18.53 9.54
C MET B 109 2.89 -20.06 9.48
N ASN B 22 6.73 14.79 27.45
CA ASN B 22 7.35 14.46 26.13
C ASN B 22 6.57 13.34 25.45
N THR B 23 6.29 13.49 24.15
CA THR B 23 5.65 12.46 23.31
C THR B 23 6.58 11.27 23.01
N GLU B 24 6.01 10.16 22.54
CA GLU B 24 6.73 8.98 22.04
C GLU B 24 7.40 9.22 20.66
N ASN B 25 8.14 8.23 20.16
CA ASN B 25 8.83 8.24 18.87
C ASN B 25 8.40 7.05 17.97
N LYS B 26 8.87 7.00 16.73
CA LYS B 26 8.53 6.01 15.68
C LYS B 26 9.64 4.98 15.45
N SER B 27 9.38 4.01 14.58
CA SER B 27 10.29 2.92 14.20
C SER B 27 10.36 2.75 12.67
N GLN B 28 11.08 1.74 12.19
CA GLN B 28 11.18 1.34 10.78
C GLN B 28 9.76 1.08 10.20
N PRO B 29 9.43 1.56 8.98
CA PRO B 29 8.15 1.27 8.31
C PRO B 29 7.77 -0.22 8.27
N LYS B 30 6.46 -0.46 8.27
CA LYS B 30 5.76 -1.74 8.32
C LYS B 30 4.33 -1.52 7.79
N ARG B 31 3.55 -2.58 7.65
CA ARG B 31 2.90 -2.78 6.36
C ARG B 31 1.37 -2.68 6.33
N LEU B 32 0.89 -2.55 5.10
CA LEU B 32 -0.24 -1.72 4.69
C LEU B 32 -1.01 -2.48 3.59
N HIS B 33 -2.23 -2.92 3.88
CA HIS B 33 -3.10 -3.68 2.97
C HIS B 33 -3.88 -2.69 2.12
N VAL B 34 -3.79 -2.85 0.80
CA VAL B 34 -4.10 -1.82 -0.20
C VAL B 34 -5.08 -2.42 -1.20
N SER B 35 -6.38 -2.20 -0.97
CA SER B 35 -7.48 -2.99 -1.52
C SER B 35 -8.47 -2.17 -2.35
N ASN B 36 -9.37 -2.87 -3.07
CA ASN B 36 -10.27 -2.29 -4.09
C ASN B 36 -9.51 -1.53 -5.18
N ILE B 37 -8.25 -1.89 -5.44
CA ILE B 37 -7.43 -1.33 -6.53
C ILE B 37 -7.95 -1.81 -7.89
N PRO B 38 -7.62 -1.14 -9.01
CA PRO B 38 -7.91 -1.65 -10.36
C PRO B 38 -7.28 -3.05 -10.58
N PHE B 39 -7.98 -4.00 -11.20
CA PHE B 39 -7.39 -5.33 -11.46
C PHE B 39 -6.14 -5.33 -12.35
N ARG B 40 -5.95 -4.27 -13.16
CA ARG B 40 -4.81 -4.05 -14.07
C ARG B 40 -3.61 -3.37 -13.36
N PHE B 41 -3.78 -2.97 -12.09
CA PHE B 41 -2.74 -2.34 -11.27
C PHE B 41 -1.63 -3.34 -10.89
N ARG B 42 -0.46 -2.81 -10.48
CA ARG B 42 0.81 -3.55 -10.42
C ARG B 42 1.64 -3.19 -9.18
N ASP B 43 2.62 -4.03 -8.87
CA ASP B 43 3.69 -3.80 -7.90
C ASP B 43 4.48 -2.49 -8.18
N PRO B 44 5.02 -2.27 -9.40
CA PRO B 44 5.73 -1.01 -9.72
C PRO B 44 4.80 0.20 -9.67
N ASP B 45 3.53 0.03 -10.04
CA ASP B 45 2.52 1.07 -9.89
C ASP B 45 2.30 1.45 -8.42
N LEU B 46 2.11 0.53 -7.46
CA LEU B 46 1.99 0.91 -6.07
C LEU B 46 3.26 1.54 -5.50
N ARG B 47 4.46 1.01 -5.79
CA ARG B 47 5.69 1.63 -5.24
C ARG B 47 5.91 3.04 -5.77
N GLN B 48 5.50 3.32 -7.00
CA GLN B 48 5.54 4.67 -7.59
C GLN B 48 4.38 5.59 -7.11
N MET B 49 3.20 5.04 -6.86
CA MET B 49 1.99 5.78 -6.51
C MET B 49 1.96 6.14 -5.03
N PHE B 50 2.25 5.19 -4.14
CA PHE B 50 2.77 5.51 -2.81
C PHE B 50 4.09 6.30 -2.93
N GLY B 51 4.89 6.05 -3.97
CA GLY B 51 6.14 6.77 -4.31
C GLY B 51 6.03 8.29 -4.47
N GLN B 52 4.83 8.83 -4.77
CA GLN B 52 4.55 10.27 -4.61
C GLN B 52 4.96 10.82 -3.22
N PHE B 53 4.77 10.01 -2.18
CA PHE B 53 5.18 10.29 -0.80
C PHE B 53 6.55 9.69 -0.46
N GLY B 54 6.85 8.49 -0.98
CA GLY B 54 8.21 7.93 -1.08
C GLY B 54 8.83 7.30 0.17
N LYS B 55 8.02 7.11 1.20
CA LYS B 55 8.33 6.44 2.49
C LYS B 55 8.59 4.92 2.37
N ILE B 56 8.09 4.30 1.30
CA ILE B 56 8.08 2.85 1.02
C ILE B 56 9.44 2.17 1.21
N LEU B 57 9.45 1.06 1.97
CA LEU B 57 10.56 0.10 2.06
C LEU B 57 10.42 -1.03 1.03
N ASP B 58 9.23 -1.64 0.93
CA ASP B 58 8.91 -2.77 0.04
C ASP B 58 7.44 -2.76 -0.41
N VAL B 59 7.11 -3.50 -1.49
CA VAL B 59 5.75 -3.71 -2.02
C VAL B 59 5.48 -5.16 -2.45
N GLU B 60 4.21 -5.43 -2.71
CA GLU B 60 3.61 -6.71 -3.06
C GLU B 60 2.24 -6.49 -3.73
N ILE B 61 1.83 -7.38 -4.63
CA ILE B 61 0.46 -7.50 -5.17
C ILE B 61 0.00 -8.95 -4.99
N ILE B 62 -1.28 -9.20 -4.73
CA ILE B 62 -1.78 -10.55 -4.47
C ILE B 62 -2.20 -11.06 -5.84
N PHE B 63 -1.22 -11.43 -6.68
CA PHE B 63 -1.46 -11.71 -8.10
C PHE B 63 -2.15 -13.07 -8.29
N ASN B 64 -2.90 -13.23 -9.37
CA ASN B 64 -3.42 -14.50 -9.90
C ASN B 64 -3.17 -14.54 -11.42
N GLU B 65 -3.41 -15.68 -12.08
CA GLU B 65 -3.27 -15.85 -13.53
C GLU B 65 -4.16 -14.86 -14.34
N ARG B 66 -5.27 -14.40 -13.74
CA ARG B 66 -6.23 -13.44 -14.32
C ARG B 66 -5.76 -11.97 -14.26
N GLY B 67 -4.86 -11.61 -13.35
CA GLY B 67 -4.59 -10.23 -12.92
C GLY B 67 -4.52 -10.14 -11.39
N SER B 68 -4.62 -8.95 -10.81
CA SER B 68 -4.70 -8.81 -9.34
C SER B 68 -5.89 -9.59 -8.75
N LYS B 69 -5.79 -10.05 -7.49
CA LYS B 69 -6.93 -10.45 -6.63
C LYS B 69 -7.77 -9.27 -6.12
N GLY B 70 -7.37 -8.05 -6.47
CA GLY B 70 -8.05 -6.79 -6.16
C GLY B 70 -7.41 -6.01 -5.02
N PHE B 71 -6.26 -6.48 -4.53
CA PHE B 71 -5.45 -5.85 -3.51
C PHE B 71 -3.95 -6.17 -3.64
N GLY B 72 -3.16 -5.34 -2.98
CA GLY B 72 -1.73 -5.47 -2.75
C GLY B 72 -1.39 -5.09 -1.30
N PHE B 73 -0.10 -5.00 -1.05
CA PHE B 73 0.55 -4.87 0.24
C PHE B 73 1.81 -3.99 0.08
N VAL B 74 2.06 -3.06 1.00
CA VAL B 74 3.20 -2.13 0.94
C VAL B 74 3.72 -1.77 2.33
N THR B 75 4.98 -1.36 2.46
CA THR B 75 5.71 -1.34 3.76
C THR B 75 6.08 0.10 4.11
N PHE B 76 5.28 0.72 4.99
CA PHE B 76 4.97 2.14 4.81
C PHE B 76 4.72 2.98 6.06
N GLU B 77 3.88 2.45 6.93
CA GLU B 77 2.82 3.17 7.66
C GLU B 77 3.29 4.20 8.71
N ASN B 78 4.54 4.10 9.16
CA ASN B 78 4.85 4.42 10.55
C ASN B 78 4.96 5.92 10.87
N SER B 79 5.56 6.72 9.99
CA SER B 79 5.79 8.16 10.17
C SER B 79 4.50 9.01 10.12
N ALA B 80 4.55 10.27 10.57
CA ALA B 80 3.46 11.23 10.38
C ALA B 80 3.14 11.46 8.89
N ASP B 81 4.17 11.65 8.05
CA ASP B 81 4.00 11.80 6.60
C ASP B 81 3.46 10.53 5.92
N ALA B 82 3.71 9.34 6.50
CA ALA B 82 3.08 8.09 6.06
C ALA B 82 1.60 8.00 6.47
N ASP B 83 1.21 8.41 7.67
CA ASP B 83 -0.20 8.53 8.07
C ASP B 83 -0.96 9.53 7.19
N ARG B 84 -0.42 10.74 7.03
CA ARG B 84 -0.86 11.78 6.07
C ARG B 84 -1.09 11.19 4.67
N ALA B 85 -0.09 10.47 4.15
CA ALA B 85 -0.17 9.79 2.86
C ALA B 85 -1.28 8.73 2.77
N ARG B 86 -1.33 7.75 3.69
CA ARG B 86 -2.41 6.75 3.80
C ARG B 86 -3.78 7.43 3.79
N GLU B 87 -3.97 8.46 4.59
CA GLU B 87 -5.20 9.26 4.66
C GLU B 87 -5.55 9.96 3.35
N LYS B 88 -4.56 10.40 2.56
CA LYS B 88 -4.75 10.88 1.20
C LYS B 88 -5.19 9.74 0.25
N LEU B 89 -4.46 8.62 0.19
CA LEU B 89 -4.65 7.53 -0.77
C LEU B 89 -5.87 6.64 -0.46
N HIS B 90 -6.34 6.64 0.79
CA HIS B 90 -7.56 5.98 1.26
C HIS B 90 -8.78 6.83 0.88
N GLY B 91 -9.16 6.73 -0.40
CA GLY B 91 -9.92 7.76 -1.12
C GLY B 91 -9.34 8.19 -2.48
N THR B 92 -8.19 7.64 -2.91
CA THR B 92 -7.58 7.94 -4.22
C THR B 92 -8.24 7.10 -5.29
N VAL B 93 -8.98 7.77 -6.18
CA VAL B 93 -9.40 7.22 -7.48
C VAL B 93 -8.20 7.20 -8.42
N VAL B 94 -7.70 6.02 -8.78
CA VAL B 94 -6.65 5.80 -9.78
C VAL B 94 -7.15 4.82 -10.85
N GLU B 95 -6.74 5.00 -12.10
CA GLU B 95 -7.34 4.40 -13.32
C GLU B 95 -8.84 4.77 -13.49
N GLY B 96 -9.68 4.23 -12.61
CA GLY B 96 -11.12 4.48 -12.45
C GLY B 96 -11.67 3.82 -11.19
N ARG B 97 -10.87 3.74 -10.11
CA ARG B 97 -11.10 2.90 -8.94
C ARG B 97 -10.52 3.51 -7.68
N LYS B 98 -11.27 3.44 -6.59
CA LYS B 98 -10.86 4.00 -5.30
C LYS B 98 -10.20 2.99 -4.35
N ILE B 99 -8.93 3.25 -3.99
CA ILE B 99 -8.20 2.42 -3.01
C ILE B 99 -8.76 2.57 -1.58
N GLU B 100 -9.00 1.44 -0.92
CA GLU B 100 -9.05 1.29 0.55
C GLU B 100 -7.64 0.99 1.11
N VAL B 101 -7.06 1.83 1.98
CA VAL B 101 -5.77 1.54 2.66
C VAL B 101 -5.97 1.10 4.13
N ASN B 102 -6.12 -0.20 4.35
CA ASN B 102 -6.26 -0.79 5.68
C ASN B 102 -4.89 -1.05 6.33
N ASN B 103 -4.81 -1.01 7.66
CA ASN B 103 -3.60 -1.50 8.34
C ASN B 103 -3.51 -3.03 8.14
N ALA B 104 -2.30 -3.61 8.21
CA ALA B 104 -2.18 -5.05 8.07
C ALA B 104 -2.31 -5.81 9.39
N THR B 105 -3.49 -6.40 9.54
CA THR B 105 -3.71 -7.78 10.00
C THR B 105 -2.62 -8.73 9.45
N ALA B 106 -1.48 -8.86 10.13
CA ALA B 106 -0.38 -9.68 9.58
C ALA B 106 -0.70 -11.18 9.65
N ARG B 107 -0.36 -11.94 8.59
CA ARG B 107 -1.08 -13.20 8.35
C ARG B 107 -0.73 -14.36 9.30
N VAL B 108 0.41 -14.24 10.00
CA VAL B 108 0.91 -15.11 11.07
C VAL B 108 1.51 -14.29 12.22
N MET B 109 1.72 -14.93 13.38
CA MET B 109 2.28 -14.35 14.63
C MET B 109 3.11 -15.36 15.43
N ASN B 22 13.38 -10.45 16.92
CA ASN B 22 12.62 -9.71 15.87
C ASN B 22 13.57 -8.82 15.07
N THR B 23 13.71 -9.06 13.76
CA THR B 23 14.67 -8.38 12.86
C THR B 23 14.22 -6.99 12.36
N GLU B 24 12.95 -6.62 12.53
CA GLU B 24 12.40 -5.29 12.19
C GLU B 24 12.20 -4.36 13.41
N ASN B 25 12.74 -4.74 14.57
CA ASN B 25 12.89 -3.92 15.78
C ASN B 25 13.58 -2.58 15.47
N LYS B 26 13.01 -1.46 15.96
CA LYS B 26 13.42 -0.05 15.74
C LYS B 26 13.47 0.44 14.27
N SER B 27 13.36 -0.44 13.27
CA SER B 27 13.13 -0.11 11.85
C SER B 27 11.71 0.42 11.67
N GLN B 28 11.57 1.74 11.47
CA GLN B 28 10.28 2.44 11.51
C GLN B 28 9.24 1.91 10.49
N PRO B 29 9.36 2.08 9.16
CA PRO B 29 8.39 1.56 8.17
C PRO B 29 8.03 0.07 8.35
N LYS B 30 6.72 -0.20 8.33
CA LYS B 30 6.02 -1.48 8.42
C LYS B 30 4.56 -1.27 8.00
N ARG B 31 3.77 -2.34 7.91
CA ARG B 31 3.10 -2.62 6.64
C ARG B 31 1.57 -2.58 6.62
N LEU B 32 1.05 -2.56 5.40
CA LEU B 32 -0.11 -1.79 4.96
C LEU B 32 -0.83 -2.55 3.84
N HIS B 33 -2.09 -2.94 4.05
CA HIS B 33 -2.95 -3.62 3.07
C HIS B 33 -3.63 -2.58 2.18
N VAL B 34 -3.80 -2.88 0.89
CA VAL B 34 -4.08 -1.90 -0.16
C VAL B 34 -5.19 -2.44 -1.06
N SER B 35 -6.45 -2.25 -0.64
CA SER B 35 -7.62 -2.90 -1.24
C SER B 35 -8.32 -2.06 -2.31
N ASN B 36 -9.23 -2.68 -3.07
CA ASN B 36 -10.11 -2.05 -4.06
C ASN B 36 -9.36 -1.22 -5.11
N ILE B 37 -8.11 -1.61 -5.38
CA ILE B 37 -7.32 -1.12 -6.51
C ILE B 37 -7.94 -1.68 -7.81
N PRO B 38 -7.67 -1.10 -9.00
CA PRO B 38 -8.13 -1.68 -10.26
C PRO B 38 -7.60 -3.11 -10.49
N PHE B 39 -8.28 -3.92 -11.30
CA PHE B 39 -7.59 -5.00 -11.98
C PHE B 39 -6.58 -4.47 -13.03
N ARG B 40 -5.72 -5.36 -13.57
CA ARG B 40 -4.50 -5.08 -14.37
C ARG B 40 -3.39 -4.29 -13.64
N PHE B 41 -3.71 -3.69 -12.49
CA PHE B 41 -2.82 -2.88 -11.66
C PHE B 41 -1.66 -3.68 -11.04
N ARG B 42 -0.56 -3.00 -10.68
CA ARG B 42 0.76 -3.63 -10.48
C ARG B 42 1.56 -3.08 -9.30
N ASP B 43 2.52 -3.90 -8.89
CA ASP B 43 3.57 -3.64 -7.89
C ASP B 43 4.34 -2.32 -8.13
N PRO B 44 4.93 -2.08 -9.34
CA PRO B 44 5.64 -0.83 -9.62
C PRO B 44 4.69 0.37 -9.63
N ASP B 45 3.43 0.17 -10.02
CA ASP B 45 2.41 1.21 -10.01
C ASP B 45 2.12 1.67 -8.57
N LEU B 46 1.95 0.76 -7.59
CA LEU B 46 1.87 1.17 -6.20
C LEU B 46 3.14 1.82 -5.68
N ARG B 47 4.34 1.26 -5.92
CA ARG B 47 5.57 1.84 -5.34
C ARG B 47 5.89 3.23 -5.89
N GLN B 48 5.39 3.55 -7.08
CA GLN B 48 5.41 4.89 -7.66
C GLN B 48 4.34 5.83 -7.03
N MET B 49 3.08 5.40 -6.96
CA MET B 49 1.99 6.14 -6.32
C MET B 49 2.27 6.42 -4.84
N PHE B 50 2.55 5.40 -4.05
CA PHE B 50 3.06 5.55 -2.69
C PHE B 50 4.39 6.33 -2.69
N GLY B 51 5.24 6.10 -3.70
CA GLY B 51 6.49 6.83 -4.00
C GLY B 51 6.40 8.35 -4.10
N GLN B 52 5.22 8.93 -4.40
CA GLN B 52 5.00 10.38 -4.18
C GLN B 52 5.33 10.83 -2.75
N PHE B 53 5.05 9.95 -1.78
CA PHE B 53 5.35 10.15 -0.36
C PHE B 53 6.71 9.53 0.04
N GLY B 54 7.11 8.43 -0.63
CA GLY B 54 8.50 7.94 -0.72
C GLY B 54 9.08 7.22 0.50
N LYS B 55 8.25 6.97 1.51
CA LYS B 55 8.52 6.26 2.76
C LYS B 55 8.76 4.75 2.61
N ILE B 56 8.25 4.18 1.52
CA ILE B 56 8.23 2.74 1.20
C ILE B 56 9.59 2.03 1.37
N LEU B 57 9.57 0.87 2.04
CA LEU B 57 10.65 -0.13 2.05
C LEU B 57 10.43 -1.24 1.00
N ASP B 58 9.20 -1.77 0.92
CA ASP B 58 8.78 -2.83 -0.01
C ASP B 58 7.31 -2.69 -0.44
N VAL B 59 6.93 -3.36 -1.54
CA VAL B 59 5.55 -3.53 -2.05
C VAL B 59 5.27 -4.98 -2.45
N GLU B 60 3.99 -5.24 -2.73
CA GLU B 60 3.42 -6.53 -3.09
C GLU B 60 2.07 -6.33 -3.82
N ILE B 61 1.71 -7.27 -4.71
CA ILE B 61 0.35 -7.46 -5.26
C ILE B 61 -0.04 -8.92 -5.08
N ILE B 62 -1.32 -9.21 -4.82
CA ILE B 62 -1.71 -10.59 -4.52
C ILE B 62 -2.14 -11.21 -5.85
N PHE B 63 -1.18 -11.38 -6.76
CA PHE B 63 -1.46 -11.77 -8.16
C PHE B 63 -2.17 -13.15 -8.25
N ASN B 64 -2.87 -13.42 -9.35
CA ASN B 64 -3.39 -14.73 -9.74
C ASN B 64 -3.38 -14.91 -11.27
N GLU B 65 -3.84 -16.07 -11.75
CA GLU B 65 -3.87 -16.41 -13.19
C GLU B 65 -4.71 -15.44 -14.06
N ARG B 66 -5.66 -14.71 -13.47
CA ARG B 66 -6.47 -13.67 -14.14
C ARG B 66 -5.88 -12.25 -14.05
N GLY B 67 -4.86 -11.98 -13.23
CA GLY B 67 -4.26 -10.65 -13.01
C GLY B 67 -4.15 -10.29 -11.52
N SER B 68 -4.29 -9.00 -11.19
CA SER B 68 -4.57 -8.57 -9.81
C SER B 68 -5.80 -9.29 -9.21
N LYS B 69 -5.74 -9.69 -7.94
CA LYS B 69 -6.92 -10.09 -7.13
C LYS B 69 -7.71 -8.90 -6.56
N GLY B 70 -7.27 -7.67 -6.85
CA GLY B 70 -7.93 -6.43 -6.44
C GLY B 70 -7.34 -5.78 -5.19
N PHE B 71 -6.30 -6.39 -4.61
CA PHE B 71 -5.49 -5.81 -3.54
C PHE B 71 -4.00 -6.17 -3.67
N GLY B 72 -3.21 -5.33 -3.00
CA GLY B 72 -1.79 -5.50 -2.75
C GLY B 72 -1.45 -5.11 -1.32
N PHE B 73 -0.16 -4.99 -1.05
CA PHE B 73 0.45 -4.71 0.25
C PHE B 73 1.67 -3.79 0.05
N VAL B 74 2.02 -2.96 1.04
CA VAL B 74 3.18 -2.04 1.01
C VAL B 74 3.72 -1.77 2.41
N THR B 75 4.97 -1.30 2.55
CA THR B 75 5.72 -1.32 3.84
C THR B 75 6.16 0.08 4.21
N PHE B 76 5.39 0.75 5.08
CA PHE B 76 5.11 2.17 4.86
C PHE B 76 4.86 3.08 6.07
N GLU B 77 3.94 2.66 6.92
CA GLU B 77 2.89 3.49 7.57
C GLU B 77 3.41 4.40 8.70
N ASN B 78 4.63 4.16 9.17
CA ASN B 78 5.05 4.48 10.54
C ASN B 78 5.68 5.88 10.70
N SER B 79 5.07 6.91 10.12
CA SER B 79 5.40 8.34 10.30
C SER B 79 4.15 9.22 10.17
N ALA B 80 4.20 10.49 10.58
CA ALA B 80 3.12 11.46 10.32
C ALA B 80 2.82 11.62 8.82
N ASP B 81 3.87 11.81 8.01
CA ASP B 81 3.76 11.90 6.55
C ASP B 81 3.20 10.63 5.92
N ALA B 82 3.52 9.45 6.47
CA ALA B 82 3.01 8.16 6.00
C ALA B 82 1.55 7.89 6.44
N ASP B 83 1.14 8.34 7.63
CA ASP B 83 -0.27 8.35 8.05
C ASP B 83 -1.09 9.29 7.16
N ARG B 84 -0.63 10.53 6.98
CA ARG B 84 -1.19 11.54 6.06
C ARG B 84 -1.31 11.02 4.62
N ALA B 85 -0.28 10.32 4.15
CA ALA B 85 -0.26 9.61 2.88
C ALA B 85 -1.33 8.52 2.75
N ARG B 86 -1.39 7.54 3.68
CA ARG B 86 -2.50 6.59 3.83
C ARG B 86 -3.84 7.32 3.75
N GLU B 87 -4.06 8.33 4.59
CA GLU B 87 -5.30 9.11 4.60
C GLU B 87 -5.61 9.81 3.27
N LYS B 88 -4.59 10.16 2.46
CA LYS B 88 -4.76 10.62 1.08
C LYS B 88 -5.14 9.46 0.14
N LEU B 89 -4.36 8.36 0.07
CA LEU B 89 -4.56 7.29 -0.89
C LEU B 89 -5.77 6.40 -0.57
N HIS B 90 -6.22 6.36 0.68
CA HIS B 90 -7.49 5.79 1.17
C HIS B 90 -8.67 6.68 0.74
N GLY B 91 -8.89 6.73 -0.58
CA GLY B 91 -9.66 7.77 -1.28
C GLY B 91 -9.09 8.19 -2.66
N THR B 92 -7.99 7.59 -3.12
CA THR B 92 -7.37 7.86 -4.43
C THR B 92 -8.09 7.05 -5.51
N VAL B 93 -8.89 7.76 -6.32
CA VAL B 93 -9.41 7.27 -7.60
C VAL B 93 -8.28 7.26 -8.64
N VAL B 94 -7.91 6.09 -9.19
CA VAL B 94 -6.84 5.94 -10.18
C VAL B 94 -7.37 5.58 -11.58
N GLU B 95 -7.62 4.31 -11.93
CA GLU B 95 -8.18 3.91 -13.24
C GLU B 95 -9.72 4.06 -13.30
N GLY B 96 -10.29 5.00 -12.53
CA GLY B 96 -11.72 5.00 -12.20
C GLY B 96 -12.06 3.99 -11.10
N ARG B 97 -11.14 3.78 -10.14
CA ARG B 97 -11.25 2.89 -8.98
C ARG B 97 -10.62 3.51 -7.77
N LYS B 98 -11.26 3.40 -6.62
CA LYS B 98 -10.85 4.08 -5.40
C LYS B 98 -10.22 3.16 -4.36
N ILE B 99 -8.90 3.30 -4.15
CA ILE B 99 -8.13 2.47 -3.21
C ILE B 99 -8.63 2.63 -1.75
N GLU B 100 -8.60 1.54 -0.99
CA GLU B 100 -8.84 1.46 0.45
C GLU B 100 -7.58 0.97 1.18
N VAL B 101 -6.78 1.88 1.78
CA VAL B 101 -5.50 1.51 2.43
C VAL B 101 -5.65 1.20 3.92
N ASN B 102 -5.89 -0.06 4.25
CA ASN B 102 -6.13 -0.52 5.62
C ASN B 102 -4.83 -0.89 6.31
N ASN B 103 -4.73 -0.60 7.61
CA ASN B 103 -3.63 -1.13 8.43
C ASN B 103 -3.63 -2.67 8.39
N ALA B 104 -2.48 -3.33 8.54
CA ALA B 104 -2.38 -4.77 8.32
C ALA B 104 -2.38 -5.64 9.59
N THR B 105 -2.53 -6.94 9.34
CA THR B 105 -2.36 -8.07 10.25
C THR B 105 -1.53 -9.16 9.54
N ALA B 106 -0.90 -10.11 10.23
CA ALA B 106 0.15 -10.94 9.62
C ALA B 106 0.09 -12.44 9.99
N ARG B 107 -0.69 -13.27 9.28
CA ARG B 107 -1.73 -12.95 8.27
C ARG B 107 -3.16 -13.26 8.77
N VAL B 108 -3.30 -13.53 10.06
CA VAL B 108 -4.54 -13.91 10.77
C VAL B 108 -4.58 -13.32 12.19
N MET B 109 -5.76 -13.30 12.80
CA MET B 109 -6.00 -12.94 14.22
C MET B 109 -5.39 -13.96 15.22
N ASN B 22 15.88 -9.84 7.91
CA ASN B 22 15.22 -9.54 9.21
C ASN B 22 14.15 -8.46 9.04
N THR B 23 13.07 -8.58 9.81
CA THR B 23 11.87 -7.69 9.79
C THR B 23 11.42 -7.30 11.21
N GLU B 24 12.06 -7.87 12.23
CA GLU B 24 11.72 -7.79 13.66
C GLU B 24 11.94 -6.39 14.26
N ASN B 25 12.81 -5.56 13.67
CA ASN B 25 13.06 -4.17 14.09
C ASN B 25 11.81 -3.29 13.92
N LYS B 26 11.21 -2.87 15.04
CA LYS B 26 10.02 -1.98 15.09
C LYS B 26 10.23 -0.60 14.43
N SER B 27 11.48 -0.13 14.29
CA SER B 27 11.82 1.20 13.74
C SER B 27 11.53 1.34 12.24
N GLN B 28 11.45 0.24 11.47
CA GLN B 28 11.20 0.28 10.02
C GLN B 28 9.76 0.74 9.70
N PRO B 29 9.56 1.61 8.68
CA PRO B 29 8.28 1.71 7.97
C PRO B 29 7.87 0.33 7.44
N LYS B 30 6.64 -0.14 7.75
CA LYS B 30 6.19 -1.48 7.40
C LYS B 30 4.69 -1.52 7.20
N ARG B 31 4.15 -2.67 6.84
CA ARG B 31 2.75 -3.07 6.98
C ARG B 31 1.65 -2.08 6.47
N LEU B 32 1.15 -2.31 5.25
CA LEU B 32 0.03 -1.56 4.69
C LEU B 32 -0.75 -2.43 3.67
N HIS B 33 -1.98 -2.79 4.02
CA HIS B 33 -2.94 -3.52 3.17
C HIS B 33 -3.67 -2.49 2.28
N VAL B 34 -3.82 -2.78 0.98
CA VAL B 34 -4.19 -1.78 -0.04
C VAL B 34 -5.18 -2.41 -1.03
N SER B 35 -6.47 -2.25 -0.75
CA SER B 35 -7.60 -2.94 -1.39
C SER B 35 -8.34 -2.12 -2.45
N ASN B 36 -9.24 -2.80 -3.16
CA ASN B 36 -10.19 -2.28 -4.15
C ASN B 36 -9.53 -1.70 -5.41
N ILE B 37 -8.21 -1.86 -5.55
CA ILE B 37 -7.39 -1.30 -6.62
C ILE B 37 -7.85 -1.80 -8.00
N PRO B 38 -7.61 -1.07 -9.10
CA PRO B 38 -7.85 -1.56 -10.46
C PRO B 38 -7.17 -2.91 -10.71
N PHE B 39 -7.86 -3.92 -11.25
CA PHE B 39 -7.21 -5.23 -11.48
C PHE B 39 -5.95 -5.25 -12.37
N ARG B 40 -5.72 -4.20 -13.14
CA ARG B 40 -4.55 -4.02 -14.03
C ARG B 40 -3.37 -3.32 -13.34
N PHE B 41 -3.50 -2.92 -12.08
CA PHE B 41 -2.41 -2.40 -11.24
C PHE B 41 -1.28 -3.43 -11.05
N ARG B 42 -0.09 -2.94 -10.66
CA ARG B 42 1.11 -3.76 -10.38
C ARG B 42 1.88 -3.28 -9.16
N ASP B 43 2.88 -4.06 -8.81
CA ASP B 43 3.91 -3.78 -7.81
C ASP B 43 4.64 -2.43 -8.08
N PRO B 44 5.32 -2.22 -9.24
CA PRO B 44 5.94 -0.93 -9.57
C PRO B 44 4.95 0.24 -9.54
N ASP B 45 3.70 -0.01 -9.93
CA ASP B 45 2.61 0.96 -9.86
C ASP B 45 2.38 1.44 -8.42
N LEU B 46 2.17 0.53 -7.45
CA LEU B 46 2.04 0.94 -6.06
C LEU B 46 3.28 1.64 -5.52
N ARG B 47 4.49 1.11 -5.75
CA ARG B 47 5.69 1.72 -5.15
C ARG B 47 5.94 3.14 -5.66
N GLN B 48 5.58 3.43 -6.92
CA GLN B 48 5.61 4.78 -7.50
C GLN B 48 4.46 5.69 -7.04
N MET B 49 3.26 5.12 -6.86
CA MET B 49 2.03 5.84 -6.52
C MET B 49 1.96 6.20 -5.04
N PHE B 50 2.25 5.24 -4.16
CA PHE B 50 2.72 5.56 -2.82
C PHE B 50 4.03 6.37 -2.88
N GLY B 51 4.85 6.16 -3.92
CA GLY B 51 6.13 6.86 -4.15
C GLY B 51 6.06 8.37 -4.27
N GLN B 52 4.90 8.94 -4.61
CA GLN B 52 4.64 10.38 -4.38
C GLN B 52 4.98 10.86 -2.96
N PHE B 53 4.73 10.01 -1.96
CA PHE B 53 5.11 10.20 -0.56
C PHE B 53 6.46 9.55 -0.23
N GLY B 54 6.71 8.34 -0.74
CA GLY B 54 8.04 7.74 -0.89
C GLY B 54 8.69 7.11 0.34
N LYS B 55 7.86 6.72 1.31
CA LYS B 55 8.24 5.99 2.52
C LYS B 55 8.33 4.46 2.37
N ILE B 56 8.01 3.94 1.18
CA ILE B 56 7.95 2.49 0.87
C ILE B 56 9.31 1.81 1.02
N LEU B 57 9.34 0.66 1.71
CA LEU B 57 10.48 -0.27 1.74
C LEU B 57 10.32 -1.44 0.74
N ASP B 58 9.10 -1.98 0.59
CA ASP B 58 8.75 -3.10 -0.29
C ASP B 58 7.26 -3.07 -0.70
N VAL B 59 6.90 -3.81 -1.77
CA VAL B 59 5.53 -4.04 -2.25
C VAL B 59 5.28 -5.50 -2.65
N GLU B 60 4.01 -5.88 -2.69
CA GLU B 60 3.55 -7.26 -2.73
C GLU B 60 2.05 -7.34 -3.13
N ILE B 61 1.73 -7.17 -4.41
CA ILE B 61 0.41 -7.49 -5.00
C ILE B 61 0.07 -8.97 -4.78
N ILE B 62 -1.22 -9.28 -4.55
CA ILE B 62 -1.62 -10.61 -4.07
C ILE B 62 -1.77 -11.65 -5.19
N PHE B 63 -1.84 -11.13 -6.43
CA PHE B 63 -1.83 -11.66 -7.81
C PHE B 63 -2.53 -13.01 -8.10
N ASN B 64 -3.08 -13.19 -9.31
CA ASN B 64 -3.51 -14.49 -9.84
C ASN B 64 -3.47 -14.51 -11.38
N GLU B 65 -3.81 -15.65 -11.99
CA GLU B 65 -3.82 -15.85 -13.46
C GLU B 65 -4.84 -14.98 -14.24
N ARG B 66 -5.69 -14.20 -13.57
CA ARG B 66 -6.62 -13.23 -14.18
C ARG B 66 -6.20 -11.76 -13.99
N GLY B 67 -5.15 -11.46 -13.23
CA GLY B 67 -4.69 -10.11 -12.92
C GLY B 67 -4.40 -9.97 -11.43
N SER B 68 -4.47 -8.75 -10.87
CA SER B 68 -4.57 -8.62 -9.41
C SER B 68 -5.75 -9.42 -8.82
N LYS B 69 -5.62 -9.82 -7.55
CA LYS B 69 -6.73 -10.32 -6.71
C LYS B 69 -7.63 -9.19 -6.17
N GLY B 70 -7.25 -7.94 -6.46
CA GLY B 70 -7.95 -6.71 -6.09
C GLY B 70 -7.30 -5.95 -4.94
N PHE B 71 -6.22 -6.49 -4.37
CA PHE B 71 -5.39 -5.84 -3.38
C PHE B 71 -3.90 -6.16 -3.56
N GLY B 72 -3.09 -5.29 -2.98
CA GLY B 72 -1.69 -5.52 -2.68
C GLY B 72 -1.42 -5.20 -1.22
N PHE B 73 -0.28 -5.69 -0.76
CA PHE B 73 0.45 -5.21 0.39
C PHE B 73 1.58 -4.27 -0.07
N VAL B 74 1.89 -3.29 0.77
CA VAL B 74 3.04 -2.38 0.67
C VAL B 74 3.56 -2.12 2.09
N THR B 75 4.81 -1.68 2.22
CA THR B 75 5.57 -1.76 3.49
C THR B 75 6.01 -0.34 3.88
N PHE B 76 5.20 0.34 4.71
CA PHE B 76 5.04 1.80 4.55
C PHE B 76 4.90 2.70 5.78
N GLU B 77 4.20 2.19 6.78
CA GLU B 77 3.74 2.85 7.99
C GLU B 77 4.93 3.00 8.92
N ASN B 78 5.54 4.18 8.91
CA ASN B 78 5.76 4.83 10.20
C ASN B 78 5.63 6.38 10.10
N SER B 79 5.57 7.05 11.26
CA SER B 79 5.37 8.51 11.43
C SER B 79 3.99 9.02 10.96
N ALA B 80 3.66 10.27 11.28
CA ALA B 80 2.43 10.93 10.82
C ALA B 80 2.34 11.06 9.28
N ASP B 81 3.48 11.20 8.60
CA ASP B 81 3.58 11.31 7.15
C ASP B 81 2.96 10.11 6.41
N ALA B 82 3.20 8.88 6.89
CA ALA B 82 2.61 7.68 6.33
C ALA B 82 1.08 7.60 6.55
N ASP B 83 0.59 8.02 7.72
CA ASP B 83 -0.85 8.08 7.99
C ASP B 83 -1.55 9.15 7.14
N ARG B 84 -0.97 10.36 7.03
CA ARG B 84 -1.42 11.43 6.14
C ARG B 84 -1.51 10.97 4.68
N ALA B 85 -0.48 10.27 4.23
CA ALA B 85 -0.44 9.61 2.92
C ALA B 85 -1.58 8.59 2.73
N ARG B 86 -1.73 7.61 3.63
CA ARG B 86 -2.91 6.72 3.71
C ARG B 86 -4.21 7.50 3.57
N GLU B 87 -4.42 8.51 4.39
CA GLU B 87 -5.63 9.34 4.37
C GLU B 87 -5.88 10.06 3.04
N LYS B 88 -4.82 10.41 2.30
CA LYS B 88 -4.92 10.88 0.91
C LYS B 88 -5.29 9.73 -0.05
N LEU B 89 -4.57 8.60 -0.05
CA LEU B 89 -4.73 7.52 -1.02
C LEU B 89 -6.00 6.67 -0.81
N HIS B 90 -6.53 6.66 0.40
CA HIS B 90 -7.79 6.04 0.77
C HIS B 90 -8.98 6.88 0.26
N GLY B 91 -9.45 6.57 -0.96
CA GLY B 91 -10.35 7.40 -1.76
C GLY B 91 -9.69 8.05 -3.00
N THR B 92 -8.39 7.82 -3.23
CA THR B 92 -7.68 8.24 -4.46
C THR B 92 -8.17 7.41 -5.65
N VAL B 93 -8.85 8.08 -6.59
CA VAL B 93 -9.30 7.54 -7.88
C VAL B 93 -8.12 7.48 -8.85
N VAL B 94 -7.56 6.29 -9.04
CA VAL B 94 -6.21 6.10 -9.63
C VAL B 94 -6.20 5.55 -11.06
N GLU B 95 -7.33 4.98 -11.51
CA GLU B 95 -7.66 4.74 -12.93
C GLU B 95 -9.10 5.24 -13.19
N GLY B 96 -10.08 4.44 -12.74
CA GLY B 96 -11.51 4.75 -12.62
C GLY B 96 -12.08 4.08 -11.37
N ARG B 97 -11.28 4.05 -10.29
CA ARG B 97 -11.40 3.21 -9.10
C ARG B 97 -10.76 3.90 -7.92
N LYS B 98 -11.43 3.91 -6.78
CA LYS B 98 -10.82 4.32 -5.53
C LYS B 98 -10.00 3.20 -4.89
N ILE B 99 -8.73 3.46 -4.56
CA ILE B 99 -8.03 2.62 -3.58
C ILE B 99 -8.71 2.73 -2.20
N GLU B 100 -8.74 1.63 -1.44
CA GLU B 100 -9.12 1.55 -0.04
C GLU B 100 -7.97 1.00 0.81
N VAL B 101 -7.22 1.86 1.53
CA VAL B 101 -6.03 1.43 2.30
C VAL B 101 -6.37 1.11 3.76
N ASN B 102 -5.64 0.20 4.39
CA ASN B 102 -5.74 -0.10 5.82
C ASN B 102 -4.37 -0.46 6.38
N ASN B 103 -4.19 -0.29 7.70
CA ASN B 103 -3.04 -0.90 8.36
C ASN B 103 -3.16 -2.45 8.32
N ALA B 104 -2.10 -3.18 8.70
CA ALA B 104 -2.05 -4.62 8.51
C ALA B 104 -1.82 -5.43 9.79
N THR B 105 -2.55 -6.54 9.88
CA THR B 105 -2.15 -7.71 10.69
C THR B 105 -0.99 -8.44 10.00
N ALA B 106 -0.31 -9.38 10.66
CA ALA B 106 0.77 -10.16 10.04
C ALA B 106 0.84 -11.60 10.60
N ARG B 107 0.18 -12.60 9.98
CA ARG B 107 -0.72 -12.58 8.81
C ARG B 107 -1.97 -13.42 9.09
N VAL B 108 -1.75 -14.70 9.35
CA VAL B 108 -2.80 -15.75 9.42
C VAL B 108 -3.71 -15.69 10.66
N MET B 109 -3.25 -15.06 11.76
CA MET B 109 -3.97 -14.92 13.04
C MET B 109 -3.56 -13.63 13.79
N ASN B 22 17.24 -4.79 18.10
CA ASN B 22 17.11 -3.82 16.97
C ASN B 22 15.87 -2.94 17.17
N THR B 23 16.00 -1.63 16.92
CA THR B 23 14.92 -0.62 17.08
C THR B 23 13.69 -0.91 16.21
N GLU B 24 13.91 -1.44 15.00
CA GLU B 24 12.96 -2.05 14.05
C GLU B 24 11.50 -1.56 14.16
N ASN B 25 10.69 -2.20 15.01
CA ASN B 25 9.24 -1.97 15.11
C ASN B 25 8.87 -0.51 15.45
N LYS B 26 9.71 0.21 16.20
CA LYS B 26 9.49 1.60 16.66
C LYS B 26 9.62 2.64 15.56
N SER B 27 10.53 2.45 14.61
CA SER B 27 11.04 3.54 13.74
C SER B 27 11.05 3.24 12.23
N GLN B 28 11.12 1.97 11.82
CA GLN B 28 11.03 1.60 10.39
C GLN B 28 9.57 1.73 9.88
N PRO B 29 9.32 2.08 8.62
CA PRO B 29 8.06 1.79 7.92
C PRO B 29 7.65 0.30 8.01
N LYS B 30 6.34 0.04 8.20
CA LYS B 30 5.55 -1.22 8.26
C LYS B 30 4.17 -0.97 8.84
N ARG B 31 3.15 -1.66 8.35
CA ARG B 31 2.85 -2.19 6.99
C ARG B 31 1.34 -2.10 6.70
N LEU B 32 0.98 -2.26 5.42
CA LEU B 32 -0.16 -1.58 4.81
C LEU B 32 -0.89 -2.48 3.80
N HIS B 33 -2.16 -2.82 4.06
CA HIS B 33 -3.05 -3.53 3.13
C HIS B 33 -3.76 -2.53 2.21
N VAL B 34 -3.84 -2.83 0.93
CA VAL B 34 -4.09 -1.86 -0.14
C VAL B 34 -5.10 -2.44 -1.11
N SER B 35 -6.39 -2.19 -0.86
CA SER B 35 -7.53 -2.89 -1.48
C SER B 35 -8.30 -2.08 -2.50
N ASN B 36 -9.21 -2.75 -3.21
CA ASN B 36 -10.10 -2.20 -4.25
C ASN B 36 -9.34 -1.50 -5.39
N ILE B 37 -8.06 -1.84 -5.60
CA ILE B 37 -7.21 -1.29 -6.66
C ILE B 37 -7.72 -1.77 -8.03
N PRO B 38 -7.51 -1.04 -9.14
CA PRO B 38 -7.84 -1.51 -10.49
C PRO B 38 -7.20 -2.88 -10.79
N PHE B 39 -7.92 -3.81 -11.43
CA PHE B 39 -7.34 -5.10 -11.79
C PHE B 39 -6.13 -5.07 -12.77
N ARG B 40 -5.80 -3.91 -13.34
CA ARG B 40 -4.64 -3.69 -14.23
C ARG B 40 -3.47 -3.01 -13.49
N PHE B 41 -3.58 -2.73 -12.19
CA PHE B 41 -2.46 -2.28 -11.36
C PHE B 41 -1.34 -3.34 -11.25
N ARG B 42 -0.14 -2.87 -10.90
CA ARG B 42 1.10 -3.63 -10.75
C ARG B 42 1.78 -3.30 -9.43
N ASP B 43 2.63 -4.21 -8.99
CA ASP B 43 3.54 -4.04 -7.87
C ASP B 43 4.47 -2.80 -8.07
N PRO B 44 5.15 -2.67 -9.23
CA PRO B 44 5.77 -1.41 -9.70
C PRO B 44 4.89 -0.16 -9.59
N ASP B 45 3.62 -0.23 -10.03
CA ASP B 45 2.70 0.89 -9.94
C ASP B 45 2.41 1.29 -8.49
N LEU B 46 2.20 0.36 -7.54
CA LEU B 46 2.03 0.75 -6.15
C LEU B 46 3.29 1.35 -5.55
N ARG B 47 4.50 0.83 -5.81
CA ARG B 47 5.70 1.50 -5.27
C ARG B 47 5.90 2.89 -5.86
N GLN B 48 5.46 3.15 -7.09
CA GLN B 48 5.47 4.48 -7.71
C GLN B 48 4.37 5.43 -7.17
N MET B 49 3.17 4.90 -6.92
CA MET B 49 1.98 5.65 -6.52
C MET B 49 2.00 6.00 -5.06
N PHE B 50 2.34 5.05 -4.19
CA PHE B 50 2.85 5.37 -2.86
C PHE B 50 4.18 6.16 -2.97
N GLY B 51 4.97 5.92 -4.01
CA GLY B 51 6.23 6.62 -4.33
C GLY B 51 6.14 8.13 -4.44
N GLN B 52 4.97 8.70 -4.76
CA GLN B 52 4.73 10.14 -4.56
C GLN B 52 5.06 10.65 -3.15
N PHE B 53 4.81 9.83 -2.12
CA PHE B 53 5.14 10.09 -0.72
C PHE B 53 6.49 9.47 -0.29
N GLY B 54 6.97 8.45 -1.00
CA GLY B 54 8.35 7.93 -1.02
C GLY B 54 8.87 7.26 0.25
N LYS B 55 7.96 6.83 1.12
CA LYS B 55 8.20 6.15 2.39
C LYS B 55 8.62 4.67 2.25
N ILE B 56 8.17 4.05 1.16
CA ILE B 56 8.16 2.60 0.87
C ILE B 56 9.51 1.90 1.07
N LEU B 57 9.51 0.84 1.88
CA LEU B 57 10.59 -0.15 1.99
C LEU B 57 10.40 -1.31 0.99
N ASP B 58 9.18 -1.83 0.89
CA ASP B 58 8.81 -2.98 0.03
C ASP B 58 7.32 -2.95 -0.38
N VAL B 59 6.97 -3.65 -1.47
CA VAL B 59 5.61 -3.84 -2.02
C VAL B 59 5.30 -5.30 -2.37
N GLU B 60 4.01 -5.55 -2.62
CA GLU B 60 3.40 -6.80 -3.00
C GLU B 60 2.03 -6.58 -3.70
N ILE B 61 1.61 -7.47 -4.60
CA ILE B 61 0.22 -7.64 -5.07
C ILE B 61 -0.18 -9.11 -4.89
N ILE B 62 -1.44 -9.39 -4.56
CA ILE B 62 -1.93 -10.76 -4.29
C ILE B 62 -2.27 -11.46 -5.63
N PHE B 63 -1.37 -11.39 -6.62
CA PHE B 63 -1.64 -11.67 -8.05
C PHE B 63 -2.29 -13.04 -8.32
N ASN B 64 -3.00 -13.14 -9.45
CA ASN B 64 -3.74 -14.33 -9.86
C ASN B 64 -3.38 -14.68 -11.32
N GLU B 65 -3.77 -15.88 -11.79
CA GLU B 65 -3.66 -16.24 -13.21
C GLU B 65 -4.53 -15.33 -14.12
N ARG B 66 -5.60 -14.75 -13.55
CA ARG B 66 -6.49 -13.79 -14.23
C ARG B 66 -5.91 -12.38 -14.39
N GLY B 67 -4.92 -11.95 -13.60
CA GLY B 67 -4.49 -10.55 -13.48
C GLY B 67 -4.27 -10.19 -12.02
N SER B 68 -4.36 -8.91 -11.66
CA SER B 68 -4.51 -8.55 -10.24
C SER B 68 -5.74 -9.22 -9.61
N LYS B 69 -5.65 -9.42 -8.30
CA LYS B 69 -6.71 -9.96 -7.44
C LYS B 69 -7.39 -8.87 -6.59
N GLY B 70 -7.09 -7.60 -6.88
CA GLY B 70 -7.81 -6.44 -6.38
C GLY B 70 -7.26 -5.85 -5.08
N PHE B 71 -6.28 -6.49 -4.45
CA PHE B 71 -5.50 -5.92 -3.37
C PHE B 71 -4.01 -6.27 -3.45
N GLY B 72 -3.25 -5.51 -2.69
CA GLY B 72 -1.82 -5.65 -2.47
C GLY B 72 -1.45 -5.28 -1.04
N PHE B 73 -0.15 -5.27 -0.80
CA PHE B 73 0.50 -5.03 0.48
C PHE B 73 1.75 -4.16 0.26
N VAL B 74 2.04 -3.24 1.17
CA VAL B 74 3.21 -2.33 1.08
C VAL B 74 3.72 -1.92 2.46
N THR B 75 4.95 -1.40 2.53
CA THR B 75 5.72 -1.35 3.78
C THR B 75 6.09 0.09 4.11
N PHE B 76 5.24 0.73 4.91
CA PHE B 76 4.92 2.15 4.68
C PHE B 76 4.67 3.02 5.93
N GLU B 77 3.73 2.55 6.75
CA GLU B 77 2.73 3.33 7.50
C GLU B 77 3.26 4.23 8.62
N ASN B 78 4.49 3.98 9.10
CA ASN B 78 4.77 4.15 10.52
C ASN B 78 4.94 5.61 10.99
N SER B 79 5.40 6.52 10.12
CA SER B 79 5.56 7.96 10.41
C SER B 79 4.21 8.72 10.38
N ALA B 80 4.16 9.93 10.94
CA ALA B 80 2.98 10.80 10.82
C ALA B 80 2.65 11.15 9.37
N ASP B 81 3.66 11.54 8.57
CA ASP B 81 3.47 11.86 7.16
C ASP B 81 3.09 10.62 6.32
N ALA B 82 3.48 9.41 6.76
CA ALA B 82 3.03 8.14 6.17
C ALA B 82 1.57 7.79 6.53
N ASP B 83 1.14 7.99 7.78
CA ASP B 83 -0.27 7.88 8.16
C ASP B 83 -1.15 8.88 7.37
N ARG B 84 -0.71 10.14 7.30
CA ARG B 84 -1.31 11.22 6.49
C ARG B 84 -1.38 10.87 5.00
N ALA B 85 -0.31 10.30 4.46
CA ALA B 85 -0.25 9.75 3.10
C ALA B 85 -1.29 8.64 2.88
N ARG B 86 -1.34 7.60 3.72
CA ARG B 86 -2.46 6.62 3.79
C ARG B 86 -3.81 7.32 3.75
N GLU B 87 -4.06 8.26 4.65
CA GLU B 87 -5.32 9.00 4.73
C GLU B 87 -5.65 9.77 3.44
N LYS B 88 -4.65 10.20 2.66
CA LYS B 88 -4.81 10.76 1.32
C LYS B 88 -5.17 9.66 0.30
N LEU B 89 -4.40 8.56 0.19
CA LEU B 89 -4.58 7.54 -0.84
C LEU B 89 -5.75 6.58 -0.59
N HIS B 90 -6.23 6.49 0.65
CA HIS B 90 -7.47 5.86 1.08
C HIS B 90 -8.68 6.71 0.66
N GLY B 91 -8.86 6.81 -0.66
CA GLY B 91 -9.61 7.88 -1.33
C GLY B 91 -9.05 8.31 -2.71
N THR B 92 -7.93 7.73 -3.15
CA THR B 92 -7.32 7.95 -4.48
C THR B 92 -8.09 7.16 -5.52
N VAL B 93 -8.91 7.87 -6.29
CA VAL B 93 -9.57 7.39 -7.51
C VAL B 93 -8.56 7.37 -8.66
N VAL B 94 -8.09 6.18 -9.02
CA VAL B 94 -7.13 5.90 -10.12
C VAL B 94 -7.72 4.86 -11.07
N GLU B 95 -7.54 5.01 -12.38
CA GLU B 95 -8.28 4.27 -13.43
C GLU B 95 -9.82 4.29 -13.25
N GLY B 96 -10.36 5.26 -12.52
CA GLY B 96 -11.77 5.32 -12.11
C GLY B 96 -12.13 4.36 -10.96
N ARG B 97 -11.21 4.15 -10.00
CA ARG B 97 -11.30 3.19 -8.89
C ARG B 97 -10.66 3.71 -7.62
N LYS B 98 -11.38 3.62 -6.51
CA LYS B 98 -10.90 4.12 -5.23
C LYS B 98 -10.09 3.09 -4.43
N ILE B 99 -8.79 3.32 -4.25
CA ILE B 99 -7.98 2.48 -3.34
C ILE B 99 -8.47 2.63 -1.88
N GLU B 100 -8.47 1.52 -1.15
CA GLU B 100 -8.71 1.44 0.29
C GLU B 100 -7.43 1.02 1.04
N VAL B 101 -6.70 1.96 1.67
CA VAL B 101 -5.43 1.65 2.37
C VAL B 101 -5.65 1.38 3.87
N ASN B 102 -6.02 0.15 4.17
CA ASN B 102 -6.30 -0.32 5.52
C ASN B 102 -5.01 -0.63 6.28
N ASN B 103 -5.05 -0.47 7.60
CA ASN B 103 -3.95 -0.97 8.45
C ASN B 103 -3.89 -2.52 8.33
N ALA B 104 -2.80 -3.16 8.76
CA ALA B 104 -2.59 -4.59 8.50
C ALA B 104 -2.39 -5.49 9.73
N THR B 105 -2.89 -6.72 9.60
CA THR B 105 -2.37 -7.95 10.23
C THR B 105 -1.01 -8.31 9.62
N ALA B 106 -0.20 -9.16 10.24
CA ALA B 106 1.05 -9.65 9.64
C ALA B 106 1.48 -11.05 10.15
N ARG B 107 0.85 -12.13 9.69
CA ARG B 107 -0.33 -12.23 8.78
C ARG B 107 -1.54 -12.91 9.46
N VAL B 108 -1.34 -13.51 10.62
CA VAL B 108 -2.33 -14.27 11.41
C VAL B 108 -2.20 -13.96 12.92
N MET B 109 -3.27 -14.17 13.69
CA MET B 109 -3.33 -13.96 15.14
C MET B 109 -2.47 -14.95 15.96
N ASN B 22 18.75 8.62 20.05
CA ASN B 22 17.65 8.03 19.24
C ASN B 22 16.70 7.23 20.14
N THR B 23 15.39 7.38 19.95
CA THR B 23 14.34 6.68 20.71
C THR B 23 13.32 6.02 19.76
N GLU B 24 12.31 6.75 19.28
CA GLU B 24 11.21 6.23 18.46
C GLU B 24 11.65 5.71 17.08
N ASN B 25 12.79 6.20 16.56
CA ASN B 25 13.39 5.77 15.30
C ASN B 25 13.73 4.26 15.23
N LYS B 26 13.82 3.59 16.39
CA LYS B 26 13.97 2.12 16.51
C LYS B 26 12.80 1.32 15.89
N SER B 27 11.63 1.95 15.72
CA SER B 27 10.47 1.39 15.02
C SER B 27 10.31 1.99 13.62
N GLN B 28 10.95 1.37 12.62
CA GLN B 28 10.85 1.75 11.21
C GLN B 28 9.45 1.42 10.60
N PRO B 29 9.08 2.01 9.44
CA PRO B 29 7.80 1.70 8.76
C PRO B 29 7.64 0.22 8.36
N LYS B 30 6.40 -0.27 8.25
CA LYS B 30 6.06 -1.64 7.83
C LYS B 30 4.67 -1.68 7.20
N ARG B 31 4.27 -2.84 6.70
CA ARG B 31 2.90 -3.39 6.71
C ARG B 31 1.71 -2.42 6.46
N LEU B 32 1.22 -2.40 5.22
CA LEU B 32 0.06 -1.61 4.73
C LEU B 32 -0.74 -2.43 3.68
N HIS B 33 -2.05 -2.62 3.91
CA HIS B 33 -3.00 -3.39 3.07
C HIS B 33 -3.80 -2.45 2.16
N VAL B 34 -3.74 -2.64 0.84
CA VAL B 34 -4.06 -1.62 -0.17
C VAL B 34 -5.07 -2.18 -1.17
N SER B 35 -6.36 -2.01 -0.86
CA SER B 35 -7.52 -2.69 -1.45
C SER B 35 -8.27 -1.89 -2.52
N ASN B 36 -9.20 -2.56 -3.20
CA ASN B 36 -10.11 -2.02 -4.22
C ASN B 36 -9.35 -1.30 -5.36
N ILE B 37 -8.14 -1.76 -5.66
CA ILE B 37 -7.33 -1.28 -6.77
C ILE B 37 -7.86 -1.86 -8.09
N PRO B 38 -7.58 -1.24 -9.25
CA PRO B 38 -7.87 -1.83 -10.57
C PRO B 38 -7.20 -3.21 -10.73
N PHE B 39 -7.88 -4.21 -11.30
CA PHE B 39 -7.24 -5.52 -11.53
C PHE B 39 -6.00 -5.51 -12.43
N ARG B 40 -5.82 -4.47 -13.24
CA ARG B 40 -4.65 -4.23 -14.10
C ARG B 40 -3.50 -3.52 -13.38
N PHE B 41 -3.71 -3.07 -12.14
CA PHE B 41 -2.69 -2.39 -11.32
C PHE B 41 -1.57 -3.36 -10.89
N ARG B 42 -0.39 -2.80 -10.58
CA ARG B 42 0.88 -3.56 -10.48
C ARG B 42 1.72 -3.14 -9.27
N ASP B 43 2.70 -3.99 -8.98
CA ASP B 43 3.81 -3.78 -8.04
C ASP B 43 4.55 -2.43 -8.29
N PRO B 44 5.09 -2.14 -9.50
CA PRO B 44 5.79 -0.88 -9.77
C PRO B 44 4.84 0.34 -9.77
N ASP B 45 3.58 0.16 -10.17
CA ASP B 45 2.56 1.19 -10.04
C ASP B 45 2.35 1.59 -8.58
N LEU B 46 2.15 0.66 -7.63
CA LEU B 46 2.06 1.02 -6.23
C LEU B 46 3.36 1.65 -5.69
N ARG B 47 4.55 1.14 -6.04
CA ARG B 47 5.79 1.75 -5.49
C ARG B 47 5.99 3.18 -5.98
N GLN B 48 5.51 3.53 -7.18
CA GLN B 48 5.51 4.89 -7.72
C GLN B 48 4.39 5.80 -7.17
N MET B 49 3.21 5.23 -6.90
CA MET B 49 1.99 5.94 -6.50
C MET B 49 1.96 6.21 -4.99
N PHE B 50 2.40 5.24 -4.19
CA PHE B 50 2.95 5.52 -2.87
C PHE B 50 4.27 6.30 -2.98
N GLY B 51 5.07 6.08 -4.04
CA GLY B 51 6.34 6.78 -4.32
C GLY B 51 6.28 8.30 -4.35
N GLN B 52 5.11 8.87 -4.65
CA GLN B 52 4.79 10.29 -4.40
C GLN B 52 5.17 10.76 -2.97
N PHE B 53 4.88 9.93 -1.96
CA PHE B 53 5.23 10.10 -0.54
C PHE B 53 6.56 9.42 -0.14
N GLY B 54 7.00 8.41 -0.88
CA GLY B 54 8.37 7.85 -0.87
C GLY B 54 8.84 7.16 0.41
N LYS B 55 7.90 6.86 1.31
CA LYS B 55 8.09 6.11 2.57
C LYS B 55 8.50 4.64 2.37
N ILE B 56 8.09 4.05 1.24
CA ILE B 56 8.09 2.62 0.92
C ILE B 56 9.45 1.92 1.10
N LEU B 57 9.44 0.79 1.81
CA LEU B 57 10.55 -0.18 1.82
C LEU B 57 10.37 -1.28 0.75
N ASP B 58 9.16 -1.84 0.61
CA ASP B 58 8.80 -2.92 -0.33
C ASP B 58 7.32 -2.84 -0.77
N VAL B 59 6.98 -3.53 -1.85
CA VAL B 59 5.61 -3.72 -2.40
C VAL B 59 5.35 -5.19 -2.79
N GLU B 60 4.08 -5.57 -2.89
CA GLU B 60 3.64 -6.96 -2.80
C GLU B 60 2.16 -7.13 -3.27
N ILE B 61 1.89 -7.08 -4.58
CA ILE B 61 0.53 -7.37 -5.12
C ILE B 61 0.14 -8.83 -4.86
N ILE B 62 -1.16 -9.09 -4.60
CA ILE B 62 -1.67 -10.41 -4.29
C ILE B 62 -2.15 -10.94 -5.66
N PHE B 63 -1.21 -11.34 -6.52
CA PHE B 63 -1.51 -11.63 -7.94
C PHE B 63 -2.22 -12.99 -8.12
N ASN B 64 -3.01 -13.14 -9.19
CA ASN B 64 -3.56 -14.40 -9.68
C ASN B 64 -3.46 -14.44 -11.22
N GLU B 65 -3.78 -15.56 -11.86
CA GLU B 65 -3.77 -15.70 -13.33
C GLU B 65 -4.76 -14.76 -14.04
N ARG B 66 -5.73 -14.18 -13.31
CA ARG B 66 -6.76 -13.24 -13.82
C ARG B 66 -6.41 -11.76 -13.63
N GLY B 67 -5.32 -11.42 -12.92
CA GLY B 67 -4.96 -10.05 -12.53
C GLY B 67 -4.68 -9.98 -11.03
N SER B 68 -4.69 -8.78 -10.43
CA SER B 68 -4.71 -8.66 -8.97
C SER B 68 -5.90 -9.44 -8.36
N LYS B 69 -5.78 -9.91 -7.11
CA LYS B 69 -6.91 -10.34 -6.25
C LYS B 69 -7.77 -9.18 -5.74
N GLY B 70 -7.37 -7.94 -6.04
CA GLY B 70 -8.04 -6.68 -5.70
C GLY B 70 -7.28 -5.84 -4.69
N PHE B 71 -6.16 -6.34 -4.17
CA PHE B 71 -5.24 -5.64 -3.30
C PHE B 71 -3.77 -5.98 -3.58
N GLY B 72 -2.92 -5.09 -3.11
CA GLY B 72 -1.54 -5.40 -2.77
C GLY B 72 -1.29 -5.10 -1.29
N PHE B 73 -0.23 -5.68 -0.76
CA PHE B 73 0.52 -5.16 0.35
C PHE B 73 1.62 -4.20 -0.14
N VAL B 74 2.01 -3.29 0.75
CA VAL B 74 3.18 -2.41 0.65
C VAL B 74 3.68 -2.11 2.06
N THR B 75 4.88 -1.56 2.20
CA THR B 75 5.62 -1.61 3.48
C THR B 75 6.02 -0.20 3.88
N PHE B 76 5.22 0.43 4.74
CA PHE B 76 4.93 1.86 4.60
C PHE B 76 4.70 2.70 5.85
N GLU B 77 4.15 2.09 6.88
CA GLU B 77 3.39 2.66 7.97
C GLU B 77 4.22 2.57 9.24
N ASN B 78 4.69 3.71 9.74
CA ASN B 78 4.54 3.93 11.18
C ASN B 78 4.38 5.40 11.59
N SER B 79 5.12 6.31 10.96
CA SER B 79 5.12 7.75 11.28
C SER B 79 3.80 8.45 10.92
N ALA B 80 3.56 9.64 11.47
CA ALA B 80 2.40 10.48 11.12
C ALA B 80 2.37 10.82 9.62
N ASP B 81 3.53 11.05 9.00
CA ASP B 81 3.64 11.34 7.56
C ASP B 81 3.16 10.16 6.68
N ALA B 82 3.40 8.92 7.13
CA ALA B 82 2.86 7.72 6.50
C ALA B 82 1.32 7.63 6.66
N ASP B 83 0.78 7.80 7.87
CA ASP B 83 -0.67 7.83 8.07
C ASP B 83 -1.38 8.97 7.30
N ARG B 84 -0.76 10.15 7.22
CA ARG B 84 -1.18 11.29 6.38
C ARG B 84 -1.26 10.91 4.90
N ALA B 85 -0.19 10.31 4.38
CA ALA B 85 -0.13 9.78 3.01
C ALA B 85 -1.21 8.71 2.72
N ARG B 86 -1.34 7.71 3.59
CA ARG B 86 -2.46 6.75 3.63
C ARG B 86 -3.80 7.47 3.53
N GLU B 87 -4.11 8.39 4.43
CA GLU B 87 -5.36 9.15 4.41
C GLU B 87 -5.60 9.96 3.12
N LYS B 88 -4.53 10.38 2.42
CA LYS B 88 -4.64 10.94 1.08
C LYS B 88 -5.05 9.86 0.05
N LEU B 89 -4.33 8.73 -0.08
CA LEU B 89 -4.56 7.71 -1.10
C LEU B 89 -5.77 6.79 -0.81
N HIS B 90 -6.22 6.72 0.44
CA HIS B 90 -7.43 6.06 0.91
C HIS B 90 -8.67 6.87 0.48
N GLY B 91 -9.04 6.70 -0.79
CA GLY B 91 -9.96 7.58 -1.53
C GLY B 91 -9.46 8.03 -2.93
N THR B 92 -8.30 7.56 -3.38
CA THR B 92 -7.70 7.93 -4.67
C THR B 92 -8.31 7.11 -5.80
N VAL B 93 -9.14 7.74 -6.62
CA VAL B 93 -9.62 7.20 -7.91
C VAL B 93 -8.49 7.19 -8.93
N VAL B 94 -8.05 6.00 -9.35
CA VAL B 94 -7.09 5.75 -10.44
C VAL B 94 -7.64 4.68 -11.38
N GLU B 95 -7.47 4.84 -12.70
CA GLU B 95 -8.15 4.03 -13.74
C GLU B 95 -9.68 3.91 -13.56
N GLY B 96 -10.32 4.86 -12.88
CA GLY B 96 -11.74 4.81 -12.50
C GLY B 96 -12.03 3.86 -11.33
N ARG B 97 -11.10 3.70 -10.38
CA ARG B 97 -11.21 2.82 -9.22
C ARG B 97 -10.59 3.43 -7.98
N LYS B 98 -11.29 3.33 -6.87
CA LYS B 98 -10.94 4.06 -5.65
C LYS B 98 -10.19 3.20 -4.63
N ILE B 99 -8.87 3.38 -4.53
CA ILE B 99 -8.03 2.63 -3.56
C ILE B 99 -8.51 2.86 -2.13
N GLU B 100 -8.50 1.80 -1.32
CA GLU B 100 -8.75 1.79 0.12
C GLU B 100 -7.53 1.29 0.90
N VAL B 101 -6.74 2.18 1.54
CA VAL B 101 -5.47 1.82 2.21
C VAL B 101 -5.66 1.59 3.71
N ASN B 102 -6.04 0.36 4.05
CA ASN B 102 -6.19 -0.11 5.41
C ASN B 102 -4.83 -0.31 6.08
N ASN B 103 -4.76 -0.12 7.39
CA ASN B 103 -3.66 -0.67 8.17
C ASN B 103 -3.69 -2.23 8.10
N ALA B 104 -2.63 -2.89 8.55
CA ALA B 104 -2.49 -4.33 8.40
C ALA B 104 -2.22 -5.12 9.68
N THR B 105 -2.35 -6.43 9.52
CA THR B 105 -2.03 -7.52 10.45
C THR B 105 -1.07 -8.47 9.73
N ALA B 106 -0.17 -9.19 10.40
CA ALA B 106 0.98 -9.83 9.75
C ALA B 106 1.24 -11.29 10.18
N ARG B 107 0.68 -12.30 9.48
CA ARG B 107 -0.39 -12.24 8.45
C ARG B 107 -1.76 -12.64 9.01
N VAL B 108 -1.79 -13.26 10.19
CA VAL B 108 -2.99 -13.69 10.91
C VAL B 108 -3.21 -12.83 12.16
N MET B 109 -4.47 -12.65 12.56
CA MET B 109 -4.90 -11.87 13.74
C MET B 109 -4.46 -12.51 15.07
N ASN B 22 16.13 -1.27 23.15
CA ASN B 22 14.69 -1.18 22.80
C ASN B 22 14.00 -2.52 23.07
N THR B 23 12.73 -2.50 23.51
CA THR B 23 11.88 -3.70 23.69
C THR B 23 11.53 -4.41 22.35
N GLU B 24 10.80 -5.52 22.42
CA GLU B 24 10.56 -6.47 21.32
C GLU B 24 9.78 -5.93 20.11
N ASN B 25 9.15 -4.76 20.21
CA ASN B 25 8.42 -4.09 19.12
C ASN B 25 9.32 -3.62 17.94
N LYS B 26 10.64 -3.58 18.15
CA LYS B 26 11.77 -3.28 17.25
C LYS B 26 11.42 -2.70 15.86
N SER B 27 11.09 -3.56 14.91
CA SER B 27 11.06 -3.30 13.47
C SER B 27 10.08 -2.20 13.06
N GLN B 28 10.57 -1.24 12.25
CA GLN B 28 9.77 -0.26 11.49
C GLN B 28 10.58 0.30 10.29
N PRO B 29 9.94 0.92 9.26
CA PRO B 29 8.52 0.86 8.90
C PRO B 29 7.95 -0.56 8.68
N LYS B 30 6.63 -0.62 8.53
CA LYS B 30 5.77 -1.81 8.50
C LYS B 30 4.38 -1.40 8.00
N ARG B 31 3.46 -2.35 7.94
CA ARG B 31 2.83 -2.63 6.64
C ARG B 31 1.31 -2.43 6.56
N LEU B 32 0.83 -2.45 5.32
CA LEU B 32 -0.27 -1.64 4.80
C LEU B 32 -0.98 -2.42 3.69
N HIS B 33 -2.24 -2.83 3.90
CA HIS B 33 -3.10 -3.56 2.95
C HIS B 33 -3.78 -2.56 2.01
N VAL B 34 -3.76 -2.84 0.71
CA VAL B 34 -4.02 -1.86 -0.37
C VAL B 34 -5.10 -2.42 -1.30
N SER B 35 -6.36 -2.17 -0.97
CA SER B 35 -7.53 -2.86 -1.52
C SER B 35 -8.37 -2.02 -2.49
N ASN B 36 -9.33 -2.67 -3.17
CA ASN B 36 -10.25 -2.08 -4.16
C ASN B 36 -9.52 -1.37 -5.32
N ILE B 37 -8.31 -1.82 -5.64
CA ILE B 37 -7.49 -1.32 -6.75
C ILE B 37 -8.04 -1.84 -8.10
N PRO B 38 -7.77 -1.18 -9.24
CA PRO B 38 -7.99 -1.76 -10.56
C PRO B 38 -7.22 -3.07 -10.74
N PHE B 39 -7.85 -4.15 -11.21
CA PHE B 39 -7.17 -5.43 -11.49
C PHE B 39 -5.91 -5.33 -12.38
N ARG B 40 -5.81 -4.29 -13.22
CA ARG B 40 -4.68 -3.94 -14.11
C ARG B 40 -3.40 -3.52 -13.37
N PHE B 41 -3.47 -3.28 -12.06
CA PHE B 41 -2.33 -2.85 -11.23
C PHE B 41 -1.14 -3.82 -11.21
N ARG B 42 -0.01 -3.31 -10.71
CA ARG B 42 1.26 -4.03 -10.51
C ARG B 42 1.95 -3.60 -9.22
N ASP B 43 2.85 -4.44 -8.76
CA ASP B 43 3.80 -4.20 -7.67
C ASP B 43 4.58 -2.86 -7.84
N PRO B 44 5.26 -2.62 -8.98
CA PRO B 44 5.93 -1.34 -9.23
C PRO B 44 4.97 -0.17 -9.45
N ASP B 45 3.72 -0.44 -9.84
CA ASP B 45 2.66 0.59 -9.87
C ASP B 45 2.39 1.11 -8.45
N LEU B 46 2.18 0.24 -7.45
CA LEU B 46 2.01 0.71 -6.08
C LEU B 46 3.26 1.36 -5.52
N ARG B 47 4.46 0.87 -5.82
CA ARG B 47 5.69 1.54 -5.33
C ARG B 47 5.80 2.97 -5.90
N GLN B 48 5.38 3.21 -7.13
CA GLN B 48 5.33 4.53 -7.75
C GLN B 48 4.19 5.42 -7.20
N MET B 49 3.03 4.83 -6.92
CA MET B 49 1.78 5.52 -6.56
C MET B 49 1.77 5.91 -5.08
N PHE B 50 2.20 5.01 -4.20
CA PHE B 50 2.73 5.42 -2.89
C PHE B 50 4.01 6.26 -3.05
N GLY B 51 4.80 6.02 -4.10
CA GLY B 51 6.05 6.74 -4.41
C GLY B 51 5.91 8.26 -4.57
N GLN B 52 4.72 8.78 -4.91
CA GLN B 52 4.43 10.21 -4.78
C GLN B 52 4.77 10.79 -3.38
N PHE B 53 4.52 10.02 -2.32
CA PHE B 53 4.90 10.32 -0.94
C PHE B 53 6.31 9.78 -0.60
N GLY B 54 6.65 8.59 -1.11
CA GLY B 54 8.02 8.08 -1.20
C GLY B 54 8.68 7.69 0.13
N LYS B 55 7.96 6.85 0.88
CA LYS B 55 8.33 6.31 2.21
C LYS B 55 8.42 4.77 2.24
N ILE B 56 8.28 4.15 1.08
CA ILE B 56 8.16 2.71 0.84
C ILE B 56 9.49 1.98 1.06
N LEU B 57 9.47 0.94 1.91
CA LEU B 57 10.56 -0.03 2.05
C LEU B 57 10.39 -1.20 1.06
N ASP B 58 9.18 -1.78 0.99
CA ASP B 58 8.81 -2.89 0.11
C ASP B 58 7.33 -2.83 -0.31
N VAL B 59 6.98 -3.48 -1.42
CA VAL B 59 5.61 -3.64 -1.97
C VAL B 59 5.29 -5.10 -2.30
N GLU B 60 4.02 -5.34 -2.62
CA GLU B 60 3.42 -6.61 -2.99
C GLU B 60 2.10 -6.39 -3.76
N ILE B 61 1.72 -7.32 -4.65
CA ILE B 61 0.35 -7.51 -5.17
C ILE B 61 -0.04 -8.97 -4.97
N ILE B 62 -1.32 -9.25 -4.70
CA ILE B 62 -1.74 -10.60 -4.35
C ILE B 62 -2.17 -11.28 -5.66
N PHE B 63 -1.26 -11.40 -6.63
CA PHE B 63 -1.63 -11.70 -8.03
C PHE B 63 -2.35 -13.05 -8.19
N ASN B 64 -3.12 -13.19 -9.28
CA ASN B 64 -3.39 -14.47 -9.95
C ASN B 64 -3.30 -14.27 -11.47
N GLU B 65 -3.38 -15.33 -12.27
CA GLU B 65 -3.21 -15.24 -13.74
C GLU B 65 -4.24 -14.33 -14.45
N ARG B 66 -5.36 -14.01 -13.77
CA ARG B 66 -6.43 -13.13 -14.27
C ARG B 66 -6.30 -11.66 -13.86
N GLY B 67 -5.40 -11.31 -12.93
CA GLY B 67 -5.21 -9.94 -12.44
C GLY B 67 -4.84 -9.86 -10.96
N SER B 68 -4.81 -8.65 -10.40
CA SER B 68 -4.28 -8.33 -9.06
C SER B 68 -5.04 -8.88 -7.84
N LYS B 69 -6.04 -9.75 -8.01
CA LYS B 69 -7.08 -10.13 -7.01
C LYS B 69 -7.75 -8.94 -6.28
N GLY B 70 -7.58 -7.73 -6.83
CA GLY B 70 -8.14 -6.48 -6.34
C GLY B 70 -7.43 -5.86 -5.13
N PHE B 71 -6.34 -6.45 -4.65
CA PHE B 71 -5.52 -5.87 -3.58
C PHE B 71 -4.02 -6.23 -3.69
N GLY B 72 -3.23 -5.39 -3.01
CA GLY B 72 -1.81 -5.54 -2.76
C GLY B 72 -1.48 -5.15 -1.32
N PHE B 73 -0.19 -5.02 -1.05
CA PHE B 73 0.40 -4.75 0.26
C PHE B 73 1.65 -3.87 0.08
N VAL B 74 2.00 -3.05 1.07
CA VAL B 74 3.19 -2.19 1.05
C VAL B 74 3.71 -1.88 2.46
N THR B 75 4.95 -1.42 2.61
CA THR B 75 5.69 -1.39 3.88
C THR B 75 6.16 0.04 4.18
N PHE B 76 5.49 0.72 5.12
CA PHE B 76 5.20 2.14 4.93
C PHE B 76 4.97 3.03 6.15
N GLU B 77 4.12 2.57 7.06
CA GLU B 77 3.09 3.36 7.75
C GLU B 77 3.63 4.23 8.90
N ASN B 78 4.88 4.01 9.32
CA ASN B 78 5.34 4.39 10.65
C ASN B 78 5.89 5.84 10.74
N SER B 79 5.07 6.82 10.38
CA SER B 79 5.30 8.28 10.50
C SER B 79 3.95 9.02 10.48
N ALA B 80 3.88 10.26 10.97
CA ALA B 80 2.76 11.15 10.69
C ALA B 80 2.61 11.44 9.18
N ASP B 81 3.74 11.55 8.48
CA ASP B 81 3.79 11.78 7.03
C ASP B 81 3.27 10.56 6.24
N ALA B 82 3.57 9.35 6.73
CA ALA B 82 3.05 8.09 6.21
C ALA B 82 1.55 7.89 6.55
N ASP B 83 1.11 8.24 7.77
CA ASP B 83 -0.30 8.24 8.15
C ASP B 83 -1.12 9.21 7.27
N ARG B 84 -0.67 10.46 7.14
CA ARG B 84 -1.19 11.47 6.20
C ARG B 84 -1.35 10.90 4.79
N ALA B 85 -0.29 10.31 4.27
CA ALA B 85 -0.27 9.63 2.97
C ALA B 85 -1.30 8.50 2.82
N ARG B 86 -1.31 7.48 3.70
CA ARG B 86 -2.38 6.47 3.84
C ARG B 86 -3.75 7.13 3.75
N GLU B 87 -4.07 8.06 4.63
CA GLU B 87 -5.39 8.68 4.73
C GLU B 87 -5.77 9.47 3.47
N LYS B 88 -4.78 9.95 2.70
CA LYS B 88 -4.96 10.51 1.36
C LYS B 88 -5.28 9.41 0.33
N LEU B 89 -4.47 8.36 0.16
CA LEU B 89 -4.66 7.34 -0.88
C LEU B 89 -5.85 6.41 -0.60
N HIS B 90 -6.26 6.29 0.66
CA HIS B 90 -7.51 5.69 1.14
C HIS B 90 -8.71 6.59 0.78
N GLY B 91 -8.96 6.71 -0.53
CA GLY B 91 -9.75 7.77 -1.15
C GLY B 91 -9.22 8.29 -2.50
N THR B 92 -8.14 7.71 -3.04
CA THR B 92 -7.53 8.09 -4.33
C THR B 92 -8.21 7.32 -5.46
N VAL B 93 -8.99 8.04 -6.28
CA VAL B 93 -9.46 7.53 -7.58
C VAL B 93 -8.30 7.51 -8.58
N VAL B 94 -7.98 6.32 -9.10
CA VAL B 94 -6.94 6.02 -10.08
C VAL B 94 -7.52 5.08 -11.15
N GLU B 95 -7.16 5.24 -12.41
CA GLU B 95 -7.78 4.62 -13.60
C GLU B 95 -9.29 4.97 -13.76
N GLY B 96 -10.11 4.49 -12.83
CA GLY B 96 -11.54 4.75 -12.64
C GLY B 96 -12.09 4.08 -11.38
N ARG B 97 -11.29 4.04 -10.31
CA ARG B 97 -11.41 3.15 -9.14
C ARG B 97 -10.78 3.79 -7.92
N LYS B 98 -11.39 3.63 -6.76
CA LYS B 98 -10.91 4.27 -5.53
C LYS B 98 -10.22 3.31 -4.56
N ILE B 99 -8.90 3.43 -4.40
CA ILE B 99 -8.11 2.57 -3.48
C ILE B 99 -8.58 2.72 -2.02
N GLU B 100 -8.53 1.62 -1.27
CA GLU B 100 -8.77 1.49 0.16
C GLU B 100 -7.50 1.01 0.90
N VAL B 101 -6.71 1.89 1.53
CA VAL B 101 -5.43 1.53 2.17
C VAL B 101 -5.55 1.30 3.68
N ASN B 102 -6.01 0.10 4.04
CA ASN B 102 -6.22 -0.30 5.42
C ASN B 102 -4.88 -0.61 6.11
N ASN B 103 -4.79 -0.33 7.41
CA ASN B 103 -3.68 -0.86 8.20
C ASN B 103 -3.73 -2.41 8.24
N ALA B 104 -2.64 -3.06 8.64
CA ALA B 104 -2.49 -4.51 8.44
C ALA B 104 -2.33 -5.37 9.69
N THR B 105 -2.38 -6.68 9.42
CA THR B 105 -2.13 -7.81 10.32
C THR B 105 -1.26 -8.81 9.54
N ALA B 106 -0.25 -9.46 10.13
CA ALA B 106 0.82 -10.11 9.34
C ALA B 106 1.21 -11.52 9.84
N ARG B 107 0.53 -12.60 9.42
CA ARG B 107 -0.77 -12.69 8.72
C ARG B 107 -1.77 -13.49 9.60
N VAL B 108 -3.02 -13.65 9.16
CA VAL B 108 -3.95 -14.63 9.76
C VAL B 108 -3.54 -16.08 9.44
N MET B 109 -3.97 -17.09 10.20
CA MET B 109 -4.63 -17.05 11.53
C MET B 109 -3.68 -16.60 12.64
N ASN B 22 18.46 0.57 25.09
CA ASN B 22 19.48 -0.25 24.39
C ASN B 22 19.33 -0.17 22.86
N THR B 23 18.25 -0.71 22.28
CA THR B 23 17.93 -0.57 20.84
C THR B 23 17.48 0.86 20.47
N GLU B 24 17.33 1.13 19.17
CA GLU B 24 16.91 2.42 18.60
C GLU B 24 15.38 2.67 18.73
N ASN B 25 14.90 3.81 18.21
CA ASN B 25 13.49 4.26 18.26
C ASN B 25 12.49 3.39 17.47
N LYS B 26 12.95 2.35 16.74
CA LYS B 26 12.19 1.34 15.96
C LYS B 26 11.13 1.88 14.97
N SER B 27 11.24 3.16 14.60
CA SER B 27 10.35 3.94 13.73
C SER B 27 10.40 3.61 12.23
N GLN B 28 11.16 2.58 11.81
CA GLN B 28 11.23 2.14 10.42
C GLN B 28 9.86 1.73 9.85
N PRO B 29 9.58 1.96 8.55
CA PRO B 29 8.36 1.48 7.88
C PRO B 29 8.07 -0.02 8.05
N LYS B 30 6.78 -0.36 7.98
CA LYS B 30 6.14 -1.68 8.05
C LYS B 30 4.71 -1.52 7.53
N ARG B 31 3.93 -2.59 7.43
CA ARG B 31 3.16 -2.77 6.17
C ARG B 31 1.64 -2.63 6.25
N LEU B 32 1.07 -2.47 5.06
CA LEU B 32 -0.08 -1.62 4.73
C LEU B 32 -0.91 -2.35 3.65
N HIS B 33 -2.13 -2.76 3.99
CA HIS B 33 -3.07 -3.47 3.10
C HIS B 33 -3.82 -2.46 2.22
N VAL B 34 -3.83 -2.67 0.92
CA VAL B 34 -4.17 -1.68 -0.11
C VAL B 34 -5.20 -2.27 -1.06
N SER B 35 -6.48 -2.07 -0.73
CA SER B 35 -7.64 -2.76 -1.30
C SER B 35 -8.38 -1.98 -2.38
N ASN B 36 -9.30 -2.66 -3.07
CA ASN B 36 -10.23 -2.11 -4.08
C ASN B 36 -9.49 -1.39 -5.23
N ILE B 37 -8.22 -1.71 -5.44
CA ILE B 37 -7.39 -1.20 -6.53
C ILE B 37 -7.95 -1.70 -7.88
N PRO B 38 -7.63 -1.06 -9.02
CA PRO B 38 -8.02 -1.58 -10.33
C PRO B 38 -7.44 -2.99 -10.56
N PHE B 39 -8.19 -3.89 -11.22
CA PHE B 39 -7.55 -5.11 -11.74
C PHE B 39 -6.39 -4.79 -12.72
N ARG B 40 -5.46 -5.75 -12.84
CA ARG B 40 -4.10 -5.71 -13.43
C ARG B 40 -3.22 -4.48 -13.12
N PHE B 41 -3.60 -3.61 -12.18
CA PHE B 41 -2.75 -2.59 -11.58
C PHE B 41 -1.53 -3.24 -10.89
N ARG B 42 -0.33 -2.65 -11.02
CA ARG B 42 0.95 -3.33 -10.74
C ARG B 42 1.61 -2.93 -9.42
N ASP B 43 2.57 -3.76 -9.05
CA ASP B 43 3.57 -3.54 -8.01
C ASP B 43 4.37 -2.22 -8.20
N PRO B 44 5.10 -1.99 -9.32
CA PRO B 44 5.73 -0.70 -9.60
C PRO B 44 4.75 0.49 -9.58
N ASP B 45 3.50 0.28 -9.97
CA ASP B 45 2.47 1.32 -9.90
C ASP B 45 2.19 1.74 -8.45
N LEU B 46 1.99 0.79 -7.53
CA LEU B 46 1.88 1.13 -6.12
C LEU B 46 3.14 1.78 -5.57
N ARG B 47 4.35 1.26 -5.83
CA ARG B 47 5.57 1.85 -5.26
C ARG B 47 5.83 3.27 -5.77
N GLN B 48 5.37 3.62 -6.97
CA GLN B 48 5.41 4.98 -7.52
C GLN B 48 4.33 5.92 -6.95
N MET B 49 3.13 5.39 -6.68
CA MET B 49 1.95 6.14 -6.21
C MET B 49 1.98 6.37 -4.70
N PHE B 50 2.34 5.34 -3.94
CA PHE B 50 2.91 5.53 -2.61
C PHE B 50 4.24 6.31 -2.70
N GLY B 51 5.00 6.15 -3.80
CA GLY B 51 6.26 6.86 -4.11
C GLY B 51 6.18 8.39 -4.16
N GLN B 52 4.99 8.94 -4.46
CA GLN B 52 4.69 10.37 -4.26
C GLN B 52 5.06 10.86 -2.85
N PHE B 53 4.79 10.03 -1.83
CA PHE B 53 5.13 10.24 -0.41
C PHE B 53 6.44 9.58 0.03
N GLY B 54 6.97 8.63 -0.74
CA GLY B 54 8.35 8.13 -0.73
C GLY B 54 8.86 7.55 0.58
N LYS B 55 8.25 6.44 1.01
CA LYS B 55 8.49 5.75 2.30
C LYS B 55 8.68 4.23 2.15
N ILE B 56 8.73 3.74 0.91
CA ILE B 56 8.46 2.34 0.53
C ILE B 56 9.72 1.47 0.61
N LEU B 57 9.71 0.51 1.54
CA LEU B 57 10.73 -0.54 1.66
C LEU B 57 10.43 -1.69 0.69
N ASP B 58 9.15 -2.06 0.52
CA ASP B 58 8.69 -3.14 -0.37
C ASP B 58 7.22 -2.97 -0.81
N VAL B 59 6.83 -3.65 -1.89
CA VAL B 59 5.44 -3.84 -2.36
C VAL B 59 5.15 -5.29 -2.74
N GLU B 60 3.87 -5.64 -2.74
CA GLU B 60 3.38 -7.02 -2.70
C GLU B 60 1.90 -7.10 -3.13
N ILE B 61 1.59 -6.95 -4.43
CA ILE B 61 0.29 -7.28 -5.02
C ILE B 61 -0.09 -8.74 -4.76
N ILE B 62 -1.40 -9.05 -4.65
CA ILE B 62 -1.89 -10.39 -4.39
C ILE B 62 -2.32 -10.92 -5.77
N PHE B 63 -1.37 -11.40 -6.57
CA PHE B 63 -1.62 -11.73 -7.99
C PHE B 63 -2.31 -13.11 -8.15
N ASN B 64 -3.06 -13.30 -9.24
CA ASN B 64 -3.64 -14.59 -9.68
C ASN B 64 -3.47 -14.75 -11.20
N GLU B 65 -3.84 -15.92 -11.75
CA GLU B 65 -3.78 -16.25 -13.19
C GLU B 65 -4.65 -15.39 -14.12
N ARG B 66 -5.46 -14.47 -13.57
CA ARG B 66 -6.31 -13.50 -14.28
C ARG B 66 -5.83 -12.04 -14.13
N GLY B 67 -4.93 -11.74 -13.20
CA GLY B 67 -4.58 -10.38 -12.76
C GLY B 67 -4.62 -10.27 -11.23
N SER B 68 -4.69 -9.05 -10.68
CA SER B 68 -4.83 -8.84 -9.23
C SER B 68 -6.05 -9.57 -8.62
N LYS B 69 -5.95 -10.02 -7.37
CA LYS B 69 -7.08 -10.40 -6.50
C LYS B 69 -7.93 -9.20 -6.03
N GLY B 70 -7.50 -7.99 -6.37
CA GLY B 70 -8.17 -6.72 -6.08
C GLY B 70 -7.52 -5.93 -4.94
N PHE B 71 -6.43 -6.43 -4.38
CA PHE B 71 -5.60 -5.76 -3.39
C PHE B 71 -4.11 -6.08 -3.55
N GLY B 72 -3.30 -5.25 -2.92
CA GLY B 72 -1.89 -5.47 -2.66
C GLY B 72 -1.54 -5.07 -1.22
N PHE B 73 -0.27 -5.23 -0.90
CA PHE B 73 0.40 -4.85 0.32
C PHE B 73 1.60 -3.95 -0.04
N VAL B 74 1.97 -3.02 0.84
CA VAL B 74 3.14 -2.12 0.69
C VAL B 74 3.72 -1.78 2.06
N THR B 75 4.99 -1.39 2.14
CA THR B 75 5.76 -1.38 3.41
C THR B 75 6.22 0.02 3.74
N PHE B 76 5.46 0.69 4.60
CA PHE B 76 5.18 2.12 4.43
C PHE B 76 4.95 2.95 5.68
N GLU B 77 4.19 2.35 6.60
CA GLU B 77 3.55 2.92 7.75
C GLU B 77 4.58 2.98 8.87
N ASN B 78 4.93 4.20 9.28
CA ASN B 78 5.09 4.40 10.72
C ASN B 78 4.73 5.81 11.22
N SER B 79 5.38 6.84 10.69
CA SER B 79 5.21 8.24 11.12
C SER B 79 3.83 8.84 10.81
N ALA B 80 3.50 9.98 11.40
CA ALA B 80 2.27 10.73 11.10
C ALA B 80 2.15 11.11 9.60
N ASP B 81 3.27 11.42 8.94
CA ASP B 81 3.28 11.71 7.51
C ASP B 81 2.97 10.47 6.64
N ALA B 82 3.29 9.26 7.12
CA ALA B 82 2.87 8.01 6.49
C ALA B 82 1.36 7.76 6.68
N ASP B 83 0.82 8.02 7.87
CA ASP B 83 -0.64 7.98 8.13
C ASP B 83 -1.38 8.97 7.22
N ARG B 84 -1.00 10.26 7.24
CA ARG B 84 -1.46 11.33 6.34
C ARG B 84 -1.48 10.89 4.88
N ALA B 85 -0.38 10.34 4.39
CA ALA B 85 -0.27 9.77 3.05
C ALA B 85 -1.27 8.63 2.77
N ARG B 86 -1.35 7.60 3.63
CA ARG B 86 -2.41 6.58 3.63
C ARG B 86 -3.78 7.23 3.49
N GLU B 87 -4.14 8.15 4.37
CA GLU B 87 -5.44 8.80 4.42
C GLU B 87 -5.76 9.62 3.15
N LYS B 88 -4.72 10.13 2.45
CA LYS B 88 -4.84 10.69 1.11
C LYS B 88 -5.20 9.60 0.08
N LEU B 89 -4.40 8.53 -0.05
CA LEU B 89 -4.57 7.49 -1.06
C LEU B 89 -5.80 6.59 -0.81
N HIS B 90 -6.27 6.53 0.42
CA HIS B 90 -7.51 5.92 0.89
C HIS B 90 -8.71 6.80 0.49
N GLY B 91 -9.03 6.77 -0.80
CA GLY B 91 -9.85 7.78 -1.51
C GLY B 91 -9.28 8.25 -2.86
N THR B 92 -8.10 7.76 -3.28
CA THR B 92 -7.46 8.07 -4.57
C THR B 92 -8.10 7.21 -5.66
N VAL B 93 -8.80 7.88 -6.58
CA VAL B 93 -9.29 7.30 -7.84
C VAL B 93 -8.13 7.24 -8.84
N VAL B 94 -7.56 6.05 -9.05
CA VAL B 94 -6.53 5.76 -10.06
C VAL B 94 -7.08 4.76 -11.07
N GLU B 95 -6.80 4.95 -12.37
CA GLU B 95 -7.40 4.19 -13.49
C GLU B 95 -8.96 4.11 -13.46
N GLY B 96 -9.63 5.05 -12.78
CA GLY B 96 -11.08 5.03 -12.56
C GLY B 96 -11.55 4.17 -11.37
N ARG B 97 -10.68 3.89 -10.39
CA ARG B 97 -10.94 3.03 -9.23
C ARG B 97 -10.41 3.64 -7.95
N LYS B 98 -11.25 3.65 -6.92
CA LYS B 98 -10.87 4.17 -5.60
C LYS B 98 -10.18 3.14 -4.71
N ILE B 99 -8.91 3.36 -4.38
CA ILE B 99 -8.16 2.54 -3.41
C ILE B 99 -8.71 2.73 -1.97
N GLU B 100 -8.67 1.67 -1.17
CA GLU B 100 -8.91 1.65 0.28
C GLU B 100 -7.66 1.16 1.05
N VAL B 101 -6.94 2.03 1.77
CA VAL B 101 -5.66 1.67 2.44
C VAL B 101 -5.82 1.41 3.95
N ASN B 102 -6.04 0.15 4.31
CA ASN B 102 -6.14 -0.29 5.70
C ASN B 102 -4.75 -0.54 6.31
N ASN B 103 -4.64 -0.36 7.63
CA ASN B 103 -3.53 -0.94 8.39
C ASN B 103 -3.55 -2.48 8.23
N ALA B 104 -2.38 -3.14 8.18
CA ALA B 104 -2.36 -4.60 8.08
C ALA B 104 -2.55 -5.31 9.43
N THR B 105 -2.93 -6.57 9.32
CA THR B 105 -2.82 -7.59 10.36
C THR B 105 -1.81 -8.61 9.81
N ALA B 106 -0.59 -8.65 10.36
CA ALA B 106 0.46 -9.43 9.71
C ALA B 106 0.26 -10.95 9.85
N ARG B 107 0.65 -11.69 8.81
CA ARG B 107 -0.06 -12.94 8.45
C ARG B 107 0.10 -14.08 9.47
N VAL B 108 1.22 -14.11 10.19
CA VAL B 108 1.60 -15.18 11.13
C VAL B 108 0.92 -15.09 12.51
N MET B 109 0.60 -13.88 12.99
CA MET B 109 0.04 -13.63 14.34
C MET B 109 -1.48 -13.80 14.45
N ASN B 22 19.37 -7.73 8.98
CA ASN B 22 20.48 -6.77 9.25
C ASN B 22 20.78 -6.72 10.76
N THR B 23 22.01 -6.36 11.15
CA THR B 23 22.45 -6.26 12.57
C THR B 23 21.74 -5.16 13.38
N GLU B 24 21.15 -4.16 12.73
CA GLU B 24 20.27 -3.15 13.31
C GLU B 24 19.07 -2.87 12.38
N ASN B 25 17.86 -2.72 12.92
CA ASN B 25 16.66 -2.40 12.13
C ASN B 25 16.71 -0.96 11.57
N LYS B 26 16.81 0.04 12.45
CA LYS B 26 16.62 1.49 12.24
C LYS B 26 15.26 1.89 11.65
N SER B 27 14.94 1.44 10.44
CA SER B 27 13.73 1.73 9.64
C SER B 27 12.43 1.38 10.37
N GLN B 28 11.72 2.40 10.88
CA GLN B 28 10.42 2.25 11.54
C GLN B 28 9.25 1.75 10.67
N PRO B 29 9.16 2.01 9.35
CA PRO B 29 8.09 1.49 8.48
C PRO B 29 7.80 -0.02 8.61
N LYS B 30 6.53 -0.36 8.39
CA LYS B 30 5.85 -1.66 8.53
C LYS B 30 4.45 -1.51 7.93
N ARG B 31 3.69 -2.60 7.86
CA ARG B 31 2.98 -2.89 6.61
C ARG B 31 1.47 -2.68 6.61
N LEU B 32 0.95 -2.62 5.39
CA LEU B 32 -0.19 -1.80 4.97
C LEU B 32 -0.94 -2.55 3.86
N HIS B 33 -2.22 -2.85 4.06
CA HIS B 33 -3.12 -3.56 3.11
C HIS B 33 -3.81 -2.53 2.21
N VAL B 34 -3.90 -2.83 0.92
CA VAL B 34 -4.13 -1.85 -0.15
C VAL B 34 -5.24 -2.38 -1.06
N SER B 35 -6.49 -2.17 -0.67
CA SER B 35 -7.65 -2.85 -1.24
C SER B 35 -8.38 -2.07 -2.33
N ASN B 36 -9.28 -2.76 -3.05
CA ASN B 36 -10.19 -2.20 -4.07
C ASN B 36 -9.45 -1.44 -5.19
N ILE B 37 -8.22 -1.86 -5.45
CA ILE B 37 -7.39 -1.36 -6.56
C ILE B 37 -7.93 -1.88 -7.89
N PRO B 38 -7.66 -1.23 -9.04
CA PRO B 38 -8.02 -1.76 -10.36
C PRO B 38 -7.41 -3.14 -10.65
N PHE B 39 -8.14 -4.00 -11.35
CA PHE B 39 -7.61 -5.19 -12.06
C PHE B 39 -6.64 -4.87 -13.24
N ARG B 40 -5.94 -3.74 -13.16
CA ARG B 40 -4.82 -3.30 -14.03
C ARG B 40 -3.49 -3.16 -13.28
N PHE B 41 -3.53 -3.16 -11.95
CA PHE B 41 -2.39 -2.79 -11.09
C PHE B 41 -1.24 -3.81 -11.04
N ARG B 42 -0.08 -3.32 -10.62
CA ARG B 42 1.18 -4.06 -10.43
C ARG B 42 1.88 -3.65 -9.14
N ASP B 43 2.85 -4.47 -8.79
CA ASP B 43 3.81 -4.28 -7.70
C ASP B 43 4.67 -3.00 -7.90
N PRO B 44 5.33 -2.81 -9.07
CA PRO B 44 5.88 -1.52 -9.51
C PRO B 44 4.89 -0.34 -9.37
N ASP B 45 3.62 -0.57 -9.74
CA ASP B 45 2.56 0.45 -9.65
C ASP B 45 2.37 0.92 -8.20
N LEU B 46 2.16 0.05 -7.21
CA LEU B 46 2.03 0.49 -5.83
C LEU B 46 3.29 1.12 -5.27
N ARG B 47 4.49 0.62 -5.55
CA ARG B 47 5.69 1.31 -5.04
C ARG B 47 5.87 2.72 -5.63
N GLN B 48 5.41 2.95 -6.86
CA GLN B 48 5.39 4.27 -7.51
C GLN B 48 4.24 5.20 -7.02
N MET B 49 3.08 4.64 -6.70
CA MET B 49 1.85 5.36 -6.36
C MET B 49 1.82 5.76 -4.88
N PHE B 50 2.30 4.87 -4.01
CA PHE B 50 2.88 5.29 -2.73
C PHE B 50 4.17 6.10 -2.94
N GLY B 51 4.93 5.86 -4.02
CA GLY B 51 6.21 6.52 -4.33
C GLY B 51 6.14 8.03 -4.56
N GLN B 52 4.95 8.54 -4.86
CA GLN B 52 4.62 9.98 -4.76
C GLN B 52 5.02 10.58 -3.40
N PHE B 53 4.76 9.84 -2.32
CA PHE B 53 5.14 10.15 -0.93
C PHE B 53 6.50 9.55 -0.50
N GLY B 54 6.97 8.52 -1.20
CA GLY B 54 8.35 8.01 -1.22
C GLY B 54 8.94 7.59 0.13
N LYS B 55 8.33 6.57 0.72
CA LYS B 55 8.66 6.01 2.05
C LYS B 55 8.77 4.48 2.06
N ILE B 56 8.52 3.84 0.92
CA ILE B 56 8.29 2.40 0.78
C ILE B 56 9.59 1.59 1.03
N LEU B 57 9.53 0.65 1.97
CA LEU B 57 10.57 -0.36 2.20
C LEU B 57 10.39 -1.56 1.26
N ASP B 58 9.16 -2.08 1.14
CA ASP B 58 8.80 -3.22 0.28
C ASP B 58 7.34 -3.16 -0.19
N VAL B 59 7.00 -3.88 -1.27
CA VAL B 59 5.64 -4.11 -1.80
C VAL B 59 5.39 -5.57 -2.18
N GLU B 60 4.10 -5.89 -2.37
CA GLU B 60 3.58 -7.24 -2.55
C GLU B 60 2.12 -7.22 -3.05
N ILE B 61 1.85 -7.20 -4.37
CA ILE B 61 0.48 -7.41 -4.90
C ILE B 61 0.02 -8.86 -4.66
N ILE B 62 -1.29 -9.08 -4.46
CA ILE B 62 -1.91 -10.36 -4.27
C ILE B 62 -2.41 -10.65 -5.70
N PHE B 63 -1.71 -11.52 -6.44
CA PHE B 63 -1.81 -11.57 -7.91
C PHE B 63 -2.61 -12.79 -8.41
N ASN B 64 -3.23 -12.67 -9.58
CA ASN B 64 -3.77 -13.79 -10.35
C ASN B 64 -3.41 -13.51 -11.82
N GLU B 65 -3.46 -14.49 -12.71
CA GLU B 65 -3.20 -14.34 -14.15
C GLU B 65 -4.11 -13.27 -14.80
N ARG B 66 -5.28 -13.01 -14.17
CA ARG B 66 -6.22 -11.94 -14.55
C ARG B 66 -5.73 -10.50 -14.32
N GLY B 67 -4.65 -10.25 -13.58
CA GLY B 67 -3.98 -8.93 -13.56
C GLY B 67 -4.14 -8.14 -12.25
N SER B 68 -4.22 -8.88 -11.14
CA SER B 68 -4.50 -8.53 -9.73
C SER B 68 -5.64 -9.39 -9.18
N LYS B 69 -5.62 -9.66 -7.87
CA LYS B 69 -6.66 -10.34 -7.08
C LYS B 69 -7.57 -9.34 -6.34
N GLY B 70 -7.27 -8.04 -6.48
CA GLY B 70 -8.08 -6.90 -6.04
C GLY B 70 -7.45 -6.09 -4.91
N PHE B 71 -6.34 -6.57 -4.33
CA PHE B 71 -5.56 -5.86 -3.32
C PHE B 71 -4.05 -6.15 -3.45
N GLY B 72 -3.27 -5.32 -2.77
CA GLY B 72 -1.85 -5.49 -2.52
C GLY B 72 -1.49 -5.17 -1.07
N PHE B 73 -0.21 -5.25 -0.80
CA PHE B 73 0.46 -5.00 0.47
C PHE B 73 1.71 -4.15 0.22
N VAL B 74 2.03 -3.24 1.15
CA VAL B 74 3.20 -2.35 1.09
C VAL B 74 3.71 -2.02 2.50
N THR B 75 4.96 -1.57 2.64
CA THR B 75 5.67 -1.48 3.94
C THR B 75 6.09 -0.04 4.20
N PHE B 76 5.33 0.67 5.05
CA PHE B 76 5.10 2.09 4.83
C PHE B 76 4.77 2.96 6.06
N GLU B 77 3.92 2.43 6.92
CA GLU B 77 2.84 3.14 7.60
C GLU B 77 3.32 4.07 8.73
N ASN B 78 4.51 3.81 9.26
CA ASN B 78 4.89 4.25 10.60
C ASN B 78 5.60 5.64 10.63
N SER B 79 4.86 6.69 10.26
CA SER B 79 5.17 8.11 10.45
C SER B 79 3.88 8.95 10.45
N ALA B 80 3.92 10.19 10.91
CA ALA B 80 2.84 11.15 10.67
C ALA B 80 2.64 11.40 9.16
N ASP B 81 3.73 11.61 8.43
CA ASP B 81 3.66 11.90 6.98
C ASP B 81 3.27 10.66 6.16
N ALA B 82 3.58 9.46 6.66
CA ALA B 82 3.09 8.19 6.12
C ALA B 82 1.59 7.98 6.38
N ASP B 83 1.11 8.25 7.60
CA ASP B 83 -0.33 8.21 7.92
C ASP B 83 -1.12 9.24 7.08
N ARG B 84 -0.61 10.47 6.95
CA ARG B 84 -1.11 11.53 6.06
C ARG B 84 -1.23 11.05 4.61
N ALA B 85 -0.16 10.44 4.10
CA ALA B 85 -0.14 9.81 2.77
C ALA B 85 -1.19 8.68 2.61
N ARG B 86 -1.24 7.70 3.52
CA ARG B 86 -2.34 6.72 3.68
C ARG B 86 -3.70 7.42 3.57
N GLU B 87 -3.98 8.40 4.41
CA GLU B 87 -5.24 9.15 4.41
C GLU B 87 -5.56 9.84 3.08
N LYS B 88 -4.55 10.25 2.30
CA LYS B 88 -4.72 10.74 0.93
C LYS B 88 -5.09 9.60 -0.04
N LEU B 89 -4.35 8.49 -0.09
CA LEU B 89 -4.55 7.40 -1.04
C LEU B 89 -5.76 6.50 -0.68
N HIS B 90 -6.18 6.49 0.59
CA HIS B 90 -7.39 5.87 1.13
C HIS B 90 -8.62 6.70 0.73
N GLY B 91 -9.10 6.47 -0.50
CA GLY B 91 -10.05 7.32 -1.21
C GLY B 91 -9.57 7.84 -2.57
N THR B 92 -8.40 7.40 -3.07
CA THR B 92 -7.84 7.80 -4.36
C THR B 92 -8.44 6.97 -5.48
N VAL B 93 -9.28 7.61 -6.31
CA VAL B 93 -9.74 7.07 -7.60
C VAL B 93 -8.61 7.09 -8.62
N VAL B 94 -8.22 5.92 -9.12
CA VAL B 94 -7.23 5.67 -10.18
C VAL B 94 -7.79 4.61 -11.13
N GLU B 95 -7.59 4.75 -12.44
CA GLU B 95 -8.26 3.94 -13.48
C GLU B 95 -9.80 3.82 -13.33
N GLY B 96 -10.44 4.76 -12.62
CA GLY B 96 -11.85 4.70 -12.26
C GLY B 96 -12.18 3.75 -11.08
N ARG B 97 -11.24 3.57 -10.13
CA ARG B 97 -11.37 2.69 -8.96
C ARG B 97 -10.73 3.30 -7.73
N LYS B 98 -11.39 3.15 -6.60
CA LYS B 98 -11.05 3.88 -5.37
C LYS B 98 -10.31 3.02 -4.34
N ILE B 99 -8.98 3.20 -4.22
CA ILE B 99 -8.14 2.42 -3.28
C ILE B 99 -8.59 2.64 -1.82
N GLU B 100 -8.55 1.56 -1.03
CA GLU B 100 -8.75 1.56 0.42
C GLU B 100 -7.47 1.10 1.15
N VAL B 101 -6.67 2.02 1.72
CA VAL B 101 -5.39 1.67 2.36
C VAL B 101 -5.56 1.38 3.86
N ASN B 102 -6.02 0.17 4.13
CA ASN B 102 -6.32 -0.32 5.48
C ASN B 102 -5.03 -0.70 6.22
N ASN B 103 -5.00 -0.46 7.53
CA ASN B 103 -3.88 -0.93 8.35
C ASN B 103 -3.85 -2.49 8.32
N ALA B 104 -2.68 -3.10 8.48
CA ALA B 104 -2.57 -4.56 8.38
C ALA B 104 -2.53 -5.30 9.72
N THR B 105 -3.38 -6.31 9.80
CA THR B 105 -3.08 -7.61 10.41
C THR B 105 -1.92 -8.26 9.65
N ALA B 106 -0.66 -8.02 10.06
CA ALA B 106 0.46 -8.64 9.35
C ALA B 106 0.52 -10.17 9.56
N ARG B 107 1.14 -10.91 8.62
CA ARG B 107 0.81 -12.34 8.40
C ARG B 107 1.52 -13.31 9.35
N VAL B 108 1.18 -13.26 10.65
CA VAL B 108 1.63 -14.05 11.83
C VAL B 108 3.15 -14.14 12.11
N MET B 109 4.01 -13.81 11.14
CA MET B 109 5.47 -13.64 11.22
C MET B 109 5.92 -12.62 12.30
N ASN B 22 15.10 0.87 23.96
CA ASN B 22 13.92 -0.01 24.12
C ASN B 22 13.07 -0.06 22.85
N THR B 23 11.96 -0.81 22.87
CA THR B 23 11.04 -1.06 21.73
C THR B 23 10.58 0.20 20.98
N GLU B 24 10.43 1.34 21.66
CA GLU B 24 10.04 2.63 21.07
C GLU B 24 10.96 3.10 19.94
N ASN B 25 12.24 2.69 19.95
CA ASN B 25 13.24 3.02 18.93
C ASN B 25 13.03 2.26 17.60
N LYS B 26 12.24 1.18 17.57
CA LYS B 26 12.03 0.31 16.40
C LYS B 26 10.96 0.86 15.43
N SER B 27 11.21 2.05 14.89
CA SER B 27 10.35 2.82 13.96
C SER B 27 10.34 2.34 12.50
N GLN B 28 11.01 1.22 12.19
CA GLN B 28 11.12 0.63 10.84
C GLN B 28 9.74 0.43 10.17
N PRO B 29 9.50 0.95 8.94
CA PRO B 29 8.30 0.69 8.14
C PRO B 29 7.94 -0.79 7.96
N LYS B 30 6.63 -1.07 7.89
CA LYS B 30 5.86 -2.33 7.98
C LYS B 30 4.56 -2.16 8.78
N ARG B 31 3.41 -2.48 8.19
CA ARG B 31 3.01 -2.70 6.78
C ARG B 31 1.55 -2.30 6.55
N LEU B 32 1.16 -2.21 5.28
CA LEU B 32 0.03 -1.46 4.76
C LEU B 32 -0.73 -2.32 3.73
N HIS B 33 -1.95 -2.76 4.06
CA HIS B 33 -2.88 -3.46 3.16
C HIS B 33 -3.57 -2.42 2.26
N VAL B 34 -3.83 -2.75 1.00
CA VAL B 34 -4.17 -1.78 -0.07
C VAL B 34 -5.20 -2.39 -1.02
N SER B 35 -6.48 -2.24 -0.70
CA SER B 35 -7.61 -2.87 -1.40
C SER B 35 -8.31 -1.97 -2.42
N ASN B 36 -9.19 -2.57 -3.23
CA ASN B 36 -10.04 -1.92 -4.24
C ASN B 36 -9.25 -1.08 -5.27
N ILE B 37 -8.03 -1.52 -5.57
CA ILE B 37 -7.19 -0.96 -6.64
C ILE B 37 -7.73 -1.41 -8.01
N PRO B 38 -7.48 -0.69 -9.12
CA PRO B 38 -7.76 -1.20 -10.47
C PRO B 38 -6.97 -2.49 -10.76
N PHE B 39 -7.62 -3.54 -11.28
CA PHE B 39 -6.99 -4.85 -11.52
C PHE B 39 -5.66 -4.80 -12.30
N ARG B 40 -5.51 -3.85 -13.23
CA ARG B 40 -4.31 -3.69 -14.08
C ARG B 40 -3.05 -3.26 -13.32
N PHE B 41 -3.18 -2.80 -12.06
CA PHE B 41 -2.06 -2.41 -11.18
C PHE B 41 -1.03 -3.53 -10.97
N ARG B 42 0.23 -3.10 -10.78
CA ARG B 42 1.39 -3.92 -10.42
C ARG B 42 2.03 -3.47 -9.11
N ASP B 43 3.02 -4.26 -8.72
CA ASP B 43 4.02 -3.92 -7.70
C ASP B 43 4.67 -2.54 -7.99
N PRO B 44 5.37 -2.30 -9.12
CA PRO B 44 5.93 -0.98 -9.45
C PRO B 44 4.91 0.17 -9.44
N ASP B 45 3.66 -0.09 -9.84
CA ASP B 45 2.59 0.89 -9.74
C ASP B 45 2.34 1.31 -8.30
N LEU B 46 2.07 0.40 -7.34
CA LEU B 46 1.88 0.85 -5.96
C LEU B 46 3.12 1.49 -5.36
N ARG B 47 4.35 0.99 -5.62
CA ARG B 47 5.54 1.64 -5.06
C ARG B 47 5.73 3.06 -5.58
N GLN B 48 5.35 3.34 -6.83
CA GLN B 48 5.38 4.68 -7.45
C GLN B 48 4.19 5.59 -7.02
N MET B 49 3.01 5.01 -6.83
CA MET B 49 1.76 5.70 -6.52
C MET B 49 1.70 6.10 -5.05
N PHE B 50 2.06 5.18 -4.14
CA PHE B 50 2.55 5.57 -2.82
C PHE B 50 3.87 6.36 -2.92
N GLY B 51 4.68 6.11 -3.95
CA GLY B 51 5.99 6.75 -4.21
C GLY B 51 5.96 8.27 -4.44
N GLN B 52 4.79 8.86 -4.74
CA GLN B 52 4.60 10.31 -4.59
C GLN B 52 4.99 10.83 -3.19
N PHE B 53 4.74 10.05 -2.14
CA PHE B 53 5.21 10.30 -0.78
C PHE B 53 6.66 9.78 -0.57
N GLY B 54 7.00 8.63 -1.14
CA GLY B 54 8.38 8.20 -1.41
C GLY B 54 9.20 7.73 -0.21
N LYS B 55 8.52 7.03 0.71
CA LYS B 55 9.03 6.53 2.00
C LYS B 55 9.16 5.00 2.07
N ILE B 56 8.37 4.31 1.25
CA ILE B 56 8.20 2.86 1.07
C ILE B 56 9.53 2.08 1.06
N LEU B 57 9.54 0.92 1.74
CA LEU B 57 10.61 -0.08 1.70
C LEU B 57 10.37 -1.14 0.61
N ASP B 58 9.16 -1.72 0.56
CA ASP B 58 8.82 -2.84 -0.32
C ASP B 58 7.31 -2.89 -0.67
N VAL B 59 6.92 -3.66 -1.70
CA VAL B 59 5.54 -3.91 -2.14
C VAL B 59 5.29 -5.37 -2.55
N GLU B 60 4.01 -5.74 -2.63
CA GLU B 60 3.53 -7.14 -2.62
C GLU B 60 2.05 -7.25 -3.02
N ILE B 61 1.72 -7.16 -4.32
CA ILE B 61 0.39 -7.48 -4.88
C ILE B 61 0.01 -8.94 -4.65
N ILE B 62 -1.27 -9.24 -4.45
CA ILE B 62 -1.71 -10.61 -4.16
C ILE B 62 -2.15 -11.23 -5.50
N PHE B 63 -1.18 -11.50 -6.38
CA PHE B 63 -1.45 -11.76 -7.80
C PHE B 63 -2.35 -13.00 -8.03
N ASN B 64 -3.03 -13.05 -9.18
CA ASN B 64 -3.68 -14.22 -9.75
C ASN B 64 -3.41 -14.16 -11.27
N GLU B 65 -3.38 -15.30 -11.96
CA GLU B 65 -3.23 -15.38 -13.42
C GLU B 65 -4.31 -14.59 -14.19
N ARG B 66 -5.47 -14.33 -13.56
CA ARG B 66 -6.50 -13.41 -14.08
C ARG B 66 -6.06 -11.93 -14.10
N GLY B 67 -5.13 -11.48 -13.24
CA GLY B 67 -4.57 -10.12 -13.26
C GLY B 67 -4.88 -9.31 -11.99
N SER B 68 -4.13 -9.57 -10.93
CA SER B 68 -4.32 -9.18 -9.52
C SER B 68 -5.54 -9.85 -8.87
N LYS B 69 -5.69 -9.71 -7.55
CA LYS B 69 -6.91 -10.01 -6.76
C LYS B 69 -7.63 -8.75 -6.28
N GLY B 70 -7.17 -7.58 -6.74
CA GLY B 70 -7.76 -6.29 -6.41
C GLY B 70 -7.20 -5.65 -5.13
N PHE B 71 -6.22 -6.30 -4.50
CA PHE B 71 -5.40 -5.74 -3.44
C PHE B 71 -3.94 -6.15 -3.53
N GLY B 72 -3.12 -5.33 -2.88
CA GLY B 72 -1.73 -5.61 -2.56
C GLY B 72 -1.40 -5.16 -1.15
N PHE B 73 -0.14 -5.34 -0.81
CA PHE B 73 0.54 -4.89 0.39
C PHE B 73 1.69 -3.97 0.00
N VAL B 74 2.01 -3.01 0.87
CA VAL B 74 3.17 -2.12 0.77
C VAL B 74 3.75 -1.89 2.17
N THR B 75 5.03 -1.52 2.26
CA THR B 75 5.80 -1.63 3.50
C THR B 75 6.21 -0.25 3.97
N PHE B 76 5.36 0.28 4.85
CA PHE B 76 5.16 1.69 5.06
C PHE B 76 4.70 1.95 6.53
N GLU B 77 3.87 2.97 6.81
CA GLU B 77 2.84 3.00 7.85
C GLU B 77 3.38 3.43 9.24
N ASN B 78 4.65 3.85 9.29
CA ASN B 78 5.37 4.12 10.54
C ASN B 78 5.85 5.58 10.73
N SER B 79 5.25 6.54 10.03
CA SER B 79 5.47 7.99 10.17
C SER B 79 4.14 8.75 10.16
N ALA B 80 4.12 9.99 10.69
CA ALA B 80 3.03 10.92 10.43
C ALA B 80 2.82 11.15 8.93
N ASP B 81 3.91 11.18 8.14
CA ASP B 81 3.82 11.30 6.68
C ASP B 81 3.26 10.03 6.02
N ALA B 82 3.44 8.86 6.63
CA ALA B 82 2.82 7.60 6.20
C ALA B 82 1.31 7.56 6.49
N ASP B 83 0.89 7.94 7.70
CA ASP B 83 -0.52 8.12 8.05
C ASP B 83 -1.19 9.13 7.09
N ARG B 84 -0.60 10.32 6.94
CA ARG B 84 -0.98 11.36 5.97
C ARG B 84 -1.13 10.79 4.56
N ALA B 85 -0.15 10.03 4.09
CA ALA B 85 -0.19 9.35 2.80
C ALA B 85 -1.37 8.39 2.67
N ARG B 86 -1.52 7.41 3.56
CA ARG B 86 -2.69 6.52 3.63
C ARG B 86 -3.98 7.33 3.56
N GLU B 87 -4.17 8.32 4.42
CA GLU B 87 -5.36 9.18 4.45
C GLU B 87 -5.64 9.93 3.14
N LYS B 88 -4.59 10.31 2.39
CA LYS B 88 -4.70 10.88 1.05
C LYS B 88 -5.16 9.82 0.02
N LEU B 89 -4.51 8.65 -0.04
CA LEU B 89 -4.76 7.60 -1.03
C LEU B 89 -5.98 6.71 -0.72
N HIS B 90 -6.44 6.72 0.52
CA HIS B 90 -7.67 6.09 0.99
C HIS B 90 -8.88 6.92 0.59
N GLY B 91 -9.49 6.56 -0.54
CA GLY B 91 -10.45 7.38 -1.27
C GLY B 91 -9.91 8.00 -2.56
N THR B 92 -8.69 7.63 -3.00
CA THR B 92 -8.11 8.06 -4.29
C THR B 92 -8.70 7.23 -5.42
N VAL B 93 -9.57 7.84 -6.23
CA VAL B 93 -9.94 7.31 -7.55
C VAL B 93 -8.73 7.44 -8.49
N VAL B 94 -8.26 6.30 -9.01
CA VAL B 94 -7.19 6.15 -9.99
C VAL B 94 -7.67 5.17 -11.07
N GLU B 95 -7.29 5.39 -12.33
CA GLU B 95 -7.89 4.76 -13.53
C GLU B 95 -9.42 4.95 -13.64
N GLY B 96 -10.18 4.22 -12.82
CA GLY B 96 -11.63 4.28 -12.64
C GLY B 96 -12.09 3.54 -11.37
N ARG B 97 -11.24 3.51 -10.34
CA ARG B 97 -11.39 2.72 -9.12
C ARG B 97 -10.81 3.45 -7.93
N LYS B 98 -11.41 3.24 -6.76
CA LYS B 98 -11.13 4.01 -5.56
C LYS B 98 -10.44 3.19 -4.47
N ILE B 99 -9.12 3.37 -4.29
CA ILE B 99 -8.34 2.58 -3.32
C ILE B 99 -8.93 2.73 -1.91
N GLU B 100 -9.08 1.60 -1.22
CA GLU B 100 -9.36 1.48 0.22
C GLU B 100 -8.11 0.94 0.93
N VAL B 101 -7.24 1.81 1.42
CA VAL B 101 -6.03 1.39 2.17
C VAL B 101 -6.42 0.98 3.60
N ASN B 102 -5.66 0.13 4.27
CA ASN B 102 -5.87 -0.22 5.68
C ASN B 102 -4.57 -0.57 6.39
N ASN B 103 -4.54 -0.33 7.70
CA ASN B 103 -3.49 -0.86 8.56
C ASN B 103 -3.48 -2.39 8.50
N ALA B 104 -2.31 -3.02 8.49
CA ALA B 104 -2.25 -4.48 8.36
C ALA B 104 -2.40 -5.24 9.68
N THR B 105 -2.83 -6.51 9.53
CA THR B 105 -2.54 -7.61 10.45
C THR B 105 -1.47 -8.49 9.78
N ALA B 106 -0.63 -9.23 10.51
CA ALA B 106 0.53 -9.91 9.92
C ALA B 106 0.78 -11.33 10.47
N ARG B 107 0.10 -12.38 9.99
CA ARG B 107 -1.07 -12.45 9.06
C ARG B 107 -2.26 -13.19 9.71
N VAL B 108 -2.10 -13.62 10.96
CA VAL B 108 -2.96 -14.55 11.70
C VAL B 108 -3.45 -13.97 13.05
N MET B 109 -4.51 -14.50 13.69
CA MET B 109 -5.49 -15.49 13.19
C MET B 109 -6.38 -14.99 12.04
N ASN B 22 -0.01 8.08 23.52
CA ASN B 22 1.16 7.47 22.83
C ASN B 22 1.74 8.44 21.79
N THR B 23 3.01 8.28 21.44
CA THR B 23 3.67 8.93 20.30
C THR B 23 3.13 8.41 18.96
N GLU B 24 3.34 9.17 17.89
CA GLU B 24 2.82 8.90 16.54
C GLU B 24 3.75 8.03 15.67
N ASN B 25 5.06 8.03 15.95
CA ASN B 25 6.07 7.22 15.27
C ASN B 25 6.43 5.98 16.11
N LYS B 26 6.06 4.78 15.64
CA LYS B 26 6.34 3.49 16.27
C LYS B 26 6.83 2.44 15.27
N SER B 27 7.59 1.44 15.72
CA SER B 27 8.08 0.25 14.98
C SER B 27 8.91 0.47 13.69
N GLN B 28 8.95 1.68 13.12
CA GLN B 28 9.40 2.04 11.75
C GLN B 28 8.53 1.38 10.64
N PRO B 29 8.56 1.84 9.37
CA PRO B 29 7.66 1.40 8.30
C PRO B 29 7.43 -0.13 8.17
N LYS B 30 6.14 -0.55 8.19
CA LYS B 30 5.54 -1.90 8.16
C LYS B 30 4.19 -1.99 8.89
N ARG B 31 3.14 -2.45 8.24
CA ARG B 31 2.85 -2.70 6.81
C ARG B 31 1.36 -2.45 6.50
N LEU B 32 1.02 -2.38 5.22
CA LEU B 32 -0.10 -1.61 4.70
C LEU B 32 -0.87 -2.39 3.63
N HIS B 33 -2.13 -2.74 3.91
CA HIS B 33 -3.05 -3.42 2.98
C HIS B 33 -3.76 -2.37 2.10
N VAL B 34 -3.80 -2.60 0.79
CA VAL B 34 -4.07 -1.59 -0.23
C VAL B 34 -5.07 -2.17 -1.23
N SER B 35 -6.37 -1.93 -0.99
CA SER B 35 -7.50 -2.69 -1.53
C SER B 35 -8.41 -1.92 -2.49
N ASN B 36 -9.32 -2.65 -3.16
CA ASN B 36 -10.26 -2.19 -4.19
C ASN B 36 -9.59 -1.62 -5.45
N ILE B 37 -8.28 -1.82 -5.60
CA ILE B 37 -7.46 -1.29 -6.70
C ILE B 37 -7.89 -1.88 -8.05
N PRO B 38 -7.69 -1.19 -9.18
CA PRO B 38 -7.86 -1.75 -10.52
C PRO B 38 -7.05 -3.05 -10.70
N PHE B 39 -7.68 -4.13 -11.18
CA PHE B 39 -7.00 -5.42 -11.38
C PHE B 39 -5.72 -5.40 -12.26
N ARG B 40 -5.55 -4.35 -13.06
CA ARG B 40 -4.40 -4.12 -13.96
C ARG B 40 -3.19 -3.50 -13.24
N PHE B 41 -3.32 -3.09 -11.97
CA PHE B 41 -2.21 -2.65 -11.12
C PHE B 41 -1.12 -3.72 -10.95
N ARG B 42 0.11 -3.25 -10.69
CA ARG B 42 1.29 -4.06 -10.38
C ARG B 42 2.05 -3.49 -9.17
N ASP B 43 3.08 -4.25 -8.79
CA ASP B 43 4.10 -3.87 -7.83
C ASP B 43 4.74 -2.49 -8.18
N PRO B 44 5.27 -2.28 -9.41
CA PRO B 44 5.74 -0.96 -9.86
C PRO B 44 4.71 0.17 -9.71
N ASP B 45 3.42 -0.09 -9.98
CA ASP B 45 2.37 0.90 -9.79
C ASP B 45 2.28 1.31 -8.32
N LEU B 46 2.08 0.38 -7.36
CA LEU B 46 1.96 0.82 -5.97
C LEU B 46 3.23 1.44 -5.41
N ARG B 47 4.43 0.96 -5.76
CA ARG B 47 5.65 1.62 -5.26
C ARG B 47 5.82 3.04 -5.83
N GLN B 48 5.37 3.30 -7.06
CA GLN B 48 5.38 4.65 -7.66
C GLN B 48 4.24 5.56 -7.13
N MET B 49 3.08 5.00 -6.84
CA MET B 49 1.85 5.71 -6.49
C MET B 49 1.81 6.08 -5.02
N PHE B 50 2.26 5.17 -4.14
CA PHE B 50 2.79 5.58 -2.84
C PHE B 50 4.10 6.38 -3.02
N GLY B 51 4.89 6.11 -4.07
CA GLY B 51 6.17 6.76 -4.37
C GLY B 51 6.14 8.28 -4.51
N GLN B 52 5.00 8.88 -4.88
CA GLN B 52 4.81 10.34 -4.75
C GLN B 52 5.10 10.88 -3.33
N PHE B 53 4.74 10.11 -2.29
CA PHE B 53 5.08 10.38 -0.90
C PHE B 53 6.46 9.79 -0.51
N GLY B 54 6.77 8.59 -1.01
CA GLY B 54 8.14 8.06 -1.13
C GLY B 54 8.82 7.65 0.17
N LYS B 55 8.12 6.80 0.93
CA LYS B 55 8.54 6.20 2.21
C LYS B 55 8.50 4.67 2.22
N ILE B 56 8.32 4.07 1.03
CA ILE B 56 8.18 2.62 0.78
C ILE B 56 9.51 1.89 0.98
N LEU B 57 9.49 0.83 1.80
CA LEU B 57 10.58 -0.14 1.94
C LEU B 57 10.43 -1.30 0.94
N ASP B 58 9.22 -1.84 0.79
CA ASP B 58 8.86 -2.95 -0.12
C ASP B 58 7.38 -2.93 -0.52
N VAL B 59 7.03 -3.63 -1.61
CA VAL B 59 5.65 -3.89 -2.09
C VAL B 59 5.43 -5.34 -2.50
N GLU B 60 4.15 -5.72 -2.60
CA GLU B 60 3.67 -7.09 -2.70
C GLU B 60 2.18 -7.14 -3.09
N ILE B 61 1.85 -7.03 -4.38
CA ILE B 61 0.50 -7.32 -4.94
C ILE B 61 0.09 -8.77 -4.64
N ILE B 62 -1.21 -9.03 -4.45
CA ILE B 62 -1.73 -10.34 -4.10
C ILE B 62 -2.20 -10.88 -5.45
N PHE B 63 -1.28 -11.47 -6.22
CA PHE B 63 -1.51 -11.76 -7.64
C PHE B 63 -2.34 -13.04 -7.83
N ASN B 64 -2.90 -13.24 -9.03
CA ASN B 64 -3.43 -14.50 -9.54
C ASN B 64 -3.00 -14.69 -11.01
N GLU B 65 -3.32 -15.83 -11.62
CA GLU B 65 -3.16 -16.05 -13.07
C GLU B 65 -3.97 -15.04 -13.91
N ARG B 66 -5.10 -14.55 -13.36
CA ARG B 66 -6.02 -13.59 -13.98
C ARG B 66 -5.53 -12.12 -14.02
N GLY B 67 -4.58 -11.75 -13.15
CA GLY B 67 -4.27 -10.34 -12.80
C GLY B 67 -4.17 -10.19 -11.28
N SER B 68 -4.23 -8.97 -10.75
CA SER B 68 -4.37 -8.76 -9.30
C SER B 68 -5.63 -9.45 -8.73
N LYS B 69 -5.61 -9.75 -7.42
CA LYS B 69 -6.77 -10.16 -6.60
C LYS B 69 -7.55 -8.99 -6.00
N GLY B 70 -7.17 -7.76 -6.37
CA GLY B 70 -7.88 -6.53 -6.05
C GLY B 70 -7.30 -5.78 -4.86
N PHE B 71 -6.23 -6.32 -4.25
CA PHE B 71 -5.40 -5.66 -3.29
C PHE B 71 -3.91 -6.00 -3.48
N GLY B 72 -3.08 -5.13 -2.94
CA GLY B 72 -1.67 -5.38 -2.67
C GLY B 72 -1.34 -5.01 -1.24
N PHE B 73 -0.09 -5.27 -0.88
CA PHE B 73 0.57 -4.93 0.36
C PHE B 73 1.78 -4.05 0.08
N VAL B 74 2.05 -3.09 0.96
CA VAL B 74 3.21 -2.19 0.89
C VAL B 74 3.75 -1.89 2.30
N THR B 75 5.00 -1.44 2.41
CA THR B 75 5.74 -1.47 3.68
C THR B 75 6.16 -0.05 4.11
N PHE B 76 5.33 0.58 4.95
CA PHE B 76 5.09 2.02 4.79
C PHE B 76 4.80 2.89 6.03
N GLU B 77 3.74 2.53 6.75
CA GLU B 77 2.75 3.44 7.38
C GLU B 77 3.33 4.41 8.42
N ASN B 78 4.40 4.00 9.08
CA ASN B 78 4.53 4.35 10.50
C ASN B 78 5.15 5.72 10.79
N SER B 79 5.65 6.44 9.79
CA SER B 79 6.37 7.73 9.94
C SER B 79 5.51 8.95 10.34
N ALA B 80 4.22 8.76 10.65
CA ALA B 80 3.12 9.74 10.65
C ALA B 80 2.87 10.44 9.30
N ASP B 81 3.91 10.95 8.63
CA ASP B 81 3.82 11.46 7.26
C ASP B 81 3.33 10.39 6.27
N ALA B 82 3.73 9.14 6.51
CA ALA B 82 3.23 7.95 5.82
C ALA B 82 1.77 7.58 6.20
N ASP B 83 1.32 7.80 7.44
CA ASP B 83 -0.09 7.59 7.82
C ASP B 83 -0.99 8.67 7.21
N ARG B 84 -0.53 9.93 7.21
CA ARG B 84 -1.11 11.07 6.48
C ARG B 84 -1.24 10.77 4.98
N ALA B 85 -0.18 10.27 4.38
CA ALA B 85 -0.18 9.75 3.00
C ALA B 85 -1.23 8.65 2.77
N ARG B 86 -1.26 7.59 3.58
CA ARG B 86 -2.39 6.61 3.65
C ARG B 86 -3.74 7.31 3.65
N GLU B 87 -3.99 8.20 4.60
CA GLU B 87 -5.24 8.95 4.72
C GLU B 87 -5.60 9.79 3.48
N LYS B 88 -4.60 10.25 2.71
CA LYS B 88 -4.80 10.87 1.40
C LYS B 88 -5.19 9.82 0.33
N LEU B 89 -4.43 8.73 0.14
CA LEU B 89 -4.67 7.74 -0.91
C LEU B 89 -5.86 6.80 -0.65
N HIS B 90 -6.28 6.67 0.60
CA HIS B 90 -7.50 6.00 1.06
C HIS B 90 -8.73 6.85 0.69
N GLY B 91 -9.11 6.78 -0.59
CA GLY B 91 -9.97 7.74 -1.26
C GLY B 91 -9.48 8.21 -2.65
N THR B 92 -8.36 7.69 -3.16
CA THR B 92 -7.77 8.05 -4.47
C THR B 92 -8.46 7.28 -5.58
N VAL B 93 -9.35 7.96 -6.32
CA VAL B 93 -9.91 7.53 -7.61
C VAL B 93 -8.82 7.62 -8.68
N VAL B 94 -8.30 6.46 -9.14
CA VAL B 94 -7.16 6.37 -10.06
C VAL B 94 -7.57 6.04 -11.51
N GLU B 95 -8.04 4.82 -11.79
CA GLU B 95 -8.52 4.40 -13.13
C GLU B 95 -10.06 4.49 -13.25
N GLY B 96 -10.68 5.41 -12.51
CA GLY B 96 -12.12 5.39 -12.22
C GLY B 96 -12.48 4.38 -11.12
N ARG B 97 -11.55 4.15 -10.19
CA ARG B 97 -11.58 3.16 -9.10
C ARG B 97 -10.92 3.74 -7.88
N LYS B 98 -11.50 3.54 -6.71
CA LYS B 98 -11.04 4.20 -5.48
C LYS B 98 -10.26 3.26 -4.55
N ILE B 99 -8.96 3.50 -4.37
CA ILE B 99 -8.12 2.69 -3.46
C ILE B 99 -8.60 2.85 -1.99
N GLU B 100 -8.57 1.74 -1.26
CA GLU B 100 -8.84 1.60 0.17
C GLU B 100 -7.57 1.16 0.93
N VAL B 101 -6.83 2.07 1.60
CA VAL B 101 -5.55 1.73 2.27
C VAL B 101 -5.71 1.46 3.78
N ASN B 102 -6.05 0.23 4.10
CA ASN B 102 -6.29 -0.22 5.47
C ASN B 102 -4.97 -0.56 6.18
N ASN B 103 -4.92 -0.31 7.49
CA ASN B 103 -3.84 -0.86 8.31
C ASN B 103 -3.91 -2.42 8.29
N ALA B 104 -2.81 -3.11 8.60
CA ALA B 104 -2.73 -4.56 8.39
C ALA B 104 -2.85 -5.45 9.64
N THR B 105 -3.19 -6.70 9.34
CA THR B 105 -3.20 -7.90 10.19
C THR B 105 -2.18 -8.87 9.60
N ALA B 106 -1.02 -9.10 10.23
CA ALA B 106 0.15 -9.53 9.48
C ALA B 106 0.33 -11.05 9.25
N ARG B 107 -0.46 -11.57 8.30
CA ARG B 107 -0.21 -12.67 7.35
C ARG B 107 -0.31 -14.10 7.92
N VAL B 108 -0.22 -14.27 9.24
CA VAL B 108 -0.31 -15.55 9.96
C VAL B 108 -1.06 -15.40 11.29
N MET B 109 -1.65 -16.50 11.79
CA MET B 109 -2.45 -16.60 13.02
C MET B 109 -2.02 -17.80 13.88
N ASN B 22 9.01 16.06 20.16
CA ASN B 22 9.19 15.59 18.76
C ASN B 22 10.32 14.56 18.67
N THR B 23 10.10 13.47 17.95
CA THR B 23 11.12 12.46 17.64
C THR B 23 12.08 12.90 16.53
N GLU B 24 13.26 12.26 16.45
CA GLU B 24 14.28 12.46 15.41
C GLU B 24 14.95 11.15 14.95
N ASN B 25 14.42 10.01 15.42
CA ASN B 25 14.97 8.65 15.35
C ASN B 25 14.87 7.98 13.96
N LYS B 26 14.39 8.71 12.93
CA LYS B 26 13.98 8.27 11.58
C LYS B 26 12.79 7.30 11.57
N SER B 27 12.21 7.10 10.39
CA SER B 27 11.04 6.22 10.15
C SER B 27 11.39 4.73 10.36
N GLN B 28 10.37 3.91 10.68
CA GLN B 28 10.47 2.43 10.69
C GLN B 28 9.24 1.79 10.00
N PRO B 29 9.10 1.90 8.66
CA PRO B 29 7.98 1.35 7.90
C PRO B 29 7.72 -0.16 8.09
N LYS B 30 6.48 -0.60 7.81
CA LYS B 30 5.73 -1.85 8.13
C LYS B 30 4.41 -1.49 8.81
N ARG B 31 3.28 -1.96 8.29
CA ARG B 31 2.89 -2.50 6.97
C ARG B 31 1.45 -2.08 6.61
N LEU B 32 1.06 -2.23 5.36
CA LEU B 32 -0.08 -1.52 4.76
C LEU B 32 -0.86 -2.39 3.75
N HIS B 33 -2.14 -2.68 4.01
CA HIS B 33 -3.06 -3.39 3.09
C HIS B 33 -3.75 -2.35 2.17
N VAL B 34 -3.84 -2.65 0.87
CA VAL B 34 -4.10 -1.68 -0.19
C VAL B 34 -5.09 -2.28 -1.18
N SER B 35 -6.38 -2.07 -0.91
CA SER B 35 -7.50 -2.81 -1.52
C SER B 35 -8.27 -2.00 -2.58
N ASN B 36 -9.15 -2.67 -3.32
CA ASN B 36 -9.96 -2.11 -4.41
C ASN B 36 -9.11 -1.31 -5.42
N ILE B 37 -7.96 -1.88 -5.77
CA ILE B 37 -7.08 -1.36 -6.82
C ILE B 37 -7.54 -1.92 -8.18
N PRO B 38 -7.38 -1.23 -9.31
CA PRO B 38 -7.63 -1.79 -10.63
C PRO B 38 -6.83 -3.07 -10.89
N PHE B 39 -7.44 -4.07 -11.52
CA PHE B 39 -6.77 -5.30 -12.01
C PHE B 39 -5.69 -5.07 -13.09
N ARG B 40 -5.32 -3.83 -13.39
CA ARG B 40 -4.18 -3.43 -14.24
C ARG B 40 -2.93 -3.09 -13.42
N PHE B 41 -3.04 -2.90 -12.10
CA PHE B 41 -1.93 -2.59 -11.19
C PHE B 41 -0.87 -3.71 -11.11
N ARG B 42 0.33 -3.31 -10.70
CA ARG B 42 1.48 -4.16 -10.33
C ARG B 42 2.21 -3.59 -9.11
N ASP B 43 3.19 -4.35 -8.67
CA ASP B 43 4.22 -3.95 -7.71
C ASP B 43 4.86 -2.57 -8.07
N PRO B 44 5.45 -2.37 -9.27
CA PRO B 44 5.95 -1.07 -9.71
C PRO B 44 4.93 0.07 -9.64
N ASP B 45 3.65 -0.18 -9.98
CA ASP B 45 2.60 0.80 -9.87
C ASP B 45 2.40 1.24 -8.42
N LEU B 46 2.20 0.33 -7.44
CA LEU B 46 2.06 0.77 -6.06
C LEU B 46 3.29 1.45 -5.50
N ARG B 47 4.51 0.97 -5.78
CA ARG B 47 5.72 1.62 -5.26
C ARG B 47 5.90 3.04 -5.82
N GLN B 48 5.48 3.29 -7.06
CA GLN B 48 5.48 4.63 -7.68
C GLN B 48 4.33 5.54 -7.18
N MET B 49 3.14 4.96 -6.93
CA MET B 49 1.91 5.66 -6.59
C MET B 49 1.89 6.07 -5.12
N PHE B 50 2.28 5.17 -4.22
CA PHE B 50 2.81 5.58 -2.91
C PHE B 50 4.12 6.37 -3.06
N GLY B 51 4.91 6.11 -4.11
CA GLY B 51 6.19 6.78 -4.40
C GLY B 51 6.15 8.29 -4.55
N GLN B 52 4.99 8.86 -4.89
CA GLN B 52 4.76 10.32 -4.74
C GLN B 52 5.10 10.85 -3.33
N PHE B 53 4.83 10.06 -2.29
CA PHE B 53 5.18 10.34 -0.90
C PHE B 53 6.55 9.74 -0.51
N GLY B 54 6.93 8.62 -1.12
CA GLY B 54 8.31 8.11 -1.23
C GLY B 54 8.92 7.54 0.05
N LYS B 55 8.16 6.67 0.73
CA LYS B 55 8.46 6.06 2.03
C LYS B 55 8.37 4.52 2.05
N ILE B 56 8.25 3.92 0.86
CA ILE B 56 8.13 2.47 0.64
C ILE B 56 9.48 1.76 0.86
N LEU B 57 9.49 0.70 1.68
CA LEU B 57 10.58 -0.28 1.77
C LEU B 57 10.39 -1.42 0.76
N ASP B 58 9.18 -1.98 0.67
CA ASP B 58 8.81 -3.08 -0.23
C ASP B 58 7.32 -3.03 -0.62
N VAL B 59 6.94 -3.72 -1.70
CA VAL B 59 5.56 -3.95 -2.17
C VAL B 59 5.31 -5.44 -2.46
N GLU B 60 4.02 -5.80 -2.55
CA GLU B 60 3.54 -7.17 -2.42
C GLU B 60 2.08 -7.29 -2.92
N ILE B 61 1.84 -7.19 -4.24
CA ILE B 61 0.50 -7.46 -4.84
C ILE B 61 0.10 -8.92 -4.63
N ILE B 62 -1.20 -9.19 -4.42
CA ILE B 62 -1.69 -10.52 -4.08
C ILE B 62 -2.11 -11.11 -5.44
N PHE B 63 -1.13 -11.50 -6.24
CA PHE B 63 -1.30 -11.61 -7.70
C PHE B 63 -2.25 -12.77 -8.12
N ASN B 64 -2.91 -12.67 -9.28
CA ASN B 64 -3.70 -13.76 -9.87
C ASN B 64 -3.44 -13.80 -11.38
N GLU B 65 -3.76 -14.91 -12.04
CA GLU B 65 -3.63 -15.07 -13.50
C GLU B 65 -4.43 -14.01 -14.30
N ARG B 66 -5.38 -13.32 -13.65
CA ARG B 66 -6.26 -12.29 -14.23
C ARG B 66 -5.90 -10.84 -13.86
N GLY B 67 -4.83 -10.57 -13.10
CA GLY B 67 -4.30 -9.19 -12.96
C GLY B 67 -4.14 -8.67 -11.53
N SER B 68 -4.46 -9.52 -10.54
CA SER B 68 -4.47 -9.38 -9.07
C SER B 68 -5.71 -10.06 -8.46
N LYS B 69 -5.70 -10.34 -7.16
CA LYS B 69 -6.87 -10.61 -6.30
C LYS B 69 -7.65 -9.35 -5.93
N GLY B 70 -7.14 -8.17 -6.30
CA GLY B 70 -7.78 -6.86 -6.16
C GLY B 70 -7.19 -5.99 -5.04
N PHE B 71 -6.17 -6.50 -4.35
CA PHE B 71 -5.38 -5.80 -3.35
C PHE B 71 -3.89 -6.13 -3.48
N GLY B 72 -3.09 -5.24 -2.90
CA GLY B 72 -1.69 -5.49 -2.59
C GLY B 72 -1.42 -5.14 -1.13
N PHE B 73 -0.20 -5.45 -0.72
CA PHE B 73 0.47 -5.01 0.47
C PHE B 73 1.65 -4.11 0.08
N VAL B 74 1.99 -3.16 0.94
CA VAL B 74 3.17 -2.30 0.83
C VAL B 74 3.71 -1.96 2.22
N THR B 75 4.98 -1.57 2.30
CA THR B 75 5.73 -1.57 3.57
C THR B 75 6.12 -0.14 3.92
N PHE B 76 5.23 0.52 4.68
CA PHE B 76 5.04 1.95 4.53
C PHE B 76 4.67 2.73 5.80
N GLU B 77 3.64 2.25 6.47
CA GLU B 77 2.63 2.99 7.25
C GLU B 77 3.18 3.95 8.33
N ASN B 78 4.33 3.60 8.91
CA ASN B 78 4.47 3.68 10.36
C ASN B 78 4.59 5.11 10.93
N SER B 79 5.23 6.03 10.20
CA SER B 79 5.39 7.44 10.59
C SER B 79 4.10 8.26 10.43
N ALA B 80 4.01 9.43 11.08
CA ALA B 80 2.90 10.36 10.88
C ALA B 80 2.72 10.77 9.41
N ASP B 81 3.81 11.09 8.72
CA ASP B 81 3.76 11.50 7.31
C ASP B 81 3.29 10.36 6.38
N ALA B 82 3.72 9.12 6.67
CA ALA B 82 3.26 7.92 5.97
C ALA B 82 1.78 7.58 6.27
N ASP B 83 1.30 7.76 7.51
CA ASP B 83 -0.12 7.63 7.85
C ASP B 83 -0.98 8.71 7.19
N ARG B 84 -0.51 9.96 7.17
CA ARG B 84 -1.13 11.09 6.45
C ARG B 84 -1.22 10.84 4.94
N ALA B 85 -0.14 10.31 4.36
CA ALA B 85 -0.10 9.82 2.99
C ALA B 85 -1.16 8.72 2.72
N ARG B 86 -1.21 7.66 3.55
CA ARG B 86 -2.34 6.71 3.62
C ARG B 86 -3.68 7.42 3.60
N GLU B 87 -3.95 8.31 4.54
CA GLU B 87 -5.20 9.06 4.64
C GLU B 87 -5.53 9.88 3.38
N LYS B 88 -4.53 10.32 2.61
CA LYS B 88 -4.71 10.93 1.29
C LYS B 88 -5.11 9.88 0.24
N LEU B 89 -4.37 8.77 0.06
CA LEU B 89 -4.61 7.78 -0.99
C LEU B 89 -5.77 6.82 -0.70
N HIS B 90 -6.21 6.74 0.56
CA HIS B 90 -7.41 6.03 1.02
C HIS B 90 -8.65 6.82 0.62
N GLY B 91 -9.06 6.65 -0.64
CA GLY B 91 -9.98 7.54 -1.38
C GLY B 91 -9.50 7.96 -2.78
N THR B 92 -8.35 7.46 -3.25
CA THR B 92 -7.78 7.78 -4.58
C THR B 92 -8.50 6.99 -5.67
N VAL B 93 -9.41 7.67 -6.38
CA VAL B 93 -9.98 7.23 -7.66
C VAL B 93 -8.91 7.31 -8.77
N VAL B 94 -8.39 6.16 -9.21
CA VAL B 94 -7.22 6.08 -10.13
C VAL B 94 -7.59 5.67 -11.57
N GLU B 95 -8.49 4.69 -11.76
CA GLU B 95 -9.00 4.25 -13.08
C GLU B 95 -10.53 4.07 -13.06
N GLY B 96 -11.26 4.96 -12.40
CA GLY B 96 -12.65 4.74 -12.00
C GLY B 96 -12.77 3.69 -10.88
N ARG B 97 -11.75 3.64 -10.02
CA ARG B 97 -11.56 2.69 -8.91
C ARG B 97 -10.89 3.37 -7.75
N LYS B 98 -11.43 3.17 -6.55
CA LYS B 98 -11.04 3.93 -5.38
C LYS B 98 -10.26 3.09 -4.36
N ILE B 99 -8.94 3.29 -4.27
CA ILE B 99 -8.08 2.51 -3.35
C ILE B 99 -8.53 2.70 -1.90
N GLU B 100 -8.62 1.59 -1.16
CA GLU B 100 -8.81 1.52 0.29
C GLU B 100 -7.49 1.13 0.99
N VAL B 101 -6.75 2.09 1.57
CA VAL B 101 -5.46 1.79 2.23
C VAL B 101 -5.64 1.49 3.73
N ASN B 102 -6.06 0.26 4.01
CA ASN B 102 -6.38 -0.20 5.35
C ASN B 102 -5.11 -0.51 6.15
N ASN B 103 -5.18 -0.28 7.45
CA ASN B 103 -4.17 -0.78 8.37
C ASN B 103 -4.12 -2.35 8.30
N ALA B 104 -3.02 -2.96 8.72
CA ALA B 104 -2.79 -4.40 8.51
C ALA B 104 -2.56 -5.23 9.78
N THR B 105 -3.10 -6.44 9.72
CA THR B 105 -2.62 -7.66 10.39
C THR B 105 -1.24 -8.09 9.86
N ALA B 106 -0.56 -9.02 10.52
CA ALA B 106 0.68 -9.61 10.00
C ALA B 106 0.89 -11.05 10.53
N ARG B 107 0.22 -12.06 9.94
CA ARG B 107 -0.76 -12.02 8.83
C ARG B 107 -2.14 -12.54 9.26
N VAL B 108 -2.13 -13.70 9.91
CA VAL B 108 -3.28 -14.36 10.54
C VAL B 108 -3.73 -13.64 11.83
N MET B 109 -2.84 -12.79 12.40
CA MET B 109 -2.98 -12.08 13.67
C MET B 109 -2.78 -10.57 13.49
N ASN B 22 6.39 -2.63 19.97
CA ASN B 22 7.76 -2.46 20.50
C ASN B 22 8.47 -1.29 19.80
N THR B 23 9.55 -0.77 20.40
CA THR B 23 10.38 0.35 19.90
C THR B 23 11.11 0.05 18.56
N GLU B 24 11.84 1.04 18.04
CA GLU B 24 12.64 1.05 16.79
C GLU B 24 11.85 0.85 15.47
N ASN B 25 10.55 0.54 15.50
CA ASN B 25 9.67 0.55 14.32
C ASN B 25 9.60 1.93 13.62
N LYS B 26 9.90 3.03 14.35
CA LYS B 26 10.13 4.38 13.78
C LYS B 26 11.22 4.42 12.69
N SER B 27 12.17 3.49 12.71
CA SER B 27 13.26 3.34 11.73
C SER B 27 12.99 2.28 10.65
N GLN B 28 11.86 1.55 10.73
CA GLN B 28 11.49 0.45 9.84
C GLN B 28 9.99 0.49 9.48
N PRO B 29 9.60 1.20 8.39
CA PRO B 29 8.30 1.02 7.74
C PRO B 29 8.00 -0.47 7.44
N LYS B 30 6.71 -0.86 7.52
CA LYS B 30 6.09 -2.20 7.54
C LYS B 30 4.78 -2.25 8.31
N ARG B 31 3.73 -2.83 7.73
CA ARG B 31 3.28 -2.82 6.32
C ARG B 31 1.74 -2.68 6.26
N LEU B 32 1.23 -2.47 5.06
CA LEU B 32 0.03 -1.68 4.75
C LEU B 32 -0.86 -2.42 3.75
N HIS B 33 -2.11 -2.75 4.11
CA HIS B 33 -3.07 -3.44 3.22
C HIS B 33 -3.76 -2.41 2.31
N VAL B 34 -3.86 -2.70 1.01
CA VAL B 34 -4.23 -1.72 -0.04
C VAL B 34 -5.19 -2.36 -1.03
N SER B 35 -6.48 -2.18 -0.78
CA SER B 35 -7.61 -2.86 -1.44
C SER B 35 -8.32 -2.02 -2.52
N ASN B 36 -9.20 -2.70 -3.26
CA ASN B 36 -10.12 -2.14 -4.27
C ASN B 36 -9.42 -1.53 -5.50
N ILE B 37 -8.11 -1.77 -5.65
CA ILE B 37 -7.23 -1.19 -6.68
C ILE B 37 -7.66 -1.59 -8.11
N PRO B 38 -7.18 -0.95 -9.19
CA PRO B 38 -7.52 -1.29 -10.58
C PRO B 38 -6.94 -2.64 -11.09
N PHE B 39 -7.24 -3.74 -10.40
CA PHE B 39 -6.75 -5.11 -10.63
C PHE B 39 -5.28 -5.20 -11.08
N ARG B 40 -5.01 -5.35 -12.39
CA ARG B 40 -3.69 -5.48 -13.03
C ARG B 40 -2.74 -4.28 -12.82
N PHE B 41 -3.20 -3.21 -12.16
CA PHE B 41 -2.40 -2.19 -11.48
C PHE B 41 -1.29 -2.83 -10.61
N ARG B 42 -0.04 -2.76 -11.10
CA ARG B 42 1.08 -3.63 -10.66
C ARG B 42 1.67 -3.19 -9.33
N ASP B 43 2.63 -4.00 -8.89
CA ASP B 43 3.64 -3.67 -7.89
C ASP B 43 4.34 -2.32 -8.20
N PRO B 44 5.02 -2.12 -9.35
CA PRO B 44 5.55 -0.82 -9.79
C PRO B 44 4.54 0.34 -9.69
N ASP B 45 3.29 0.12 -10.09
CA ASP B 45 2.23 1.12 -9.99
C ASP B 45 1.95 1.53 -8.54
N LEU B 46 1.79 0.62 -7.57
CA LEU B 46 1.63 1.02 -6.18
C LEU B 46 2.86 1.73 -5.62
N ARG B 47 4.09 1.24 -5.86
CA ARG B 47 5.28 1.91 -5.29
C ARG B 47 5.49 3.32 -5.87
N GLN B 48 5.04 3.57 -7.10
CA GLN B 48 5.05 4.89 -7.74
C GLN B 48 3.91 5.81 -7.24
N MET B 49 2.73 5.23 -7.00
CA MET B 49 1.52 5.93 -6.58
C MET B 49 1.55 6.31 -5.11
N PHE B 50 1.91 5.37 -4.23
CA PHE B 50 2.47 5.71 -2.92
C PHE B 50 3.76 6.54 -3.08
N GLY B 51 4.51 6.34 -4.17
CA GLY B 51 5.75 7.06 -4.49
C GLY B 51 5.61 8.58 -4.61
N GLN B 52 4.40 9.10 -4.86
CA GLN B 52 4.10 10.53 -4.64
C GLN B 52 4.53 11.03 -3.24
N PHE B 53 4.37 10.18 -2.21
CA PHE B 53 4.85 10.40 -0.86
C PHE B 53 6.27 9.83 -0.63
N GLY B 54 6.56 8.65 -1.19
CA GLY B 54 7.91 8.13 -1.39
C GLY B 54 8.63 7.64 -0.14
N LYS B 55 7.90 6.88 0.68
CA LYS B 55 8.34 6.24 1.94
C LYS B 55 8.30 4.70 1.90
N ILE B 56 8.07 4.14 0.71
CA ILE B 56 7.95 2.69 0.46
C ILE B 56 9.31 2.00 0.58
N LEU B 57 9.36 0.93 1.38
CA LEU B 57 10.47 -0.03 1.42
C LEU B 57 10.28 -1.17 0.40
N ASP B 58 9.06 -1.72 0.28
CA ASP B 58 8.72 -2.81 -0.65
C ASP B 58 7.21 -2.81 -1.00
N VAL B 59 6.82 -3.57 -2.04
CA VAL B 59 5.42 -3.85 -2.42
C VAL B 59 5.18 -5.33 -2.72
N GLU B 60 3.92 -5.73 -2.65
CA GLU B 60 3.47 -7.11 -2.57
C GLU B 60 2.00 -7.27 -3.01
N ILE B 61 1.69 -7.14 -4.31
CA ILE B 61 0.40 -7.49 -4.91
C ILE B 61 0.06 -8.97 -4.67
N ILE B 62 -1.22 -9.30 -4.43
CA ILE B 62 -1.58 -10.65 -3.93
C ILE B 62 -1.61 -11.73 -5.02
N PHE B 63 -1.58 -11.27 -6.28
CA PHE B 63 -1.50 -11.90 -7.61
C PHE B 63 -2.29 -13.21 -7.85
N ASN B 64 -3.04 -13.28 -8.96
CA ASN B 64 -3.57 -14.54 -9.51
C ASN B 64 -3.43 -14.52 -11.04
N GLU B 65 -3.62 -15.66 -11.71
CA GLU B 65 -3.49 -15.86 -13.17
C GLU B 65 -4.48 -15.06 -14.03
N ARG B 66 -5.36 -14.27 -13.41
CA ARG B 66 -6.26 -13.29 -14.08
C ARG B 66 -5.79 -11.83 -13.96
N GLY B 67 -4.83 -11.48 -13.08
CA GLY B 67 -4.22 -10.15 -13.04
C GLY B 67 -4.56 -9.37 -11.76
N SER B 68 -3.85 -9.68 -10.68
CA SER B 68 -4.08 -9.36 -9.27
C SER B 68 -5.26 -10.15 -8.67
N LYS B 69 -5.50 -10.00 -7.37
CA LYS B 69 -6.69 -10.43 -6.61
C LYS B 69 -7.55 -9.25 -6.14
N GLY B 70 -7.14 -8.03 -6.49
CA GLY B 70 -7.84 -6.77 -6.21
C GLY B 70 -7.23 -5.98 -5.04
N PHE B 71 -6.21 -6.53 -4.38
CA PHE B 71 -5.38 -5.85 -3.39
C PHE B 71 -3.88 -6.18 -3.55
N GLY B 72 -3.09 -5.34 -2.90
CA GLY B 72 -1.70 -5.58 -2.56
C GLY B 72 -1.43 -5.19 -1.11
N PHE B 73 -0.30 -5.62 -0.59
CA PHE B 73 0.39 -5.05 0.54
C PHE B 73 1.52 -4.12 0.04
N VAL B 74 1.87 -3.11 0.83
CA VAL B 74 3.03 -2.22 0.62
C VAL B 74 3.67 -1.89 1.96
N THR B 75 4.94 -1.54 2.00
CA THR B 75 5.74 -1.61 3.23
C THR B 75 6.12 -0.20 3.66
N PHE B 76 5.31 0.31 4.58
CA PHE B 76 4.98 1.73 4.69
C PHE B 76 4.62 2.07 6.16
N GLU B 77 3.85 3.14 6.41
CA GLU B 77 2.82 3.32 7.46
C GLU B 77 3.35 4.08 8.68
N ASN B 78 4.65 3.97 8.96
CA ASN B 78 5.08 4.07 10.35
C ASN B 78 5.32 5.50 10.88
N SER B 79 5.58 6.46 9.98
CA SER B 79 5.60 7.91 10.30
C SER B 79 4.17 8.50 10.35
N ALA B 80 3.98 9.64 11.02
CA ALA B 80 2.77 10.44 10.86
C ALA B 80 2.57 10.90 9.40
N ASP B 81 3.66 11.17 8.67
CA ASP B 81 3.61 11.52 7.24
C ASP B 81 3.12 10.35 6.38
N ALA B 82 3.51 9.12 6.74
CA ALA B 82 3.07 7.89 6.10
C ALA B 82 1.60 7.54 6.45
N ASP B 83 1.16 7.76 7.69
CA ASP B 83 -0.25 7.66 8.09
C ASP B 83 -1.11 8.67 7.32
N ARG B 84 -0.72 9.96 7.32
CA ARG B 84 -1.34 11.03 6.50
C ARG B 84 -1.45 10.66 5.03
N ALA B 85 -0.37 10.13 4.47
CA ALA B 85 -0.33 9.57 3.11
C ALA B 85 -1.36 8.46 2.87
N ARG B 86 -1.35 7.37 3.66
CA ARG B 86 -2.39 6.30 3.65
C ARG B 86 -3.80 6.89 3.66
N GLU B 87 -4.08 7.78 4.60
CA GLU B 87 -5.35 8.48 4.73
C GLU B 87 -5.73 9.33 3.50
N LYS B 88 -4.76 9.90 2.78
CA LYS B 88 -4.96 10.59 1.50
C LYS B 88 -5.29 9.61 0.37
N LEU B 89 -4.51 8.55 0.16
CA LEU B 89 -4.67 7.62 -0.96
C LEU B 89 -5.89 6.71 -0.81
N HIS B 90 -6.37 6.55 0.42
CA HIS B 90 -7.65 5.98 0.80
C HIS B 90 -8.79 6.94 0.44
N GLY B 91 -9.16 6.96 -0.85
CA GLY B 91 -9.91 8.03 -1.50
C GLY B 91 -9.32 8.56 -2.81
N THR B 92 -8.11 8.12 -3.19
CA THR B 92 -7.47 8.44 -4.47
C THR B 92 -8.07 7.56 -5.57
N VAL B 93 -8.76 8.21 -6.51
CA VAL B 93 -9.26 7.64 -7.76
C VAL B 93 -8.14 7.56 -8.79
N VAL B 94 -7.42 6.44 -8.84
CA VAL B 94 -6.35 6.14 -9.81
C VAL B 94 -6.87 5.18 -10.88
N GLU B 95 -6.54 5.38 -12.16
CA GLU B 95 -7.13 4.66 -13.31
C GLU B 95 -8.68 4.64 -13.36
N GLY B 96 -9.35 5.55 -12.64
CA GLY B 96 -10.81 5.54 -12.46
C GLY B 96 -11.30 4.67 -11.29
N ARG B 97 -10.44 4.36 -10.30
CA ARG B 97 -10.68 3.43 -9.18
C ARG B 97 -10.25 4.02 -7.85
N LYS B 98 -11.18 4.03 -6.91
CA LYS B 98 -10.94 4.52 -5.56
C LYS B 98 -10.22 3.49 -4.68
N ILE B 99 -8.91 3.64 -4.48
CA ILE B 99 -8.14 2.76 -3.56
C ILE B 99 -8.69 2.87 -2.12
N GLU B 100 -8.69 1.75 -1.41
CA GLU B 100 -9.06 1.64 0.01
C GLU B 100 -7.92 1.07 0.87
N VAL B 101 -7.19 1.92 1.61
CA VAL B 101 -5.96 1.54 2.34
C VAL B 101 -6.20 1.31 3.85
N ASN B 102 -6.00 0.09 4.33
CA ASN B 102 -6.21 -0.26 5.74
C ASN B 102 -4.91 -0.60 6.48
N ASN B 103 -4.92 -0.33 7.78
CA ASN B 103 -3.94 -0.83 8.73
C ASN B 103 -3.93 -2.38 8.71
N ALA B 104 -2.80 -3.02 9.03
CA ALA B 104 -2.64 -4.47 8.84
C ALA B 104 -2.61 -5.31 10.11
N THR B 105 -2.71 -6.62 9.88
CA THR B 105 -2.39 -7.74 10.77
C THR B 105 -1.36 -8.63 10.06
N ALA B 106 -0.59 -9.51 10.72
CA ALA B 106 0.55 -10.19 10.07
C ALA B 106 0.74 -11.68 10.46
N ARG B 107 0.00 -12.62 9.86
CA ARG B 107 -1.22 -12.47 9.02
C ARG B 107 -2.51 -12.82 9.76
N VAL B 108 -2.40 -13.12 11.07
CA VAL B 108 -3.50 -13.39 12.02
C VAL B 108 -3.06 -13.14 13.48
N MET B 109 -1.80 -13.44 13.81
CA MET B 109 -1.12 -13.14 15.09
C MET B 109 -1.01 -11.64 15.37
N ASN B 22 9.62 4.69 19.85
CA ASN B 22 10.88 3.98 19.54
C ASN B 22 12.03 4.58 20.36
N THR B 23 12.70 3.77 21.18
CA THR B 23 13.65 4.21 22.23
C THR B 23 14.96 4.81 21.66
N GLU B 24 15.60 4.13 20.72
CA GLU B 24 16.96 4.43 20.24
C GLU B 24 17.11 4.48 18.69
N ASN B 25 16.02 4.32 17.95
CA ASN B 25 15.99 4.23 16.49
C ASN B 25 14.87 5.09 15.87
N LYS B 26 14.92 5.30 14.54
CA LYS B 26 13.89 6.00 13.74
C LYS B 26 12.53 5.31 13.75
N SER B 27 11.52 5.92 13.14
CA SER B 27 10.11 5.50 13.15
C SER B 27 9.85 4.07 12.64
N GLN B 28 10.72 3.55 11.76
CA GLN B 28 10.70 2.20 11.19
C GLN B 28 9.35 1.85 10.50
N PRO B 29 9.16 2.22 9.22
CA PRO B 29 8.02 1.79 8.40
C PRO B 29 7.75 0.27 8.44
N LYS B 30 6.47 -0.08 8.33
CA LYS B 30 5.87 -1.41 8.40
C LYS B 30 4.44 -1.29 7.86
N ARG B 31 3.69 -2.39 7.78
CA ARG B 31 3.02 -2.66 6.49
C ARG B 31 1.49 -2.59 6.48
N LEU B 32 0.98 -2.49 5.26
CA LEU B 32 -0.16 -1.67 4.87
C LEU B 32 -0.95 -2.39 3.76
N HIS B 33 -2.22 -2.71 4.01
CA HIS B 33 -3.12 -3.49 3.14
C HIS B 33 -3.92 -2.55 2.24
N VAL B 34 -3.78 -2.73 0.93
CA VAL B 34 -4.11 -1.74 -0.13
C VAL B 34 -5.10 -2.37 -1.09
N SER B 35 -6.40 -2.22 -0.78
CA SER B 35 -7.54 -2.86 -1.43
C SER B 35 -8.28 -2.00 -2.45
N ASN B 36 -9.17 -2.64 -3.22
CA ASN B 36 -10.04 -2.05 -4.24
C ASN B 36 -9.28 -1.28 -5.34
N ILE B 37 -8.02 -1.66 -5.56
CA ILE B 37 -7.19 -1.18 -6.67
C ILE B 37 -7.71 -1.74 -8.00
N PRO B 38 -7.51 -1.08 -9.15
CA PRO B 38 -7.78 -1.65 -10.48
C PRO B 38 -7.07 -2.98 -10.71
N PHE B 39 -7.72 -3.95 -11.35
CA PHE B 39 -7.08 -5.22 -11.73
C PHE B 39 -5.86 -5.11 -12.67
N ARG B 40 -5.66 -3.93 -13.27
CA ARG B 40 -4.50 -3.56 -14.11
C ARG B 40 -3.24 -3.22 -13.30
N PHE B 41 -3.34 -3.02 -11.98
CA PHE B 41 -2.22 -2.64 -11.11
C PHE B 41 -1.09 -3.67 -11.09
N ARG B 42 0.10 -3.17 -10.72
CA ARG B 42 1.37 -3.90 -10.63
C ARG B 42 2.06 -3.60 -9.30
N ASP B 43 2.97 -4.48 -8.92
CA ASP B 43 3.93 -4.32 -7.82
C ASP B 43 4.80 -3.05 -8.00
N PRO B 44 5.49 -2.87 -9.16
CA PRO B 44 6.04 -1.59 -9.62
C PRO B 44 5.08 -0.40 -9.45
N ASP B 45 3.80 -0.57 -9.80
CA ASP B 45 2.83 0.51 -9.72
C ASP B 45 2.56 0.96 -8.28
N LEU B 46 2.31 0.07 -7.30
CA LEU B 46 2.17 0.51 -5.93
C LEU B 46 3.43 1.13 -5.36
N ARG B 47 4.65 0.63 -5.67
CA ARG B 47 5.82 1.38 -5.18
C ARG B 47 5.96 2.78 -5.80
N GLN B 48 5.51 2.97 -7.04
CA GLN B 48 5.49 4.27 -7.72
C GLN B 48 4.36 5.22 -7.23
N MET B 49 3.20 4.66 -6.91
CA MET B 49 1.96 5.37 -6.60
C MET B 49 1.90 5.79 -5.14
N PHE B 50 2.33 4.91 -4.23
CA PHE B 50 2.85 5.37 -2.94
C PHE B 50 4.14 6.18 -3.12
N GLY B 51 4.94 5.90 -4.15
CA GLY B 51 6.19 6.60 -4.49
C GLY B 51 6.08 8.11 -4.69
N GLN B 52 4.90 8.63 -5.06
CA GLN B 52 4.62 10.08 -4.98
C GLN B 52 4.94 10.68 -3.60
N PHE B 53 4.66 9.94 -2.52
CA PHE B 53 5.01 10.30 -1.14
C PHE B 53 6.40 9.77 -0.74
N GLY B 54 6.75 8.57 -1.21
CA GLY B 54 8.13 8.06 -1.28
C GLY B 54 8.78 7.70 0.07
N LYS B 55 8.06 6.86 0.82
CA LYS B 55 8.43 6.32 2.16
C LYS B 55 8.41 4.77 2.22
N ILE B 56 8.30 4.13 1.06
CA ILE B 56 8.17 2.68 0.87
C ILE B 56 9.50 1.95 1.09
N LEU B 57 9.47 0.86 1.84
CA LEU B 57 10.55 -0.11 2.01
C LEU B 57 10.41 -1.31 1.06
N ASP B 58 9.19 -1.86 0.94
CA ASP B 58 8.84 -3.04 0.11
C ASP B 58 7.37 -3.01 -0.35
N VAL B 59 7.04 -3.79 -1.39
CA VAL B 59 5.67 -4.04 -1.90
C VAL B 59 5.44 -5.49 -2.34
N GLU B 60 4.15 -5.83 -2.51
CA GLU B 60 3.67 -7.21 -2.65
C GLU B 60 2.20 -7.27 -3.13
N ILE B 61 1.92 -7.33 -4.44
CA ILE B 61 0.54 -7.54 -4.98
C ILE B 61 0.11 -9.02 -4.85
N ILE B 62 -1.17 -9.28 -4.57
CA ILE B 62 -1.68 -10.65 -4.28
C ILE B 62 -2.07 -11.36 -5.61
N PHE B 63 -1.24 -11.23 -6.66
CA PHE B 63 -1.57 -11.48 -8.08
C PHE B 63 -2.23 -12.84 -8.39
N ASN B 64 -3.01 -12.88 -9.49
CA ASN B 64 -3.34 -14.11 -10.22
C ASN B 64 -3.22 -13.85 -11.75
N GLU B 65 -3.37 -14.90 -12.56
CA GLU B 65 -3.35 -14.81 -14.04
C GLU B 65 -4.43 -13.87 -14.61
N ARG B 66 -5.51 -13.62 -13.85
CA ARG B 66 -6.61 -12.72 -14.22
C ARG B 66 -6.31 -11.23 -13.97
N GLY B 67 -5.32 -10.89 -13.13
CA GLY B 67 -5.04 -9.50 -12.74
C GLY B 67 -4.60 -9.40 -11.27
N SER B 68 -4.58 -8.19 -10.73
CA SER B 68 -4.01 -7.82 -9.43
C SER B 68 -4.56 -8.52 -8.17
N LYS B 69 -5.59 -9.35 -8.35
CA LYS B 69 -6.53 -9.86 -7.33
C LYS B 69 -7.18 -8.77 -6.45
N GLY B 70 -7.04 -7.50 -6.84
CA GLY B 70 -7.75 -6.36 -6.28
C GLY B 70 -7.13 -5.76 -5.02
N PHE B 71 -6.07 -6.36 -4.49
CA PHE B 71 -5.27 -5.79 -3.41
C PHE B 71 -3.78 -6.16 -3.49
N GLY B 72 -3.00 -5.35 -2.79
CA GLY B 72 -1.60 -5.61 -2.47
C GLY B 72 -1.29 -5.17 -1.04
N PHE B 73 -0.06 -5.44 -0.65
CA PHE B 73 0.60 -5.02 0.56
C PHE B 73 1.79 -4.11 0.21
N VAL B 74 2.06 -3.11 1.05
CA VAL B 74 3.20 -2.19 0.95
C VAL B 74 3.72 -1.85 2.34
N THR B 75 4.99 -1.43 2.48
CA THR B 75 5.70 -1.39 3.77
C THR B 75 6.11 0.06 4.07
N PHE B 76 5.33 0.72 4.91
CA PHE B 76 5.05 2.14 4.73
C PHE B 76 4.73 2.96 5.97
N GLU B 77 3.75 2.47 6.71
CA GLU B 77 3.09 3.05 7.86
C GLU B 77 4.03 2.98 9.04
N ASN B 78 4.72 4.08 9.33
CA ASN B 78 4.80 4.45 10.75
C ASN B 78 4.92 5.94 11.05
N SER B 79 5.50 6.73 10.14
CA SER B 79 5.57 8.19 10.26
C SER B 79 4.17 8.84 10.20
N ALA B 80 4.04 10.05 10.74
CA ALA B 80 2.88 10.91 10.46
C ALA B 80 2.76 11.24 8.97
N ASP B 81 3.88 11.38 8.25
CA ASP B 81 3.89 11.56 6.79
C ASP B 81 3.22 10.37 6.09
N ALA B 82 3.59 9.15 6.50
CA ALA B 82 3.07 7.89 5.97
C ALA B 82 1.59 7.70 6.31
N ASP B 83 1.16 7.93 7.56
CA ASP B 83 -0.26 7.86 7.95
C ASP B 83 -1.11 8.87 7.16
N ARG B 84 -0.66 10.13 7.04
CA ARG B 84 -1.29 11.19 6.22
C ARG B 84 -1.39 10.81 4.74
N ALA B 85 -0.30 10.28 4.18
CA ALA B 85 -0.27 9.72 2.83
C ALA B 85 -1.28 8.57 2.63
N ARG B 86 -1.31 7.56 3.51
CA ARG B 86 -2.38 6.55 3.62
C ARG B 86 -3.75 7.21 3.59
N GLU B 87 -4.05 8.12 4.51
CA GLU B 87 -5.33 8.83 4.58
C GLU B 87 -5.70 9.60 3.30
N LYS B 88 -4.71 10.06 2.51
CA LYS B 88 -4.92 10.62 1.18
C LYS B 88 -5.30 9.52 0.16
N LEU B 89 -4.51 8.45 0.00
CA LEU B 89 -4.74 7.42 -1.00
C LEU B 89 -5.94 6.50 -0.69
N HIS B 90 -6.34 6.44 0.58
CA HIS B 90 -7.56 5.82 1.11
C HIS B 90 -8.79 6.66 0.73
N GLY B 91 -9.12 6.64 -0.56
CA GLY B 91 -10.00 7.59 -1.24
C GLY B 91 -9.51 8.05 -2.63
N THR B 92 -8.40 7.52 -3.14
CA THR B 92 -7.81 7.89 -4.45
C THR B 92 -8.47 7.11 -5.58
N VAL B 93 -9.32 7.82 -6.33
CA VAL B 93 -9.87 7.40 -7.64
C VAL B 93 -8.78 7.45 -8.71
N VAL B 94 -8.37 6.29 -9.27
CA VAL B 94 -7.21 6.15 -10.16
C VAL B 94 -7.55 5.74 -11.61
N GLU B 95 -8.33 4.68 -11.82
CA GLU B 95 -8.83 4.26 -13.15
C GLU B 95 -10.38 4.23 -13.20
N GLY B 96 -11.03 5.20 -12.54
CA GLY B 96 -12.44 5.09 -12.17
C GLY B 96 -12.65 4.03 -11.08
N ARG B 97 -11.69 3.92 -10.16
CA ARG B 97 -11.59 2.94 -9.08
C ARG B 97 -10.93 3.56 -7.88
N LYS B 98 -11.48 3.32 -6.68
CA LYS B 98 -11.04 4.01 -5.48
C LYS B 98 -10.29 3.12 -4.48
N ILE B 99 -8.97 3.32 -4.34
CA ILE B 99 -8.16 2.55 -3.39
C ILE B 99 -8.65 2.76 -1.94
N GLU B 100 -8.62 1.69 -1.14
CA GLU B 100 -8.81 1.69 0.32
C GLU B 100 -7.54 1.14 1.01
N VAL B 101 -6.83 1.94 1.82
CA VAL B 101 -5.55 1.56 2.43
C VAL B 101 -5.68 1.33 3.95
N ASN B 102 -6.19 0.16 4.29
CA ASN B 102 -6.33 -0.27 5.68
C ASN B 102 -4.95 -0.56 6.28
N ASN B 103 -4.82 -0.34 7.59
CA ASN B 103 -3.67 -0.87 8.33
C ASN B 103 -3.72 -2.42 8.34
N ALA B 104 -2.64 -3.10 8.72
CA ALA B 104 -2.55 -4.56 8.60
C ALA B 104 -2.59 -5.36 9.91
N THR B 105 -2.67 -6.68 9.70
CA THR B 105 -2.49 -7.77 10.65
C THR B 105 -1.54 -8.78 10.01
N ALA B 106 -0.64 -9.45 10.75
CA ALA B 106 0.50 -10.15 10.14
C ALA B 106 0.72 -11.60 10.64
N ARG B 107 0.01 -12.61 10.09
CA ARG B 107 -1.21 -12.54 9.26
C ARG B 107 -2.19 -13.66 9.62
N VAL B 108 -3.46 -13.51 9.22
CA VAL B 108 -4.65 -14.33 9.54
C VAL B 108 -4.82 -14.72 11.02
N MET B 109 -4.00 -15.65 11.54
CA MET B 109 -3.99 -16.14 12.93
C MET B 109 -2.57 -16.52 13.38
N ASN B 22 14.17 -12.32 22.08
CA ASN B 22 13.73 -12.11 20.68
C ASN B 22 14.55 -11.01 20.02
N THR B 23 14.64 -11.01 18.68
CA THR B 23 15.16 -9.87 17.88
C THR B 23 14.28 -8.63 17.99
N GLU B 24 14.76 -7.49 17.49
CA GLU B 24 14.02 -6.21 17.47
C GLU B 24 12.67 -6.30 16.73
N ASN B 25 12.65 -7.00 15.59
CA ASN B 25 11.50 -7.39 14.75
C ASN B 25 10.51 -6.26 14.34
N LYS B 26 9.71 -5.75 15.29
CA LYS B 26 8.58 -4.83 15.12
C LYS B 26 8.95 -3.36 14.78
N SER B 27 10.17 -3.11 14.32
CA SER B 27 10.62 -1.81 13.81
C SER B 27 9.85 -1.37 12.54
N GLN B 28 10.10 -0.16 12.04
CA GLN B 28 9.38 0.48 10.93
C GLN B 28 10.31 1.16 9.89
N PRO B 29 9.83 1.58 8.70
CA PRO B 29 8.53 1.33 8.07
C PRO B 29 8.07 -0.14 8.05
N LYS B 30 6.75 -0.36 8.00
CA LYS B 30 6.05 -1.61 8.33
C LYS B 30 4.66 -1.60 7.70
N ARG B 31 4.01 -2.75 7.59
CA ARG B 31 3.27 -3.00 6.35
C ARG B 31 1.74 -2.96 6.42
N LEU B 32 1.17 -2.79 5.25
CA LEU B 32 -0.01 -1.99 4.94
C LEU B 32 -0.78 -2.68 3.81
N HIS B 33 -2.04 -3.02 4.03
CA HIS B 33 -2.94 -3.72 3.08
C HIS B 33 -3.66 -2.70 2.20
N VAL B 34 -3.77 -3.00 0.91
CA VAL B 34 -4.06 -2.01 -0.14
C VAL B 34 -5.14 -2.55 -1.06
N SER B 35 -6.40 -2.35 -0.66
CA SER B 35 -7.59 -2.98 -1.23
C SER B 35 -8.33 -2.13 -2.27
N ASN B 36 -9.27 -2.77 -2.99
CA ASN B 36 -10.20 -2.16 -3.95
C ASN B 36 -9.52 -1.50 -5.17
N ILE B 37 -8.24 -1.80 -5.39
CA ILE B 37 -7.42 -1.29 -6.50
C ILE B 37 -8.04 -1.74 -7.86
N PRO B 38 -7.75 -1.10 -9.00
CA PRO B 38 -8.50 -1.23 -10.27
C PRO B 38 -8.60 -2.61 -10.98
N PHE B 39 -8.14 -3.68 -10.35
CA PHE B 39 -7.50 -4.85 -10.98
C PHE B 39 -6.36 -4.47 -11.93
N ARG B 40 -5.60 -5.46 -12.41
CA ARG B 40 -4.32 -5.46 -13.18
C ARG B 40 -3.19 -4.53 -12.69
N PHE B 41 -3.45 -3.71 -11.69
CA PHE B 41 -2.53 -2.83 -10.96
C PHE B 41 -1.31 -3.58 -10.42
N ARG B 42 -0.11 -3.11 -10.77
CA ARG B 42 1.17 -3.82 -10.54
C ARG B 42 1.84 -3.42 -9.22
N ASP B 43 2.82 -4.25 -8.84
CA ASP B 43 3.83 -3.95 -7.83
C ASP B 43 4.56 -2.60 -8.13
N PRO B 44 5.13 -2.40 -9.35
CA PRO B 44 5.54 -1.10 -9.88
C PRO B 44 4.54 0.05 -9.66
N ASP B 45 3.25 -0.17 -9.94
CA ASP B 45 2.23 0.84 -9.76
C ASP B 45 2.09 1.25 -8.29
N LEU B 46 1.98 0.33 -7.31
CA LEU B 46 1.92 0.75 -5.91
C LEU B 46 3.20 1.41 -5.42
N ARG B 47 4.39 0.92 -5.77
CA ARG B 47 5.62 1.58 -5.29
C ARG B 47 5.76 3.00 -5.85
N GLN B 48 5.27 3.26 -7.07
CA GLN B 48 5.21 4.60 -7.66
C GLN B 48 4.10 5.50 -7.05
N MET B 49 2.94 4.93 -6.73
CA MET B 49 1.72 5.63 -6.31
C MET B 49 1.74 5.97 -4.82
N PHE B 50 2.21 5.04 -3.99
CA PHE B 50 2.78 5.39 -2.70
C PHE B 50 4.07 6.23 -2.88
N GLY B 51 4.84 6.00 -3.95
CA GLY B 51 6.10 6.71 -4.26
C GLY B 51 5.98 8.23 -4.44
N GLN B 52 4.78 8.73 -4.75
CA GLN B 52 4.44 10.16 -4.62
C GLN B 52 4.83 10.75 -3.26
N PHE B 53 4.55 10.00 -2.19
CA PHE B 53 4.92 10.30 -0.80
C PHE B 53 6.31 9.76 -0.41
N GLY B 54 6.73 8.63 -0.99
CA GLY B 54 8.12 8.15 -1.02
C GLY B 54 8.71 7.69 0.31
N LYS B 55 7.95 6.84 1.00
CA LYS B 55 8.23 6.29 2.35
C LYS B 55 8.17 4.76 2.41
N ILE B 56 8.29 4.13 1.24
CA ILE B 56 8.14 2.69 0.97
C ILE B 56 9.46 1.94 1.15
N LEU B 57 9.45 0.87 1.96
CA LEU B 57 10.53 -0.11 2.09
C LEU B 57 10.32 -1.35 1.21
N ASP B 58 9.06 -1.73 0.95
CA ASP B 58 8.72 -2.88 0.08
C ASP B 58 7.29 -2.80 -0.48
N VAL B 59 6.98 -3.59 -1.52
CA VAL B 59 5.62 -3.79 -2.07
C VAL B 59 5.36 -5.23 -2.51
N GLU B 60 4.08 -5.51 -2.77
CA GLU B 60 3.51 -6.80 -3.13
C GLU B 60 2.12 -6.61 -3.78
N ILE B 61 1.71 -7.52 -4.65
CA ILE B 61 0.33 -7.68 -5.15
C ILE B 61 -0.11 -9.14 -4.99
N ILE B 62 -1.38 -9.38 -4.69
CA ILE B 62 -1.88 -10.70 -4.34
C ILE B 62 -2.37 -11.27 -5.69
N PHE B 63 -1.42 -11.61 -6.57
CA PHE B 63 -1.68 -11.72 -8.01
C PHE B 63 -2.57 -12.91 -8.39
N ASN B 64 -3.22 -12.85 -9.56
CA ASN B 64 -3.89 -13.98 -10.21
C ASN B 64 -3.61 -13.86 -11.72
N GLU B 65 -3.70 -14.95 -12.48
CA GLU B 65 -3.53 -14.94 -13.95
C GLU B 65 -4.52 -13.98 -14.67
N ARG B 66 -5.66 -13.68 -14.03
CA ARG B 66 -6.66 -12.71 -14.49
C ARG B 66 -6.34 -11.23 -14.19
N GLY B 67 -5.27 -10.92 -13.43
CA GLY B 67 -4.82 -9.53 -13.22
C GLY B 67 -5.21 -9.00 -11.84
N SER B 68 -4.55 -9.52 -10.80
CA SER B 68 -4.71 -9.29 -9.36
C SER B 68 -5.94 -10.00 -8.76
N LYS B 69 -5.93 -10.18 -7.43
CA LYS B 69 -7.09 -10.52 -6.58
C LYS B 69 -7.84 -9.29 -6.06
N GLY B 70 -7.37 -8.09 -6.42
CA GLY B 70 -8.00 -6.81 -6.10
C GLY B 70 -7.36 -6.07 -4.90
N PHE B 71 -6.31 -6.64 -4.32
CA PHE B 71 -5.47 -5.99 -3.32
C PHE B 71 -3.98 -6.30 -3.48
N GLY B 72 -3.18 -5.43 -2.87
CA GLY B 72 -1.75 -5.58 -2.64
C GLY B 72 -1.38 -5.24 -1.21
N PHE B 73 -0.08 -5.20 -0.96
CA PHE B 73 0.57 -4.97 0.31
C PHE B 73 1.81 -4.07 0.10
N VAL B 74 2.14 -3.19 1.03
CA VAL B 74 3.28 -2.25 0.96
C VAL B 74 3.81 -1.93 2.35
N THR B 75 5.08 -1.53 2.48
CA THR B 75 5.76 -1.41 3.79
C THR B 75 6.07 0.05 4.04
N PHE B 76 5.28 0.64 4.93
CA PHE B 76 4.92 2.04 4.94
C PHE B 76 4.60 2.48 6.40
N GLU B 77 3.56 3.28 6.63
CA GLU B 77 2.72 3.33 7.84
C GLU B 77 3.53 3.74 9.06
N ASN B 78 4.03 4.97 8.97
CA ASN B 78 5.00 5.52 9.86
C ASN B 78 4.90 7.05 10.00
N SER B 79 5.41 7.62 11.10
CA SER B 79 5.32 9.05 11.41
C SER B 79 3.89 9.64 11.32
N ALA B 80 3.75 10.96 11.30
CA ALA B 80 2.54 11.63 10.79
C ALA B 80 2.43 11.53 9.26
N ASP B 81 3.55 11.62 8.53
CA ASP B 81 3.52 11.88 7.08
C ASP B 81 3.16 10.68 6.19
N ALA B 82 3.56 9.46 6.55
CA ALA B 82 3.06 8.28 5.84
C ALA B 82 1.62 7.92 6.27
N ASP B 83 1.17 8.31 7.46
CA ASP B 83 -0.26 8.26 7.84
C ASP B 83 -1.10 9.27 7.03
N ARG B 84 -0.65 10.53 6.92
CA ARG B 84 -1.19 11.57 6.03
C ARG B 84 -1.34 11.05 4.60
N ALA B 85 -0.30 10.41 4.07
CA ALA B 85 -0.31 9.73 2.77
C ALA B 85 -1.37 8.61 2.67
N ARG B 86 -1.31 7.58 3.52
CA ARG B 86 -2.37 6.56 3.72
C ARG B 86 -3.77 7.17 3.69
N GLU B 87 -4.04 8.16 4.51
CA GLU B 87 -5.32 8.87 4.57
C GLU B 87 -5.70 9.58 3.25
N LYS B 88 -4.73 10.09 2.49
CA LYS B 88 -4.94 10.61 1.13
C LYS B 88 -5.26 9.47 0.15
N LEU B 89 -4.44 8.40 0.06
CA LEU B 89 -4.58 7.35 -0.93
C LEU B 89 -5.77 6.42 -0.67
N HIS B 90 -6.21 6.31 0.57
CA HIS B 90 -7.47 5.68 1.02
C HIS B 90 -8.67 6.56 0.64
N GLY B 91 -8.91 6.67 -0.66
CA GLY B 91 -9.68 7.75 -1.29
C GLY B 91 -9.15 8.22 -2.66
N THR B 92 -7.98 7.73 -3.10
CA THR B 92 -7.36 8.04 -4.40
C THR B 92 -7.98 7.20 -5.51
N VAL B 93 -8.70 7.86 -6.41
CA VAL B 93 -9.15 7.29 -7.69
C VAL B 93 -7.96 7.25 -8.66
N VAL B 94 -7.39 6.06 -8.88
CA VAL B 94 -6.33 5.77 -9.87
C VAL B 94 -6.89 4.82 -10.93
N GLU B 95 -6.41 4.89 -12.18
CA GLU B 95 -7.04 4.34 -13.40
C GLU B 95 -8.49 4.83 -13.61
N GLY B 96 -9.40 4.34 -12.77
CA GLY B 96 -10.80 4.76 -12.61
C GLY B 96 -11.42 4.20 -11.33
N ARG B 97 -10.62 3.98 -10.27
CA ARG B 97 -10.97 3.21 -9.08
C ARG B 97 -10.34 3.74 -7.80
N LYS B 98 -11.12 3.72 -6.74
CA LYS B 98 -10.69 4.17 -5.42
C LYS B 98 -9.95 3.09 -4.62
N ILE B 99 -8.65 3.29 -4.39
CA ILE B 99 -7.87 2.47 -3.43
C ILE B 99 -8.40 2.64 -1.99
N GLU B 100 -8.32 1.57 -1.20
CA GLU B 100 -8.67 1.49 0.22
C GLU B 100 -7.48 0.96 1.06
N VAL B 101 -6.71 1.82 1.74
CA VAL B 101 -5.44 1.45 2.41
C VAL B 101 -5.62 1.18 3.91
N ASN B 102 -5.91 -0.07 4.25
CA ASN B 102 -6.12 -0.52 5.62
C ASN B 102 -4.80 -0.88 6.32
N ASN B 103 -4.70 -0.63 7.63
CA ASN B 103 -3.62 -1.20 8.43
C ASN B 103 -3.64 -2.74 8.33
N ALA B 104 -2.49 -3.41 8.45
CA ALA B 104 -2.44 -4.87 8.30
C ALA B 104 -2.50 -5.65 9.62
N THR B 105 -3.42 -6.61 9.63
CA THR B 105 -3.24 -7.91 10.28
C THR B 105 -2.11 -8.67 9.57
N ALA B 106 -1.04 -9.07 10.25
CA ALA B 106 0.07 -9.73 9.56
C ALA B 106 -0.24 -11.20 9.18
N ARG B 107 0.68 -11.84 8.43
CA ARG B 107 0.46 -13.09 7.68
C ARG B 107 0.28 -14.38 8.53
N VAL B 108 0.24 -14.26 9.86
CA VAL B 108 0.19 -15.36 10.84
C VAL B 108 1.31 -16.39 10.58
N MET B 109 2.54 -15.87 10.45
CA MET B 109 3.78 -16.61 10.15
C MET B 109 4.16 -17.64 11.24
N ASN B 22 20.32 7.01 19.78
CA ASN B 22 21.01 5.89 19.07
C ASN B 22 20.31 5.59 17.75
N THR B 23 20.87 6.05 16.62
CA THR B 23 20.42 5.71 15.26
C THR B 23 20.86 4.28 14.90
N GLU B 24 19.90 3.42 14.52
CA GLU B 24 20.12 2.03 14.10
C GLU B 24 19.34 1.71 12.81
N ASN B 25 19.70 0.61 12.13
CA ASN B 25 19.18 0.24 10.80
C ASN B 25 17.72 -0.29 10.77
N LYS B 26 17.08 -0.47 11.93
CA LYS B 26 15.74 -1.07 12.08
C LYS B 26 14.66 -0.25 11.37
N SER B 27 13.85 -0.88 10.52
CA SER B 27 12.80 -0.26 9.70
C SER B 27 11.49 -0.05 10.49
N GLN B 28 11.20 1.18 10.89
CA GLN B 28 9.91 1.58 11.49
C GLN B 28 8.72 1.51 10.49
N PRO B 29 8.83 1.95 9.21
CA PRO B 29 7.79 1.76 8.18
C PRO B 29 7.34 0.29 8.02
N LYS B 30 6.10 -0.05 8.41
CA LYS B 30 5.48 -1.38 8.44
C LYS B 30 4.12 -1.40 9.14
N ARG B 31 3.06 -1.84 8.46
CA ARG B 31 2.84 -2.23 7.04
C ARG B 31 1.37 -2.05 6.63
N LEU B 32 1.11 -2.18 5.33
CA LEU B 32 0.00 -1.49 4.65
C LEU B 32 -0.66 -2.41 3.60
N HIS B 33 -1.94 -2.74 3.80
CA HIS B 33 -2.83 -3.52 2.91
C HIS B 33 -3.60 -2.55 1.99
N VAL B 34 -3.73 -2.88 0.71
CA VAL B 34 -3.95 -1.90 -0.37
C VAL B 34 -5.05 -2.38 -1.31
N SER B 35 -6.31 -2.16 -0.95
CA SER B 35 -7.49 -2.77 -1.55
C SER B 35 -8.15 -1.98 -2.69
N ASN B 36 -9.05 -2.67 -3.41
CA ASN B 36 -10.01 -2.15 -4.40
C ASN B 36 -9.34 -1.58 -5.67
N ILE B 37 -8.07 -1.90 -5.90
CA ILE B 37 -7.26 -1.35 -6.99
C ILE B 37 -7.74 -1.83 -8.38
N PRO B 38 -7.48 -1.12 -9.49
CA PRO B 38 -7.99 -1.39 -10.86
C PRO B 38 -7.73 -2.73 -11.56
N PHE B 39 -7.32 -3.78 -10.86
CA PHE B 39 -6.92 -5.13 -11.33
C PHE B 39 -5.66 -5.23 -12.20
N ARG B 40 -5.55 -4.38 -13.24
CA ARG B 40 -4.38 -4.27 -14.13
C ARG B 40 -3.19 -3.58 -13.43
N PHE B 41 -3.46 -2.97 -12.28
CA PHE B 41 -2.52 -2.36 -11.35
C PHE B 41 -1.45 -3.35 -10.87
N ARG B 42 -0.25 -2.83 -10.54
CA ARG B 42 0.97 -3.62 -10.36
C ARG B 42 1.77 -3.22 -9.13
N ASP B 43 2.71 -4.09 -8.78
CA ASP B 43 3.74 -3.91 -7.77
C ASP B 43 4.58 -2.62 -8.03
N PRO B 44 5.17 -2.42 -9.23
CA PRO B 44 5.76 -1.15 -9.68
C PRO B 44 4.84 0.07 -9.54
N ASP B 45 3.57 -0.04 -9.96
CA ASP B 45 2.60 1.04 -9.85
C ASP B 45 2.38 1.45 -8.39
N LEU B 46 2.20 0.52 -7.45
CA LEU B 46 2.09 0.88 -6.05
C LEU B 46 3.36 1.49 -5.49
N ARG B 47 4.56 0.99 -5.83
CA ARG B 47 5.79 1.64 -5.36
C ARG B 47 5.96 3.07 -5.85
N GLN B 48 5.46 3.40 -7.04
CA GLN B 48 5.43 4.75 -7.61
C GLN B 48 4.31 5.66 -7.02
N MET B 49 3.15 5.08 -6.73
CA MET B 49 1.93 5.77 -6.30
C MET B 49 1.94 6.06 -4.80
N PHE B 50 2.40 5.09 -4.01
CA PHE B 50 2.97 5.38 -2.69
C PHE B 50 4.27 6.19 -2.81
N GLY B 51 5.03 6.01 -3.90
CA GLY B 51 6.28 6.74 -4.21
C GLY B 51 6.15 8.27 -4.28
N GLN B 52 4.96 8.78 -4.58
CA GLN B 52 4.60 10.19 -4.39
C GLN B 52 4.94 10.72 -2.97
N PHE B 53 4.68 9.92 -1.94
CA PHE B 53 5.00 10.19 -0.53
C PHE B 53 6.32 9.56 -0.04
N GLY B 54 6.88 8.60 -0.79
CA GLY B 54 8.27 8.12 -0.76
C GLY B 54 8.77 7.60 0.60
N LYS B 55 8.16 6.50 1.05
CA LYS B 55 8.39 5.85 2.36
C LYS B 55 8.66 4.34 2.25
N ILE B 56 8.77 3.83 1.01
CA ILE B 56 8.55 2.42 0.67
C ILE B 56 9.84 1.59 0.75
N LEU B 57 9.87 0.66 1.70
CA LEU B 57 10.92 -0.35 1.84
C LEU B 57 10.67 -1.53 0.87
N ASP B 58 9.41 -1.96 0.73
CA ASP B 58 8.98 -3.06 -0.15
C ASP B 58 7.50 -2.94 -0.57
N VAL B 59 7.12 -3.67 -1.62
CA VAL B 59 5.74 -3.82 -2.16
C VAL B 59 5.43 -5.28 -2.54
N GLU B 60 4.15 -5.53 -2.82
CA GLU B 60 3.57 -6.83 -3.15
C GLU B 60 2.18 -6.67 -3.82
N ILE B 61 1.74 -7.65 -4.61
CA ILE B 61 0.39 -7.79 -5.20
C ILE B 61 -0.14 -9.22 -5.00
N ILE B 62 -1.46 -9.40 -4.83
CA ILE B 62 -2.05 -10.68 -4.46
C ILE B 62 -2.58 -11.26 -5.77
N PHE B 63 -1.67 -11.69 -6.64
CA PHE B 63 -2.03 -12.09 -8.01
C PHE B 63 -2.86 -13.40 -8.05
N ASN B 64 -3.63 -13.62 -9.12
CA ASN B 64 -4.30 -14.88 -9.45
C ASN B 64 -4.16 -15.13 -10.98
N GLU B 65 -4.63 -16.27 -11.49
CA GLU B 65 -4.55 -16.66 -12.91
C GLU B 65 -5.13 -15.60 -13.87
N ARG B 66 -6.22 -14.93 -13.46
CA ARG B 66 -6.93 -13.92 -14.25
C ARG B 66 -6.31 -12.51 -14.22
N GLY B 67 -5.46 -12.18 -13.24
CA GLY B 67 -5.06 -10.81 -12.90
C GLY B 67 -4.97 -10.65 -11.38
N SER B 68 -4.90 -9.42 -10.87
CA SER B 68 -4.91 -9.19 -9.42
C SER B 68 -6.18 -9.75 -8.75
N LYS B 69 -6.09 -10.14 -7.47
CA LYS B 69 -7.24 -10.34 -6.55
C LYS B 69 -7.94 -9.03 -6.17
N GLY B 70 -7.38 -7.90 -6.58
CA GLY B 70 -7.91 -6.56 -6.36
C GLY B 70 -7.23 -5.82 -5.21
N PHE B 71 -6.21 -6.41 -4.59
CA PHE B 71 -5.38 -5.79 -3.58
C PHE B 71 -3.90 -6.15 -3.71
N GLY B 72 -3.08 -5.30 -3.10
CA GLY B 72 -1.66 -5.49 -2.85
C GLY B 72 -1.30 -5.14 -1.41
N PHE B 73 0.00 -5.10 -1.14
CA PHE B 73 0.62 -4.91 0.16
C PHE B 73 1.89 -4.06 -0.01
N VAL B 74 2.23 -3.23 0.97
CA VAL B 74 3.39 -2.31 0.92
C VAL B 74 3.90 -1.95 2.32
N THR B 75 5.13 -1.42 2.41
CA THR B 75 5.92 -1.40 3.65
C THR B 75 6.36 0.03 3.95
N PHE B 76 5.57 0.72 4.77
CA PHE B 76 5.29 2.15 4.54
C PHE B 76 5.07 3.04 5.76
N GLU B 77 4.52 2.42 6.80
CA GLU B 77 3.52 2.96 7.67
C GLU B 77 4.09 2.96 9.06
N ASN B 78 4.42 4.13 9.59
CA ASN B 78 4.37 4.29 11.04
C ASN B 78 4.11 5.73 11.51
N SER B 79 4.78 6.72 10.91
CA SER B 79 4.72 8.13 11.29
C SER B 79 3.38 8.81 10.95
N ALA B 80 3.12 9.99 11.52
CA ALA B 80 1.96 10.81 11.16
C ALA B 80 1.91 11.18 9.67
N ASP B 81 3.05 11.46 9.05
CA ASP B 81 3.12 11.77 7.62
C ASP B 81 2.80 10.56 6.73
N ALA B 82 3.12 9.35 7.19
CA ALA B 82 2.70 8.09 6.56
C ALA B 82 1.18 7.85 6.72
N ASP B 83 0.62 8.08 7.91
CA ASP B 83 -0.83 8.03 8.16
C ASP B 83 -1.58 9.03 7.27
N ARG B 84 -1.16 10.30 7.26
CA ARG B 84 -1.64 11.36 6.36
C ARG B 84 -1.64 10.93 4.89
N ALA B 85 -0.51 10.39 4.43
CA ALA B 85 -0.38 9.82 3.09
C ALA B 85 -1.37 8.67 2.80
N ARG B 86 -1.47 7.64 3.66
CA ARG B 86 -2.57 6.65 3.68
C ARG B 86 -3.91 7.35 3.48
N GLU B 87 -4.26 8.30 4.33
CA GLU B 87 -5.58 8.92 4.35
C GLU B 87 -5.88 9.74 3.08
N LYS B 88 -4.83 10.20 2.38
CA LYS B 88 -4.93 10.68 1.00
C LYS B 88 -5.25 9.53 0.03
N LEU B 89 -4.41 8.49 -0.09
CA LEU B 89 -4.54 7.45 -1.10
C LEU B 89 -5.74 6.50 -0.87
N HIS B 90 -6.21 6.39 0.37
CA HIS B 90 -7.45 5.76 0.82
C HIS B 90 -8.67 6.60 0.39
N GLY B 91 -8.95 6.58 -0.92
CA GLY B 91 -9.82 7.51 -1.65
C GLY B 91 -9.21 8.14 -2.90
N THR B 92 -7.94 7.85 -3.25
CA THR B 92 -7.32 8.21 -4.53
C THR B 92 -8.03 7.49 -5.67
N VAL B 93 -8.72 8.27 -6.52
CA VAL B 93 -9.42 7.81 -7.74
C VAL B 93 -8.45 7.81 -8.92
N VAL B 94 -7.85 6.65 -9.22
CA VAL B 94 -6.75 6.51 -10.19
C VAL B 94 -7.23 6.16 -11.60
N GLU B 95 -7.78 4.97 -11.84
CA GLU B 95 -8.34 4.55 -13.14
C GLU B 95 -9.88 4.66 -13.17
N GLY B 96 -10.45 5.68 -12.50
CA GLY B 96 -11.86 5.71 -12.12
C GLY B 96 -12.19 4.71 -11.02
N ARG B 97 -11.25 4.52 -10.08
CA ARG B 97 -11.30 3.55 -8.98
C ARG B 97 -10.63 4.11 -7.75
N LYS B 98 -11.31 4.02 -6.61
CA LYS B 98 -10.71 4.35 -5.34
C LYS B 98 -9.81 3.22 -4.82
N ILE B 99 -8.52 3.50 -4.57
CA ILE B 99 -7.72 2.62 -3.68
C ILE B 99 -8.23 2.77 -2.24
N GLU B 100 -8.18 1.69 -1.45
CA GLU B 100 -8.53 1.64 -0.02
C GLU B 100 -7.35 1.12 0.82
N VAL B 101 -6.57 2.00 1.47
CA VAL B 101 -5.31 1.62 2.15
C VAL B 101 -5.45 1.41 3.66
N ASN B 102 -5.75 0.18 4.05
CA ASN B 102 -5.86 -0.22 5.45
C ASN B 102 -4.48 -0.50 6.05
N ASN B 103 -4.29 -0.26 7.34
CA ASN B 103 -3.12 -0.80 8.05
C ASN B 103 -3.21 -2.36 8.07
N ALA B 104 -2.11 -3.05 8.37
CA ALA B 104 -2.03 -4.50 8.20
C ALA B 104 -1.78 -5.33 9.48
N THR B 105 -2.22 -6.58 9.42
CA THR B 105 -1.64 -7.72 10.16
C THR B 105 -0.44 -8.30 9.39
N ALA B 106 0.37 -9.19 9.96
CA ALA B 106 1.50 -9.82 9.24
C ALA B 106 1.97 -11.16 9.85
N ARG B 107 1.43 -12.32 9.45
CA ARG B 107 0.21 -12.63 8.67
C ARG B 107 -0.51 -13.76 9.42
N VAL B 108 -1.53 -13.44 10.22
CA VAL B 108 -2.35 -14.45 10.92
C VAL B 108 -3.30 -15.18 9.95
N MET B 109 -3.69 -16.41 10.29
CA MET B 109 -4.70 -17.21 9.59
C MET B 109 -6.11 -16.94 10.16
#